data_7EKX
#
_entry.id   7EKX
#
_cell.length_a   160.654
_cell.length_b   206.280
_cell.length_c   258.050
_cell.angle_alpha   90.000
_cell.angle_beta   90.000
_cell.angle_gamma   90.000
#
_symmetry.space_group_name_H-M   'C 2 2 21'
#
loop_
_entity.id
_entity.type
_entity.pdbx_description
1 polymer 4-alpha-glucanotransferase
2 branched alpha-D-glucopyranose-(1-4)-alpha-D-glucopyranose-(1-4)-alpha-D-glucopyranose
3 branched alpha-D-glucopyranose-(1-4)-alpha-D-glucopyranose
4 branched alpha-D-glucopyranose-(1-4)-alpha-D-glucopyranose-(1-4)-alpha-D-glucopyranose-(1-4)-alpha-D-glucopyranose-(1-4)-alpha-D-glucopyranose
5 branched alpha-D-glucopyranose-(1-4)-alpha-D-glucopyranose-(1-4)-alpha-D-glucopyranose-(1-4)-alpha-D-glucopyranose-(1-4)-alpha-D-glucopyranose-(1-4)-alpha-D-glucopyranose-(1-4)-alpha-D-glucopyranose
#
_entity_poly.entity_id   1
_entity_poly.type   'polypeptide(L)'
_entity_poly.pdbx_seq_one_letter_code
;MSAHRTLLLRLSDSGEPVTSCSYGQGVLTLPSLPLPQGKKLGDMPVYTVKLAIPAGSPVTRDGLIWTNCPPDFSTQFDRE
KFYKKIIKTSFHEDDHIDLDIYVPGTYCFYLSFKNDKDELETTRKFYFVVLPILSVNDKFIPLNSIAMQSVVSKWMGPTI
KDWEKVFARVASKKYNMIHFTPLQHRGESNSPYSIYDQLEFDPTVFKSEKEVADMVERLRTEHNILSLTDIVFNHTANNS
QWLLDHPEAGYNHKTSPHLISAIELDKKLLDFSEQMEALGYPVDLKTVDDLIKVMDGIKEHVIGELKLWEFYVVDVKQTV
SELREKWGNSKSWSDDNIPSKDDSTNLAQFVRDNATEPGFGSLGERGSNKINIDKFAAILKKLHSEDYNNGIEELATKIL
NDINLPFYKEYDDDINEVLEQLFNRIKYLRIDDHGPKQGPITKKLPLSEPYFTRFKAKDGEEYALANNGAIWDGNPLVDF
ASSQSKAYLRREVIVWGDCVKLRYGKGPSDSPYLWERMSKYVEMNARIFNGFRIDNCHSTPLHVGQYFLDVARRVNPNLY
VVAQLFSGSEAMDCLFVERLGISSLIREAMQAWSEEELSRLVHRHGGRPIGSYKFVPLDDFPYPADVKIDEEYCAYNPDD
HSVKCVSEIMIPKTLTATPPHALFMDCTHDNETPNQKRTVEDTLPNAALVAFCSSAIGSVYGYDEVFPQLLDLVQEKRTY
SCAENTGISKVKTLLNNMREEIASEAVDIEDSEMHVHHDGQYITFHRTNAKNGKGWYLVARTKFHSSGDQMLPRIKLSQT
KATFKAAFSLERTGDAPISDEIIEGIPTKLRELTGFDIGFDENTKETSILLPQDFPQGSIVIFETQQLGIDDSLDHFIRS
GAIKATEKLSLESINYVLYRAEQEEYDYSEGRSGAYDIPDYGKPVYCGLQGWVSILRKIIFYNDLAHPLSNNLRNGHWAV
DYVVNRLDLYKDKEGVAEVQEWLRSRMERIKQLPSYLVPSFFALVVGIMYGCCRLRAMQLMSDNVGKSTVFVQSLAMTSI
QMVSAMKSTSILPDQNIAAMAAGLPHFSTNYMRCWGRDVFISLRGLLLTTGRYEEAKEHILAFAKTLKHGLIPNLLDAGR
NPRYNARDAAWFFVQAIQDYVTIVPGGVSLLQEKVTRRFPLDDEYIPYDDPKAFSYSSTIEEIIYEILNRHAGGIKYREA
NAGPNLDRVMKDEGFNVEVNVDWETGLIHGGSQFNCGTWMDKMGESEKANSVGVPGTPRDGAAVEINGLLKSCLRFVLQL
SKDGKFKYTEVTKPDGSKISLSSWNDLLQENFERCFYVPKNKEDDNKFEIDATIINRRGIYKDLYRSGKPYEDYQFRPNF
TIAMVVAPELFTPDYAAGAIELADQVLRGPVGMRTLDPSDYNYRPYYNNGEDSDDFATSKGRNYHQGPEWVWCYGYFIRA
YHYFNFLTNPKCQVEGSAKKLKPSSYLYRKLYSRLLKHREWIENSPWAGLAELTNKDGEVCNDSSPTQAWSTGCLLDLFY
DLWISYEELEHHHHHH
;
_entity_poly.pdbx_strand_id   A,B
#
# COMPACT_ATOMS: atom_id res chain seq x y z
N ALA A 3 -4.86 -21.21 -33.89
CA ALA A 3 -3.54 -20.71 -34.28
C ALA A 3 -3.28 -19.32 -33.72
N HIS A 4 -3.88 -18.31 -34.35
CA HIS A 4 -3.65 -16.91 -33.97
C HIS A 4 -4.99 -16.17 -34.02
N ARG A 5 -5.73 -16.22 -32.91
CA ARG A 5 -6.97 -15.48 -32.78
C ARG A 5 -6.82 -14.36 -31.77
N THR A 6 -5.86 -13.46 -31.98
CA THR A 6 -5.51 -12.42 -31.02
C THR A 6 -5.78 -11.05 -31.62
N LEU A 7 -6.47 -10.21 -30.85
CA LEU A 7 -6.76 -8.84 -31.24
C LEU A 7 -6.07 -7.87 -30.29
N LEU A 8 -5.49 -6.80 -30.83
CA LEU A 8 -4.86 -5.78 -30.03
C LEU A 8 -5.87 -4.69 -29.69
N LEU A 9 -5.97 -4.36 -28.41
CA LEU A 9 -6.85 -3.29 -27.92
C LEU A 9 -5.98 -2.27 -27.21
N ARG A 10 -5.55 -1.26 -27.94
CA ARG A 10 -4.74 -0.20 -27.35
C ARG A 10 -5.57 0.64 -26.40
N LEU A 11 -4.99 0.98 -25.25
CA LEU A 11 -5.65 1.79 -24.24
C LEU A 11 -4.95 3.14 -24.13
N SER A 12 -5.73 4.14 -23.72
CA SER A 12 -5.21 5.49 -23.60
C SER A 12 -4.50 5.68 -22.26
N ASP A 13 -3.97 6.89 -22.04
CA ASP A 13 -3.36 7.20 -20.76
C ASP A 13 -4.38 7.25 -19.62
N SER A 14 -5.66 7.34 -19.94
CA SER A 14 -6.72 7.28 -18.95
C SER A 14 -7.44 5.94 -18.95
N GLY A 15 -6.88 4.93 -19.60
CA GLY A 15 -7.45 3.60 -19.63
C GLY A 15 -8.57 3.40 -20.64
N GLU A 16 -8.86 4.39 -21.47
CA GLU A 16 -9.95 4.23 -22.42
C GLU A 16 -9.45 3.53 -23.69
N PRO A 17 -10.33 2.75 -24.33
CA PRO A 17 -9.96 2.12 -25.60
C PRO A 17 -9.72 3.17 -26.69
N VAL A 18 -8.78 2.85 -27.58
CA VAL A 18 -8.42 3.74 -28.67
C VAL A 18 -9.18 3.30 -29.93
N THR A 19 -9.86 4.25 -30.56
CA THR A 19 -10.53 3.98 -31.82
C THR A 19 -9.52 4.05 -32.95
N SER A 20 -9.30 2.93 -33.63
CA SER A 20 -8.33 2.89 -34.72
C SER A 20 -8.91 3.46 -36.01
N CYS A 21 -10.23 3.36 -36.19
CA CYS A 21 -10.91 3.94 -37.34
C CYS A 21 -12.22 4.57 -36.86
N SER A 22 -12.70 5.55 -37.62
CA SER A 22 -13.91 6.29 -37.27
C SER A 22 -15.09 5.65 -38.00
N TYR A 23 -15.58 4.56 -37.43
CA TYR A 23 -16.76 3.86 -37.94
C TYR A 23 -18.05 4.40 -37.33
N GLY A 24 -17.98 5.46 -36.53
CA GLY A 24 -19.14 6.05 -35.90
C GLY A 24 -19.37 5.51 -34.50
N GLN A 25 -20.48 5.96 -33.92
CA GLN A 25 -20.88 5.48 -32.60
C GLN A 25 -21.12 3.98 -32.63
N GLY A 26 -20.23 3.22 -32.01
CA GLY A 26 -20.30 1.77 -32.12
C GLY A 26 -20.08 1.00 -30.84
N VAL A 27 -19.87 -0.30 -30.97
CA VAL A 27 -19.69 -1.22 -29.85
C VAL A 27 -18.52 -2.13 -30.15
N LEU A 28 -17.61 -2.29 -29.17
CA LEU A 28 -16.48 -3.19 -29.33
C LEU A 28 -16.96 -4.62 -29.50
N THR A 29 -17.15 -5.05 -30.74
CA THR A 29 -17.66 -6.38 -31.04
C THR A 29 -16.57 -7.21 -31.69
N LEU A 30 -16.51 -8.49 -31.33
CA LEU A 30 -15.51 -9.36 -31.92
C LEU A 30 -16.10 -10.18 -33.06
N PRO A 31 -15.33 -10.43 -34.12
CA PRO A 31 -15.92 -10.99 -35.34
C PRO A 31 -16.51 -12.38 -35.12
N SER A 32 -17.66 -12.61 -35.76
CA SER A 32 -18.34 -13.89 -35.69
C SER A 32 -17.63 -14.88 -36.62
N LEU A 33 -16.86 -15.79 -36.03
CA LEU A 33 -16.12 -16.80 -36.77
C LEU A 33 -16.32 -18.16 -36.11
N PRO A 34 -16.33 -19.23 -36.90
CA PRO A 34 -16.48 -20.56 -36.31
C PRO A 34 -15.23 -20.99 -35.57
N LEU A 35 -15.41 -21.95 -34.66
CA LEU A 35 -14.29 -22.52 -33.94
C LEU A 35 -13.37 -23.24 -34.93
N PRO A 36 -12.10 -23.41 -34.58
CA PRO A 36 -11.17 -24.16 -35.45
C PRO A 36 -11.67 -25.56 -35.73
N GLN A 37 -10.98 -26.21 -36.68
CA GLN A 37 -11.42 -27.50 -37.20
C GLN A 37 -11.54 -28.54 -36.08
N GLY A 38 -12.76 -29.05 -35.88
CA GLY A 38 -12.99 -30.10 -34.92
C GLY A 38 -12.79 -29.73 -33.47
N LYS A 39 -12.86 -28.44 -33.15
CA LYS A 39 -12.72 -27.97 -31.78
C LYS A 39 -14.05 -27.47 -31.24
N LYS A 40 -14.36 -27.85 -30.00
CA LYS A 40 -15.58 -27.42 -29.34
C LYS A 40 -15.27 -26.31 -28.35
N LEU A 41 -16.33 -25.75 -27.76
CA LEU A 41 -16.17 -24.74 -26.72
C LEU A 41 -15.46 -25.33 -25.51
N GLY A 42 -14.25 -24.84 -25.22
CA GLY A 42 -13.46 -25.30 -24.08
C GLY A 42 -12.11 -25.85 -24.45
N ASP A 43 -11.99 -26.41 -25.66
CA ASP A 43 -10.73 -27.01 -26.09
C ASP A 43 -9.64 -25.98 -26.35
N MET A 44 -10.00 -24.70 -26.48
CA MET A 44 -9.05 -23.62 -26.67
C MET A 44 -9.76 -22.28 -26.51
N PRO A 45 -9.03 -21.18 -26.33
CA PRO A 45 -9.70 -19.87 -26.25
C PRO A 45 -10.36 -19.49 -27.57
N VAL A 46 -11.55 -18.89 -27.47
CA VAL A 46 -12.24 -18.41 -28.66
C VAL A 46 -11.55 -17.16 -29.20
N TYR A 47 -11.17 -16.25 -28.31
CA TYR A 47 -10.45 -15.04 -28.69
C TYR A 47 -9.52 -14.63 -27.56
N THR A 48 -8.49 -13.86 -27.91
CA THR A 48 -7.52 -13.34 -26.95
C THR A 48 -7.40 -11.84 -27.16
N VAL A 49 -7.88 -11.06 -26.20
CA VAL A 49 -7.83 -9.61 -26.27
C VAL A 49 -6.55 -9.15 -25.58
N LYS A 50 -5.63 -8.58 -26.34
CA LYS A 50 -4.33 -8.15 -25.82
C LYS A 50 -4.39 -6.64 -25.58
N LEU A 51 -4.45 -6.25 -24.31
CA LEU A 51 -4.51 -4.85 -23.93
C LEU A 51 -3.11 -4.24 -23.92
N ALA A 52 -3.03 -2.97 -24.30
CA ALA A 52 -1.76 -2.24 -24.36
C ALA A 52 -1.86 -0.99 -23.50
N ILE A 53 -1.06 -0.94 -22.44
CA ILE A 53 -1.04 0.19 -21.50
C ILE A 53 0.24 0.98 -21.76
N PRO A 54 0.15 2.29 -21.96
CA PRO A 54 1.36 3.08 -22.25
C PRO A 54 2.34 3.05 -21.09
N ALA A 55 3.62 3.24 -21.42
CA ALA A 55 4.68 3.24 -20.42
C ALA A 55 4.73 4.60 -19.73
N GLY A 56 4.63 4.60 -18.42
CA GLY A 56 4.64 5.82 -17.65
C GLY A 56 3.30 6.52 -17.51
N SER A 57 2.21 5.89 -17.95
CA SER A 57 0.90 6.50 -17.85
C SER A 57 0.47 6.60 -16.39
N PRO A 58 -0.45 7.52 -16.08
CA PRO A 58 -0.94 7.62 -14.69
C PRO A 58 -1.63 6.37 -14.20
N VAL A 59 -2.01 5.44 -15.07
CA VAL A 59 -2.60 4.18 -14.63
C VAL A 59 -1.56 3.11 -14.38
N THR A 60 -0.29 3.36 -14.70
CA THR A 60 0.75 2.41 -14.36
C THR A 60 1.07 2.43 -12.86
N ARG A 61 0.91 3.60 -12.23
CA ARG A 61 1.20 3.77 -10.81
C ARG A 61 0.30 2.89 -9.96
N ASP A 62 0.82 1.76 -9.48
CA ASP A 62 0.04 0.79 -8.70
C ASP A 62 -1.22 0.38 -9.46
N GLY A 63 -1.05 0.10 -10.75
CA GLY A 63 -2.17 -0.17 -11.63
C GLY A 63 -2.55 -1.64 -11.66
N LEU A 64 -3.86 -1.89 -11.70
CA LEU A 64 -4.40 -3.24 -11.83
C LEU A 64 -5.42 -3.25 -12.96
N ILE A 65 -5.59 -4.41 -13.58
CA ILE A 65 -6.60 -4.61 -14.62
C ILE A 65 -7.66 -5.53 -14.05
N TRP A 66 -8.86 -4.99 -13.84
CA TRP A 66 -10.01 -5.77 -13.39
C TRP A 66 -10.81 -6.22 -14.60
N THR A 67 -11.33 -7.44 -14.53
CA THR A 67 -12.15 -7.97 -15.61
C THR A 67 -13.00 -9.11 -15.07
N ASN A 68 -14.25 -9.19 -15.53
CA ASN A 68 -15.13 -10.29 -15.17
C ASN A 68 -14.98 -11.48 -16.12
N CYS A 69 -13.95 -11.48 -16.96
CA CYS A 69 -13.65 -12.65 -17.78
C CYS A 69 -13.22 -13.80 -16.87
N PRO A 70 -13.91 -14.93 -16.90
CA PRO A 70 -13.50 -16.07 -16.06
C PRO A 70 -12.09 -16.51 -16.41
N PRO A 71 -11.31 -16.94 -15.43
CA PRO A 71 -9.91 -17.31 -15.72
C PRO A 71 -9.80 -18.54 -16.61
N ASP A 72 -10.69 -19.50 -16.47
CA ASP A 72 -10.65 -20.72 -17.28
C ASP A 72 -12.07 -21.13 -17.62
N PHE A 73 -12.18 -22.17 -18.46
CA PHE A 73 -13.49 -22.62 -18.91
C PHE A 73 -14.28 -23.28 -17.78
N SER A 74 -13.58 -23.87 -16.80
CA SER A 74 -14.27 -24.48 -15.67
C SER A 74 -15.01 -23.44 -14.83
N THR A 75 -14.49 -22.22 -14.77
CA THR A 75 -15.14 -21.16 -14.01
C THR A 75 -16.35 -20.65 -14.76
N GLN A 76 -17.48 -20.49 -14.06
CA GLN A 76 -18.66 -19.89 -14.66
C GLN A 76 -18.52 -18.37 -14.67
N PHE A 77 -19.57 -17.68 -15.10
CA PHE A 77 -19.57 -16.23 -15.22
C PHE A 77 -20.43 -15.61 -14.13
N ASP A 78 -19.92 -14.53 -13.54
CA ASP A 78 -20.64 -13.71 -12.59
C ASP A 78 -20.42 -12.26 -12.96
N ARG A 79 -21.49 -11.46 -12.92
CA ARG A 79 -21.40 -10.08 -13.39
C ARG A 79 -20.42 -9.25 -12.55
N GLU A 80 -20.39 -9.48 -11.23
CA GLU A 80 -19.59 -8.68 -10.34
C GLU A 80 -18.33 -9.39 -9.83
N LYS A 81 -18.09 -10.64 -10.24
CA LYS A 81 -16.89 -11.36 -9.81
C LYS A 81 -15.74 -11.02 -10.75
N PHE A 82 -15.12 -9.88 -10.48
CA PHE A 82 -13.96 -9.45 -11.26
C PHE A 82 -12.72 -10.21 -10.82
N TYR A 83 -11.63 -10.02 -11.57
CA TYR A 83 -10.37 -10.68 -11.29
C TYR A 83 -9.22 -9.72 -11.53
N LYS A 84 -8.20 -9.81 -10.69
CA LYS A 84 -7.08 -8.87 -10.71
C LYS A 84 -6.03 -9.28 -11.73
N LYS A 85 -5.42 -8.27 -12.35
CA LYS A 85 -4.30 -8.44 -13.26
C LYS A 85 -3.33 -7.29 -13.06
N ILE A 86 -2.07 -7.60 -12.82
CA ILE A 86 -1.07 -6.59 -12.45
C ILE A 86 -0.51 -5.94 -13.71
N ILE A 87 -0.48 -4.62 -13.73
CA ILE A 87 0.15 -3.86 -14.80
C ILE A 87 1.62 -3.70 -14.48
N LYS A 88 2.48 -4.12 -15.41
CA LYS A 88 3.92 -4.06 -15.23
C LYS A 88 4.40 -2.67 -15.62
N THR A 89 4.75 -1.87 -14.62
CA THR A 89 5.11 -0.47 -14.86
C THR A 89 6.49 -0.36 -15.51
N SER A 90 6.62 0.59 -16.42
CA SER A 90 7.90 0.94 -17.00
C SER A 90 7.80 2.35 -17.56
N PHE A 91 8.93 3.05 -17.60
CA PHE A 91 9.00 4.36 -18.23
C PHE A 91 9.43 4.27 -19.69
N HIS A 92 9.71 3.08 -20.19
CA HIS A 92 10.10 2.87 -21.57
C HIS A 92 9.20 1.88 -22.29
N GLU A 93 8.93 0.74 -21.68
CA GLU A 93 8.25 -0.37 -22.34
C GLU A 93 6.78 -0.42 -21.94
N ASP A 94 5.91 -0.45 -22.94
CA ASP A 94 4.49 -0.66 -22.68
C ASP A 94 4.23 -2.10 -22.28
N ASP A 95 3.19 -2.31 -21.48
CA ASP A 95 2.86 -3.63 -20.95
C ASP A 95 1.63 -4.18 -21.65
N HIS A 96 1.74 -5.44 -22.09
CA HIS A 96 0.63 -6.15 -22.71
C HIS A 96 0.07 -7.17 -21.73
N ILE A 97 -1.25 -7.29 -21.70
CA ILE A 97 -1.95 -8.18 -20.77
C ILE A 97 -3.05 -8.91 -21.52
N ASP A 98 -3.04 -10.24 -21.43
CA ASP A 98 -3.98 -11.07 -22.17
C ASP A 98 -5.25 -11.32 -21.36
N LEU A 99 -6.38 -11.34 -22.05
CA LEU A 99 -7.68 -11.70 -21.48
C LEU A 99 -8.26 -12.80 -22.35
N ASP A 100 -7.97 -14.06 -22.00
CA ASP A 100 -8.47 -15.19 -22.78
C ASP A 100 -9.96 -15.37 -22.57
N ILE A 101 -10.69 -15.50 -23.67
CA ILE A 101 -12.14 -15.66 -23.65
C ILE A 101 -12.47 -17.08 -24.11
N TYR A 102 -13.26 -17.80 -23.32
CA TYR A 102 -13.59 -19.19 -23.60
C TYR A 102 -15.02 -19.39 -24.07
N VAL A 103 -15.93 -18.48 -23.76
CA VAL A 103 -17.35 -18.62 -24.09
C VAL A 103 -17.90 -17.24 -24.44
N PRO A 104 -18.76 -17.14 -25.45
CA PRO A 104 -19.34 -15.83 -25.81
C PRO A 104 -20.12 -15.22 -24.66
N GLY A 105 -20.42 -13.95 -24.82
CA GLY A 105 -21.20 -13.24 -23.82
C GLY A 105 -20.80 -11.78 -23.75
N THR A 106 -20.97 -11.20 -22.55
CA THR A 106 -20.64 -9.81 -22.28
C THR A 106 -19.55 -9.75 -21.23
N TYR A 107 -18.46 -9.05 -21.56
CA TYR A 107 -17.33 -8.92 -20.65
C TYR A 107 -16.91 -7.45 -20.60
N CYS A 108 -16.57 -7.00 -19.40
CA CYS A 108 -16.17 -5.62 -19.16
C CYS A 108 -14.87 -5.59 -18.37
N PHE A 109 -14.19 -4.44 -18.43
CA PHE A 109 -12.95 -4.27 -17.71
C PHE A 109 -12.81 -2.81 -17.28
N TYR A 110 -12.24 -2.61 -16.09
CA TYR A 110 -11.92 -1.29 -15.59
C TYR A 110 -10.54 -1.35 -14.93
N LEU A 111 -10.04 -0.18 -14.53
CA LEU A 111 -8.68 -0.05 -14.02
C LEU A 111 -8.69 0.63 -12.66
N SER A 112 -7.84 0.14 -11.77
CA SER A 112 -7.60 0.75 -10.47
C SER A 112 -6.14 1.15 -10.39
N PHE A 113 -5.89 2.41 -10.00
CA PHE A 113 -4.53 2.95 -9.97
C PHE A 113 -4.40 3.89 -8.79
N LYS A 114 -3.19 4.40 -8.59
CA LYS A 114 -2.89 5.30 -7.47
C LYS A 114 -2.94 6.73 -7.98
N ASN A 115 -3.86 7.52 -7.41
CA ASN A 115 -4.08 8.89 -7.84
C ASN A 115 -2.88 9.77 -7.47
N ASP A 116 -2.83 10.95 -8.09
CA ASP A 116 -1.82 11.94 -7.71
C ASP A 116 -2.04 12.44 -6.29
N LYS A 117 -3.27 12.32 -5.76
CA LYS A 117 -3.55 12.55 -4.36
C LYS A 117 -3.21 11.35 -3.49
N ASP A 118 -2.53 10.36 -4.04
CA ASP A 118 -2.18 9.10 -3.38
C ASP A 118 -3.41 8.29 -2.97
N GLU A 119 -4.59 8.66 -3.45
CA GLU A 119 -5.80 7.91 -3.19
C GLU A 119 -6.00 6.84 -4.27
N LEU A 120 -7.07 6.08 -4.14
CA LEU A 120 -7.46 5.11 -5.16
C LEU A 120 -8.45 5.74 -6.11
N GLU A 121 -8.34 5.39 -7.39
CA GLU A 121 -9.19 5.94 -8.43
C GLU A 121 -9.53 4.85 -9.43
N THR A 122 -10.70 4.96 -10.06
CA THR A 122 -11.21 3.94 -10.96
C THR A 122 -11.71 4.59 -12.24
N THR A 123 -11.48 3.90 -13.36
CA THR A 123 -11.98 4.33 -14.66
C THR A 123 -13.38 3.77 -14.88
N ARG A 124 -13.97 4.08 -16.03
CA ARG A 124 -15.26 3.52 -16.39
C ARG A 124 -15.14 2.01 -16.60
N LYS A 125 -16.29 1.35 -16.59
CA LYS A 125 -16.37 -0.03 -17.07
C LYS A 125 -16.48 -0.01 -18.59
N PHE A 126 -15.58 -0.71 -19.26
CA PHE A 126 -15.55 -0.75 -20.72
C PHE A 126 -15.90 -2.16 -21.17
N TYR A 127 -17.00 -2.27 -21.92
CA TYR A 127 -17.57 -3.56 -22.30
C TYR A 127 -17.15 -3.95 -23.70
N PHE A 128 -17.03 -5.25 -23.92
CA PHE A 128 -16.85 -5.81 -25.25
C PHE A 128 -17.59 -7.15 -25.32
N VAL A 129 -18.15 -7.43 -26.50
CA VAL A 129 -19.03 -8.57 -26.70
C VAL A 129 -18.37 -9.53 -27.69
N VAL A 130 -18.48 -10.83 -27.40
CA VAL A 130 -18.05 -11.88 -28.30
C VAL A 130 -19.32 -12.56 -28.84
N LEU A 131 -19.51 -12.48 -30.15
CA LEU A 131 -20.73 -12.99 -30.76
C LEU A 131 -20.78 -14.51 -30.66
N PRO A 132 -21.99 -15.08 -30.57
CA PRO A 132 -22.11 -16.54 -30.55
C PRO A 132 -21.71 -17.16 -31.87
N ILE A 133 -21.55 -18.48 -31.85
CA ILE A 133 -21.16 -19.26 -33.01
C ILE A 133 -22.37 -20.07 -33.44
N LEU A 134 -23.00 -19.67 -34.54
CA LEU A 134 -24.25 -20.25 -35.00
C LEU A 134 -23.97 -21.29 -36.07
N SER A 135 -24.34 -22.53 -35.80
CA SER A 135 -24.26 -23.64 -36.76
C SER A 135 -25.48 -24.51 -36.59
N VAL A 136 -26.03 -24.98 -37.71
CA VAL A 136 -27.29 -25.72 -37.67
C VAL A 136 -27.02 -27.22 -37.61
N ASN A 137 -26.54 -27.80 -38.72
CA ASN A 137 -26.12 -29.20 -38.71
C ASN A 137 -24.64 -29.32 -38.39
N ASP A 138 -23.81 -28.51 -39.05
CA ASP A 138 -22.39 -28.40 -38.76
C ASP A 138 -21.80 -27.23 -39.50
N LYS A 139 -22.60 -26.61 -40.37
CA LYS A 139 -22.15 -25.49 -41.19
C LYS A 139 -22.32 -24.19 -40.41
N PHE A 140 -21.25 -23.41 -40.32
CA PHE A 140 -21.29 -22.14 -39.63
C PHE A 140 -22.19 -21.16 -40.37
N ILE A 141 -23.10 -20.52 -39.64
CA ILE A 141 -23.98 -19.51 -40.21
C ILE A 141 -23.46 -18.15 -39.79
N PRO A 142 -22.76 -17.42 -40.68
CA PRO A 142 -22.33 -16.06 -40.32
C PRO A 142 -23.52 -15.21 -39.90
N LEU A 143 -23.27 -14.33 -38.92
CA LEU A 143 -24.36 -13.54 -38.33
C LEU A 143 -25.03 -12.65 -39.37
N ASN A 144 -24.32 -12.26 -40.42
CA ASN A 144 -24.85 -11.41 -41.48
C ASN A 144 -25.29 -12.21 -42.71
N SER A 145 -25.54 -13.51 -42.55
CA SER A 145 -26.14 -14.33 -43.60
C SER A 145 -27.38 -15.03 -43.07
N ILE A 146 -28.05 -14.42 -42.10
CA ILE A 146 -29.19 -15.00 -41.42
C ILE A 146 -30.47 -14.56 -42.11
N ALA A 147 -31.38 -15.51 -42.31
CA ALA A 147 -32.71 -15.24 -42.86
C ALA A 147 -33.74 -15.72 -41.84
N MET A 148 -34.49 -14.79 -41.26
CA MET A 148 -35.43 -15.08 -40.20
C MET A 148 -36.86 -14.94 -40.72
N GLN A 149 -37.66 -15.99 -40.51
CA GLN A 149 -39.07 -16.01 -40.89
C GLN A 149 -39.90 -16.07 -39.63
N SER A 150 -40.56 -14.96 -39.29
CA SER A 150 -41.40 -14.92 -38.10
C SER A 150 -42.77 -15.52 -38.39
N VAL A 151 -43.23 -16.38 -37.48
CA VAL A 151 -44.52 -17.04 -37.60
C VAL A 151 -45.28 -16.90 -36.29
N VAL A 152 -46.59 -16.68 -36.39
CA VAL A 152 -47.46 -16.62 -35.22
C VAL A 152 -48.05 -18.00 -34.99
N SER A 153 -48.02 -18.45 -33.72
CA SER A 153 -48.35 -19.83 -33.40
C SER A 153 -49.82 -20.16 -33.71
N LYS A 154 -50.74 -19.28 -33.30
CA LYS A 154 -52.17 -19.60 -33.37
C LYS A 154 -52.74 -19.52 -34.78
N TRP A 155 -51.91 -19.39 -35.81
CA TRP A 155 -52.37 -19.33 -37.19
C TRP A 155 -51.68 -20.39 -38.05
N MET A 156 -51.24 -21.48 -37.44
CA MET A 156 -50.46 -22.50 -38.13
C MET A 156 -51.09 -23.89 -38.04
N GLY A 157 -52.34 -23.97 -37.62
CA GLY A 157 -53.00 -25.25 -37.44
C GLY A 157 -52.82 -25.77 -36.04
N PRO A 158 -53.80 -26.54 -35.55
CA PRO A 158 -53.79 -26.96 -34.15
C PRO A 158 -52.93 -28.18 -33.85
N THR A 159 -52.22 -28.73 -34.84
CA THR A 159 -51.41 -29.92 -34.64
C THR A 159 -49.96 -29.62 -34.99
N ILE A 160 -49.06 -30.44 -34.44
CA ILE A 160 -47.63 -30.27 -34.70
C ILE A 160 -47.33 -30.45 -36.19
N LYS A 161 -47.97 -31.44 -36.82
CA LYS A 161 -47.75 -31.65 -38.25
C LYS A 161 -48.33 -30.50 -39.08
N ASP A 162 -49.40 -29.86 -38.59
CA ASP A 162 -49.91 -28.67 -39.26
C ASP A 162 -48.85 -27.57 -39.27
N TRP A 163 -48.00 -27.53 -38.25
CA TRP A 163 -46.88 -26.58 -38.25
C TRP A 163 -45.78 -27.02 -39.19
N GLU A 164 -45.48 -28.32 -39.22
CA GLU A 164 -44.46 -28.84 -40.13
C GLU A 164 -44.87 -28.74 -41.59
N LYS A 165 -46.13 -28.41 -41.88
CA LYS A 165 -46.51 -28.02 -43.22
C LYS A 165 -46.05 -26.60 -43.53
N VAL A 166 -46.21 -25.69 -42.56
CA VAL A 166 -45.69 -24.34 -42.72
C VAL A 166 -44.17 -24.35 -42.72
N PHE A 167 -43.56 -25.27 -41.98
CA PHE A 167 -42.11 -25.36 -41.95
C PHE A 167 -41.55 -25.70 -43.33
N ALA A 168 -42.17 -26.69 -44.00
CA ALA A 168 -41.71 -27.08 -45.33
C ALA A 168 -41.94 -26.00 -46.37
N ARG A 169 -42.85 -25.06 -46.12
CA ARG A 169 -43.07 -23.97 -47.06
C ARG A 169 -41.96 -22.93 -46.98
N VAL A 170 -41.58 -22.53 -45.76
CA VAL A 170 -40.46 -21.59 -45.61
C VAL A 170 -39.13 -22.27 -45.87
N ALA A 171 -39.06 -23.60 -45.79
CA ALA A 171 -37.84 -24.31 -46.15
C ALA A 171 -37.57 -24.22 -47.65
N SER A 172 -38.62 -24.21 -48.47
CA SER A 172 -38.43 -24.05 -49.91
C SER A 172 -37.99 -22.64 -50.25
N LYS A 173 -38.48 -21.64 -49.52
CA LYS A 173 -38.02 -20.27 -49.70
C LYS A 173 -36.61 -20.04 -49.18
N LYS A 174 -35.99 -21.08 -48.60
CA LYS A 174 -34.59 -21.08 -48.20
C LYS A 174 -34.31 -20.07 -47.08
N TYR A 175 -35.24 -19.96 -46.13
CA TYR A 175 -34.94 -19.31 -44.87
C TYR A 175 -34.19 -20.29 -43.97
N ASN A 176 -33.21 -19.77 -43.22
CA ASN A 176 -32.41 -20.61 -42.33
C ASN A 176 -32.76 -20.44 -40.87
N MET A 177 -33.64 -19.52 -40.51
CA MET A 177 -34.00 -19.29 -39.12
C MET A 177 -35.48 -18.90 -39.04
N ILE A 178 -36.13 -19.34 -37.96
CA ILE A 178 -37.54 -19.06 -37.72
C ILE A 178 -37.68 -18.41 -36.35
N HIS A 179 -38.38 -17.28 -36.31
CA HIS A 179 -38.74 -16.63 -35.06
C HIS A 179 -40.18 -16.95 -34.71
N PHE A 180 -40.42 -17.29 -33.45
CA PHE A 180 -41.75 -17.63 -32.97
C PHE A 180 -42.28 -16.55 -32.04
N THR A 181 -43.54 -16.18 -32.22
CA THR A 181 -44.27 -15.57 -31.13
C THR A 181 -44.40 -16.60 -30.01
N PRO A 182 -44.35 -16.18 -28.74
CA PRO A 182 -44.13 -17.15 -27.66
C PRO A 182 -45.19 -18.26 -27.65
N LEU A 183 -44.70 -19.51 -27.60
CA LEU A 183 -45.53 -20.70 -27.64
C LEU A 183 -46.05 -21.12 -26.27
N GLN A 184 -46.32 -20.17 -25.39
CA GLN A 184 -46.78 -20.46 -24.04
C GLN A 184 -48.30 -20.38 -23.97
N HIS A 185 -48.84 -20.90 -22.87
CA HIS A 185 -50.28 -20.82 -22.63
C HIS A 185 -50.70 -19.35 -22.56
N ARG A 186 -51.66 -18.97 -23.40
CA ARG A 186 -52.06 -17.59 -23.55
C ARG A 186 -53.20 -17.25 -22.60
N GLY A 187 -53.29 -15.96 -22.27
CA GLY A 187 -54.22 -15.49 -21.26
C GLY A 187 -55.66 -15.41 -21.74
N GLU A 188 -56.41 -14.47 -21.14
CA GLU A 188 -57.82 -14.33 -21.46
C GLU A 188 -58.04 -13.85 -22.88
N SER A 189 -57.34 -12.78 -23.28
CA SER A 189 -57.52 -12.21 -24.61
C SER A 189 -56.92 -13.07 -25.71
N ASN A 190 -56.22 -14.14 -25.36
CA ASN A 190 -55.58 -15.07 -26.30
C ASN A 190 -54.53 -14.39 -27.19
N SER A 191 -54.21 -13.14 -26.90
CA SER A 191 -53.12 -12.49 -27.63
C SER A 191 -51.81 -13.21 -27.31
N PRO A 192 -50.94 -13.40 -28.31
CA PRO A 192 -49.71 -14.18 -28.06
C PRO A 192 -48.74 -13.55 -27.09
N TYR A 193 -48.97 -12.30 -26.66
CA TYR A 193 -48.04 -11.61 -25.79
C TYR A 193 -48.54 -11.44 -24.36
N SER A 194 -49.75 -11.92 -24.04
CA SER A 194 -50.27 -11.93 -22.68
C SER A 194 -50.24 -13.38 -22.21
N ILE A 195 -49.12 -13.78 -21.63
CA ILE A 195 -48.87 -15.19 -21.30
C ILE A 195 -49.59 -15.55 -20.01
N TYR A 196 -50.48 -16.55 -20.09
CA TYR A 196 -51.17 -17.03 -18.91
C TYR A 196 -50.18 -17.59 -17.88
N ASP A 197 -49.41 -18.60 -18.28
CA ASP A 197 -48.40 -19.21 -17.43
C ASP A 197 -47.11 -19.36 -18.23
N GLN A 198 -46.06 -18.66 -17.79
CA GLN A 198 -44.82 -18.65 -18.56
C GLN A 198 -44.15 -20.02 -18.56
N LEU A 199 -44.34 -20.81 -17.52
CA LEU A 199 -43.71 -22.12 -17.41
C LEU A 199 -44.54 -23.25 -18.02
N GLU A 200 -45.64 -22.92 -18.69
CA GLU A 200 -46.47 -23.93 -19.36
C GLU A 200 -46.63 -23.54 -20.82
N PHE A 201 -46.18 -24.41 -21.71
CA PHE A 201 -46.40 -24.21 -23.13
C PHE A 201 -47.87 -24.41 -23.47
N ASP A 202 -48.28 -23.87 -24.62
CA ASP A 202 -49.66 -23.91 -25.09
C ASP A 202 -50.17 -25.34 -25.11
N PRO A 203 -51.13 -25.69 -24.23
CA PRO A 203 -51.59 -27.08 -24.16
C PRO A 203 -52.35 -27.54 -25.38
N THR A 204 -52.80 -26.62 -26.24
CA THR A 204 -53.51 -27.02 -27.46
C THR A 204 -52.62 -27.88 -28.34
N VAL A 205 -51.35 -27.54 -28.46
CA VAL A 205 -50.42 -28.26 -29.31
C VAL A 205 -49.60 -29.23 -28.47
N PHE A 206 -48.59 -28.71 -27.77
CA PHE A 206 -47.70 -29.54 -26.99
C PHE A 206 -48.31 -29.85 -25.62
N LYS A 207 -47.61 -30.72 -24.88
CA LYS A 207 -47.96 -31.01 -23.49
C LYS A 207 -46.70 -30.96 -22.62
N SER A 208 -45.66 -31.69 -23.02
CA SER A 208 -44.41 -31.75 -22.28
C SER A 208 -43.40 -30.79 -22.87
N GLU A 209 -42.26 -30.66 -22.17
CA GLU A 209 -41.18 -29.82 -22.68
C GLU A 209 -40.32 -30.56 -23.69
N LYS A 210 -40.25 -31.89 -23.60
CA LYS A 210 -39.54 -32.65 -24.62
C LYS A 210 -40.30 -32.63 -25.94
N GLU A 211 -41.62 -32.44 -25.88
CA GLU A 211 -42.43 -32.42 -27.09
C GLU A 211 -42.08 -31.23 -27.97
N VAL A 212 -41.90 -30.05 -27.37
CA VAL A 212 -41.49 -28.88 -28.14
C VAL A 212 -40.01 -28.95 -28.48
N ALA A 213 -39.20 -29.54 -27.60
CA ALA A 213 -37.78 -29.67 -27.87
C ALA A 213 -37.52 -30.61 -29.04
N ASP A 214 -38.31 -31.68 -29.16
CA ASP A 214 -38.16 -32.60 -30.28
C ASP A 214 -38.61 -31.96 -31.59
N MET A 215 -39.52 -31.00 -31.53
CA MET A 215 -39.97 -30.33 -32.75
C MET A 215 -38.93 -29.35 -33.25
N VAL A 216 -38.27 -28.63 -32.34
CA VAL A 216 -37.26 -27.65 -32.75
C VAL A 216 -36.01 -28.37 -33.27
N GLU A 217 -35.60 -29.45 -32.61
CA GLU A 217 -34.50 -30.26 -33.13
C GLU A 217 -34.87 -30.89 -34.46
N ARG A 218 -36.16 -31.18 -34.67
CA ARG A 218 -36.61 -31.70 -35.95
C ARG A 218 -36.39 -30.68 -37.06
N LEU A 219 -36.77 -29.42 -36.81
CA LEU A 219 -36.50 -28.35 -37.77
C LEU A 219 -35.02 -28.24 -38.09
N ARG A 220 -34.16 -28.45 -37.07
CA ARG A 220 -32.72 -28.36 -37.30
C ARG A 220 -32.23 -29.48 -38.19
N THR A 221 -32.76 -30.70 -38.00
CA THR A 221 -32.29 -31.86 -38.76
C THR A 221 -33.03 -32.06 -40.07
N GLU A 222 -34.25 -31.56 -40.19
CA GLU A 222 -35.04 -31.74 -41.41
C GLU A 222 -34.71 -30.68 -42.47
N HIS A 223 -34.91 -29.41 -42.13
CA HIS A 223 -34.82 -28.32 -43.09
C HIS A 223 -33.63 -27.41 -42.85
N ASN A 224 -32.75 -27.76 -41.91
CA ASN A 224 -31.60 -26.93 -41.53
C ASN A 224 -32.06 -25.53 -41.13
N ILE A 225 -32.87 -25.48 -40.06
CA ILE A 225 -33.49 -24.24 -39.59
C ILE A 225 -33.29 -24.13 -38.08
N LEU A 226 -32.65 -23.06 -37.64
CA LEU A 226 -32.58 -22.73 -36.23
C LEU A 226 -33.83 -21.95 -35.82
N SER A 227 -34.16 -22.03 -34.52
CA SER A 227 -35.38 -21.44 -34.01
C SER A 227 -35.07 -20.53 -32.84
N LEU A 228 -35.94 -19.53 -32.65
CA LEU A 228 -35.88 -18.65 -31.49
C LEU A 228 -37.27 -18.13 -31.21
N THR A 229 -37.46 -17.62 -30.00
CA THR A 229 -38.78 -17.24 -29.50
C THR A 229 -38.75 -15.84 -28.91
N ASP A 230 -39.93 -15.22 -28.85
CA ASP A 230 -40.08 -14.00 -28.07
C ASP A 230 -40.04 -14.32 -26.59
N ILE A 231 -39.40 -13.43 -25.82
CA ILE A 231 -39.40 -13.52 -24.37
C ILE A 231 -40.04 -12.24 -23.84
N VAL A 232 -41.07 -12.40 -23.02
CA VAL A 232 -41.85 -11.28 -22.50
C VAL A 232 -41.40 -11.03 -21.05
N PHE A 233 -40.72 -9.90 -20.84
CA PHE A 233 -40.26 -9.52 -19.51
C PHE A 233 -41.18 -8.52 -18.82
N ASN A 234 -41.79 -7.60 -19.57
CA ASN A 234 -42.41 -6.44 -18.97
C ASN A 234 -43.83 -6.67 -18.50
N HIS A 235 -44.45 -7.79 -18.83
CA HIS A 235 -45.85 -7.99 -18.44
C HIS A 235 -46.22 -9.46 -18.52
N THR A 236 -47.39 -9.77 -17.97
CA THR A 236 -47.99 -11.10 -18.01
C THR A 236 -49.49 -10.94 -18.18
N ALA A 237 -50.19 -12.06 -18.37
CA ALA A 237 -51.62 -12.04 -18.60
C ALA A 237 -52.37 -11.54 -17.37
N ASN A 238 -53.52 -10.91 -17.61
CA ASN A 238 -54.33 -10.31 -16.55
C ASN A 238 -55.21 -11.33 -15.83
N ASN A 239 -54.95 -12.62 -15.98
CA ASN A 239 -55.78 -13.64 -15.38
C ASN A 239 -54.95 -14.89 -15.10
N SER A 240 -53.80 -14.70 -14.46
CA SER A 240 -52.92 -15.81 -14.11
C SER A 240 -53.24 -16.29 -12.70
N GLN A 241 -53.33 -17.62 -12.54
CA GLN A 241 -53.61 -18.19 -11.23
C GLN A 241 -52.48 -18.02 -10.24
N TRP A 242 -51.30 -17.55 -10.69
CA TRP A 242 -50.23 -17.19 -9.78
C TRP A 242 -50.23 -15.71 -9.44
N LEU A 243 -50.94 -14.88 -10.21
CA LEU A 243 -51.12 -13.48 -9.84
C LEU A 243 -52.05 -13.32 -8.65
N LEU A 244 -52.83 -14.35 -8.32
CA LEU A 244 -53.67 -14.31 -7.13
C LEU A 244 -52.89 -14.69 -5.88
N ASP A 245 -51.89 -15.57 -6.02
CA ASP A 245 -51.08 -15.98 -4.88
C ASP A 245 -50.01 -14.94 -4.55
N HIS A 246 -49.36 -14.38 -5.58
CA HIS A 246 -48.31 -13.38 -5.43
C HIS A 246 -48.76 -12.10 -6.12
N PRO A 247 -49.61 -11.29 -5.47
CA PRO A 247 -50.02 -10.01 -6.07
C PRO A 247 -48.95 -8.94 -5.99
N GLU A 248 -47.84 -9.19 -5.28
CA GLU A 248 -46.78 -8.19 -5.16
C GLU A 248 -45.84 -8.16 -6.36
N ALA A 249 -45.97 -9.10 -7.29
CA ALA A 249 -45.11 -9.11 -8.46
C ALA A 249 -45.35 -7.92 -9.37
N GLY A 250 -46.50 -7.26 -9.25
CA GLY A 250 -46.81 -6.07 -10.01
C GLY A 250 -46.94 -4.83 -9.12
N TYR A 251 -47.13 -3.70 -9.78
CA TYR A 251 -47.26 -2.42 -9.10
C TYR A 251 -48.67 -2.29 -8.54
N ASN A 252 -48.80 -2.41 -7.22
CA ASN A 252 -50.08 -2.23 -6.54
C ASN A 252 -49.97 -1.09 -5.53
N HIS A 253 -51.05 -0.88 -4.78
CA HIS A 253 -51.10 0.23 -3.83
C HIS A 253 -50.09 0.06 -2.70
N LYS A 254 -49.64 -1.17 -2.42
CA LYS A 254 -48.63 -1.40 -1.41
C LYS A 254 -47.22 -1.21 -1.97
N THR A 255 -46.94 -1.81 -3.12
CA THR A 255 -45.58 -1.78 -3.67
C THR A 255 -45.24 -0.42 -4.28
N SER A 256 -46.20 0.21 -4.94
CA SER A 256 -46.01 1.53 -5.53
C SER A 256 -47.18 2.41 -5.10
N PRO A 257 -47.08 3.06 -3.93
CA PRO A 257 -48.22 3.81 -3.39
C PRO A 257 -48.54 5.10 -4.14
N HIS A 258 -47.69 5.52 -5.09
CA HIS A 258 -47.95 6.76 -5.80
C HIS A 258 -49.08 6.62 -6.81
N LEU A 259 -49.36 5.41 -7.28
CA LEU A 259 -50.41 5.19 -8.26
C LEU A 259 -51.81 5.10 -7.65
N ILE A 260 -51.93 5.27 -6.33
CA ILE A 260 -53.24 5.21 -5.69
C ILE A 260 -54.14 6.32 -6.23
N SER A 261 -53.56 7.48 -6.51
CA SER A 261 -54.35 8.57 -7.12
C SER A 261 -54.87 8.17 -8.49
N ALA A 262 -54.15 7.30 -9.21
CA ALA A 262 -54.59 6.84 -10.51
C ALA A 262 -55.58 5.69 -10.42
N ILE A 263 -55.58 4.94 -9.33
CA ILE A 263 -56.51 3.83 -9.18
C ILE A 263 -57.91 4.36 -8.90
N GLU A 264 -58.03 5.33 -7.98
CA GLU A 264 -59.32 5.89 -7.65
C GLU A 264 -59.92 6.69 -8.80
N LEU A 265 -59.11 7.06 -9.79
CA LEU A 265 -59.63 7.72 -10.99
C LEU A 265 -60.06 6.72 -12.04
N ASP A 266 -59.35 5.59 -12.16
CA ASP A 266 -59.74 4.57 -13.13
C ASP A 266 -61.04 3.90 -12.71
N LYS A 267 -61.16 3.54 -11.44
CA LYS A 267 -62.42 2.97 -10.94
C LYS A 267 -63.49 4.04 -10.74
N LYS A 268 -63.16 5.30 -10.97
CA LYS A 268 -64.16 6.35 -11.09
C LYS A 268 -64.75 6.44 -12.49
N LEU A 269 -64.28 5.58 -13.41
CA LEU A 269 -64.78 5.52 -14.77
C LEU A 269 -65.43 4.19 -15.11
N LEU A 270 -64.89 3.07 -14.61
CA LEU A 270 -65.62 1.81 -14.68
C LEU A 270 -66.90 1.89 -13.86
N ASP A 271 -66.91 2.74 -12.83
CA ASP A 271 -68.12 3.08 -12.09
C ASP A 271 -68.93 4.17 -12.78
N PHE A 272 -68.37 4.81 -13.81
CA PHE A 272 -69.03 5.88 -14.54
C PHE A 272 -69.50 5.48 -15.92
N SER A 273 -68.73 4.65 -16.63
CA SER A 273 -69.06 4.28 -18.00
C SER A 273 -70.14 3.21 -18.09
N GLU A 274 -70.65 2.71 -16.96
CA GLU A 274 -71.81 1.84 -16.95
C GLU A 274 -73.08 2.54 -16.49
N GLN A 275 -72.97 3.81 -16.05
CA GLN A 275 -74.11 4.61 -15.62
C GLN A 275 -74.06 6.01 -16.22
N MET A 276 -73.22 6.22 -17.22
CA MET A 276 -73.05 7.54 -17.82
C MET A 276 -74.34 8.01 -18.49
N GLU A 277 -74.80 7.26 -19.50
CA GLU A 277 -75.99 7.64 -20.24
C GLU A 277 -77.25 7.63 -19.38
N ALA A 278 -77.23 6.89 -18.27
CA ALA A 278 -78.44 6.77 -17.43
C ALA A 278 -78.95 8.14 -17.00
N LEU A 279 -78.03 9.02 -16.56
CA LEU A 279 -78.38 10.40 -16.26
C LEU A 279 -77.79 11.38 -17.25
N GLY A 280 -76.73 11.01 -17.97
CA GLY A 280 -76.15 11.85 -19.00
C GLY A 280 -76.99 11.83 -20.27
N TYR A 281 -76.32 11.96 -21.42
CA TYR A 281 -77.06 11.99 -22.67
C TYR A 281 -76.39 11.14 -23.76
N PRO A 282 -75.15 11.43 -24.20
CA PRO A 282 -74.63 10.77 -25.40
C PRO A 282 -73.80 9.54 -25.09
N VAL A 283 -74.29 8.36 -25.50
CA VAL A 283 -73.52 7.13 -25.37
C VAL A 283 -72.45 7.12 -26.45
N ASP A 284 -72.85 6.90 -27.70
CA ASP A 284 -71.93 6.88 -28.84
C ASP A 284 -72.52 7.75 -29.95
N LEU A 285 -72.21 9.04 -29.91
CA LEU A 285 -72.57 9.99 -30.95
C LEU A 285 -71.32 10.48 -31.65
N LYS A 286 -71.49 10.91 -32.91
CA LYS A 286 -70.40 11.45 -33.71
C LYS A 286 -70.52 12.97 -33.83
N THR A 287 -70.58 13.63 -32.67
CA THR A 287 -70.78 15.07 -32.61
C THR A 287 -69.73 15.70 -31.72
N VAL A 288 -69.27 16.90 -32.12
CA VAL A 288 -68.39 17.67 -31.25
C VAL A 288 -69.11 18.07 -29.97
N ASP A 289 -70.39 18.39 -30.07
CA ASP A 289 -71.18 18.75 -28.90
C ASP A 289 -71.38 17.55 -27.98
N ASP A 290 -71.37 16.33 -28.53
CA ASP A 290 -71.53 15.15 -27.70
C ASP A 290 -70.33 14.97 -26.78
N LEU A 291 -69.13 15.29 -27.26
CA LEU A 291 -67.95 15.22 -26.40
C LEU A 291 -67.99 16.29 -25.32
N ILE A 292 -68.44 17.49 -25.68
CA ILE A 292 -68.46 18.60 -24.72
C ILE A 292 -69.35 18.27 -23.54
N LYS A 293 -70.55 17.74 -23.81
CA LYS A 293 -71.45 17.37 -22.72
C LYS A 293 -70.98 16.12 -21.99
N VAL A 294 -70.23 15.25 -22.67
CA VAL A 294 -69.60 14.13 -21.97
C VAL A 294 -68.52 14.64 -21.04
N MET A 295 -67.68 15.56 -21.51
CA MET A 295 -66.70 16.19 -20.65
C MET A 295 -67.35 17.11 -19.62
N ASP A 296 -68.54 17.63 -19.92
CA ASP A 296 -69.30 18.33 -18.89
C ASP A 296 -69.80 17.37 -17.83
N GLY A 297 -70.22 16.16 -18.24
CA GLY A 297 -70.47 15.11 -17.28
C GLY A 297 -69.21 14.59 -16.62
N ILE A 298 -68.05 14.87 -17.21
CA ILE A 298 -66.78 14.55 -16.58
C ILE A 298 -66.37 15.66 -15.62
N LYS A 299 -66.61 16.91 -16.00
CA LYS A 299 -66.28 18.05 -15.15
C LYS A 299 -67.35 18.29 -14.10
N GLU A 300 -68.05 17.23 -13.69
CA GLU A 300 -69.10 17.38 -12.69
C GLU A 300 -69.30 16.10 -11.88
N HIS A 301 -68.75 14.97 -12.36
CA HIS A 301 -69.00 13.70 -11.70
C HIS A 301 -67.76 12.83 -11.50
N VAL A 302 -66.59 13.25 -11.98
CA VAL A 302 -65.37 12.50 -11.68
C VAL A 302 -64.29 13.45 -11.16
N ILE A 303 -63.93 14.47 -11.95
CA ILE A 303 -62.89 15.40 -11.52
C ILE A 303 -63.35 16.19 -10.30
N GLY A 304 -64.50 16.84 -10.40
CA GLY A 304 -65.04 17.59 -9.29
C GLY A 304 -65.57 16.74 -8.15
N GLU A 305 -65.67 15.43 -8.35
CA GLU A 305 -66.14 14.50 -7.32
C GLU A 305 -65.01 13.76 -6.63
N LEU A 306 -63.80 14.32 -6.63
CA LEU A 306 -62.66 13.71 -5.94
C LEU A 306 -61.99 14.72 -5.02
N LYS A 307 -62.80 15.58 -4.39
CA LYS A 307 -62.41 16.37 -3.22
C LYS A 307 -61.34 17.41 -3.54
N LEU A 308 -61.43 18.02 -4.73
CA LEU A 308 -60.45 19.01 -5.19
C LEU A 308 -59.03 18.47 -5.10
N TRP A 309 -58.91 17.15 -4.92
CA TRP A 309 -57.65 16.45 -4.81
C TRP A 309 -56.76 16.98 -3.70
N GLU A 310 -56.96 16.46 -2.49
CA GLU A 310 -56.05 16.68 -1.38
C GLU A 310 -54.73 15.96 -1.55
N PHE A 311 -54.54 15.24 -2.65
CA PHE A 311 -53.27 14.54 -2.90
C PHE A 311 -52.12 15.51 -3.02
N TYR A 312 -52.38 16.75 -3.42
CA TYR A 312 -51.35 17.78 -3.49
C TYR A 312 -51.46 18.78 -2.35
N VAL A 313 -52.67 19.27 -2.09
CA VAL A 313 -52.87 20.43 -1.22
C VAL A 313 -52.86 19.99 0.23
N VAL A 314 -52.15 20.78 1.07
CA VAL A 314 -52.19 20.57 2.51
C VAL A 314 -53.58 20.94 3.02
N ASP A 315 -54.15 20.07 3.85
CA ASP A 315 -55.46 20.33 4.44
C ASP A 315 -55.40 21.57 5.31
N VAL A 316 -55.97 22.69 4.81
CA VAL A 316 -55.79 23.98 5.46
C VAL A 316 -56.47 24.01 6.83
N LYS A 317 -57.79 23.80 6.85
CA LYS A 317 -58.52 23.89 8.11
C LYS A 317 -58.25 22.71 9.02
N GLN A 318 -57.73 21.60 8.50
CA GLN A 318 -57.36 20.46 9.32
C GLN A 318 -55.93 20.54 9.83
N THR A 319 -55.18 21.57 9.42
CA THR A 319 -53.90 21.88 10.04
C THR A 319 -54.08 22.86 11.19
N VAL A 320 -54.94 23.87 11.00
CA VAL A 320 -55.25 24.81 12.08
C VAL A 320 -55.99 24.10 13.19
N SER A 321 -56.87 23.16 12.86
CA SER A 321 -57.57 22.37 13.88
C SER A 321 -56.58 21.54 14.68
N GLU A 322 -55.65 20.88 13.99
CA GLU A 322 -54.62 20.10 14.68
C GLU A 322 -53.53 20.98 15.28
N LEU A 323 -53.44 22.25 14.85
CA LEU A 323 -52.54 23.19 15.50
C LEU A 323 -53.05 23.50 16.91
N ARG A 324 -54.22 24.13 16.99
CA ARG A 324 -54.78 24.50 18.28
C ARG A 324 -55.04 23.28 19.16
N GLU A 325 -55.26 22.12 18.55
CA GLU A 325 -55.57 20.90 19.31
C GLU A 325 -54.54 20.65 20.41
N LYS A 326 -53.27 20.92 20.12
CA LYS A 326 -52.22 20.91 21.13
C LYS A 326 -51.58 22.28 21.33
N TRP A 327 -51.74 23.21 20.39
CA TRP A 327 -51.04 24.49 20.37
C TRP A 327 -49.56 24.30 20.67
N GLY A 328 -48.97 23.26 20.08
CA GLY A 328 -47.57 22.95 20.27
C GLY A 328 -47.16 22.88 21.72
N ASN A 329 -47.61 21.85 22.43
CA ASN A 329 -47.12 21.60 23.78
C ASN A 329 -45.60 21.54 23.80
N SER A 330 -45.01 20.89 22.80
CA SER A 330 -43.57 20.86 22.61
C SER A 330 -43.16 22.13 21.87
N LYS A 331 -42.79 23.15 22.62
CA LYS A 331 -42.35 24.42 22.06
C LYS A 331 -40.82 24.45 22.04
N SER A 332 -40.26 24.89 20.91
CA SER A 332 -38.84 24.66 20.71
C SER A 332 -38.21 25.54 19.63
N TRP A 333 -38.41 26.85 19.67
CA TRP A 333 -37.75 27.73 18.70
C TRP A 333 -37.25 28.98 19.38
N SER A 334 -35.93 29.14 19.40
CA SER A 334 -35.26 30.36 19.85
C SER A 334 -34.25 30.85 18.82
N ASP A 335 -34.17 30.20 17.66
CA ASP A 335 -33.27 30.60 16.59
C ASP A 335 -33.88 31.76 15.79
N ASP A 336 -33.05 32.41 14.99
CA ASP A 336 -33.48 33.48 14.11
C ASP A 336 -33.25 33.10 12.64
N ASN A 337 -33.52 31.84 12.31
CA ASN A 337 -33.44 31.41 10.92
C ASN A 337 -34.70 31.74 10.12
N ILE A 338 -35.77 32.16 10.79
CA ILE A 338 -37.00 32.54 10.09
C ILE A 338 -36.80 33.90 9.43
N PRO A 339 -37.17 34.06 8.17
CA PRO A 339 -37.17 35.40 7.57
C PRO A 339 -38.30 36.23 8.15
N SER A 340 -38.32 37.51 7.76
CA SER A 340 -39.41 38.37 8.18
C SER A 340 -40.71 37.91 7.52
N LYS A 341 -41.83 38.27 8.17
CA LYS A 341 -43.14 37.97 7.61
C LYS A 341 -43.37 38.67 6.28
N ASP A 342 -42.62 39.75 6.01
CA ASP A 342 -42.74 40.45 4.74
C ASP A 342 -42.32 39.56 3.58
N ASP A 343 -41.23 38.80 3.75
CA ASP A 343 -40.72 37.91 2.71
C ASP A 343 -41.54 36.61 2.74
N SER A 344 -42.80 36.75 2.32
CA SER A 344 -43.73 35.62 2.37
C SER A 344 -43.32 34.49 1.43
N THR A 345 -42.52 34.79 0.41
CA THR A 345 -42.03 33.74 -0.49
C THR A 345 -41.10 32.78 0.24
N ASN A 346 -39.97 33.30 0.75
CA ASN A 346 -39.04 32.44 1.47
C ASN A 346 -39.63 31.91 2.76
N LEU A 347 -40.61 32.63 3.33
CA LEU A 347 -41.27 32.15 4.55
C LEU A 347 -42.04 30.87 4.28
N ALA A 348 -42.74 30.80 3.15
CA ALA A 348 -43.48 29.59 2.81
C ALA A 348 -42.52 28.43 2.55
N GLN A 349 -41.43 28.68 1.83
CA GLN A 349 -40.42 27.65 1.62
C GLN A 349 -39.75 27.26 2.92
N PHE A 350 -39.67 28.19 3.89
CA PHE A 350 -39.02 27.89 5.16
C PHE A 350 -39.82 26.88 5.97
N VAL A 351 -41.13 27.10 6.10
CA VAL A 351 -41.97 26.12 6.77
C VAL A 351 -41.98 24.80 6.02
N ARG A 352 -41.80 24.86 4.69
CA ARG A 352 -41.78 23.65 3.89
C ARG A 352 -40.49 22.85 4.10
N ASP A 353 -39.39 23.52 4.39
CA ASP A 353 -38.10 22.86 4.54
C ASP A 353 -37.83 22.36 5.94
N ASN A 354 -38.67 22.70 6.92
CA ASN A 354 -38.37 22.35 8.30
C ASN A 354 -39.54 21.66 9.00
N ALA A 355 -40.78 22.08 8.74
CA ALA A 355 -41.93 21.51 9.43
C ALA A 355 -42.75 20.63 8.50
N THR A 356 -42.15 19.57 7.98
CA THR A 356 -42.83 18.66 7.07
C THR A 356 -42.47 17.22 7.42
N GLU A 357 -43.48 16.34 7.34
CA GLU A 357 -43.23 14.93 7.44
C GLU A 357 -42.52 14.44 6.18
N PRO A 358 -41.80 13.31 6.26
CA PRO A 358 -41.05 12.85 5.08
C PRO A 358 -41.97 12.54 3.91
N GLY A 359 -41.52 12.90 2.72
CA GLY A 359 -42.30 12.68 1.51
C GLY A 359 -43.20 13.83 1.12
N PHE A 360 -42.82 15.06 1.45
CA PHE A 360 -43.65 16.21 1.08
C PHE A 360 -43.50 16.48 -0.40
N GLY A 361 -44.63 16.61 -1.10
CA GLY A 361 -44.59 16.78 -2.54
C GLY A 361 -44.70 15.43 -3.21
N SER A 362 -44.10 14.41 -2.59
CA SER A 362 -44.20 13.05 -3.09
C SER A 362 -45.64 12.56 -2.97
N LEU A 363 -46.18 12.04 -4.07
CA LEU A 363 -47.56 11.58 -4.09
C LEU A 363 -47.67 10.20 -3.47
N GLY A 364 -48.67 10.02 -2.62
CA GLY A 364 -48.89 8.76 -1.96
C GLY A 364 -50.35 8.50 -1.62
N GLU A 365 -50.71 8.64 -0.35
CA GLU A 365 -52.08 8.48 0.09
C GLU A 365 -52.86 9.78 -0.16
N ARG A 366 -54.11 9.82 0.31
CA ARG A 366 -54.96 10.99 0.08
C ARG A 366 -54.37 12.23 0.73
N GLY A 367 -54.14 12.18 2.03
CA GLY A 367 -53.54 13.30 2.73
C GLY A 367 -52.15 12.99 3.24
N SER A 368 -51.23 12.66 2.32
CA SER A 368 -49.89 12.24 2.69
C SER A 368 -48.89 13.39 2.77
N ASN A 369 -49.27 14.59 2.36
CA ASN A 369 -48.41 15.77 2.45
C ASN A 369 -48.95 16.65 3.57
N LYS A 370 -48.37 16.50 4.77
CA LYS A 370 -48.83 17.21 5.95
C LYS A 370 -47.65 17.92 6.61
N ILE A 371 -47.97 18.74 7.61
CA ILE A 371 -47.01 19.60 8.28
C ILE A 371 -46.69 19.05 9.65
N ASN A 372 -45.41 19.08 10.02
CA ASN A 372 -45.01 18.75 11.38
C ASN A 372 -45.48 19.86 12.32
N ILE A 373 -46.47 19.55 13.15
CA ILE A 373 -47.17 20.59 13.90
C ILE A 373 -46.29 21.16 15.01
N ASP A 374 -45.62 20.29 15.77
CA ASP A 374 -44.82 20.77 16.89
C ASP A 374 -43.68 21.66 16.42
N LYS A 375 -43.21 21.48 15.19
CA LYS A 375 -42.18 22.34 14.63
C LYS A 375 -42.76 23.54 13.88
N PHE A 376 -44.04 23.48 13.51
CA PHE A 376 -44.70 24.63 12.89
C PHE A 376 -45.20 25.61 13.94
N ALA A 377 -45.89 25.10 14.97
CA ALA A 377 -46.32 25.95 16.07
C ALA A 377 -45.14 26.53 16.82
N ALA A 378 -43.97 25.91 16.74
CA ALA A 378 -42.78 26.47 17.36
C ALA A 378 -42.30 27.71 16.60
N ILE A 379 -42.43 27.70 15.27
CA ILE A 379 -42.09 28.88 14.49
C ILE A 379 -43.13 29.97 14.66
N LEU A 380 -44.41 29.57 14.76
CA LEU A 380 -45.49 30.55 14.93
C LEU A 380 -45.36 31.29 16.26
N LYS A 381 -44.95 30.59 17.32
CA LYS A 381 -44.70 31.28 18.58
C LYS A 381 -43.47 32.16 18.51
N LYS A 382 -42.50 31.82 17.65
CA LYS A 382 -41.31 32.63 17.50
C LYS A 382 -41.57 33.84 16.62
N LEU A 383 -42.29 33.65 15.51
CA LEU A 383 -42.54 34.74 14.58
C LEU A 383 -43.54 35.74 15.16
N HIS A 384 -44.71 35.26 15.58
CA HIS A 384 -45.77 36.15 16.01
C HIS A 384 -45.89 36.22 17.53
N SER A 385 -46.57 35.25 18.13
CA SER A 385 -46.84 35.32 19.56
C SER A 385 -47.01 33.92 20.12
N GLU A 386 -46.77 33.80 21.43
CA GLU A 386 -46.99 32.56 22.15
C GLU A 386 -48.45 32.33 22.52
N ASP A 387 -49.32 33.29 22.24
CA ASP A 387 -50.75 33.15 22.44
C ASP A 387 -51.40 32.77 21.11
N TYR A 388 -52.27 31.76 21.14
CA TYR A 388 -52.89 31.30 19.89
C TYR A 388 -53.84 32.33 19.32
N ASN A 389 -54.69 32.93 20.17
CA ASN A 389 -55.69 33.86 19.68
C ASN A 389 -55.09 35.13 19.09
N ASN A 390 -53.77 35.32 19.18
CA ASN A 390 -53.11 36.46 18.55
C ASN A 390 -52.91 36.14 17.07
N GLY A 391 -54.00 36.25 16.32
CA GLY A 391 -53.98 36.15 14.86
C GLY A 391 -53.27 34.94 14.27
N ILE A 392 -53.26 33.82 14.99
CA ILE A 392 -52.62 32.62 14.46
C ILE A 392 -53.50 31.95 13.42
N GLU A 393 -54.80 31.86 13.69
CA GLU A 393 -55.73 31.28 12.71
C GLU A 393 -55.66 31.99 11.37
N GLU A 394 -55.38 33.31 11.38
CA GLU A 394 -55.20 34.04 10.14
C GLU A 394 -53.79 33.86 9.58
N LEU A 395 -52.78 33.91 10.45
CA LEU A 395 -51.39 33.80 9.99
C LEU A 395 -51.07 32.39 9.52
N ALA A 396 -51.42 31.39 10.33
CA ALA A 396 -51.13 30.01 9.95
C ALA A 396 -51.81 29.63 8.65
N THR A 397 -53.07 30.06 8.48
CA THR A 397 -53.76 29.80 7.22
C THR A 397 -53.16 30.60 6.07
N LYS A 398 -52.65 31.80 6.35
CA LYS A 398 -52.01 32.61 5.30
C LYS A 398 -50.76 31.93 4.78
N ILE A 399 -50.02 31.25 5.66
CA ILE A 399 -48.80 30.57 5.24
C ILE A 399 -49.14 29.34 4.40
N LEU A 400 -50.10 28.53 4.87
CA LEU A 400 -50.40 27.28 4.19
C LEU A 400 -51.05 27.49 2.82
N ASN A 401 -51.86 28.55 2.68
CA ASN A 401 -52.44 28.84 1.37
C ASN A 401 -51.37 29.17 0.36
N ASP A 402 -50.31 29.85 0.78
CA ASP A 402 -49.19 30.15 -0.11
C ASP A 402 -48.30 28.95 -0.36
N ILE A 403 -48.29 27.98 0.56
CA ILE A 403 -47.55 26.75 0.31
C ILE A 403 -48.23 25.92 -0.77
N ASN A 404 -49.56 25.95 -0.83
CA ASN A 404 -50.31 25.15 -1.78
C ASN A 404 -50.56 25.87 -3.10
N LEU A 405 -50.10 27.11 -3.25
CA LEU A 405 -50.21 27.77 -4.55
C LEU A 405 -49.40 27.06 -5.63
N PRO A 406 -48.14 26.65 -5.40
CA PRO A 406 -47.47 25.80 -6.40
C PRO A 406 -48.07 24.42 -6.52
N PHE A 407 -48.87 23.98 -5.54
CA PHE A 407 -49.61 22.73 -5.66
C PHE A 407 -50.94 22.91 -6.35
N TYR A 408 -51.62 24.04 -6.10
CA TYR A 408 -52.85 24.33 -6.83
C TYR A 408 -52.58 24.49 -8.33
N LYS A 409 -51.42 25.07 -8.68
CA LYS A 409 -51.08 25.24 -10.08
C LYS A 409 -50.46 23.98 -10.67
N GLU A 410 -49.82 23.15 -9.84
CA GLU A 410 -49.41 21.83 -10.30
C GLU A 410 -50.64 20.96 -10.55
N TYR A 411 -51.76 21.28 -9.89
CA TYR A 411 -53.00 20.54 -10.09
C TYR A 411 -53.68 20.96 -11.39
N ASP A 412 -53.72 22.25 -11.68
CA ASP A 412 -54.33 22.73 -12.91
C ASP A 412 -53.54 22.26 -14.14
N ASP A 413 -52.23 22.09 -14.00
CA ASP A 413 -51.44 21.57 -15.10
C ASP A 413 -51.67 20.07 -15.30
N ASP A 414 -52.01 19.35 -14.23
CA ASP A 414 -52.30 17.92 -14.34
C ASP A 414 -53.70 17.70 -14.89
N ILE A 415 -54.69 18.43 -14.38
CA ILE A 415 -56.07 18.24 -14.81
C ILE A 415 -56.23 18.56 -16.29
N ASN A 416 -55.60 19.63 -16.75
CA ASN A 416 -55.73 20.02 -18.15
C ASN A 416 -55.15 18.97 -19.08
N GLU A 417 -54.19 18.18 -18.62
CA GLU A 417 -53.62 17.10 -19.42
C GLU A 417 -54.43 15.81 -19.33
N VAL A 418 -55.20 15.62 -18.26
CA VAL A 418 -56.00 14.40 -18.14
C VAL A 418 -57.15 14.41 -19.13
N LEU A 419 -57.89 15.52 -19.19
CA LEU A 419 -59.06 15.57 -20.05
C LEU A 419 -58.74 15.96 -21.49
N GLU A 420 -57.63 16.66 -21.72
CA GLU A 420 -57.21 16.92 -23.10
C GLU A 420 -56.77 15.65 -23.79
N GLN A 421 -56.05 14.78 -23.07
CA GLN A 421 -55.70 13.48 -23.62
C GLN A 421 -56.93 12.59 -23.79
N LEU A 422 -58.01 12.86 -23.06
CA LEU A 422 -59.21 12.04 -23.14
C LEU A 422 -60.02 12.35 -24.38
N PHE A 423 -60.42 13.62 -24.57
CA PHE A 423 -61.22 13.95 -25.74
C PHE A 423 -60.41 13.91 -27.04
N ASN A 424 -59.10 13.65 -26.97
CA ASN A 424 -58.30 13.44 -28.17
C ASN A 424 -58.22 11.97 -28.56
N ARG A 425 -58.26 11.05 -27.59
CA ARG A 425 -58.23 9.63 -27.90
C ARG A 425 -59.62 9.05 -28.13
N ILE A 426 -60.61 9.47 -27.34
CA ILE A 426 -61.96 8.94 -27.50
C ILE A 426 -62.53 9.34 -28.85
N LYS A 427 -62.04 10.45 -29.43
CA LYS A 427 -62.30 10.72 -30.83
C LYS A 427 -61.76 9.59 -31.70
N TYR A 428 -60.43 9.42 -31.71
CA TYR A 428 -59.82 8.37 -32.52
C TYR A 428 -60.34 6.99 -32.15
N LEU A 429 -60.66 6.77 -30.88
CA LEU A 429 -61.21 5.48 -30.47
C LEU A 429 -62.56 5.22 -31.11
N ARG A 430 -63.39 6.26 -31.23
CA ARG A 430 -64.74 6.11 -31.74
C ARG A 430 -64.98 6.94 -32.99
N ILE A 431 -65.15 8.25 -32.82
CA ILE A 431 -65.48 9.17 -33.91
C ILE A 431 -64.37 9.16 -34.96
N ASP A 432 -64.65 8.55 -36.11
CA ASP A 432 -63.65 8.31 -37.15
C ASP A 432 -62.90 9.57 -37.55
N ASP A 433 -61.76 9.83 -36.91
CA ASP A 433 -60.81 10.80 -37.43
C ASP A 433 -60.05 10.21 -38.61
N HIS A 434 -59.37 9.09 -38.37
CA HIS A 434 -58.86 8.24 -39.44
C HIS A 434 -59.06 6.77 -39.15
N GLY A 435 -59.72 6.42 -38.03
CA GLY A 435 -60.05 5.06 -37.71
C GLY A 435 -61.31 5.02 -36.85
N PRO A 436 -62.27 4.16 -37.22
CA PRO A 436 -63.58 4.22 -36.57
C PRO A 436 -63.81 3.15 -35.50
N LYS A 437 -64.74 2.25 -35.77
CA LYS A 437 -65.24 1.27 -34.80
C LYS A 437 -65.82 1.98 -33.59
N GLN A 438 -67.09 2.39 -33.68
CA GLN A 438 -67.74 3.17 -32.63
C GLN A 438 -68.69 2.27 -31.83
N GLY A 439 -68.08 1.34 -31.09
CA GLY A 439 -68.82 0.48 -30.21
C GLY A 439 -69.12 1.15 -28.89
N PRO A 440 -70.40 1.13 -28.49
CA PRO A 440 -70.81 1.89 -27.28
C PRO A 440 -70.32 1.27 -25.98
N ILE A 441 -71.00 1.61 -24.88
CA ILE A 441 -70.64 1.07 -23.58
C ILE A 441 -70.75 -0.44 -23.60
N THR A 442 -69.75 -1.11 -23.04
CA THR A 442 -69.72 -2.56 -23.02
C THR A 442 -68.94 -3.03 -21.79
N LYS A 443 -69.05 -4.32 -21.51
CA LYS A 443 -68.27 -4.94 -20.45
C LYS A 443 -66.80 -5.08 -20.83
N LYS A 444 -66.47 -4.92 -22.11
CA LYS A 444 -65.09 -4.91 -22.59
C LYS A 444 -64.66 -3.56 -23.12
N LEU A 445 -65.60 -2.74 -23.59
CA LEU A 445 -65.30 -1.45 -24.21
C LEU A 445 -66.11 -0.36 -23.52
N PRO A 446 -65.65 0.12 -22.37
CA PRO A 446 -66.28 1.31 -21.77
C PRO A 446 -65.78 2.58 -22.43
N LEU A 447 -65.92 3.73 -21.76
CA LEU A 447 -65.42 4.97 -22.35
C LEU A 447 -63.91 5.12 -22.14
N SER A 448 -63.37 4.50 -21.10
CA SER A 448 -61.95 4.57 -20.79
C SER A 448 -61.39 3.16 -20.64
N GLU A 449 -60.24 2.91 -21.26
CA GLU A 449 -59.64 1.59 -21.21
C GLU A 449 -59.15 1.28 -19.80
N PRO A 450 -59.14 0.01 -19.40
CA PRO A 450 -58.76 -0.34 -18.02
C PRO A 450 -57.30 -0.02 -17.71
N TYR A 451 -57.08 0.97 -16.85
CA TYR A 451 -55.73 1.30 -16.41
C TYR A 451 -55.22 0.35 -15.33
N PHE A 452 -56.11 -0.41 -14.69
CA PHE A 452 -55.74 -1.30 -13.61
C PHE A 452 -56.58 -2.56 -13.66
N THR A 453 -55.95 -3.72 -13.49
CA THR A 453 -56.63 -5.00 -13.47
C THR A 453 -57.01 -5.33 -12.03
N ARG A 454 -58.29 -5.54 -11.79
CA ARG A 454 -58.83 -5.75 -10.44
C ARG A 454 -59.12 -7.22 -10.20
N PHE A 455 -58.79 -7.68 -9.00
CA PHE A 455 -59.11 -9.04 -8.59
C PHE A 455 -59.04 -9.12 -7.08
N LYS A 456 -59.55 -10.23 -6.54
CA LYS A 456 -59.51 -10.52 -5.11
C LYS A 456 -58.49 -11.62 -4.90
N ALA A 457 -57.33 -11.26 -4.33
CA ALA A 457 -56.22 -12.20 -4.21
C ALA A 457 -56.54 -13.27 -3.17
N LYS A 458 -55.72 -14.33 -3.18
CA LYS A 458 -55.90 -15.43 -2.24
C LYS A 458 -55.60 -15.01 -0.81
N ASP A 459 -54.87 -13.91 -0.60
CA ASP A 459 -54.63 -13.42 0.74
C ASP A 459 -55.88 -12.80 1.37
N GLY A 460 -56.92 -12.54 0.58
CA GLY A 460 -58.15 -11.99 1.10
C GLY A 460 -58.39 -10.55 0.68
N GLU A 461 -57.33 -9.75 0.67
CA GLU A 461 -57.46 -8.34 0.33
C GLU A 461 -57.69 -8.17 -1.18
N GLU A 462 -58.16 -6.98 -1.54
CA GLU A 462 -58.31 -6.60 -2.94
C GLU A 462 -57.07 -5.86 -3.42
N TYR A 463 -56.81 -5.98 -4.72
CA TYR A 463 -55.65 -5.37 -5.34
C TYR A 463 -56.05 -4.71 -6.65
N ALA A 464 -55.11 -3.93 -7.21
CA ALA A 464 -55.33 -3.22 -8.46
C ALA A 464 -53.98 -3.05 -9.15
N LEU A 465 -53.55 -4.11 -9.84
CA LEU A 465 -52.32 -4.08 -10.59
C LEU A 465 -52.55 -3.38 -11.93
N ALA A 466 -51.59 -2.57 -12.33
CA ALA A 466 -51.71 -1.81 -13.57
C ALA A 466 -51.20 -2.61 -14.76
N ASN A 467 -51.71 -2.27 -15.93
CA ASN A 467 -51.24 -2.81 -17.20
C ASN A 467 -50.27 -1.83 -17.84
N ASN A 468 -49.32 -2.37 -18.60
CA ASN A 468 -48.31 -1.53 -19.22
C ASN A 468 -48.79 -1.04 -20.60
N GLY A 469 -48.07 -0.06 -21.12
CA GLY A 469 -48.40 0.50 -22.41
C GLY A 469 -47.24 1.27 -23.01
N ALA A 470 -47.50 2.48 -23.49
CA ALA A 470 -46.45 3.30 -24.10
C ALA A 470 -46.86 4.77 -24.00
N ILE A 471 -45.93 5.63 -24.38
CA ILE A 471 -46.14 7.08 -24.41
C ILE A 471 -45.93 7.57 -25.83
N TRP A 472 -45.95 8.89 -26.01
CA TRP A 472 -45.73 9.45 -27.34
C TRP A 472 -44.24 9.61 -27.62
N ASP A 473 -43.72 10.82 -27.42
CA ASP A 473 -42.29 11.09 -27.52
C ASP A 473 -41.58 10.89 -26.20
N GLY A 474 -42.27 10.38 -25.18
CA GLY A 474 -41.65 10.25 -23.87
C GLY A 474 -40.49 9.28 -23.89
N ASN A 475 -39.46 9.59 -23.11
CA ASN A 475 -38.26 8.77 -23.03
C ASN A 475 -38.64 7.37 -22.56
N PRO A 476 -38.39 6.32 -23.34
CA PRO A 476 -38.77 4.97 -22.92
C PRO A 476 -37.98 4.47 -21.72
N LEU A 477 -36.82 5.04 -21.44
CA LEU A 477 -36.01 4.59 -20.31
C LEU A 477 -36.70 4.90 -18.98
N VAL A 478 -37.51 5.95 -18.93
CA VAL A 478 -38.22 6.31 -17.70
C VAL A 478 -39.37 5.33 -17.51
N ASP A 479 -39.33 4.59 -16.41
CA ASP A 479 -40.41 3.66 -16.08
C ASP A 479 -41.67 4.45 -15.75
N PHE A 480 -42.66 4.39 -16.64
CA PHE A 480 -43.91 5.11 -16.39
C PHE A 480 -44.63 4.58 -15.15
N ALA A 481 -44.41 3.31 -14.80
CA ALA A 481 -45.00 2.72 -13.62
C ALA A 481 -44.24 3.04 -12.34
N SER A 482 -43.12 3.75 -12.43
CA SER A 482 -42.35 4.12 -11.26
C SER A 482 -42.83 5.47 -10.72
N SER A 483 -42.27 5.87 -9.58
CA SER A 483 -42.68 7.10 -8.93
C SER A 483 -42.19 8.34 -9.66
N GLN A 484 -41.22 8.20 -10.56
CA GLN A 484 -40.67 9.35 -11.25
C GLN A 484 -41.59 9.88 -12.34
N SER A 485 -42.49 9.06 -12.85
CA SER A 485 -43.40 9.45 -13.91
C SER A 485 -44.82 9.66 -13.36
N LYS A 486 -45.55 10.56 -14.00
CA LYS A 486 -46.94 10.83 -13.68
C LYS A 486 -47.84 10.40 -14.84
N ALA A 487 -47.53 9.25 -15.43
CA ALA A 487 -48.23 8.81 -16.63
C ALA A 487 -49.63 8.31 -16.31
N TYR A 488 -49.74 7.34 -15.41
CA TYR A 488 -51.04 6.75 -15.10
C TYR A 488 -52.00 7.74 -14.46
N LEU A 489 -51.51 8.85 -13.92
CA LEU A 489 -52.38 9.88 -13.39
C LEU A 489 -52.84 10.86 -14.47
N ARG A 490 -51.88 11.41 -15.22
CA ARG A 490 -52.22 12.33 -16.31
C ARG A 490 -52.81 11.62 -17.52
N ARG A 491 -52.98 10.30 -17.46
CA ARG A 491 -53.66 9.53 -18.51
C ARG A 491 -52.95 9.67 -19.86
N GLU A 492 -51.66 9.36 -19.87
CA GLU A 492 -50.83 9.39 -21.07
C GLU A 492 -50.37 8.00 -21.49
N VAL A 493 -51.16 6.98 -21.18
CA VAL A 493 -50.74 5.59 -21.35
C VAL A 493 -51.61 4.94 -22.42
N ILE A 494 -50.97 4.41 -23.45
CA ILE A 494 -51.67 3.62 -24.48
C ILE A 494 -51.66 2.18 -23.97
N VAL A 495 -52.63 1.87 -23.10
CA VAL A 495 -52.57 0.64 -22.32
C VAL A 495 -52.89 -0.57 -23.20
N TRP A 496 -52.32 -1.71 -22.81
CA TRP A 496 -52.55 -3.00 -23.44
C TRP A 496 -53.23 -3.87 -22.38
N GLY A 497 -54.56 -3.93 -22.44
CA GLY A 497 -55.33 -4.47 -21.33
C GLY A 497 -55.01 -5.92 -21.01
N ASP A 498 -54.67 -6.70 -22.04
CA ASP A 498 -54.35 -8.10 -21.82
C ASP A 498 -53.10 -8.28 -20.98
N CYS A 499 -52.25 -7.27 -20.92
CA CYS A 499 -50.99 -7.36 -20.19
C CYS A 499 -51.14 -6.79 -18.78
N VAL A 500 -50.13 -7.02 -17.94
CA VAL A 500 -50.06 -6.49 -16.58
C VAL A 500 -48.61 -6.14 -16.29
N LYS A 501 -48.33 -4.85 -16.11
CA LYS A 501 -46.96 -4.40 -15.94
C LYS A 501 -46.28 -5.08 -14.75
N LEU A 502 -45.24 -5.85 -15.05
CA LEU A 502 -44.51 -6.58 -14.01
C LEU A 502 -43.53 -5.66 -13.29
N ARG A 503 -43.49 -5.79 -11.97
CA ARG A 503 -42.67 -4.91 -11.12
C ARG A 503 -41.40 -5.64 -10.73
N TYR A 504 -40.31 -5.35 -11.44
CA TYR A 504 -38.97 -5.70 -10.97
C TYR A 504 -38.40 -4.54 -10.18
N GLY A 505 -37.61 -4.87 -9.17
CA GLY A 505 -36.99 -3.88 -8.32
C GLY A 505 -35.53 -3.65 -8.66
N LYS A 506 -34.79 -3.12 -7.69
CA LYS A 506 -33.35 -3.00 -7.82
C LYS A 506 -32.66 -4.36 -7.90
N GLY A 507 -33.36 -5.44 -7.55
CA GLY A 507 -32.84 -6.77 -7.63
C GLY A 507 -33.88 -7.77 -7.17
N PRO A 508 -33.47 -9.02 -6.96
CA PRO A 508 -34.41 -10.03 -6.45
C PRO A 508 -34.94 -9.72 -5.05
N SER A 509 -34.40 -8.73 -4.37
CA SER A 509 -34.85 -8.42 -3.00
C SER A 509 -36.20 -7.74 -2.99
N ASP A 510 -36.55 -7.01 -4.06
CA ASP A 510 -37.82 -6.29 -4.09
C ASP A 510 -38.99 -7.13 -4.57
N SER A 511 -38.73 -8.12 -5.42
CA SER A 511 -39.78 -9.02 -5.92
C SER A 511 -39.20 -10.42 -6.01
N PRO A 512 -39.22 -11.17 -4.91
CA PRO A 512 -38.53 -12.47 -4.91
C PRO A 512 -39.13 -13.50 -5.87
N TYR A 513 -40.46 -13.66 -5.85
CA TYR A 513 -41.07 -14.71 -6.66
C TYR A 513 -41.05 -14.37 -8.15
N LEU A 514 -41.12 -13.09 -8.50
CA LEU A 514 -41.09 -12.70 -9.90
C LEU A 514 -39.73 -13.02 -10.53
N TRP A 515 -38.64 -12.67 -9.84
CA TRP A 515 -37.32 -12.97 -10.37
C TRP A 515 -37.08 -14.47 -10.46
N GLU A 516 -37.61 -15.23 -9.50
CA GLU A 516 -37.40 -16.68 -9.50
C GLU A 516 -38.19 -17.36 -10.61
N ARG A 517 -39.42 -16.89 -10.86
CA ARG A 517 -40.24 -17.49 -11.90
C ARG A 517 -39.76 -17.13 -13.30
N MET A 518 -39.39 -15.87 -13.52
CA MET A 518 -38.89 -15.48 -14.83
C MET A 518 -37.59 -16.19 -15.17
N SER A 519 -36.75 -16.46 -14.17
CA SER A 519 -35.50 -17.17 -14.42
C SER A 519 -35.78 -18.58 -14.94
N LYS A 520 -36.59 -19.35 -14.22
CA LYS A 520 -36.94 -20.69 -14.66
C LYS A 520 -37.73 -20.69 -15.96
N TYR A 521 -38.36 -19.57 -16.31
CA TYR A 521 -39.02 -19.45 -17.61
C TYR A 521 -38.02 -19.11 -18.71
N VAL A 522 -36.99 -18.33 -18.40
CA VAL A 522 -35.98 -17.99 -19.41
C VAL A 522 -35.09 -19.19 -19.69
N GLU A 523 -34.60 -19.84 -18.65
CA GLU A 523 -33.71 -20.98 -18.84
C GLU A 523 -34.44 -22.22 -19.34
N MET A 524 -35.77 -22.21 -19.37
CA MET A 524 -36.50 -23.30 -20.01
C MET A 524 -36.46 -23.17 -21.52
N ASN A 525 -36.69 -21.95 -22.03
CA ASN A 525 -36.58 -21.72 -23.47
C ASN A 525 -35.13 -21.79 -23.93
N ALA A 526 -34.18 -21.42 -23.06
CA ALA A 526 -32.77 -21.45 -23.44
C ALA A 526 -32.28 -22.88 -23.69
N ARG A 527 -32.87 -23.85 -23.00
CA ARG A 527 -32.52 -25.25 -23.25
C ARG A 527 -32.95 -25.71 -24.63
N ILE A 528 -33.94 -25.07 -25.22
CA ILE A 528 -34.51 -25.52 -26.48
C ILE A 528 -33.97 -24.70 -27.65
N PHE A 529 -34.25 -23.41 -27.64
CA PHE A 529 -34.02 -22.55 -28.79
C PHE A 529 -32.57 -22.08 -28.85
N ASN A 530 -32.22 -21.45 -29.98
CA ASN A 530 -30.88 -20.92 -30.19
C ASN A 530 -30.77 -19.44 -29.89
N GLY A 531 -31.88 -18.76 -29.62
CA GLY A 531 -31.81 -17.34 -29.33
C GLY A 531 -33.13 -16.81 -28.83
N PHE A 532 -33.15 -15.51 -28.57
CA PHE A 532 -34.32 -14.81 -28.08
C PHE A 532 -34.60 -13.57 -28.92
N ARG A 533 -35.85 -13.11 -28.86
CA ARG A 533 -36.24 -11.81 -29.40
C ARG A 533 -36.89 -11.02 -28.28
N ILE A 534 -36.42 -9.79 -28.07
CA ILE A 534 -36.86 -8.96 -26.97
C ILE A 534 -37.66 -7.79 -27.54
N ASP A 535 -38.97 -7.83 -27.38
CA ASP A 535 -39.84 -6.75 -27.83
C ASP A 535 -39.83 -5.62 -26.81
N ASN A 536 -39.73 -4.38 -27.30
CA ASN A 536 -39.67 -3.19 -26.46
C ASN A 536 -38.57 -3.31 -25.42
N CYS A 537 -37.38 -3.69 -25.88
CA CYS A 537 -36.23 -3.82 -24.98
C CYS A 537 -35.87 -2.50 -24.32
N HIS A 538 -36.10 -1.38 -25.03
CA HIS A 538 -35.83 -0.07 -24.47
C HIS A 538 -36.70 0.24 -23.26
N SER A 539 -37.85 -0.43 -23.12
CA SER A 539 -38.70 -0.26 -21.95
C SER A 539 -38.37 -1.25 -20.85
N THR A 540 -37.53 -2.24 -21.11
CA THR A 540 -37.07 -3.15 -20.06
C THR A 540 -35.82 -2.55 -19.42
N PRO A 541 -35.80 -2.37 -18.09
CA PRO A 541 -34.61 -1.79 -17.44
C PRO A 541 -33.38 -2.65 -17.68
N LEU A 542 -32.22 -2.00 -17.66
CA LEU A 542 -30.97 -2.68 -17.98
C LEU A 542 -30.70 -3.82 -17.01
N HIS A 543 -30.64 -3.53 -15.71
CA HIS A 543 -30.31 -4.55 -14.72
C HIS A 543 -31.29 -5.71 -14.72
N VAL A 544 -32.52 -5.49 -15.21
CA VAL A 544 -33.46 -6.60 -15.35
C VAL A 544 -33.03 -7.52 -16.48
N GLY A 545 -32.71 -6.95 -17.65
CA GLY A 545 -32.30 -7.76 -18.78
C GLY A 545 -30.89 -8.31 -18.66
N GLN A 546 -30.00 -7.60 -17.99
CA GLN A 546 -28.63 -8.07 -17.83
C GLN A 546 -28.60 -9.41 -17.09
N TYR A 547 -29.35 -9.51 -15.99
CA TYR A 547 -29.34 -10.74 -15.20
C TYR A 547 -30.00 -11.88 -15.95
N PHE A 548 -31.13 -11.62 -16.62
CA PHE A 548 -31.87 -12.70 -17.27
C PHE A 548 -31.18 -13.17 -18.55
N LEU A 549 -30.51 -12.28 -19.28
CA LEU A 549 -29.75 -12.71 -20.44
C LEU A 549 -28.50 -13.49 -20.05
N ASP A 550 -27.91 -13.17 -18.90
CA ASP A 550 -26.79 -13.96 -18.40
C ASP A 550 -27.24 -15.35 -17.98
N VAL A 551 -28.41 -15.45 -17.36
CA VAL A 551 -28.95 -16.76 -16.99
C VAL A 551 -29.21 -17.60 -18.24
N ALA A 552 -29.64 -16.96 -19.32
CA ALA A 552 -29.87 -17.70 -20.56
C ALA A 552 -28.56 -18.16 -21.18
N ARG A 553 -27.54 -17.31 -21.15
CA ARG A 553 -26.27 -17.66 -21.77
C ARG A 553 -25.53 -18.73 -20.98
N ARG A 554 -25.80 -18.84 -19.68
CA ARG A 554 -25.22 -19.94 -18.91
C ARG A 554 -25.84 -21.28 -19.32
N VAL A 555 -27.06 -21.25 -19.84
CA VAL A 555 -27.74 -22.46 -20.31
C VAL A 555 -27.34 -22.71 -21.76
N ASN A 556 -27.58 -21.72 -22.61
CA ASN A 556 -27.21 -21.80 -24.02
C ASN A 556 -26.06 -20.83 -24.28
N PRO A 557 -24.81 -21.32 -24.37
CA PRO A 557 -23.68 -20.39 -24.54
C PRO A 557 -23.67 -19.68 -25.88
N ASN A 558 -24.34 -20.21 -26.90
CA ASN A 558 -24.42 -19.59 -28.21
C ASN A 558 -25.76 -18.92 -28.45
N LEU A 559 -26.26 -18.18 -27.46
CA LEU A 559 -27.56 -17.52 -27.59
C LEU A 559 -27.46 -16.35 -28.55
N TYR A 560 -28.42 -16.24 -29.46
CA TYR A 560 -28.46 -15.19 -30.48
C TYR A 560 -29.60 -14.24 -30.13
N VAL A 561 -29.27 -13.01 -29.73
CA VAL A 561 -30.24 -12.06 -29.22
C VAL A 561 -30.57 -11.05 -30.32
N VAL A 562 -31.86 -10.85 -30.56
CA VAL A 562 -32.36 -9.80 -31.44
C VAL A 562 -33.18 -8.84 -30.60
N ALA A 563 -33.09 -7.55 -30.90
CA ALA A 563 -33.68 -6.54 -30.03
C ALA A 563 -34.44 -5.49 -30.84
N GLN A 564 -35.57 -5.05 -30.29
CA GLN A 564 -36.32 -3.92 -30.81
C GLN A 564 -35.93 -2.72 -29.95
N LEU A 565 -34.85 -2.05 -30.35
CA LEU A 565 -34.18 -1.05 -29.52
C LEU A 565 -34.40 0.32 -30.13
N PHE A 566 -35.14 1.17 -29.41
CA PHE A 566 -35.38 2.56 -29.82
C PHE A 566 -35.04 3.46 -28.63
N SER A 567 -33.78 3.84 -28.53
CA SER A 567 -33.35 4.87 -27.59
C SER A 567 -33.14 6.18 -28.33
N GLY A 568 -33.20 7.27 -27.57
CA GLY A 568 -33.13 8.59 -28.18
C GLY A 568 -31.86 8.82 -28.97
N SER A 569 -30.74 8.28 -28.49
CA SER A 569 -29.45 8.45 -29.13
C SER A 569 -28.89 7.10 -29.57
N GLU A 570 -28.02 7.13 -30.59
CA GLU A 570 -27.30 5.93 -30.96
C GLU A 570 -26.40 5.45 -29.84
N ALA A 571 -25.94 6.37 -28.98
CA ALA A 571 -25.06 5.99 -27.89
C ALA A 571 -25.78 5.12 -26.87
N MET A 572 -26.98 5.53 -26.47
CA MET A 572 -27.75 4.72 -25.53
C MET A 572 -28.12 3.38 -26.15
N ASP A 573 -28.43 3.37 -27.45
CA ASP A 573 -28.60 2.10 -28.15
C ASP A 573 -27.32 1.27 -28.10
N CYS A 574 -26.17 1.91 -28.29
CA CYS A 574 -24.90 1.21 -28.19
C CYS A 574 -24.65 0.74 -26.75
N LEU A 575 -24.95 1.59 -25.77
CA LEU A 575 -24.74 1.20 -24.37
C LEU A 575 -25.63 0.02 -24.00
N PHE A 576 -26.87 -0.01 -24.50
CA PHE A 576 -27.74 -1.15 -24.26
C PHE A 576 -27.17 -2.41 -24.91
N VAL A 577 -26.67 -2.29 -26.13
CA VAL A 577 -26.06 -3.45 -26.80
C VAL A 577 -24.76 -3.84 -26.11
N GLU A 578 -24.01 -2.85 -25.61
CA GLU A 578 -22.75 -3.15 -24.93
C GLU A 578 -22.96 -4.00 -23.69
N ARG A 579 -23.89 -3.60 -22.83
CA ARG A 579 -24.05 -4.27 -21.55
C ARG A 579 -24.91 -5.52 -21.64
N LEU A 580 -25.99 -5.48 -22.43
CA LEU A 580 -26.89 -6.62 -22.52
C LEU A 580 -26.34 -7.76 -23.37
N GLY A 581 -25.38 -7.48 -24.24
CA GLY A 581 -24.86 -8.51 -25.12
C GLY A 581 -25.74 -8.78 -26.33
N ILE A 582 -26.43 -7.74 -26.82
CA ILE A 582 -27.32 -7.91 -27.97
C ILE A 582 -26.49 -8.15 -29.22
N SER A 583 -26.95 -9.08 -30.06
CA SER A 583 -26.22 -9.45 -31.26
C SER A 583 -26.85 -8.92 -32.54
N SER A 584 -28.10 -8.46 -32.49
CA SER A 584 -28.75 -7.93 -33.68
C SER A 584 -29.82 -6.92 -33.27
N LEU A 585 -29.90 -5.83 -34.02
CA LEU A 585 -30.89 -4.78 -33.80
C LEU A 585 -31.85 -4.74 -34.98
N ILE A 586 -33.15 -4.84 -34.68
CA ILE A 586 -34.16 -4.92 -35.74
C ILE A 586 -34.26 -3.59 -36.46
N ARG A 587 -34.22 -3.64 -37.79
CA ARG A 587 -34.49 -2.49 -38.64
C ARG A 587 -35.66 -2.83 -39.55
N GLU A 588 -36.61 -1.91 -39.68
CA GLU A 588 -37.82 -2.12 -40.46
C GLU A 588 -37.74 -1.34 -41.77
N ALA A 589 -38.10 -1.99 -42.87
CA ALA A 589 -38.10 -1.33 -44.18
C ALA A 589 -39.41 -0.64 -44.48
N MET A 590 -40.53 -1.13 -43.93
CA MET A 590 -41.83 -0.50 -44.16
C MET A 590 -41.96 0.87 -43.50
N GLN A 591 -40.99 1.28 -42.69
CA GLN A 591 -41.07 2.58 -42.04
C GLN A 591 -40.73 3.73 -42.97
N ALA A 592 -40.05 3.45 -44.09
CA ALA A 592 -39.72 4.49 -45.04
C ALA A 592 -40.98 5.00 -45.73
N TRP A 593 -41.27 6.30 -45.57
CA TRP A 593 -42.48 6.89 -46.11
C TRP A 593 -42.41 7.16 -47.60
N SER A 594 -41.21 7.29 -48.17
CA SER A 594 -41.05 7.63 -49.57
C SER A 594 -39.92 6.79 -50.17
N GLU A 595 -39.67 7.00 -51.46
CA GLU A 595 -38.58 6.27 -52.13
C GLU A 595 -37.22 6.75 -51.66
N GLU A 596 -37.09 8.01 -51.27
CA GLU A 596 -35.81 8.53 -50.82
C GLU A 596 -35.44 8.00 -49.44
N GLU A 597 -36.44 7.77 -48.58
CA GLU A 597 -36.14 7.28 -47.24
C GLU A 597 -35.68 5.83 -47.26
N LEU A 598 -36.23 5.03 -48.17
CA LEU A 598 -35.78 3.65 -48.30
C LEU A 598 -34.36 3.58 -48.83
N SER A 599 -33.97 4.52 -49.70
CA SER A 599 -32.59 4.57 -50.15
C SER A 599 -31.65 4.89 -49.00
N ARG A 600 -32.07 5.78 -48.09
CA ARG A 600 -31.21 6.15 -46.97
C ARG A 600 -31.17 5.03 -45.92
N LEU A 601 -32.28 4.34 -45.70
CA LEU A 601 -32.27 3.17 -44.83
C LEU A 601 -31.39 2.07 -45.41
N VAL A 602 -31.41 1.91 -46.73
CA VAL A 602 -30.57 0.89 -47.37
C VAL A 602 -29.10 1.25 -47.26
N HIS A 603 -28.77 2.53 -47.42
CA HIS A 603 -27.38 2.97 -47.34
C HIS A 603 -26.79 2.75 -45.96
N ARG A 604 -27.62 2.83 -44.91
CA ARG A 604 -27.12 2.73 -43.55
C ARG A 604 -26.59 1.33 -43.26
N HIS A 605 -27.35 0.30 -43.61
CA HIS A 605 -27.00 -1.08 -43.31
C HIS A 605 -26.48 -1.83 -44.53
N GLY A 606 -25.97 -1.12 -45.53
CA GLY A 606 -25.54 -1.75 -46.77
C GLY A 606 -24.06 -2.10 -46.80
N GLY A 607 -23.25 -1.36 -46.05
CA GLY A 607 -21.82 -1.57 -45.99
C GLY A 607 -21.08 -0.25 -46.09
N ARG A 608 -19.81 -0.33 -46.45
CA ARG A 608 -18.93 0.82 -46.62
C ARG A 608 -18.84 1.21 -48.09
N PRO A 609 -18.39 2.42 -48.40
CA PRO A 609 -18.31 2.84 -49.81
C PRO A 609 -17.36 1.98 -50.62
N ILE A 610 -17.54 2.02 -51.94
CA ILE A 610 -16.65 1.29 -52.84
C ILE A 610 -15.33 2.01 -52.93
N GLY A 611 -14.23 1.24 -52.91
CA GLY A 611 -12.91 1.83 -52.84
C GLY A 611 -12.57 2.39 -51.48
N SER A 612 -13.22 1.92 -50.42
CA SER A 612 -13.02 2.45 -49.09
C SER A 612 -11.61 2.15 -48.60
N TYR A 613 -11.09 3.02 -47.74
CA TYR A 613 -9.73 2.88 -47.26
C TYR A 613 -9.60 1.72 -46.27
N LYS A 614 -8.45 1.07 -46.32
CA LYS A 614 -8.11 -0.01 -45.41
C LYS A 614 -7.12 0.49 -44.35
N PHE A 615 -7.21 -0.10 -43.16
CA PHE A 615 -6.37 0.35 -42.05
C PHE A 615 -5.01 -0.35 -42.09
N VAL A 616 -3.97 0.41 -41.74
CA VAL A 616 -2.61 -0.13 -41.63
C VAL A 616 -1.91 0.51 -40.44
N PRO A 617 -1.19 -0.28 -39.63
CA PRO A 617 -0.32 0.33 -38.61
C PRO A 617 0.74 1.20 -39.24
N LEU A 618 0.66 2.51 -38.99
CA LEU A 618 1.57 3.46 -39.63
C LEU A 618 2.64 3.93 -38.64
N ASP A 619 2.71 5.23 -38.39
CA ASP A 619 3.67 5.80 -37.46
C ASP A 619 3.08 6.02 -36.08
N ASP A 620 1.90 5.46 -35.81
CA ASP A 620 1.23 5.59 -34.52
C ASP A 620 1.30 4.30 -33.70
N PHE A 621 2.28 3.45 -33.98
CA PHE A 621 2.39 2.14 -33.35
C PHE A 621 3.82 1.90 -32.88
N PRO A 622 3.99 1.14 -31.79
CA PRO A 622 5.34 0.71 -31.40
C PRO A 622 5.75 -0.50 -32.21
N TYR A 623 6.96 -0.46 -32.77
CA TYR A 623 7.49 -1.56 -33.57
C TYR A 623 8.58 -2.26 -32.77
N PRO A 624 8.25 -3.29 -32.00
CA PRO A 624 9.29 -4.01 -31.25
C PRO A 624 10.18 -4.80 -32.19
N ALA A 625 11.50 -4.59 -32.06
CA ALA A 625 12.43 -5.36 -32.88
C ALA A 625 12.33 -6.85 -32.61
N ASP A 626 11.81 -7.25 -31.45
CA ASP A 626 11.64 -8.66 -31.10
C ASP A 626 10.18 -9.07 -31.25
N VAL A 627 9.67 -8.92 -32.48
CA VAL A 627 8.29 -9.27 -32.80
C VAL A 627 8.31 -10.38 -33.84
N LYS A 628 7.30 -11.25 -33.77
CA LYS A 628 7.19 -12.33 -34.75
C LYS A 628 6.66 -11.77 -36.08
N ILE A 629 6.95 -12.50 -37.15
CA ILE A 629 6.56 -12.10 -38.50
C ILE A 629 6.18 -13.33 -39.30
N ASP A 630 5.26 -13.13 -40.25
CA ASP A 630 5.00 -14.10 -41.32
C ASP A 630 5.79 -13.64 -42.53
N GLU A 631 6.79 -14.44 -42.92
CA GLU A 631 7.77 -13.99 -43.91
C GLU A 631 7.11 -13.61 -45.23
N GLU A 632 6.09 -14.35 -45.64
CA GLU A 632 5.41 -14.08 -46.91
C GLU A 632 3.90 -14.24 -46.74
N TYR A 633 3.35 -13.63 -45.70
CA TYR A 633 1.93 -13.69 -45.37
C TYR A 633 1.43 -15.14 -45.43
N CYS A 634 2.19 -16.04 -44.82
CA CYS A 634 1.97 -17.47 -44.96
C CYS A 634 1.62 -18.17 -43.66
N ALA A 635 1.54 -17.43 -42.54
CA ALA A 635 1.21 -18.02 -41.24
C ALA A 635 -0.29 -18.07 -40.99
N TYR A 636 -1.10 -18.15 -42.05
CA TYR A 636 -2.56 -18.16 -41.93
C TYR A 636 -3.11 -19.34 -42.72
N ASN A 637 -3.25 -20.48 -42.06
CA ASN A 637 -3.93 -21.59 -42.70
C ASN A 637 -5.44 -21.37 -42.65
N PRO A 638 -6.16 -21.69 -43.73
CA PRO A 638 -7.59 -21.33 -43.78
C PRO A 638 -8.43 -22.01 -42.71
N ASP A 639 -8.26 -23.32 -42.51
CA ASP A 639 -9.10 -24.04 -41.57
C ASP A 639 -8.87 -23.62 -40.13
N ASP A 640 -7.76 -22.94 -39.82
CA ASP A 640 -7.55 -22.43 -38.47
C ASP A 640 -8.56 -21.35 -38.10
N HIS A 641 -9.15 -20.68 -39.10
CA HIS A 641 -10.10 -19.58 -38.87
C HIS A 641 -9.49 -18.51 -37.96
N SER A 642 -8.23 -18.17 -38.21
CA SER A 642 -7.51 -17.20 -37.43
C SER A 642 -7.76 -15.79 -37.97
N VAL A 643 -7.84 -14.82 -37.06
CA VAL A 643 -7.97 -13.44 -37.47
C VAL A 643 -6.61 -12.95 -37.97
N LYS A 644 -6.61 -12.34 -39.15
CA LYS A 644 -5.36 -12.03 -39.86
C LYS A 644 -4.80 -10.69 -39.40
N CYS A 645 -3.47 -10.64 -39.31
CA CYS A 645 -2.79 -9.37 -39.10
C CYS A 645 -2.81 -8.55 -40.39
N VAL A 646 -2.44 -7.28 -40.28
CA VAL A 646 -2.56 -6.37 -41.41
C VAL A 646 -1.51 -6.66 -42.47
N SER A 647 -0.32 -7.10 -42.07
CA SER A 647 0.75 -7.35 -43.02
C SER A 647 1.68 -8.46 -42.56
N GLU A 648 2.93 -8.42 -43.01
CA GLU A 648 3.92 -9.40 -42.58
C GLU A 648 4.30 -9.19 -41.13
N ILE A 649 4.42 -7.93 -40.70
CA ILE A 649 4.61 -7.64 -39.28
C ILE A 649 3.38 -8.10 -38.53
N MET A 650 3.58 -8.96 -37.52
CA MET A 650 2.45 -9.56 -36.84
C MET A 650 1.90 -8.65 -35.75
N ILE A 651 1.66 -7.38 -36.08
CA ILE A 651 0.89 -6.49 -35.23
C ILE A 651 -0.56 -6.94 -35.34
N PRO A 652 -1.15 -7.50 -34.29
CA PRO A 652 -2.46 -8.16 -34.42
C PRO A 652 -3.55 -7.18 -34.86
N LYS A 653 -4.68 -7.77 -35.25
CA LYS A 653 -5.81 -6.99 -35.75
C LYS A 653 -6.39 -6.13 -34.61
N THR A 654 -6.41 -4.83 -34.81
CA THR A 654 -6.91 -3.91 -33.80
C THR A 654 -8.40 -4.11 -33.58
N LEU A 655 -8.84 -3.97 -32.34
CA LEU A 655 -10.25 -4.05 -31.97
C LEU A 655 -10.78 -2.64 -31.77
N THR A 656 -11.74 -2.25 -32.61
CA THR A 656 -12.28 -0.90 -32.61
C THR A 656 -13.81 -0.97 -32.61
N ALA A 657 -14.42 0.03 -31.99
CA ALA A 657 -15.88 0.09 -31.91
C ALA A 657 -16.48 0.17 -33.31
N THR A 658 -17.36 -0.80 -33.62
CA THR A 658 -18.10 -0.85 -34.86
C THR A 658 -19.59 -0.75 -34.57
N PRO A 659 -20.38 -0.20 -35.50
CA PRO A 659 -21.84 -0.14 -35.29
C PRO A 659 -22.41 -1.52 -35.03
N PRO A 660 -23.42 -1.61 -34.17
CA PRO A 660 -23.99 -2.93 -33.85
C PRO A 660 -24.62 -3.57 -35.08
N HIS A 661 -24.54 -4.90 -35.14
CA HIS A 661 -25.08 -5.63 -36.28
C HIS A 661 -26.59 -5.48 -36.33
N ALA A 662 -27.13 -5.50 -37.55
CA ALA A 662 -28.54 -5.25 -37.79
C ALA A 662 -29.20 -6.46 -38.41
N LEU A 663 -30.47 -6.66 -38.07
CA LEU A 663 -31.32 -7.68 -38.67
C LEU A 663 -32.42 -6.93 -39.42
N PHE A 664 -32.24 -6.74 -40.72
CA PHE A 664 -33.14 -5.93 -41.52
C PHE A 664 -34.41 -6.72 -41.82
N MET A 665 -35.55 -6.17 -41.42
CA MET A 665 -36.85 -6.78 -41.66
C MET A 665 -37.58 -5.97 -42.72
N ASP A 666 -37.87 -6.61 -43.87
CA ASP A 666 -38.67 -5.94 -44.88
C ASP A 666 -40.07 -5.65 -44.36
N CYS A 667 -40.60 -6.51 -43.50
CA CYS A 667 -41.88 -6.28 -42.85
C CYS A 667 -41.98 -7.18 -41.63
N THR A 668 -42.26 -6.59 -40.48
CA THR A 668 -42.37 -7.34 -39.24
C THR A 668 -43.80 -7.82 -39.04
N HIS A 669 -44.13 -8.26 -37.84
CA HIS A 669 -45.47 -8.71 -37.49
C HIS A 669 -46.29 -7.61 -36.83
N ASP A 670 -45.82 -6.37 -36.86
CA ASP A 670 -46.56 -5.24 -36.29
C ASP A 670 -46.84 -4.12 -37.29
N ASN A 671 -46.09 -4.03 -38.38
CA ASN A 671 -46.29 -2.97 -39.36
C ASN A 671 -47.30 -3.41 -40.42
N GLU A 672 -47.84 -2.42 -41.12
CA GLU A 672 -48.88 -2.67 -42.10
C GLU A 672 -48.30 -3.29 -43.37
N THR A 673 -49.19 -3.90 -44.16
CA THR A 673 -48.81 -4.63 -45.36
C THR A 673 -48.44 -3.67 -46.48
N PRO A 674 -47.49 -4.04 -47.35
CA PRO A 674 -47.25 -3.30 -48.59
C PRO A 674 -48.55 -2.95 -49.31
N ASN A 675 -49.54 -3.85 -49.26
CA ASN A 675 -50.84 -3.55 -49.81
C ASN A 675 -51.47 -2.33 -49.14
N GLN A 676 -51.26 -2.18 -47.83
CA GLN A 676 -51.88 -1.08 -47.09
C GLN A 676 -51.11 0.22 -47.27
N LYS A 677 -49.81 0.21 -46.98
CA LYS A 677 -49.01 1.44 -47.05
C LYS A 677 -48.73 1.84 -48.49
N ARG A 678 -48.31 0.88 -49.32
CA ARG A 678 -47.96 1.19 -50.70
C ARG A 678 -48.87 0.41 -51.65
N THR A 679 -48.29 -0.59 -52.34
CA THR A 679 -49.06 -1.49 -53.19
C THR A 679 -48.56 -2.91 -52.96
N VAL A 680 -49.20 -3.87 -53.63
CA VAL A 680 -48.73 -5.24 -53.59
C VAL A 680 -47.55 -5.46 -54.51
N GLU A 681 -47.34 -4.58 -55.49
CA GLU A 681 -46.24 -4.75 -56.45
C GLU A 681 -44.89 -4.49 -55.81
N ASP A 682 -44.81 -3.52 -54.88
CA ASP A 682 -43.54 -3.16 -54.28
C ASP A 682 -42.96 -4.26 -53.39
N THR A 683 -43.68 -5.36 -53.18
CA THR A 683 -43.15 -6.45 -52.37
C THR A 683 -41.85 -7.01 -52.95
N LEU A 684 -41.73 -7.03 -54.28
CA LEU A 684 -40.51 -7.58 -54.88
C LEU A 684 -39.33 -6.63 -54.76
N PRO A 685 -39.39 -5.36 -55.18
CA PRO A 685 -38.22 -4.50 -55.05
C PRO A 685 -37.85 -4.21 -53.60
N ASN A 686 -38.83 -4.13 -52.70
CA ASN A 686 -38.53 -3.86 -51.30
C ASN A 686 -37.71 -4.99 -50.69
N ALA A 687 -38.16 -6.24 -50.86
CA ALA A 687 -37.42 -7.38 -50.35
C ALA A 687 -36.12 -7.62 -51.11
N ALA A 688 -35.98 -7.07 -52.32
CA ALA A 688 -34.73 -7.20 -53.06
C ALA A 688 -33.67 -6.25 -52.54
N LEU A 689 -34.05 -5.00 -52.25
CA LEU A 689 -33.12 -4.06 -51.66
C LEU A 689 -32.74 -4.46 -50.24
N VAL A 690 -33.67 -5.04 -49.50
CA VAL A 690 -33.38 -5.48 -48.13
C VAL A 690 -32.38 -6.61 -48.13
N ALA A 691 -32.59 -7.61 -49.01
CA ALA A 691 -31.71 -8.77 -49.04
C ALA A 691 -30.30 -8.44 -49.51
N PHE A 692 -30.14 -7.35 -50.28
CA PHE A 692 -28.83 -6.99 -50.80
C PHE A 692 -27.93 -6.33 -49.77
N CYS A 693 -28.47 -5.93 -48.62
CA CYS A 693 -27.67 -5.27 -47.60
C CYS A 693 -26.67 -6.26 -46.98
N SER A 694 -25.63 -5.71 -46.38
CA SER A 694 -24.59 -6.51 -45.74
C SER A 694 -24.91 -6.66 -44.25
N SER A 695 -25.92 -7.48 -43.99
CA SER A 695 -26.39 -7.77 -42.63
C SER A 695 -27.32 -8.97 -42.71
N ALA A 696 -27.95 -9.30 -41.59
CA ALA A 696 -28.98 -10.33 -41.59
C ALA A 696 -30.30 -9.73 -42.05
N ILE A 697 -31.14 -10.60 -42.64
CA ILE A 697 -32.43 -10.17 -43.17
C ILE A 697 -33.52 -11.02 -42.53
N GLY A 698 -34.76 -10.55 -42.68
CA GLY A 698 -35.90 -11.26 -42.12
C GLY A 698 -37.19 -10.75 -42.71
N SER A 699 -38.24 -11.55 -42.57
CA SER A 699 -39.55 -11.21 -43.07
C SER A 699 -40.62 -11.93 -42.25
N VAL A 700 -41.81 -11.36 -42.20
CA VAL A 700 -42.95 -11.98 -41.56
C VAL A 700 -43.63 -12.89 -42.56
N TYR A 701 -44.33 -13.92 -42.07
CA TYR A 701 -45.08 -14.78 -42.95
C TYR A 701 -46.34 -14.05 -43.42
N GLY A 702 -46.54 -14.00 -44.74
CA GLY A 702 -47.58 -13.21 -45.37
C GLY A 702 -47.04 -12.10 -46.25
N TYR A 703 -45.83 -11.62 -45.96
CA TYR A 703 -45.18 -10.64 -46.84
C TYR A 703 -44.83 -11.27 -48.18
N ASP A 704 -44.15 -12.43 -48.15
CA ASP A 704 -43.84 -13.13 -49.40
C ASP A 704 -45.10 -13.70 -50.03
N GLU A 705 -46.02 -14.22 -49.22
CA GLU A 705 -47.30 -14.73 -49.70
C GLU A 705 -48.28 -13.62 -50.05
N VAL A 706 -47.86 -12.37 -49.95
CA VAL A 706 -48.64 -11.18 -50.30
C VAL A 706 -50.02 -11.26 -49.64
N PHE A 707 -50.04 -11.38 -48.31
CA PHE A 707 -51.30 -11.38 -47.59
C PHE A 707 -51.96 -10.01 -47.71
N PRO A 708 -53.30 -9.95 -47.56
CA PRO A 708 -54.01 -8.67 -47.75
C PRO A 708 -53.53 -7.57 -46.82
N GLN A 709 -53.85 -7.66 -45.54
CA GLN A 709 -53.58 -6.60 -44.58
C GLN A 709 -52.94 -7.19 -43.33
N LEU A 710 -52.40 -6.30 -42.50
CA LEU A 710 -51.76 -6.69 -41.25
C LEU A 710 -52.75 -7.45 -40.37
N LEU A 711 -52.40 -8.69 -40.03
CA LEU A 711 -53.27 -9.54 -39.24
C LEU A 711 -53.24 -9.12 -37.78
N ASP A 712 -54.43 -8.92 -37.20
CA ASP A 712 -54.51 -8.57 -35.79
C ASP A 712 -54.13 -9.77 -34.94
N LEU A 713 -53.09 -9.62 -34.12
CA LEU A 713 -52.62 -10.72 -33.29
C LEU A 713 -53.56 -11.04 -32.14
N VAL A 714 -54.56 -10.21 -31.88
CA VAL A 714 -55.46 -10.43 -30.74
C VAL A 714 -56.67 -11.26 -31.14
N GLN A 715 -57.37 -10.87 -32.20
CA GLN A 715 -58.68 -11.42 -32.50
C GLN A 715 -58.65 -12.60 -33.46
N GLU A 716 -57.96 -12.45 -34.59
CA GLU A 716 -58.16 -13.36 -35.72
C GLU A 716 -57.76 -14.79 -35.37
N LYS A 717 -58.54 -15.74 -35.88
CA LYS A 717 -58.32 -17.16 -35.65
C LYS A 717 -58.14 -17.95 -36.94
N ARG A 718 -58.05 -17.29 -38.08
CA ARG A 718 -57.91 -17.99 -39.34
C ARG A 718 -56.51 -18.59 -39.48
N THR A 719 -56.44 -19.68 -40.23
CA THR A 719 -55.21 -20.43 -40.42
C THR A 719 -54.51 -20.00 -41.71
N TYR A 720 -53.18 -20.11 -41.71
CA TYR A 720 -52.41 -19.83 -42.91
C TYR A 720 -52.83 -20.76 -44.05
N SER A 721 -52.84 -20.22 -45.26
CA SER A 721 -53.17 -21.02 -46.44
C SER A 721 -51.97 -21.88 -46.84
N CYS A 722 -52.27 -23.09 -47.31
CA CYS A 722 -51.25 -24.00 -47.79
C CYS A 722 -50.90 -23.78 -49.26
N ALA A 723 -51.29 -22.63 -49.81
CA ALA A 723 -50.99 -22.31 -51.21
C ALA A 723 -49.48 -22.14 -51.37
N GLU A 724 -48.85 -23.08 -52.05
CA GLU A 724 -47.39 -23.10 -52.17
C GLU A 724 -46.92 -22.22 -53.32
N ASN A 725 -45.70 -21.72 -53.19
CA ASN A 725 -44.99 -21.01 -54.27
C ASN A 725 -45.70 -19.73 -54.69
N THR A 726 -46.47 -19.13 -53.79
CA THR A 726 -47.20 -17.92 -54.11
C THR A 726 -46.33 -16.69 -53.87
N GLY A 727 -46.53 -15.66 -54.70
CA GLY A 727 -45.88 -14.39 -54.46
C GLY A 727 -44.39 -14.44 -54.76
N ILE A 728 -43.58 -14.02 -53.77
CA ILE A 728 -42.14 -13.88 -53.94
C ILE A 728 -41.38 -15.16 -53.56
N SER A 729 -42.09 -16.24 -53.23
CA SER A 729 -41.43 -17.46 -52.76
C SER A 729 -40.35 -17.92 -53.73
N LYS A 730 -40.60 -17.80 -55.03
CA LYS A 730 -39.59 -18.17 -56.03
C LYS A 730 -38.38 -17.25 -55.96
N VAL A 731 -38.59 -15.96 -55.66
CA VAL A 731 -37.47 -15.01 -55.67
C VAL A 731 -36.66 -15.09 -54.39
N LYS A 732 -37.33 -15.23 -53.24
CA LYS A 732 -36.60 -15.38 -51.98
C LYS A 732 -35.75 -16.65 -51.99
N THR A 733 -36.15 -17.66 -52.75
CA THR A 733 -35.30 -18.83 -52.92
C THR A 733 -34.03 -18.48 -53.68
N LEU A 734 -34.13 -17.56 -54.65
CA LEU A 734 -32.94 -17.11 -55.36
C LEU A 734 -32.13 -16.13 -54.52
N LEU A 735 -32.80 -15.25 -53.78
CA LEU A 735 -32.09 -14.25 -52.99
C LEU A 735 -31.33 -14.89 -51.83
N ASN A 736 -31.98 -15.77 -51.09
CA ASN A 736 -31.33 -16.38 -49.93
C ASN A 736 -30.20 -17.32 -50.35
N ASN A 737 -30.41 -18.08 -51.42
CA ASN A 737 -29.34 -18.97 -51.90
C ASN A 737 -28.15 -18.18 -52.43
N MET A 738 -28.40 -17.02 -53.03
CA MET A 738 -27.30 -16.17 -53.48
C MET A 738 -26.45 -15.70 -52.32
N ARG A 739 -27.09 -15.26 -51.23
CA ARG A 739 -26.36 -14.83 -50.05
C ARG A 739 -25.57 -15.96 -49.40
N GLU A 740 -26.00 -17.21 -49.61
CA GLU A 740 -25.26 -18.34 -49.07
C GLU A 740 -23.90 -18.49 -49.73
N GLU A 741 -23.81 -18.20 -51.03
CA GLU A 741 -22.52 -18.24 -51.71
C GLU A 741 -21.59 -17.12 -51.24
N ILE A 742 -22.15 -15.95 -50.93
CA ILE A 742 -21.33 -14.82 -50.51
C ILE A 742 -20.79 -15.03 -49.09
N ALA A 743 -21.57 -15.67 -48.22
CA ALA A 743 -21.21 -15.81 -46.82
C ALA A 743 -19.92 -16.61 -46.61
N SER A 744 -19.37 -17.22 -47.66
CA SER A 744 -18.19 -18.06 -47.48
C SER A 744 -16.93 -17.23 -47.26
N GLU A 745 -16.82 -16.07 -47.90
CA GLU A 745 -15.60 -15.28 -47.86
C GLU A 745 -15.77 -13.86 -47.35
N ALA A 746 -17.00 -13.35 -47.22
CA ALA A 746 -17.22 -12.01 -46.68
C ALA A 746 -17.08 -12.06 -45.16
N VAL A 747 -16.12 -11.32 -44.63
CA VAL A 747 -15.79 -11.40 -43.21
C VAL A 747 -15.93 -10.05 -42.52
N ASP A 748 -14.90 -9.22 -42.64
CA ASP A 748 -14.78 -8.02 -41.82
C ASP A 748 -15.46 -6.83 -42.49
N ILE A 749 -15.51 -5.70 -41.77
CA ILE A 749 -16.19 -4.52 -42.25
C ILE A 749 -15.50 -3.90 -43.46
N GLU A 750 -14.20 -4.14 -43.63
CA GLU A 750 -13.48 -3.65 -44.80
C GLU A 750 -13.63 -4.58 -46.00
N ASP A 751 -14.42 -5.65 -45.89
CA ASP A 751 -14.53 -6.65 -46.93
C ASP A 751 -15.88 -6.65 -47.63
N SER A 752 -16.70 -5.63 -47.42
CA SER A 752 -18.01 -5.53 -48.05
C SER A 752 -18.28 -4.06 -48.37
N GLU A 753 -18.14 -3.70 -49.65
CA GLU A 753 -18.34 -2.34 -50.12
C GLU A 753 -19.60 -2.25 -50.96
N MET A 754 -20.06 -1.02 -51.18
CA MET A 754 -21.42 -0.82 -51.68
C MET A 754 -21.59 0.59 -52.23
N HIS A 755 -22.47 0.71 -53.23
CA HIS A 755 -22.90 2.00 -53.75
C HIS A 755 -24.39 1.95 -54.04
N VAL A 756 -25.09 3.04 -53.69
CA VAL A 756 -26.54 3.13 -53.84
C VAL A 756 -26.87 4.44 -54.55
N HIS A 757 -27.81 4.37 -55.50
CA HIS A 757 -28.27 5.54 -56.24
C HIS A 757 -29.79 5.58 -56.21
N HIS A 758 -30.34 6.79 -56.30
CA HIS A 758 -31.79 7.01 -56.23
C HIS A 758 -32.18 8.01 -57.31
N ASP A 759 -32.82 7.52 -58.37
CA ASP A 759 -33.33 8.36 -59.45
C ASP A 759 -34.83 8.08 -59.55
N GLY A 760 -35.62 8.85 -58.83
CA GLY A 760 -37.06 8.69 -58.89
C GLY A 760 -37.52 7.40 -58.23
N GLN A 761 -38.37 6.66 -58.93
CA GLN A 761 -38.92 5.41 -58.42
C GLN A 761 -37.96 4.23 -58.53
N TYR A 762 -36.78 4.44 -59.10
CA TYR A 762 -35.75 3.41 -59.18
C TYR A 762 -34.78 3.54 -58.01
N ILE A 763 -34.23 2.41 -57.57
CA ILE A 763 -33.22 2.38 -56.53
C ILE A 763 -32.14 1.39 -56.94
N THR A 764 -30.90 1.85 -57.02
CA THR A 764 -29.77 1.04 -57.43
C THR A 764 -29.01 0.54 -56.21
N PHE A 765 -28.63 -0.74 -56.24
CA PHE A 765 -27.81 -1.33 -55.18
C PHE A 765 -26.64 -2.07 -55.83
N HIS A 766 -25.44 -1.53 -55.67
CA HIS A 766 -24.22 -2.21 -56.06
C HIS A 766 -23.56 -2.77 -54.81
N ARG A 767 -23.51 -4.08 -54.69
CA ARG A 767 -22.83 -4.76 -53.60
C ARG A 767 -21.52 -5.34 -54.12
N THR A 768 -20.46 -5.22 -53.33
CA THR A 768 -19.13 -5.62 -53.78
C THR A 768 -18.34 -6.19 -52.62
N ASN A 769 -17.70 -7.34 -52.85
CA ASN A 769 -16.71 -7.88 -51.92
C ASN A 769 -15.35 -7.31 -52.28
N ALA A 770 -14.74 -6.58 -51.34
CA ALA A 770 -13.50 -5.87 -51.62
C ALA A 770 -12.30 -6.78 -51.77
N LYS A 771 -12.42 -8.06 -51.41
CA LYS A 771 -11.27 -8.97 -51.43
C LYS A 771 -11.03 -9.58 -52.81
N ASN A 772 -12.10 -9.92 -53.54
CA ASN A 772 -11.97 -10.62 -54.81
C ASN A 772 -12.40 -9.80 -56.02
N GLY A 773 -13.26 -8.81 -55.84
CA GLY A 773 -13.82 -8.05 -56.94
C GLY A 773 -15.21 -8.48 -57.37
N LYS A 774 -15.69 -9.63 -56.87
CA LYS A 774 -17.03 -10.07 -57.17
C LYS A 774 -18.06 -9.07 -56.63
N GLY A 775 -19.25 -9.12 -57.19
CA GLY A 775 -20.31 -8.23 -56.74
C GLY A 775 -21.57 -8.44 -57.56
N TRP A 776 -22.64 -7.83 -57.08
CA TRP A 776 -23.95 -7.87 -57.73
C TRP A 776 -24.44 -6.46 -57.98
N TYR A 777 -25.19 -6.30 -59.07
CA TYR A 777 -25.87 -5.05 -59.37
C TYR A 777 -27.38 -5.31 -59.39
N LEU A 778 -28.12 -4.52 -58.62
CA LEU A 778 -29.56 -4.65 -58.52
C LEU A 778 -30.22 -3.37 -58.99
N VAL A 779 -31.17 -3.49 -59.90
CA VAL A 779 -31.99 -2.38 -60.36
C VAL A 779 -33.43 -2.70 -59.98
N ALA A 780 -33.99 -1.93 -59.05
CA ALA A 780 -35.31 -2.19 -58.51
C ALA A 780 -36.19 -0.96 -58.73
N ARG A 781 -37.30 -1.14 -59.44
CA ARG A 781 -38.28 -0.08 -59.62
C ARG A 781 -39.33 -0.20 -58.51
N THR A 782 -39.47 0.86 -57.71
CA THR A 782 -40.32 0.85 -56.54
C THR A 782 -41.73 1.28 -56.91
N LYS A 783 -42.72 0.56 -56.37
CA LYS A 783 -44.13 0.91 -56.56
C LYS A 783 -44.71 1.34 -55.21
N PHE A 784 -44.32 2.54 -54.78
CA PHE A 784 -44.99 3.18 -53.66
C PHE A 784 -46.37 3.67 -54.08
N HIS A 785 -46.42 4.46 -55.16
CA HIS A 785 -47.66 4.87 -55.79
C HIS A 785 -47.49 4.71 -57.30
N SER A 786 -48.60 4.42 -57.98
CA SER A 786 -48.60 4.42 -59.44
C SER A 786 -48.38 5.85 -59.91
N SER A 787 -47.14 6.15 -60.32
CA SER A 787 -46.73 7.53 -60.59
C SER A 787 -46.26 7.72 -62.02
N GLY A 788 -46.77 6.94 -62.95
CA GLY A 788 -46.54 7.14 -64.36
C GLY A 788 -45.25 6.50 -64.87
N ASP A 789 -45.06 6.61 -66.18
CA ASP A 789 -43.91 6.02 -66.85
C ASP A 789 -42.66 6.87 -66.61
N GLN A 790 -41.58 6.22 -66.19
CA GLN A 790 -40.32 6.89 -65.92
C GLN A 790 -39.17 6.07 -66.48
N MET A 791 -38.29 6.71 -67.23
CA MET A 791 -37.15 6.05 -67.86
C MET A 791 -35.87 6.42 -67.12
N LEU A 792 -35.09 5.41 -66.75
CA LEU A 792 -33.81 5.50 -66.07
C LEU A 792 -32.68 5.62 -67.08
N PRO A 793 -31.70 6.50 -66.84
CA PRO A 793 -30.60 6.67 -67.80
C PRO A 793 -29.70 5.44 -67.92
N ARG A 794 -28.67 5.55 -68.74
CA ARG A 794 -27.77 4.43 -69.00
C ARG A 794 -26.88 4.15 -67.79
N ILE A 795 -26.90 2.92 -67.31
CA ILE A 795 -26.02 2.50 -66.23
C ILE A 795 -24.66 2.15 -66.81
N LYS A 796 -23.62 2.87 -66.36
CA LYS A 796 -22.27 2.72 -66.90
C LYS A 796 -21.34 2.28 -65.78
N LEU A 797 -20.78 1.09 -65.91
CA LEU A 797 -19.82 0.56 -64.95
C LEU A 797 -18.41 0.69 -65.50
N SER A 798 -17.46 1.05 -64.62
CA SER A 798 -16.08 1.28 -65.02
C SER A 798 -15.22 0.06 -64.69
N GLN A 799 -14.44 -0.38 -65.67
CA GLN A 799 -13.47 -1.47 -65.49
C GLN A 799 -14.15 -2.74 -64.97
N THR A 800 -15.37 -3.00 -65.45
CA THR A 800 -16.17 -4.10 -64.94
C THR A 800 -16.87 -4.81 -66.09
N LYS A 801 -17.25 -6.06 -65.82
CA LYS A 801 -18.06 -6.86 -66.73
C LYS A 801 -19.33 -7.31 -66.01
N ALA A 802 -20.44 -7.36 -66.74
CA ALA A 802 -21.73 -7.70 -66.16
C ALA A 802 -22.27 -8.98 -66.81
N THR A 803 -23.14 -9.67 -66.07
CA THR A 803 -23.77 -10.89 -66.53
C THR A 803 -25.20 -10.94 -65.99
N PHE A 804 -26.16 -11.17 -66.88
CA PHE A 804 -27.56 -11.25 -66.48
C PHE A 804 -27.79 -12.48 -65.61
N LYS A 805 -28.33 -12.28 -64.41
CA LYS A 805 -28.65 -13.36 -63.51
C LYS A 805 -30.12 -13.74 -63.62
N ALA A 806 -31.00 -12.84 -63.19
CA ALA A 806 -32.43 -13.07 -63.26
C ALA A 806 -33.15 -11.74 -63.15
N ALA A 807 -34.41 -11.73 -63.60
CA ALA A 807 -35.25 -10.54 -63.53
C ALA A 807 -36.70 -10.98 -63.38
N PHE A 808 -37.46 -10.23 -62.59
CA PHE A 808 -38.85 -10.59 -62.31
C PHE A 808 -39.69 -9.33 -62.24
N SER A 809 -41.01 -9.53 -62.20
CA SER A 809 -41.96 -8.45 -62.03
C SER A 809 -43.22 -9.02 -61.39
N LEU A 810 -43.65 -8.40 -60.28
CA LEU A 810 -44.84 -8.86 -59.58
C LEU A 810 -46.04 -8.05 -60.05
N GLU A 811 -47.11 -8.76 -60.44
CA GLU A 811 -48.31 -8.14 -60.99
C GLU A 811 -49.52 -8.63 -60.22
N ARG A 812 -50.51 -7.76 -60.08
CA ARG A 812 -51.72 -8.07 -59.32
C ARG A 812 -52.80 -8.58 -60.26
N THR A 813 -53.32 -9.77 -59.98
CA THR A 813 -54.39 -10.35 -60.79
C THR A 813 -55.70 -10.27 -60.02
N GLY A 814 -56.11 -9.07 -59.65
CA GLY A 814 -57.36 -8.87 -58.94
C GLY A 814 -57.19 -8.79 -57.44
N ASP A 815 -58.29 -9.05 -56.74
CA ASP A 815 -58.34 -8.98 -55.29
C ASP A 815 -58.20 -10.36 -54.67
N ALA A 816 -57.98 -10.37 -53.35
CA ALA A 816 -57.77 -11.59 -52.58
C ALA A 816 -59.09 -12.24 -52.17
N PRO A 817 -59.12 -13.56 -52.05
CA PRO A 817 -60.34 -14.22 -51.56
C PRO A 817 -60.68 -13.80 -50.14
N ILE A 818 -61.95 -13.93 -49.80
CA ILE A 818 -62.44 -13.53 -48.48
C ILE A 818 -62.85 -14.76 -47.68
N SER A 819 -61.99 -15.77 -47.68
CA SER A 819 -62.24 -16.97 -46.88
C SER A 819 -62.23 -16.62 -45.40
N ASP A 820 -63.29 -17.00 -44.69
CA ASP A 820 -63.40 -16.78 -43.26
C ASP A 820 -62.90 -17.98 -42.45
N GLU A 821 -62.15 -18.89 -43.09
CA GLU A 821 -61.50 -20.00 -42.41
C GLU A 821 -60.00 -20.07 -42.65
N ILE A 822 -59.50 -19.42 -43.70
CA ILE A 822 -58.08 -19.43 -44.02
C ILE A 822 -57.71 -18.05 -44.55
N ILE A 823 -56.57 -17.53 -44.09
CA ILE A 823 -56.07 -16.23 -44.55
C ILE A 823 -55.39 -16.41 -45.90
N GLU A 824 -56.14 -16.24 -46.98
CA GLU A 824 -55.58 -16.33 -48.33
C GLU A 824 -55.06 -14.96 -48.76
N GLY A 825 -54.10 -15.00 -49.71
CA GLY A 825 -53.43 -13.80 -50.16
C GLY A 825 -53.96 -13.30 -51.49
N ILE A 826 -53.31 -12.24 -51.98
CA ILE A 826 -53.67 -11.65 -53.26
C ILE A 826 -53.06 -12.48 -54.38
N PRO A 827 -53.84 -12.85 -55.40
CA PRO A 827 -53.27 -13.58 -56.54
C PRO A 827 -52.26 -12.72 -57.28
N THR A 828 -51.06 -13.24 -57.44
CA THR A 828 -49.95 -12.50 -58.04
C THR A 828 -49.28 -13.34 -59.11
N LYS A 829 -48.86 -12.67 -60.19
CA LYS A 829 -48.13 -13.31 -61.28
C LYS A 829 -46.67 -12.90 -61.20
N LEU A 830 -45.77 -13.87 -61.28
CA LEU A 830 -44.33 -13.63 -61.27
C LEU A 830 -43.82 -13.80 -62.69
N ARG A 831 -43.66 -12.68 -63.40
CA ARG A 831 -43.31 -12.70 -64.81
C ARG A 831 -41.83 -12.43 -64.97
N GLU A 832 -41.12 -13.38 -65.60
CA GLU A 832 -39.71 -13.23 -65.88
C GLU A 832 -39.50 -12.29 -67.06
N LEU A 833 -38.58 -11.35 -66.92
CA LEU A 833 -38.37 -10.31 -67.92
C LEU A 833 -37.08 -10.56 -68.70
N THR A 834 -36.95 -9.85 -69.83
CA THR A 834 -35.77 -9.91 -70.67
C THR A 834 -35.61 -8.56 -71.35
N GLY A 835 -34.58 -8.44 -72.19
CA GLY A 835 -34.33 -7.24 -72.94
C GLY A 835 -33.26 -6.32 -72.37
N PHE A 836 -32.52 -6.76 -71.36
CA PHE A 836 -31.49 -5.94 -70.74
C PHE A 836 -30.22 -6.02 -71.57
N ASP A 837 -29.88 -4.92 -72.24
CA ASP A 837 -28.73 -4.88 -73.13
C ASP A 837 -27.48 -4.53 -72.33
N ILE A 838 -26.52 -5.45 -72.31
CA ILE A 838 -25.27 -5.29 -71.57
C ILE A 838 -24.17 -5.07 -72.59
N GLY A 839 -23.81 -3.80 -72.82
CA GLY A 839 -22.70 -3.48 -73.68
C GLY A 839 -21.39 -3.39 -72.91
N PHE A 840 -20.30 -3.72 -73.59
CA PHE A 840 -18.98 -3.72 -72.96
C PHE A 840 -17.96 -3.18 -73.95
N ASP A 841 -17.42 -1.99 -73.66
CA ASP A 841 -16.35 -1.42 -74.47
C ASP A 841 -15.05 -2.16 -74.17
N GLU A 842 -14.47 -2.79 -75.18
CA GLU A 842 -13.23 -3.54 -75.00
C GLU A 842 -11.99 -2.66 -74.95
N ASN A 843 -12.14 -1.34 -75.07
CA ASN A 843 -11.03 -0.41 -74.94
C ASN A 843 -10.97 0.21 -73.54
N THR A 844 -12.02 0.94 -73.15
CA THR A 844 -12.09 1.52 -71.82
C THR A 844 -12.50 0.51 -70.76
N LYS A 845 -12.77 -0.74 -71.14
CA LYS A 845 -13.24 -1.79 -70.22
C LYS A 845 -14.52 -1.37 -69.49
N GLU A 846 -15.31 -0.50 -70.12
CA GLU A 846 -16.53 0.01 -69.54
C GLU A 846 -17.72 -0.86 -69.92
N THR A 847 -18.65 -1.03 -68.99
CA THR A 847 -19.86 -1.81 -69.21
C THR A 847 -21.07 -0.90 -69.15
N SER A 848 -21.91 -0.96 -70.18
CA SER A 848 -23.15 -0.20 -70.25
C SER A 848 -24.33 -1.15 -70.14
N ILE A 849 -25.29 -0.80 -69.29
CA ILE A 849 -26.49 -1.59 -69.09
C ILE A 849 -27.70 -0.70 -69.36
N LEU A 850 -28.58 -1.16 -70.26
CA LEU A 850 -29.78 -0.44 -70.64
C LEU A 850 -31.00 -1.26 -70.29
N LEU A 851 -32.01 -0.59 -69.73
CA LEU A 851 -33.23 -1.28 -69.36
C LEU A 851 -34.21 -1.33 -70.52
N PRO A 852 -34.97 -2.41 -70.65
CA PRO A 852 -36.03 -2.44 -71.67
C PRO A 852 -37.20 -1.57 -71.24
N GLN A 853 -37.96 -1.12 -72.24
CA GLN A 853 -39.11 -0.29 -71.97
C GLN A 853 -40.19 -1.02 -71.17
N ASP A 854 -40.22 -2.35 -71.23
CA ASP A 854 -41.10 -3.15 -70.39
C ASP A 854 -40.36 -3.49 -69.11
N PHE A 855 -40.39 -2.54 -68.18
CA PHE A 855 -39.82 -2.72 -66.84
C PHE A 855 -40.72 -1.99 -65.86
N PRO A 856 -41.91 -2.53 -65.59
CA PRO A 856 -42.92 -1.79 -64.83
C PRO A 856 -42.51 -1.65 -63.37
N GLN A 857 -43.29 -0.82 -62.66
CA GLN A 857 -43.07 -0.67 -61.23
C GLN A 857 -43.40 -1.98 -60.52
N GLY A 858 -42.55 -2.35 -59.57
CA GLY A 858 -42.67 -3.64 -58.92
C GLY A 858 -41.89 -4.70 -59.66
N SER A 859 -40.72 -4.33 -60.19
CA SER A 859 -39.88 -5.22 -60.95
C SER A 859 -38.44 -5.05 -60.52
N ILE A 860 -37.65 -6.11 -60.69
CA ILE A 860 -36.21 -6.09 -60.38
C ILE A 860 -35.46 -6.80 -61.49
N VAL A 861 -34.16 -6.56 -61.52
CA VAL A 861 -33.24 -7.29 -62.40
C VAL A 861 -31.89 -7.34 -61.71
N ILE A 862 -31.28 -8.53 -61.69
CA ILE A 862 -30.04 -8.77 -60.95
C ILE A 862 -28.94 -9.10 -61.94
N PHE A 863 -27.81 -8.42 -61.82
CA PHE A 863 -26.63 -8.68 -62.62
C PHE A 863 -25.49 -9.13 -61.70
N GLU A 864 -24.71 -10.10 -62.18
CA GLU A 864 -23.51 -10.54 -61.49
C GLU A 864 -22.31 -9.85 -62.13
N THR A 865 -21.61 -9.03 -61.34
CA THR A 865 -20.50 -8.24 -61.83
C THR A 865 -19.18 -8.79 -61.29
N GLN A 866 -18.09 -8.33 -61.91
CA GLN A 866 -16.74 -8.74 -61.52
C GLN A 866 -15.77 -7.66 -61.94
N GLN A 867 -15.12 -7.01 -60.99
CA GLN A 867 -14.16 -5.97 -61.31
C GLN A 867 -12.91 -6.55 -61.94
N LEU A 868 -12.37 -5.84 -62.92
CA LEU A 868 -11.20 -6.30 -63.67
C LEU A 868 -9.93 -5.88 -62.96
N GLY A 869 -8.98 -6.80 -62.85
CA GLY A 869 -7.73 -6.54 -62.19
C GLY A 869 -7.61 -7.21 -60.84
N ILE A 870 -8.72 -7.30 -60.12
CA ILE A 870 -8.74 -7.88 -58.78
C ILE A 870 -8.99 -9.37 -58.89
N ASP A 871 -8.01 -10.17 -58.47
CA ASP A 871 -8.18 -11.59 -58.27
C ASP A 871 -8.05 -11.90 -56.78
N ASP A 872 -8.26 -13.17 -56.43
CA ASP A 872 -8.17 -13.56 -55.03
C ASP A 872 -6.75 -13.44 -54.49
N SER A 873 -5.75 -13.66 -55.35
CA SER A 873 -4.35 -13.59 -54.93
C SER A 873 -3.80 -12.16 -54.93
N LEU A 874 -4.66 -11.15 -54.85
CA LEU A 874 -4.16 -9.78 -54.82
C LEU A 874 -3.81 -9.35 -53.40
N ASP A 875 -4.63 -9.73 -52.41
CA ASP A 875 -4.30 -9.41 -51.03
C ASP A 875 -3.02 -10.11 -50.57
N HIS A 876 -2.75 -11.29 -51.14
CA HIS A 876 -1.51 -12.00 -50.79
C HIS A 876 -0.29 -11.34 -51.41
N PHE A 877 -0.43 -10.77 -52.61
CA PHE A 877 0.71 -10.19 -53.29
C PHE A 877 1.14 -8.87 -52.66
N ILE A 878 0.18 -8.08 -52.19
CA ILE A 878 0.50 -6.77 -51.64
C ILE A 878 1.03 -6.89 -50.21
N ARG A 879 0.52 -7.84 -49.43
CA ARG A 879 0.91 -8.01 -48.05
C ARG A 879 2.11 -8.95 -47.87
N SER A 880 2.99 -9.05 -48.85
CA SER A 880 4.12 -9.96 -48.77
C SER A 880 5.32 -9.36 -49.47
N GLY A 881 6.50 -9.84 -49.07
CA GLY A 881 7.75 -9.46 -49.71
C GLY A 881 8.36 -8.15 -49.25
N ALA A 882 7.62 -7.34 -48.48
CA ALA A 882 8.15 -6.05 -48.06
C ALA A 882 9.27 -6.20 -47.04
N ILE A 883 9.17 -7.20 -46.16
CA ILE A 883 10.22 -7.43 -45.17
C ILE A 883 11.51 -7.85 -45.85
N LYS A 884 11.42 -8.84 -46.75
CA LYS A 884 12.59 -9.29 -47.49
C LYS A 884 13.19 -8.16 -48.33
N ALA A 885 12.36 -7.23 -48.79
CA ALA A 885 12.87 -6.12 -49.58
C ALA A 885 13.69 -5.16 -48.74
N THR A 886 13.29 -4.94 -47.49
CA THR A 886 14.01 -4.05 -46.58
C THR A 886 15.20 -4.73 -45.92
N GLU A 887 15.52 -5.97 -46.29
CA GLU A 887 16.53 -6.74 -45.58
C GLU A 887 17.90 -6.07 -45.63
N LYS A 888 18.24 -5.46 -46.75
CA LYS A 888 19.57 -4.89 -46.96
C LYS A 888 19.64 -3.41 -46.63
N LEU A 889 18.63 -2.86 -45.95
CA LEU A 889 18.65 -1.44 -45.62
C LEU A 889 19.63 -1.16 -44.48
N SER A 890 20.17 0.05 -44.47
CA SER A 890 20.99 0.55 -43.39
C SER A 890 20.37 1.81 -42.81
N LEU A 891 20.79 2.16 -41.60
CA LEU A 891 20.24 3.35 -40.94
C LEU A 891 20.46 4.62 -41.75
N GLU A 892 21.45 4.62 -42.65
CA GLU A 892 21.63 5.76 -43.53
C GLU A 892 20.71 5.67 -44.75
N SER A 893 20.50 4.46 -45.27
CA SER A 893 19.72 4.30 -46.49
C SER A 893 18.23 4.54 -46.26
N ILE A 894 17.74 4.24 -45.05
CA ILE A 894 16.32 4.44 -44.74
C ILE A 894 15.96 5.92 -44.77
N ASN A 895 16.95 6.80 -44.72
CA ASN A 895 16.69 8.23 -44.82
C ASN A 895 16.11 8.60 -46.18
N TYR A 896 16.64 8.01 -47.25
CA TYR A 896 16.16 8.32 -48.59
C TYR A 896 14.81 7.68 -48.88
N VAL A 897 14.47 6.59 -48.18
CA VAL A 897 13.21 5.91 -48.45
C VAL A 897 12.04 6.63 -47.79
N LEU A 898 12.26 7.23 -46.61
CA LEU A 898 11.18 7.79 -45.82
C LEU A 898 11.17 9.30 -45.76
N TYR A 899 12.33 9.95 -45.73
CA TYR A 899 12.36 11.38 -45.45
C TYR A 899 12.80 12.20 -46.65
N ARG A 900 13.95 12.89 -46.53
CA ARG A 900 14.45 13.80 -47.55
C ARG A 900 13.51 14.97 -47.76
N ALA A 901 13.84 16.13 -47.20
CA ALA A 901 13.10 17.34 -47.53
C ALA A 901 13.32 17.72 -48.99
N GLU A 902 12.45 18.61 -49.49
CA GLU A 902 12.50 18.95 -50.91
C GLU A 902 13.84 19.56 -51.29
N GLN A 903 14.41 20.38 -50.42
CA GLN A 903 15.71 20.98 -50.71
C GLN A 903 16.82 19.93 -50.66
N GLU A 904 16.68 18.92 -49.81
CA GLU A 904 17.63 17.82 -49.81
C GLU A 904 17.52 17.00 -51.09
N GLU A 905 16.30 16.77 -51.57
CA GLU A 905 16.12 16.04 -52.82
C GLU A 905 16.68 16.82 -53.99
N TYR A 906 16.62 18.15 -53.94
CA TYR A 906 17.20 18.97 -55.00
C TYR A 906 18.72 18.82 -55.07
N ASP A 907 19.35 18.48 -53.94
CA ASP A 907 20.80 18.27 -53.95
C ASP A 907 21.20 17.08 -54.80
N TYR A 908 20.36 16.04 -54.83
CA TYR A 908 20.65 14.85 -55.62
C TYR A 908 20.13 14.92 -57.04
N SER A 909 19.09 15.71 -57.29
CA SER A 909 18.50 15.83 -58.61
C SER A 909 18.92 17.10 -59.33
N GLU A 910 19.88 17.84 -58.77
CA GLU A 910 20.37 19.10 -59.34
C GLU A 910 19.26 20.11 -59.59
N GLY A 911 18.11 19.95 -58.94
CA GLY A 911 17.02 20.90 -59.07
C GLY A 911 15.97 20.54 -60.09
N ARG A 912 15.72 19.25 -60.31
CA ARG A 912 14.74 18.81 -61.29
C ARG A 912 13.53 18.12 -60.70
N SER A 913 13.67 17.50 -59.51
CA SER A 913 12.56 16.77 -58.91
C SER A 913 11.89 17.58 -57.81
N GLY A 914 12.01 17.11 -56.57
CA GLY A 914 11.33 17.73 -55.46
C GLY A 914 10.21 16.86 -54.91
N ALA A 915 9.16 17.49 -54.39
CA ALA A 915 8.00 16.77 -53.86
C ALA A 915 6.86 16.83 -54.87
N TYR A 916 6.09 15.74 -54.93
CA TYR A 916 4.93 15.69 -55.82
C TYR A 916 3.88 16.68 -55.32
N ASP A 917 3.71 17.78 -56.05
CA ASP A 917 2.74 18.80 -55.67
C ASP A 917 1.33 18.24 -55.84
N ILE A 918 0.69 17.91 -54.72
CA ILE A 918 -0.70 17.45 -54.73
C ILE A 918 -1.58 18.65 -55.07
N PRO A 919 -2.38 18.58 -56.13
CA PRO A 919 -3.23 19.72 -56.48
C PRO A 919 -4.27 20.00 -55.40
N ASP A 920 -4.57 21.29 -55.22
CA ASP A 920 -5.54 21.75 -54.23
C ASP A 920 -5.16 21.30 -52.82
N TYR A 921 -3.86 21.31 -52.53
CA TYR A 921 -3.38 20.90 -51.21
C TYR A 921 -1.98 21.46 -50.95
N GLY A 922 -1.00 20.94 -51.66
CA GLY A 922 0.38 21.33 -51.49
C GLY A 922 1.29 20.14 -51.66
N LYS A 923 2.49 20.25 -51.10
CA LYS A 923 3.45 19.16 -51.22
C LYS A 923 3.58 18.42 -49.90
N PRO A 924 3.78 17.10 -49.94
CA PRO A 924 4.12 16.37 -48.72
C PRO A 924 5.43 16.89 -48.14
N VAL A 925 5.51 16.83 -46.80
CA VAL A 925 6.67 17.41 -46.10
C VAL A 925 7.96 16.75 -46.55
N TYR A 926 7.96 15.42 -46.61
CA TYR A 926 9.11 14.67 -47.09
C TYR A 926 8.80 14.04 -48.45
N CYS A 927 9.84 13.92 -49.28
CA CYS A 927 9.68 13.22 -50.54
C CYS A 927 9.51 11.72 -50.34
N GLY A 928 10.04 11.19 -49.24
CA GLY A 928 9.93 9.78 -48.94
C GLY A 928 8.52 9.41 -48.50
N LEU A 929 8.41 8.19 -47.97
CA LEU A 929 7.11 7.65 -47.60
C LEU A 929 6.48 8.43 -46.44
N GLN A 930 7.30 9.03 -45.57
CA GLN A 930 6.75 9.73 -44.41
C GLN A 930 5.86 10.90 -44.84
N GLY A 931 6.27 11.64 -45.87
CA GLY A 931 5.45 12.72 -46.37
C GLY A 931 4.06 12.29 -46.77
N TRP A 932 3.92 11.05 -47.24
CA TRP A 932 2.60 10.50 -47.55
C TRP A 932 1.88 10.04 -46.28
N VAL A 933 2.61 9.40 -45.36
CA VAL A 933 1.98 8.78 -44.20
C VAL A 933 1.37 9.82 -43.28
N SER A 934 2.06 10.96 -43.10
CA SER A 934 1.50 12.01 -42.25
C SER A 934 0.17 12.53 -42.78
N ILE A 935 0.01 12.56 -44.10
CA ILE A 935 -1.27 12.98 -44.68
C ILE A 935 -2.24 11.82 -44.72
N LEU A 936 -1.74 10.61 -44.98
CA LEU A 936 -2.63 9.47 -45.20
C LEU A 936 -3.29 8.98 -43.91
N ARG A 937 -2.66 9.19 -42.76
CA ARG A 937 -3.16 8.59 -41.53
C ARG A 937 -4.52 9.15 -41.14
N LYS A 938 -4.65 10.48 -41.12
CA LYS A 938 -5.94 11.09 -40.80
C LYS A 938 -6.97 10.82 -41.89
N ILE A 939 -6.52 10.54 -43.11
CA ILE A 939 -7.46 10.20 -44.18
C ILE A 939 -8.03 8.80 -43.97
N ILE A 940 -7.14 7.82 -43.71
CA ILE A 940 -7.59 6.46 -43.47
C ILE A 940 -8.47 6.40 -42.23
N PHE A 941 -8.19 7.23 -41.23
CA PHE A 941 -8.97 7.22 -40.00
C PHE A 941 -10.41 7.66 -40.26
N TYR A 942 -10.60 8.68 -41.10
CA TYR A 942 -11.92 9.21 -41.40
C TYR A 942 -12.50 8.67 -42.70
N ASN A 943 -11.77 7.77 -43.38
CA ASN A 943 -12.22 7.20 -44.66
C ASN A 943 -12.58 8.31 -45.65
N ASP A 944 -11.73 9.33 -45.72
CA ASP A 944 -12.01 10.53 -46.48
C ASP A 944 -11.61 10.32 -47.93
N LEU A 945 -12.55 9.81 -48.72
CA LEU A 945 -12.35 9.66 -50.15
C LEU A 945 -12.46 10.98 -50.91
N ALA A 946 -12.87 12.05 -50.24
CA ALA A 946 -13.01 13.36 -50.87
C ALA A 946 -11.77 14.24 -50.68
N HIS A 947 -10.76 13.76 -49.97
CA HIS A 947 -9.56 14.55 -49.78
C HIS A 947 -8.84 14.74 -51.10
N PRO A 948 -8.22 15.91 -51.33
CA PRO A 948 -7.53 16.15 -52.61
C PRO A 948 -6.47 15.10 -52.94
N LEU A 949 -5.88 14.46 -51.94
CA LEU A 949 -4.96 13.36 -52.23
C LEU A 949 -5.71 12.17 -52.81
N SER A 950 -6.87 11.84 -52.25
CA SER A 950 -7.68 10.75 -52.80
C SER A 950 -8.19 11.08 -54.19
N ASN A 951 -8.54 12.35 -54.43
CA ASN A 951 -8.99 12.76 -55.76
C ASN A 951 -7.87 12.59 -56.79
N ASN A 952 -6.67 13.08 -56.46
CA ASN A 952 -5.55 12.99 -57.40
C ASN A 952 -5.15 11.53 -57.66
N LEU A 953 -5.33 10.66 -56.67
CA LEU A 953 -4.93 9.27 -56.84
C LEU A 953 -5.82 8.52 -57.83
N ARG A 954 -7.09 8.91 -57.93
CA ARG A 954 -7.98 8.30 -58.90
C ARG A 954 -8.18 9.14 -60.15
N ASN A 955 -7.61 10.34 -60.19
CA ASN A 955 -7.59 11.13 -61.43
C ASN A 955 -6.44 10.73 -62.35
N GLY A 956 -5.45 10.01 -61.84
CA GLY A 956 -4.33 9.60 -62.65
C GLY A 956 -3.39 8.73 -61.85
N HIS A 957 -2.23 8.45 -62.46
CA HIS A 957 -1.21 7.59 -61.86
C HIS A 957 0.09 8.34 -61.63
N TRP A 958 0.02 9.67 -61.49
CA TRP A 958 1.23 10.47 -61.35
C TRP A 958 1.93 10.19 -60.02
N ALA A 959 1.19 10.25 -58.91
CA ALA A 959 1.80 10.00 -57.61
C ALA A 959 2.20 8.54 -57.45
N VAL A 960 1.55 7.63 -58.18
CA VAL A 960 1.88 6.22 -58.07
C VAL A 960 3.27 5.95 -58.65
N ASP A 961 3.62 6.60 -59.76
CA ASP A 961 4.93 6.45 -60.34
C ASP A 961 5.98 7.35 -59.68
N TYR A 962 5.55 8.44 -59.05
CA TYR A 962 6.50 9.32 -58.38
C TYR A 962 7.17 8.63 -57.20
N VAL A 963 6.43 7.79 -56.48
CA VAL A 963 6.99 7.09 -55.34
C VAL A 963 8.10 6.15 -55.79
N VAL A 964 7.94 5.53 -56.97
CA VAL A 964 8.95 4.59 -57.45
C VAL A 964 10.08 5.31 -58.18
N ASN A 965 9.78 6.40 -58.90
CA ASN A 965 10.79 7.06 -59.71
C ASN A 965 11.73 7.95 -58.91
N ARG A 966 11.40 8.29 -57.66
CA ARG A 966 12.33 9.03 -56.82
C ARG A 966 13.61 8.24 -56.59
N LEU A 967 13.48 6.94 -56.35
CA LEU A 967 14.59 6.11 -55.89
C LEU A 967 15.62 5.84 -56.99
N ASP A 968 15.46 6.41 -58.19
CA ASP A 968 16.55 6.39 -59.15
C ASP A 968 17.69 7.28 -58.71
N LEU A 969 17.40 8.30 -57.90
CA LEU A 969 18.45 9.16 -57.37
C LEU A 969 19.30 8.44 -56.34
N TYR A 970 18.72 7.50 -55.59
CA TYR A 970 19.40 6.81 -54.52
C TYR A 970 19.41 5.30 -54.73
N LYS A 971 19.40 4.86 -56.00
CA LYS A 971 19.32 3.43 -56.30
C LYS A 971 20.56 2.69 -55.85
N ASP A 972 21.74 3.30 -55.93
CA ASP A 972 22.99 2.62 -55.64
C ASP A 972 23.27 2.47 -54.15
N LYS A 973 22.38 2.92 -53.28
CA LYS A 973 22.62 2.84 -51.84
C LYS A 973 22.10 1.51 -51.29
N GLU A 974 22.45 1.24 -50.03
CA GLU A 974 22.24 -0.06 -49.42
C GLU A 974 20.77 -0.45 -49.30
N GLY A 975 20.32 -1.36 -50.15
CA GLY A 975 18.99 -1.91 -50.05
C GLY A 975 17.90 -1.12 -50.76
N VAL A 976 18.19 0.08 -51.25
CA VAL A 976 17.17 0.88 -51.91
C VAL A 976 16.72 0.24 -53.22
N ALA A 977 17.65 -0.40 -53.94
CA ALA A 977 17.29 -1.03 -55.21
C ALA A 977 16.25 -2.12 -55.02
N GLU A 978 16.38 -2.92 -53.96
CA GLU A 978 15.41 -3.96 -53.67
C GLU A 978 14.15 -3.41 -53.00
N VAL A 979 14.24 -2.23 -52.38
CA VAL A 979 13.05 -1.57 -51.87
C VAL A 979 12.26 -0.93 -53.01
N GLN A 980 12.96 -0.32 -53.97
CA GLN A 980 12.29 0.26 -55.13
C GLN A 980 11.65 -0.83 -55.98
N GLU A 981 12.31 -1.98 -56.11
CA GLU A 981 11.77 -3.05 -56.94
C GLU A 981 10.48 -3.60 -56.37
N TRP A 982 10.39 -3.70 -55.04
CA TRP A 982 9.12 -4.11 -54.43
C TRP A 982 8.04 -3.08 -54.70
N LEU A 983 8.36 -1.79 -54.55
CA LEU A 983 7.38 -0.74 -54.83
C LEU A 983 6.99 -0.73 -56.30
N ARG A 984 7.95 -0.95 -57.20
CA ARG A 984 7.65 -0.93 -58.62
C ARG A 984 6.67 -2.03 -59.01
N SER A 985 6.89 -3.24 -58.50
CA SER A 985 6.02 -4.36 -58.84
C SER A 985 4.63 -4.19 -58.24
N ARG A 986 4.53 -3.57 -57.06
CA ARG A 986 3.23 -3.39 -56.43
C ARG A 986 2.48 -2.20 -57.04
N MET A 987 3.19 -1.11 -57.33
CA MET A 987 2.55 0.03 -57.98
C MET A 987 2.15 -0.30 -59.41
N GLU A 988 2.85 -1.22 -60.06
CA GLU A 988 2.45 -1.66 -61.40
C GLU A 988 1.16 -2.46 -61.36
N ARG A 989 1.04 -3.38 -60.40
CA ARG A 989 -0.18 -4.16 -60.26
C ARG A 989 -1.37 -3.30 -59.87
N ILE A 990 -1.11 -2.17 -59.18
CA ILE A 990 -2.19 -1.32 -58.70
C ILE A 990 -2.83 -0.54 -59.84
N LYS A 991 -2.02 -0.12 -60.82
CA LYS A 991 -2.55 0.69 -61.91
C LYS A 991 -3.51 -0.07 -62.81
N GLN A 992 -3.45 -1.40 -62.83
CA GLN A 992 -4.36 -2.21 -63.61
C GLN A 992 -5.73 -2.36 -62.98
N LEU A 993 -6.03 -1.60 -61.94
CA LEU A 993 -7.28 -1.67 -61.20
C LEU A 993 -8.19 -0.50 -61.58
N PRO A 994 -9.48 -0.60 -61.26
CA PRO A 994 -10.36 0.55 -61.44
C PRO A 994 -9.81 1.79 -60.73
N SER A 995 -9.97 2.95 -61.36
CA SER A 995 -9.36 4.17 -60.85
C SER A 995 -9.83 4.48 -59.43
N TYR A 996 -11.12 4.25 -59.14
CA TYR A 996 -11.66 4.53 -57.82
C TYR A 996 -11.07 3.63 -56.74
N LEU A 997 -10.34 2.58 -57.11
CA LEU A 997 -9.72 1.68 -56.15
C LEU A 997 -8.23 1.94 -55.95
N VAL A 998 -7.64 2.83 -56.76
CA VAL A 998 -6.22 3.18 -56.56
C VAL A 998 -5.97 3.85 -55.22
N PRO A 999 -6.76 4.83 -54.77
CA PRO A 999 -6.43 5.50 -53.49
C PRO A 999 -6.35 4.56 -52.30
N SER A 1000 -7.33 3.65 -52.15
CA SER A 1000 -7.31 2.74 -51.00
C SER A 1000 -6.10 1.82 -51.06
N PHE A 1001 -5.73 1.37 -52.26
CA PHE A 1001 -4.59 0.47 -52.40
C PHE A 1001 -3.26 1.22 -52.39
N PHE A 1002 -3.26 2.49 -52.78
CA PHE A 1002 -2.03 3.28 -52.74
C PHE A 1002 -1.56 3.47 -51.31
N ALA A 1003 -2.46 3.87 -50.41
CA ALA A 1003 -2.09 4.05 -49.01
C ALA A 1003 -1.65 2.73 -48.37
N LEU A 1004 -2.27 1.61 -48.78
CA LEU A 1004 -1.92 0.32 -48.20
C LEU A 1004 -0.51 -0.09 -48.58
N VAL A 1005 -0.12 0.12 -49.85
CA VAL A 1005 1.23 -0.23 -50.29
C VAL A 1005 2.26 0.67 -49.63
N VAL A 1006 1.96 1.96 -49.51
CA VAL A 1006 2.89 2.87 -48.85
C VAL A 1006 2.97 2.57 -47.36
N GLY A 1007 1.84 2.26 -46.73
CA GLY A 1007 1.84 2.03 -45.30
C GLY A 1007 2.55 0.75 -44.89
N ILE A 1008 2.41 -0.31 -45.69
CA ILE A 1008 3.07 -1.56 -45.36
C ILE A 1008 4.57 -1.44 -45.59
N MET A 1009 4.99 -0.78 -46.67
CA MET A 1009 6.41 -0.54 -46.86
C MET A 1009 6.96 0.43 -45.82
N TYR A 1010 6.11 1.29 -45.28
CA TYR A 1010 6.54 2.19 -44.22
C TYR A 1010 6.81 1.43 -42.92
N GLY A 1011 5.90 0.53 -42.55
CA GLY A 1011 6.06 -0.20 -41.30
C GLY A 1011 7.25 -1.14 -41.32
N CYS A 1012 7.54 -1.74 -42.48
CA CYS A 1012 8.70 -2.62 -42.58
C CYS A 1012 10.00 -1.81 -42.59
N CYS A 1013 9.95 -0.56 -43.05
CA CYS A 1013 11.11 0.31 -42.95
C CYS A 1013 11.34 0.80 -41.53
N ARG A 1014 10.26 1.16 -40.83
CA ARG A 1014 10.39 1.60 -39.45
C ARG A 1014 10.78 0.44 -38.54
N LEU A 1015 10.27 -0.76 -38.82
CA LEU A 1015 10.72 -1.94 -38.08
C LEU A 1015 12.20 -2.22 -38.36
N ARG A 1016 12.62 -2.05 -39.62
CA ARG A 1016 14.03 -2.23 -39.95
C ARG A 1016 14.90 -1.24 -39.19
N ALA A 1017 14.34 -0.08 -38.81
CA ALA A 1017 15.10 0.88 -38.03
C ALA A 1017 15.28 0.42 -36.59
N MET A 1018 14.21 -0.10 -35.98
CA MET A 1018 14.31 -0.61 -34.61
C MET A 1018 15.22 -1.83 -34.54
N GLN A 1019 15.27 -2.62 -35.61
CA GLN A 1019 16.15 -3.78 -35.63
C GLN A 1019 17.62 -3.36 -35.64
N LEU A 1020 17.97 -2.35 -36.47
CA LEU A 1020 19.36 -1.93 -36.57
C LEU A 1020 19.81 -1.17 -35.33
N MET A 1021 18.89 -0.48 -34.65
CA MET A 1021 19.26 0.29 -33.47
C MET A 1021 19.36 -0.64 -32.26
N SER A 1022 19.60 -0.04 -31.09
CA SER A 1022 19.89 -0.79 -29.88
C SER A 1022 18.62 -1.34 -29.26
N ASP A 1023 18.72 -1.86 -28.03
CA ASP A 1023 17.60 -2.51 -27.36
C ASP A 1023 16.74 -1.52 -26.57
N ASN A 1024 17.36 -0.50 -25.97
CA ASN A 1024 16.58 0.49 -25.24
C ASN A 1024 15.62 1.23 -26.16
N VAL A 1025 15.99 1.37 -27.43
CA VAL A 1025 15.12 2.04 -28.39
C VAL A 1025 14.06 1.10 -28.94
N GLY A 1026 14.48 -0.08 -29.40
CA GLY A 1026 13.60 -0.98 -30.12
C GLY A 1026 12.51 -1.63 -29.29
N LYS A 1027 12.57 -1.51 -27.97
CA LYS A 1027 11.59 -2.14 -27.08
C LYS A 1027 10.75 -1.11 -26.33
N SER A 1028 10.75 0.14 -26.78
CA SER A 1028 10.17 1.23 -26.02
C SER A 1028 8.80 1.62 -26.57
N THR A 1029 8.32 2.79 -26.14
CA THR A 1029 7.03 3.33 -26.53
C THR A 1029 7.16 4.05 -27.88
N VAL A 1030 6.01 4.33 -28.50
CA VAL A 1030 5.98 5.07 -29.75
C VAL A 1030 6.69 6.40 -29.62
N PHE A 1031 6.54 7.06 -28.47
CA PHE A 1031 7.16 8.37 -28.28
C PHE A 1031 8.68 8.28 -28.28
N VAL A 1032 9.24 7.16 -27.80
CA VAL A 1032 10.68 6.99 -27.83
C VAL A 1032 11.15 6.65 -29.24
N GLN A 1033 10.45 5.74 -29.92
CA GLN A 1033 10.83 5.37 -31.28
C GLN A 1033 10.65 6.54 -32.23
N SER A 1034 9.69 7.43 -31.96
CA SER A 1034 9.48 8.59 -32.81
C SER A 1034 10.67 9.55 -32.75
N LEU A 1035 11.20 9.79 -31.54
CA LEU A 1035 12.41 10.58 -31.41
C LEU A 1035 13.63 9.87 -31.96
N ALA A 1036 13.60 8.53 -32.02
CA ALA A 1036 14.76 7.79 -32.51
C ALA A 1036 14.90 7.90 -34.01
N MET A 1037 13.78 8.02 -34.74
CA MET A 1037 13.84 8.14 -36.19
C MET A 1037 14.46 9.45 -36.63
N THR A 1038 14.58 10.43 -35.73
CA THR A 1038 15.21 11.70 -36.09
C THR A 1038 16.67 11.51 -36.48
N SER A 1039 17.32 10.47 -35.93
CA SER A 1039 18.67 10.15 -36.36
C SER A 1039 18.71 9.84 -37.85
N ILE A 1040 17.81 8.97 -38.31
CA ILE A 1040 17.73 8.65 -39.73
C ILE A 1040 17.38 9.91 -40.54
N GLN A 1041 16.53 10.76 -39.98
CA GLN A 1041 16.18 12.01 -40.64
C GLN A 1041 17.41 12.88 -40.88
N MET A 1042 18.18 13.13 -39.82
CA MET A 1042 19.30 14.06 -39.91
C MET A 1042 20.49 13.44 -40.63
N VAL A 1043 20.85 12.21 -40.27
CA VAL A 1043 22.00 11.55 -40.88
C VAL A 1043 21.67 11.14 -42.30
N SER A 1044 22.18 11.90 -43.27
CA SER A 1044 21.92 11.65 -44.68
C SER A 1044 23.11 12.09 -45.49
N ALA A 1045 23.53 11.26 -46.46
CA ALA A 1045 24.60 11.63 -47.36
C ALA A 1045 24.09 12.63 -48.39
N MET A 1046 24.91 13.64 -48.66
CA MET A 1046 24.57 14.70 -49.60
C MET A 1046 25.62 14.76 -50.69
N LYS A 1047 25.49 15.74 -51.59
CA LYS A 1047 26.45 15.96 -52.65
C LYS A 1047 27.08 17.35 -52.62
N SER A 1048 26.36 18.35 -52.14
CA SER A 1048 26.90 19.71 -52.03
C SER A 1048 27.67 19.93 -50.74
N THR A 1049 27.65 18.99 -49.81
CA THR A 1049 28.33 19.14 -48.54
C THR A 1049 28.56 17.77 -47.92
N SER A 1050 29.30 17.76 -46.82
CA SER A 1050 29.61 16.54 -46.07
C SER A 1050 30.29 16.98 -44.77
N ILE A 1051 30.83 16.01 -44.03
CA ILE A 1051 31.65 16.32 -42.86
C ILE A 1051 33.14 16.24 -43.17
N LEU A 1052 33.55 15.51 -44.21
CA LEU A 1052 34.91 15.39 -44.69
C LEU A 1052 35.08 16.13 -46.01
N PRO A 1053 36.22 16.77 -46.23
CA PRO A 1053 36.39 17.58 -47.45
C PRO A 1053 36.67 16.73 -48.67
N ASP A 1054 37.24 15.55 -48.46
CA ASP A 1054 37.63 14.68 -49.57
C ASP A 1054 36.56 13.70 -50.00
N GLN A 1055 35.57 13.42 -49.14
CA GLN A 1055 34.56 12.42 -49.44
C GLN A 1055 33.19 12.92 -49.02
N ASN A 1056 32.21 12.74 -49.90
CA ASN A 1056 30.81 13.06 -49.60
C ASN A 1056 30.19 11.85 -48.93
N ILE A 1057 30.34 11.76 -47.61
CA ILE A 1057 29.73 10.67 -46.84
C ILE A 1057 28.61 11.23 -45.99
N ALA A 1058 28.08 10.41 -45.08
CA ALA A 1058 26.96 10.81 -44.24
C ALA A 1058 27.35 11.99 -43.36
N ALA A 1059 26.37 12.86 -43.10
CA ALA A 1059 26.57 14.05 -42.29
C ALA A 1059 25.28 14.36 -41.55
N MET A 1060 25.41 14.76 -40.29
CA MET A 1060 24.26 15.12 -39.46
C MET A 1060 23.88 16.57 -39.72
N ALA A 1061 22.61 16.79 -40.04
CA ALA A 1061 22.10 18.13 -40.22
C ALA A 1061 21.68 18.73 -38.88
N ALA A 1062 21.80 20.06 -38.77
CA ALA A 1062 21.32 20.72 -37.56
C ALA A 1062 19.81 20.66 -37.46
N GLY A 1063 19.11 20.67 -38.59
CA GLY A 1063 17.67 20.60 -38.60
C GLY A 1063 17.08 20.79 -39.99
N LEU A 1064 15.91 20.19 -40.22
CA LEU A 1064 15.22 20.32 -41.50
C LEU A 1064 14.16 21.40 -41.42
N PRO A 1065 13.92 22.15 -42.51
CA PRO A 1065 14.56 22.05 -43.82
C PRO A 1065 15.66 23.08 -44.06
N HIS A 1066 15.83 24.03 -43.14
CA HIS A 1066 16.72 25.15 -43.40
C HIS A 1066 18.19 24.78 -43.23
N PHE A 1067 18.49 23.95 -42.23
CA PHE A 1067 19.88 23.57 -41.95
C PHE A 1067 20.18 22.17 -42.50
N SER A 1068 20.00 22.01 -43.81
CA SER A 1068 20.16 20.70 -44.45
C SER A 1068 20.94 20.71 -45.75
N THR A 1069 21.12 21.86 -46.41
CA THR A 1069 21.79 21.94 -47.70
C THR A 1069 22.94 22.92 -47.63
N ASN A 1070 24.02 22.56 -48.32
CA ASN A 1070 25.21 23.39 -48.50
C ASN A 1070 25.91 23.56 -47.15
N TYR A 1071 26.53 24.72 -46.91
CA TYR A 1071 27.35 24.96 -45.73
C TYR A 1071 26.54 25.08 -44.45
N MET A 1072 25.28 25.50 -44.53
CA MET A 1072 24.46 25.72 -43.34
C MET A 1072 23.90 24.42 -42.79
N ARG A 1073 24.54 23.29 -43.08
CA ARG A 1073 23.99 21.99 -42.65
C ARG A 1073 24.52 21.57 -41.28
N CYS A 1074 25.79 21.16 -41.23
CA CYS A 1074 26.38 20.57 -40.03
C CYS A 1074 27.18 21.63 -39.27
N TRP A 1075 26.60 22.15 -38.21
CA TRP A 1075 27.32 23.01 -37.28
C TRP A 1075 27.87 22.16 -36.14
N GLY A 1076 29.15 22.34 -35.83
CA GLY A 1076 29.78 21.50 -34.81
C GLY A 1076 29.08 21.59 -33.47
N ARG A 1077 28.61 22.78 -33.11
CA ARG A 1077 27.86 22.95 -31.87
C ARG A 1077 26.59 22.10 -31.87
N ASP A 1078 25.82 22.20 -32.95
CA ASP A 1078 24.56 21.46 -33.02
C ASP A 1078 24.79 19.96 -33.17
N VAL A 1079 25.91 19.56 -33.78
CA VAL A 1079 26.16 18.14 -34.03
C VAL A 1079 26.45 17.42 -32.72
N PHE A 1080 27.36 17.96 -31.92
CA PHE A 1080 27.85 17.24 -30.75
C PHE A 1080 26.95 17.38 -29.53
N ILE A 1081 26.09 18.40 -29.49
CA ILE A 1081 25.04 18.41 -28.48
C ILE A 1081 24.06 17.28 -28.75
N SER A 1082 23.83 16.95 -30.03
CA SER A 1082 22.95 15.87 -30.42
C SER A 1082 23.68 14.53 -30.56
N LEU A 1083 25.00 14.52 -30.50
CA LEU A 1083 25.76 13.30 -30.78
C LEU A 1083 25.42 12.20 -29.77
N ARG A 1084 25.22 12.57 -28.51
CA ARG A 1084 24.89 11.57 -27.50
C ARG A 1084 23.44 11.10 -27.65
N GLY A 1085 22.54 11.98 -28.07
CA GLY A 1085 21.13 11.64 -28.14
C GLY A 1085 20.70 10.94 -29.42
N LEU A 1086 21.22 11.39 -30.56
CA LEU A 1086 20.79 10.86 -31.84
C LEU A 1086 21.56 9.61 -32.26
N LEU A 1087 22.85 9.54 -31.95
CA LEU A 1087 23.70 8.45 -32.42
C LEU A 1087 24.10 7.49 -31.30
N LEU A 1088 24.52 8.00 -30.15
CA LEU A 1088 25.02 7.13 -29.09
C LEU A 1088 23.89 6.37 -28.41
N THR A 1089 22.78 7.05 -28.11
CA THR A 1089 21.65 6.40 -27.47
C THR A 1089 21.04 5.33 -28.36
N THR A 1090 21.14 5.50 -29.68
CA THR A 1090 20.51 4.59 -30.62
C THR A 1090 21.42 3.46 -31.06
N GLY A 1091 22.73 3.63 -30.99
CA GLY A 1091 23.67 2.63 -31.45
C GLY A 1091 24.44 2.98 -32.71
N ARG A 1092 24.41 4.24 -33.13
CA ARG A 1092 25.16 4.69 -34.31
C ARG A 1092 26.59 5.05 -33.92
N TYR A 1093 27.29 4.06 -33.36
CA TYR A 1093 28.64 4.29 -32.86
C TYR A 1093 29.61 4.64 -33.99
N GLU A 1094 29.58 3.86 -35.07
CA GLU A 1094 30.49 4.10 -36.19
C GLU A 1094 30.21 5.45 -36.83
N GLU A 1095 28.93 5.79 -36.99
CA GLU A 1095 28.59 7.12 -37.52
C GLU A 1095 28.95 8.22 -36.55
N ALA A 1096 28.88 7.95 -35.24
CA ALA A 1096 29.27 8.96 -34.26
C ALA A 1096 30.79 9.14 -34.22
N LYS A 1097 31.54 8.08 -34.50
CA LYS A 1097 32.99 8.20 -34.54
C LYS A 1097 33.43 9.02 -35.75
N GLU A 1098 32.77 8.80 -36.90
CA GLU A 1098 33.13 9.55 -38.11
C GLU A 1098 32.93 11.05 -37.91
N HIS A 1099 31.87 11.43 -37.17
CA HIS A 1099 31.64 12.85 -36.91
C HIS A 1099 32.71 13.42 -35.97
N ILE A 1100 33.14 12.63 -34.98
CA ILE A 1100 34.17 13.08 -34.07
C ILE A 1100 35.50 13.24 -34.81
N LEU A 1101 35.85 12.27 -35.65
CA LEU A 1101 37.09 12.35 -36.40
C LEU A 1101 37.06 13.45 -37.45
N ALA A 1102 35.88 13.77 -37.97
CA ALA A 1102 35.78 14.79 -39.03
C ALA A 1102 36.11 16.18 -38.51
N PHE A 1103 35.58 16.53 -37.33
CA PHE A 1103 35.87 17.84 -36.74
C PHE A 1103 37.25 17.90 -36.12
N ALA A 1104 37.87 16.75 -35.84
CA ALA A 1104 39.21 16.76 -35.26
C ALA A 1104 40.25 17.28 -36.24
N LYS A 1105 40.02 17.09 -37.54
CA LYS A 1105 40.93 17.65 -38.54
C LYS A 1105 40.79 19.16 -38.67
N THR A 1106 39.68 19.72 -38.21
CA THR A 1106 39.38 21.14 -38.39
C THR A 1106 39.71 21.97 -37.16
N LEU A 1107 40.54 21.45 -36.26
CA LEU A 1107 40.90 22.24 -35.09
C LEU A 1107 41.86 23.35 -35.48
N LYS A 1108 41.60 24.55 -34.95
CA LYS A 1108 42.39 25.74 -35.23
C LYS A 1108 42.02 26.80 -34.20
N HIS A 1109 43.00 27.62 -33.84
CA HIS A 1109 42.86 28.56 -32.72
C HIS A 1109 42.50 27.82 -31.43
N GLY A 1110 42.93 26.57 -31.31
CA GLY A 1110 42.56 25.74 -30.18
C GLY A 1110 41.06 25.56 -30.03
N LEU A 1111 40.31 25.64 -31.14
CA LEU A 1111 38.85 25.61 -31.09
C LEU A 1111 38.30 24.70 -32.18
N ILE A 1112 37.07 24.25 -31.96
CA ILE A 1112 36.31 23.51 -32.96
C ILE A 1112 35.43 24.51 -33.71
N PRO A 1113 35.40 24.48 -35.03
CA PRO A 1113 34.62 25.48 -35.77
C PRO A 1113 33.12 25.23 -35.64
N ASN A 1114 32.37 26.34 -35.51
CA ASN A 1114 30.91 26.25 -35.51
C ASN A 1114 30.42 25.85 -36.90
N LEU A 1115 30.40 26.80 -37.82
CA LEU A 1115 30.07 26.54 -39.21
C LEU A 1115 31.16 25.67 -39.82
N LEU A 1116 30.88 24.37 -39.96
CA LEU A 1116 31.80 23.47 -40.63
C LEU A 1116 31.53 23.52 -42.13
N ASP A 1117 32.52 23.93 -42.90
CA ASP A 1117 32.43 23.92 -44.36
C ASP A 1117 32.99 22.62 -44.92
N ALA A 1118 32.58 21.51 -44.30
CA ALA A 1118 33.11 20.17 -44.59
C ALA A 1118 34.63 20.09 -44.41
N GLY A 1119 35.21 21.06 -43.71
CA GLY A 1119 36.65 21.18 -43.62
C GLY A 1119 37.26 22.10 -44.65
N ARG A 1120 36.53 22.42 -45.73
CA ARG A 1120 37.03 23.28 -46.80
C ARG A 1120 36.77 24.74 -46.40
N ASN A 1121 37.69 25.29 -45.61
CA ASN A 1121 37.66 26.67 -45.14
C ASN A 1121 36.38 26.94 -44.35
N PRO A 1122 36.33 26.55 -43.07
CA PRO A 1122 35.14 26.83 -42.26
C PRO A 1122 35.21 28.19 -41.56
N ARG A 1123 34.48 28.32 -40.46
CA ARG A 1123 34.45 29.54 -39.67
C ARG A 1123 34.62 29.20 -38.19
N TYR A 1124 35.46 29.96 -37.49
CA TYR A 1124 35.80 29.65 -36.10
C TYR A 1124 35.32 30.71 -35.12
N ASN A 1125 34.05 31.09 -35.20
CA ASN A 1125 33.46 31.98 -34.20
C ASN A 1125 32.70 31.19 -33.14
N ALA A 1126 33.35 30.17 -32.58
CA ALA A 1126 32.70 29.21 -31.69
C ALA A 1126 33.53 29.02 -30.43
N ARG A 1127 33.22 29.80 -29.39
CA ARG A 1127 33.75 29.53 -28.07
C ARG A 1127 33.02 28.39 -27.38
N ASP A 1128 31.89 27.94 -27.94
CA ASP A 1128 31.09 26.87 -27.35
C ASP A 1128 31.36 25.51 -27.97
N ALA A 1129 31.79 25.47 -29.24
CA ALA A 1129 31.84 24.20 -29.96
C ALA A 1129 32.87 23.25 -29.37
N ALA A 1130 34.05 23.75 -29.00
CA ALA A 1130 35.13 22.88 -28.56
C ALA A 1130 34.78 22.12 -27.29
N TRP A 1131 33.97 22.72 -26.42
CA TRP A 1131 33.65 22.07 -25.15
C TRP A 1131 32.43 21.16 -25.24
N PHE A 1132 31.51 21.43 -26.16
CA PHE A 1132 30.51 20.41 -26.49
C PHE A 1132 31.13 19.29 -27.31
N PHE A 1133 32.20 19.58 -28.04
CA PHE A 1133 32.90 18.54 -28.80
C PHE A 1133 33.66 17.61 -27.89
N VAL A 1134 34.45 18.16 -26.96
CA VAL A 1134 35.20 17.32 -26.04
C VAL A 1134 34.28 16.61 -25.05
N GLN A 1135 33.08 17.15 -24.80
CA GLN A 1135 32.12 16.46 -23.96
C GLN A 1135 31.56 15.23 -24.67
N ALA A 1136 31.37 15.33 -25.99
CA ALA A 1136 30.92 14.17 -26.76
C ALA A 1136 31.97 13.07 -26.79
N ILE A 1137 33.25 13.43 -26.70
CA ILE A 1137 34.30 12.42 -26.61
C ILE A 1137 34.15 11.62 -25.33
N GLN A 1138 33.84 12.30 -24.21
CA GLN A 1138 33.59 11.59 -22.96
C GLN A 1138 32.31 10.75 -23.06
N ASP A 1139 31.28 11.27 -23.72
CA ASP A 1139 30.05 10.51 -23.89
C ASP A 1139 30.27 9.30 -24.80
N TYR A 1140 31.19 9.41 -25.76
CA TYR A 1140 31.50 8.27 -26.62
C TYR A 1140 32.23 7.18 -25.85
N VAL A 1141 33.30 7.55 -25.15
CA VAL A 1141 34.11 6.56 -24.45
C VAL A 1141 33.33 5.92 -23.31
N THR A 1142 32.42 6.66 -22.68
CA THR A 1142 31.67 6.13 -21.54
C THR A 1142 30.65 5.10 -21.98
N ILE A 1143 30.02 5.30 -23.13
CA ILE A 1143 28.91 4.46 -23.59
C ILE A 1143 29.38 3.36 -24.53
N VAL A 1144 30.14 3.72 -25.55
CA VAL A 1144 30.58 2.75 -26.57
C VAL A 1144 31.51 1.73 -25.92
N PRO A 1145 31.22 0.44 -26.04
CA PRO A 1145 32.13 -0.58 -25.50
C PRO A 1145 33.50 -0.50 -26.18
N GLY A 1146 34.54 -0.37 -25.36
CA GLY A 1146 35.86 -0.11 -25.89
C GLY A 1146 36.03 1.29 -26.44
N GLY A 1147 35.36 2.26 -25.85
CA GLY A 1147 35.39 3.62 -26.36
C GLY A 1147 36.75 4.30 -26.23
N VAL A 1148 37.62 3.77 -25.36
CA VAL A 1148 38.94 4.34 -25.19
C VAL A 1148 39.79 4.26 -26.45
N SER A 1149 39.37 3.45 -27.43
CA SER A 1149 40.08 3.38 -28.70
C SER A 1149 40.04 4.69 -29.47
N LEU A 1150 39.04 5.54 -29.21
CA LEU A 1150 38.91 6.80 -29.94
C LEU A 1150 40.15 7.68 -29.74
N LEU A 1151 40.70 7.69 -28.53
CA LEU A 1151 41.85 8.55 -28.25
C LEU A 1151 43.02 8.25 -29.18
N GLN A 1152 43.23 6.97 -29.51
CA GLN A 1152 44.33 6.58 -30.39
C GLN A 1152 43.82 6.31 -31.80
N GLU A 1153 43.17 7.33 -32.37
CA GLU A 1153 42.71 7.32 -33.76
C GLU A 1153 43.33 8.51 -34.47
N LYS A 1154 44.32 8.23 -35.32
CA LYS A 1154 45.02 9.28 -36.04
C LYS A 1154 44.05 10.05 -36.94
N VAL A 1155 44.20 11.37 -36.95
CA VAL A 1155 43.32 12.26 -37.69
C VAL A 1155 44.16 13.27 -38.44
N THR A 1156 44.11 13.21 -39.78
CA THR A 1156 44.93 14.06 -40.64
C THR A 1156 44.66 15.54 -40.38
N ARG A 1157 45.58 16.20 -39.71
CA ARG A 1157 45.43 17.62 -39.36
C ARG A 1157 45.57 18.46 -40.62
N ARG A 1158 44.43 18.87 -41.19
CA ARG A 1158 44.41 19.66 -42.40
C ARG A 1158 44.67 21.15 -42.16
N PHE A 1159 45.61 21.47 -41.26
CA PHE A 1159 45.88 22.86 -40.89
C PHE A 1159 47.24 22.94 -40.22
N PRO A 1160 48.01 23.99 -40.46
CA PRO A 1160 49.21 24.23 -39.64
C PRO A 1160 48.80 24.56 -38.21
N LEU A 1161 49.32 23.80 -37.25
CA LEU A 1161 48.92 23.99 -35.85
C LEU A 1161 49.16 25.42 -35.40
N ASP A 1162 50.29 26.01 -35.80
CA ASP A 1162 50.48 27.44 -35.68
C ASP A 1162 49.39 28.15 -36.47
N ASP A 1163 48.44 28.76 -35.76
CA ASP A 1163 47.25 29.37 -36.37
C ASP A 1163 47.62 30.31 -37.50
N GLU A 1164 47.60 29.81 -38.73
CA GLU A 1164 47.99 30.59 -39.90
C GLU A 1164 46.76 31.15 -40.60
N TYR A 1165 46.74 31.07 -41.92
CA TYR A 1165 45.60 31.53 -42.72
C TYR A 1165 44.83 30.30 -43.22
N ILE A 1166 44.60 30.14 -44.52
CA ILE A 1166 43.90 28.96 -45.04
C ILE A 1166 44.75 28.29 -46.11
N PRO A 1167 45.89 27.67 -45.76
CA PRO A 1167 46.62 26.87 -46.77
C PRO A 1167 45.84 25.62 -47.13
N TYR A 1168 44.87 25.75 -48.04
CA TYR A 1168 43.93 24.68 -48.32
C TYR A 1168 44.60 23.49 -49.00
N ASP A 1169 44.66 23.51 -50.33
CA ASP A 1169 45.29 22.41 -51.06
C ASP A 1169 46.80 22.34 -50.86
N ASP A 1170 47.38 23.28 -50.12
CA ASP A 1170 48.81 23.23 -49.84
C ASP A 1170 49.14 21.92 -49.14
N PRO A 1171 50.28 21.29 -49.48
CA PRO A 1171 50.58 19.96 -48.92
C PRO A 1171 50.63 19.90 -47.41
N LYS A 1172 50.68 21.05 -46.72
CA LYS A 1172 50.65 21.05 -45.26
C LYS A 1172 49.33 20.50 -44.71
N ALA A 1173 48.26 20.52 -45.49
CA ALA A 1173 47.00 19.92 -45.04
C ALA A 1173 47.13 18.41 -44.97
N PHE A 1174 47.66 17.79 -46.02
CA PHE A 1174 47.88 16.35 -46.06
C PHE A 1174 49.23 15.96 -45.47
N SER A 1175 49.76 16.75 -44.54
CA SER A 1175 51.10 16.53 -44.02
C SER A 1175 51.09 15.67 -42.75
N TYR A 1176 50.75 16.29 -41.62
CA TYR A 1176 50.82 15.64 -40.32
C TYR A 1176 49.42 15.41 -39.76
N SER A 1177 49.38 14.68 -38.65
CA SER A 1177 48.13 14.34 -37.98
C SER A 1177 48.32 14.46 -36.48
N SER A 1178 47.19 14.42 -35.76
CA SER A 1178 47.21 14.46 -34.30
C SER A 1178 46.11 13.54 -33.78
N THR A 1179 46.48 12.64 -32.88
CA THR A 1179 45.51 11.73 -32.28
C THR A 1179 44.47 12.52 -31.49
N ILE A 1180 43.34 11.87 -31.21
CA ILE A 1180 42.30 12.49 -30.40
C ILE A 1180 42.84 12.87 -29.03
N GLU A 1181 43.76 12.08 -28.49
CA GLU A 1181 44.40 12.42 -27.23
C GLU A 1181 45.09 13.76 -27.31
N GLU A 1182 45.93 13.96 -28.35
CA GLU A 1182 46.57 15.25 -28.55
C GLU A 1182 45.56 16.34 -28.81
N ILE A 1183 44.53 16.04 -29.61
CA ILE A 1183 43.50 17.04 -29.94
C ILE A 1183 42.81 17.53 -28.68
N ILE A 1184 42.53 16.62 -27.75
CA ILE A 1184 41.87 17.01 -26.50
C ILE A 1184 42.75 17.99 -25.72
N TYR A 1185 44.00 17.59 -25.46
CA TYR A 1185 44.89 18.46 -24.68
C TYR A 1185 45.26 19.72 -25.43
N GLU A 1186 45.26 19.67 -26.76
CA GLU A 1186 45.51 20.88 -27.54
C GLU A 1186 44.50 21.97 -27.21
N ILE A 1187 43.25 21.58 -26.96
CA ILE A 1187 42.22 22.54 -26.57
C ILE A 1187 42.59 23.20 -25.24
N LEU A 1188 42.81 22.38 -24.21
CA LEU A 1188 43.00 22.89 -22.86
C LEU A 1188 44.23 23.80 -22.77
N ASN A 1189 45.38 23.32 -23.25
CA ASN A 1189 46.61 24.08 -23.08
C ASN A 1189 46.57 25.39 -23.85
N ARG A 1190 46.11 25.35 -25.11
CA ARG A 1190 46.06 26.56 -25.90
C ARG A 1190 44.97 27.52 -25.44
N HIS A 1191 43.90 27.00 -24.83
CA HIS A 1191 42.79 27.83 -24.39
C HIS A 1191 43.26 28.87 -23.37
N ALA A 1192 43.67 28.39 -22.20
CA ALA A 1192 44.17 29.32 -21.18
C ALA A 1192 45.56 29.83 -21.53
N GLY A 1193 46.42 28.97 -22.06
CA GLY A 1193 47.79 29.32 -22.37
C GLY A 1193 47.94 30.34 -23.48
N GLY A 1194 47.74 29.93 -24.73
CA GLY A 1194 48.00 30.81 -25.84
C GLY A 1194 47.06 30.70 -27.02
N ILE A 1195 46.08 31.60 -27.08
CA ILE A 1195 45.26 31.80 -28.27
C ILE A 1195 45.07 33.29 -28.46
N LYS A 1196 45.24 33.76 -29.69
CA LYS A 1196 45.20 35.20 -29.97
C LYS A 1196 44.99 35.36 -31.48
N TYR A 1197 43.74 35.54 -31.89
CA TYR A 1197 43.42 35.57 -33.31
C TYR A 1197 42.30 36.55 -33.61
N ARG A 1198 42.41 37.20 -34.76
CA ARG A 1198 41.31 37.88 -35.41
C ARG A 1198 40.72 36.93 -36.45
N GLU A 1199 39.41 37.03 -36.67
CA GLU A 1199 38.69 36.13 -37.56
C GLU A 1199 39.43 35.96 -38.89
N ALA A 1200 39.98 34.76 -39.11
CA ALA A 1200 40.88 34.53 -40.23
C ALA A 1200 40.16 34.73 -41.56
N ASN A 1201 40.80 35.49 -42.45
CA ASN A 1201 40.27 35.80 -43.78
C ASN A 1201 38.88 36.41 -43.68
N ALA A 1202 38.83 37.59 -43.05
CA ALA A 1202 37.56 38.23 -42.70
C ALA A 1202 37.02 39.09 -43.82
N GLY A 1203 36.31 40.16 -43.46
CA GLY A 1203 35.63 40.99 -44.42
C GLY A 1203 34.18 40.57 -44.59
N PRO A 1204 33.45 41.25 -45.47
CA PRO A 1204 32.08 40.82 -45.76
C PRO A 1204 31.99 39.41 -46.32
N ASN A 1205 33.09 38.91 -46.91
CA ASN A 1205 33.12 37.52 -47.36
C ASN A 1205 32.81 36.57 -46.21
N LEU A 1206 33.37 36.82 -45.03
CA LEU A 1206 33.00 36.07 -43.85
C LEU A 1206 31.67 36.58 -43.34
N ASP A 1207 31.67 37.50 -42.38
CA ASP A 1207 30.45 38.10 -41.87
C ASP A 1207 30.31 39.52 -42.44
N ARG A 1208 29.13 39.82 -42.97
CA ARG A 1208 28.89 41.14 -43.54
C ARG A 1208 28.52 42.16 -42.48
N VAL A 1209 27.75 41.74 -41.47
CA VAL A 1209 27.28 42.67 -40.44
C VAL A 1209 28.26 42.77 -39.27
N MET A 1210 28.81 41.64 -38.82
CA MET A 1210 29.77 41.67 -37.71
C MET A 1210 30.97 42.54 -38.07
N LYS A 1211 31.18 43.60 -37.29
CA LYS A 1211 32.20 44.59 -37.61
C LYS A 1211 33.59 44.04 -37.28
N ASP A 1212 34.60 44.89 -37.42
CA ASP A 1212 35.97 44.49 -37.10
C ASP A 1212 36.15 44.28 -35.60
N GLU A 1213 35.36 44.99 -34.78
CA GLU A 1213 35.43 44.80 -33.33
C GLU A 1213 35.07 43.38 -32.93
N GLY A 1214 34.15 42.74 -33.66
CA GLY A 1214 33.84 41.34 -33.44
C GLY A 1214 34.80 40.38 -34.09
N PHE A 1215 35.50 40.83 -35.13
CA PHE A 1215 36.50 39.97 -35.79
C PHE A 1215 37.66 39.66 -34.84
N ASN A 1216 38.21 40.68 -34.20
CA ASN A 1216 39.24 40.48 -33.18
C ASN A 1216 38.56 40.16 -31.87
N VAL A 1217 38.56 38.88 -31.50
CA VAL A 1217 37.96 38.39 -30.27
C VAL A 1217 38.87 37.31 -29.71
N GLU A 1218 38.84 37.13 -28.39
CA GLU A 1218 39.81 36.25 -27.76
C GLU A 1218 39.22 35.66 -26.49
N VAL A 1219 40.05 34.91 -25.76
CA VAL A 1219 39.64 34.12 -24.61
C VAL A 1219 40.83 34.01 -23.66
N ASN A 1220 40.56 34.05 -22.36
CA ASN A 1220 41.59 33.86 -21.34
C ASN A 1220 40.96 33.35 -20.06
N VAL A 1221 41.69 32.49 -19.35
CA VAL A 1221 41.22 31.91 -18.09
C VAL A 1221 41.83 32.70 -16.94
N ASP A 1222 40.98 33.26 -16.11
CA ASP A 1222 41.43 33.89 -14.87
C ASP A 1222 41.75 32.78 -13.88
N TRP A 1223 43.04 32.43 -13.77
CA TRP A 1223 43.46 31.32 -12.94
C TRP A 1223 43.21 31.55 -11.46
N GLU A 1224 42.82 32.76 -11.06
CA GLU A 1224 42.39 32.99 -9.69
C GLU A 1224 40.96 32.50 -9.45
N THR A 1225 40.26 32.10 -10.50
CA THR A 1225 38.96 31.43 -10.40
C THR A 1225 38.93 30.09 -11.12
N GLY A 1226 39.64 29.97 -12.25
CA GLY A 1226 39.71 28.73 -12.99
C GLY A 1226 38.76 28.61 -14.15
N LEU A 1227 37.87 29.58 -14.34
CA LEU A 1227 36.85 29.53 -15.38
C LEU A 1227 37.38 30.11 -16.69
N ILE A 1228 36.68 29.78 -17.77
CA ILE A 1228 37.05 30.24 -19.11
C ILE A 1228 36.32 31.55 -19.36
N HIS A 1229 37.04 32.66 -19.25
CA HIS A 1229 36.53 33.95 -19.70
C HIS A 1229 36.89 34.17 -21.16
N GLY A 1230 36.19 35.10 -21.78
CA GLY A 1230 36.49 35.44 -23.16
C GLY A 1230 35.25 35.91 -23.88
N GLY A 1231 35.47 36.43 -25.08
CA GLY A 1231 34.43 37.02 -25.88
C GLY A 1231 34.38 38.53 -25.73
N SER A 1232 33.76 39.18 -26.71
CA SER A 1232 33.57 40.62 -26.70
C SER A 1232 32.08 40.92 -26.73
N GLN A 1233 31.76 42.21 -26.54
CA GLN A 1233 30.38 42.67 -26.71
C GLN A 1233 30.03 42.94 -28.18
N PHE A 1234 30.84 42.43 -29.10
CA PHE A 1234 30.58 42.53 -30.52
C PHE A 1234 30.59 41.18 -31.23
N ASN A 1235 30.91 40.10 -30.52
CA ASN A 1235 30.95 38.76 -31.09
C ASN A 1235 29.96 37.87 -30.35
N CYS A 1236 29.16 37.12 -31.11
CA CYS A 1236 28.22 36.18 -30.52
C CYS A 1236 28.71 34.75 -30.71
N GLY A 1237 29.85 34.43 -30.10
CA GLY A 1237 30.47 33.12 -30.28
C GLY A 1237 29.94 32.04 -29.39
N THR A 1238 28.69 32.16 -28.96
CA THR A 1238 28.03 31.17 -28.11
C THR A 1238 26.81 30.61 -28.84
N TRP A 1239 26.08 29.72 -28.16
CA TRP A 1239 24.90 29.11 -28.78
C TRP A 1239 23.84 30.15 -29.09
N MET A 1240 23.79 31.23 -28.31
CA MET A 1240 22.91 32.37 -28.61
C MET A 1240 23.58 33.28 -29.64
N ASP A 1241 23.81 32.72 -30.82
CA ASP A 1241 24.53 33.39 -31.90
C ASP A 1241 23.54 34.17 -32.75
N LYS A 1242 23.27 35.41 -32.35
CA LYS A 1242 22.38 36.29 -33.09
C LYS A 1242 23.15 37.53 -33.52
N MET A 1243 23.01 37.89 -34.80
CA MET A 1243 23.69 39.05 -35.37
C MET A 1243 22.63 40.01 -35.91
N GLY A 1244 22.65 41.24 -35.41
CA GLY A 1244 21.68 42.23 -35.83
C GLY A 1244 21.83 42.60 -37.30
N GLU A 1245 20.69 42.93 -37.92
CA GLU A 1245 20.71 43.28 -39.33
C GLU A 1245 19.62 44.29 -39.69
N SER A 1246 19.00 44.96 -38.72
CA SER A 1246 17.95 45.93 -38.99
C SER A 1246 18.59 47.29 -39.28
N GLU A 1247 18.56 47.71 -40.55
CA GLU A 1247 19.08 49.02 -40.90
C GLU A 1247 18.14 50.14 -40.44
N LYS A 1248 16.85 49.84 -40.33
CA LYS A 1248 15.85 50.82 -39.89
C LYS A 1248 15.82 50.98 -38.38
N ALA A 1249 16.70 50.30 -37.64
CA ALA A 1249 16.83 50.46 -36.20
C ALA A 1249 18.27 50.61 -35.77
N ASN A 1250 19.20 50.72 -36.72
CA ASN A 1250 20.64 50.83 -36.44
C ASN A 1250 21.12 49.66 -35.59
N SER A 1251 20.58 48.48 -35.87
CA SER A 1251 20.99 47.25 -35.21
C SER A 1251 21.96 46.43 -36.05
N VAL A 1252 22.38 46.96 -37.19
CA VAL A 1252 23.28 46.23 -38.09
C VAL A 1252 24.59 45.96 -37.36
N GLY A 1253 24.97 44.69 -37.29
CA GLY A 1253 26.19 44.27 -36.65
C GLY A 1253 26.13 44.17 -35.14
N VAL A 1254 25.15 44.79 -34.50
CA VAL A 1254 25.00 44.72 -33.05
C VAL A 1254 24.63 43.29 -32.67
N PRO A 1255 25.45 42.59 -31.90
CA PRO A 1255 25.12 41.22 -31.53
C PRO A 1255 23.86 41.15 -30.68
N GLY A 1256 22.99 40.20 -31.01
CA GLY A 1256 21.72 40.09 -30.31
C GLY A 1256 21.89 39.69 -28.87
N THR A 1257 22.77 38.72 -28.60
CA THR A 1257 23.02 38.23 -27.24
C THR A 1257 24.49 37.88 -27.09
N PRO A 1258 25.35 38.89 -26.98
CA PRO A 1258 26.78 38.61 -26.77
C PRO A 1258 27.01 38.05 -25.37
N ARG A 1259 27.70 36.91 -25.32
CA ARG A 1259 27.93 36.22 -24.05
C ARG A 1259 29.41 36.23 -23.68
N ASP A 1260 30.00 37.42 -23.60
CA ASP A 1260 31.38 37.55 -23.19
C ASP A 1260 31.54 37.20 -21.71
N GLY A 1261 32.75 36.79 -21.35
CA GLY A 1261 33.03 36.41 -19.98
C GLY A 1261 32.98 34.91 -19.75
N ALA A 1262 32.55 34.51 -18.56
CA ALA A 1262 32.50 33.10 -18.18
C ALA A 1262 31.06 32.62 -18.28
N ALA A 1263 30.74 31.94 -19.37
CA ALA A 1263 29.42 31.33 -19.53
C ALA A 1263 29.33 30.08 -18.68
N VAL A 1264 28.15 29.85 -18.10
CA VAL A 1264 27.94 28.69 -17.23
C VAL A 1264 28.22 27.40 -17.96
N GLU A 1265 27.83 27.33 -19.23
CA GLU A 1265 28.00 26.10 -20.00
C GLU A 1265 29.48 25.84 -20.29
N ILE A 1266 30.22 26.87 -20.68
CA ILE A 1266 31.61 26.70 -21.11
C ILE A 1266 32.44 26.07 -20.00
N ASN A 1267 32.44 26.70 -18.82
CA ASN A 1267 33.25 26.17 -17.72
C ASN A 1267 32.65 24.89 -17.14
N GLY A 1268 31.33 24.73 -17.23
CA GLY A 1268 30.72 23.50 -16.77
C GLY A 1268 31.19 22.29 -17.56
N LEU A 1269 31.29 22.44 -18.88
CA LEU A 1269 31.85 21.38 -19.71
C LEU A 1269 33.34 21.22 -19.47
N LEU A 1270 34.03 22.33 -19.14
CA LEU A 1270 35.45 22.27 -18.83
C LEU A 1270 35.71 21.39 -17.62
N LYS A 1271 34.91 21.56 -16.56
CA LYS A 1271 35.04 20.72 -15.37
C LYS A 1271 34.82 19.25 -15.71
N SER A 1272 33.80 18.96 -16.54
CA SER A 1272 33.55 17.59 -16.96
C SER A 1272 34.73 17.06 -17.77
N CYS A 1273 35.31 17.89 -18.62
CA CYS A 1273 36.50 17.49 -19.37
C CYS A 1273 37.66 17.21 -18.42
N LEU A 1274 37.89 18.12 -17.47
CA LEU A 1274 38.98 17.92 -16.50
C LEU A 1274 38.74 16.68 -15.65
N ARG A 1275 37.51 16.50 -15.18
CA ARG A 1275 37.18 15.30 -14.41
C ARG A 1275 37.43 14.04 -15.22
N PHE A 1276 37.20 14.10 -16.54
CA PHE A 1276 37.37 12.93 -17.38
C PHE A 1276 38.85 12.64 -17.63
N VAL A 1277 39.62 13.67 -18.02
CA VAL A 1277 41.02 13.46 -18.35
C VAL A 1277 41.83 13.01 -17.14
N LEU A 1278 41.36 13.29 -15.92
CA LEU A 1278 42.05 12.80 -14.73
C LEU A 1278 41.90 11.29 -14.60
N GLN A 1279 40.65 10.82 -14.58
CA GLN A 1279 40.39 9.38 -14.51
C GLN A 1279 40.96 8.65 -15.71
N LEU A 1280 41.18 9.35 -16.82
CA LEU A 1280 41.82 8.74 -17.99
C LEU A 1280 43.24 8.30 -17.67
N SER A 1281 44.03 9.20 -17.09
CA SER A 1281 45.40 8.86 -16.74
C SER A 1281 45.46 7.87 -15.59
N LYS A 1282 44.52 7.99 -14.64
CA LYS A 1282 44.44 7.02 -13.55
C LYS A 1282 44.21 5.62 -14.09
N ASP A 1283 43.42 5.50 -15.15
CA ASP A 1283 43.24 4.20 -15.80
C ASP A 1283 44.39 3.86 -16.73
N GLY A 1284 45.08 4.86 -17.26
CA GLY A 1284 46.30 4.63 -18.02
C GLY A 1284 46.20 4.90 -19.51
N LYS A 1285 45.85 6.13 -19.89
CA LYS A 1285 45.78 6.51 -21.30
C LYS A 1285 46.36 7.91 -21.49
N PHE A 1286 45.63 8.91 -21.02
CA PHE A 1286 46.01 10.31 -21.20
C PHE A 1286 47.37 10.57 -20.57
N LYS A 1287 48.34 10.95 -21.40
CA LYS A 1287 49.72 11.13 -20.98
C LYS A 1287 50.02 12.54 -20.47
N TYR A 1288 49.05 13.45 -20.53
CA TYR A 1288 49.26 14.84 -20.15
C TYR A 1288 48.75 15.08 -18.73
N THR A 1289 49.50 15.89 -17.99
CA THR A 1289 49.16 16.19 -16.60
C THR A 1289 49.34 17.65 -16.20
N GLU A 1290 50.11 18.44 -16.94
CA GLU A 1290 50.36 19.83 -16.59
C GLU A 1290 50.14 20.71 -17.81
N VAL A 1291 49.30 21.73 -17.65
CA VAL A 1291 49.04 22.71 -18.69
C VAL A 1291 50.05 23.86 -18.56
N THR A 1292 50.57 24.32 -19.69
CA THR A 1292 51.55 25.40 -19.69
C THR A 1292 50.85 26.74 -19.48
N LYS A 1293 51.26 27.45 -18.44
CA LYS A 1293 50.74 28.79 -18.18
C LYS A 1293 51.17 29.75 -19.28
N PRO A 1294 50.33 30.75 -19.61
CA PRO A 1294 50.70 31.74 -20.64
C PRO A 1294 52.11 32.29 -20.54
N ASP A 1295 52.51 32.78 -19.36
CA ASP A 1295 53.83 33.38 -19.21
C ASP A 1295 54.93 32.35 -19.45
N GLY A 1296 54.94 31.29 -18.64
CA GLY A 1296 55.94 30.25 -18.77
C GLY A 1296 55.88 29.23 -17.64
N SER A 1297 54.91 29.41 -16.75
CA SER A 1297 54.74 28.52 -15.61
C SER A 1297 54.05 27.24 -16.07
N LYS A 1298 53.64 26.40 -15.11
CA LYS A 1298 53.00 25.12 -15.43
C LYS A 1298 52.01 24.81 -14.31
N ILE A 1299 50.73 25.00 -14.58
CA ILE A 1299 49.68 24.67 -13.63
C ILE A 1299 49.29 23.21 -13.81
N SER A 1300 48.99 22.54 -12.72
CA SER A 1300 48.59 21.14 -12.75
C SER A 1300 47.12 21.00 -13.16
N LEU A 1301 46.80 19.82 -13.70
CA LEU A 1301 45.43 19.57 -14.15
C LEU A 1301 44.48 19.39 -12.96
N SER A 1302 44.85 18.49 -12.03
CA SER A 1302 44.02 18.27 -10.85
C SER A 1302 43.87 19.56 -10.04
N SER A 1303 44.90 20.41 -10.03
CA SER A 1303 44.79 21.70 -9.37
C SER A 1303 43.82 22.61 -10.12
N TRP A 1304 43.88 22.60 -11.46
CA TRP A 1304 42.88 23.31 -12.25
C TRP A 1304 41.50 22.73 -12.02
N ASN A 1305 41.41 21.40 -11.90
CA ASN A 1305 40.14 20.77 -11.55
C ASN A 1305 39.67 21.20 -10.17
N ASP A 1306 40.60 21.36 -9.23
CA ASP A 1306 40.24 21.82 -7.89
C ASP A 1306 39.96 23.32 -7.86
N LEU A 1307 40.65 24.10 -8.69
CA LEU A 1307 40.40 25.54 -8.73
C LEU A 1307 38.95 25.85 -9.11
N LEU A 1308 38.42 25.12 -10.10
CA LEU A 1308 37.00 25.28 -10.44
C LEU A 1308 36.11 24.82 -9.30
N GLN A 1309 36.41 23.65 -8.72
CA GLN A 1309 35.60 23.13 -7.64
C GLN A 1309 35.57 24.08 -6.46
N GLU A 1310 36.64 24.83 -6.23
CA GLU A 1310 36.72 25.74 -5.10
C GLU A 1310 36.18 27.13 -5.40
N ASN A 1311 36.00 27.49 -6.68
CA ASN A 1311 35.62 28.85 -7.04
C ASN A 1311 34.41 28.97 -7.95
N PHE A 1312 33.98 27.90 -8.62
CA PHE A 1312 32.90 28.01 -9.60
C PHE A 1312 31.60 28.48 -8.95
N GLU A 1313 31.02 27.64 -8.09
CA GLU A 1313 29.76 28.00 -7.44
C GLU A 1313 29.88 29.27 -6.64
N ARG A 1314 31.08 29.59 -6.15
CA ARG A 1314 31.28 30.84 -5.43
C ARG A 1314 31.06 32.05 -6.34
N CYS A 1315 31.49 31.96 -7.60
CA CYS A 1315 31.40 33.11 -8.48
C CYS A 1315 30.03 33.25 -9.13
N PHE A 1316 29.33 32.14 -9.34
CA PHE A 1316 28.07 32.15 -10.10
C PHE A 1316 26.82 32.22 -9.22
N TYR A 1317 26.77 31.42 -8.15
CA TYR A 1317 25.53 31.31 -7.39
C TYR A 1317 25.15 32.65 -6.74
N VAL A 1318 23.85 32.92 -6.71
CA VAL A 1318 23.28 34.09 -6.07
C VAL A 1318 22.48 33.61 -4.87
N PRO A 1319 22.89 33.91 -3.64
CA PRO A 1319 22.24 33.34 -2.47
C PRO A 1319 20.83 33.90 -2.26
N LYS A 1320 19.95 33.03 -1.76
CA LYS A 1320 18.59 33.47 -1.45
C LYS A 1320 18.58 34.43 -0.27
N ASN A 1321 19.54 34.30 0.65
CA ASN A 1321 19.62 35.18 1.80
C ASN A 1321 20.56 36.33 1.51
N LYS A 1322 20.15 37.54 1.89
CA LYS A 1322 21.01 38.70 1.76
C LYS A 1322 22.19 38.66 2.74
N GLU A 1323 22.17 37.74 3.70
CA GLU A 1323 23.21 37.67 4.71
C GLU A 1323 24.52 37.14 4.13
N ASP A 1324 24.45 36.26 3.14
CA ASP A 1324 25.63 35.60 2.58
C ASP A 1324 26.06 36.18 1.24
N ASP A 1325 25.68 37.43 0.95
CA ASP A 1325 26.14 38.09 -0.26
C ASP A 1325 27.60 38.48 -0.21
N ASN A 1326 28.26 38.32 0.94
CA ASN A 1326 29.65 38.70 1.10
C ASN A 1326 30.63 37.60 0.67
N LYS A 1327 30.12 36.41 0.35
CA LYS A 1327 30.98 35.28 -0.02
C LYS A 1327 30.85 34.88 -1.48
N PHE A 1328 29.75 35.22 -2.15
CA PHE A 1328 29.48 34.73 -3.50
C PHE A 1328 29.70 35.82 -4.57
N GLU A 1329 30.37 36.91 -4.22
CA GLU A 1329 30.69 37.98 -5.17
C GLU A 1329 29.45 38.47 -5.91
N ILE A 1330 28.67 39.34 -5.28
CA ILE A 1330 27.42 39.82 -5.84
C ILE A 1330 27.29 41.32 -5.57
N ASP A 1331 26.88 42.07 -6.59
CA ASP A 1331 26.53 43.48 -6.46
C ASP A 1331 25.02 43.56 -6.42
N ALA A 1332 24.47 43.79 -5.23
CA ALA A 1332 23.04 43.69 -4.99
C ALA A 1332 22.22 44.74 -5.73
N THR A 1333 22.87 45.77 -6.30
CA THR A 1333 22.11 46.79 -7.03
C THR A 1333 21.57 46.23 -8.34
N ILE A 1334 22.37 45.46 -9.06
CA ILE A 1334 21.95 44.84 -10.31
C ILE A 1334 21.67 43.37 -10.00
N ILE A 1335 20.41 43.06 -9.70
CA ILE A 1335 19.98 41.71 -9.39
C ILE A 1335 18.54 41.57 -9.85
N ASN A 1336 18.12 40.32 -10.08
CA ASN A 1336 16.76 40.02 -10.52
C ASN A 1336 16.07 39.07 -9.56
N ARG A 1337 16.48 37.81 -9.51
CA ARG A 1337 15.93 36.84 -8.57
C ARG A 1337 17.06 36.16 -7.81
N ARG A 1338 16.81 35.86 -6.54
CA ARG A 1338 17.77 35.12 -5.75
C ARG A 1338 17.50 33.62 -5.90
N GLY A 1339 18.33 32.79 -5.27
CA GLY A 1339 18.27 31.36 -5.53
C GLY A 1339 18.54 31.03 -6.98
N ILE A 1340 19.36 31.83 -7.65
CA ILE A 1340 19.61 31.72 -9.08
C ILE A 1340 21.09 31.47 -9.30
N TYR A 1341 21.39 30.56 -10.22
CA TYR A 1341 22.76 30.40 -10.71
C TYR A 1341 22.99 31.35 -11.86
N LYS A 1342 24.15 32.00 -11.86
CA LYS A 1342 24.43 33.08 -12.80
C LYS A 1342 24.39 32.57 -14.24
N ASP A 1343 24.32 33.53 -15.17
CA ASP A 1343 24.44 33.26 -16.59
C ASP A 1343 25.82 33.58 -17.14
N LEU A 1344 26.42 34.67 -16.67
CA LEU A 1344 27.78 35.05 -17.05
C LEU A 1344 28.48 35.64 -15.84
N TYR A 1345 29.80 35.51 -15.81
CA TYR A 1345 30.62 36.13 -14.77
C TYR A 1345 31.45 37.24 -15.41
N ARG A 1346 31.39 38.43 -14.80
CA ARG A 1346 32.06 39.65 -15.26
C ARG A 1346 31.97 39.79 -16.79
N SER A 1347 30.75 39.84 -17.28
CA SER A 1347 30.51 40.06 -18.71
C SER A 1347 30.61 41.56 -19.00
N GLY A 1348 30.29 41.94 -20.23
CA GLY A 1348 30.32 43.35 -20.62
C GLY A 1348 29.30 44.18 -19.86
N LYS A 1349 28.01 43.86 -20.05
CA LYS A 1349 26.95 44.52 -19.31
C LYS A 1349 26.70 43.73 -18.04
N PRO A 1350 26.97 44.27 -16.85
CA PRO A 1350 26.87 43.46 -15.63
C PRO A 1350 25.47 42.97 -15.32
N TYR A 1351 24.42 43.52 -15.93
CA TYR A 1351 23.08 43.02 -15.66
C TYR A 1351 22.75 41.77 -16.47
N GLU A 1352 23.49 41.51 -17.56
CA GLU A 1352 23.37 40.23 -18.25
C GLU A 1352 23.97 39.09 -17.44
N ASP A 1353 24.78 39.41 -16.43
CA ASP A 1353 25.26 38.39 -15.51
C ASP A 1353 24.11 37.79 -14.70
N TYR A 1354 23.29 38.65 -14.12
CA TYR A 1354 22.20 38.23 -13.23
C TYR A 1354 20.89 38.10 -14.01
N GLN A 1355 20.91 37.25 -15.03
CA GLN A 1355 19.74 36.97 -15.84
C GLN A 1355 19.39 35.49 -15.76
N PHE A 1356 18.11 35.19 -15.61
CA PHE A 1356 17.64 33.82 -15.53
C PHE A 1356 17.55 33.25 -16.95
N ARG A 1357 18.43 32.30 -17.26
CA ARG A 1357 18.50 31.69 -18.57
C ARG A 1357 18.67 30.18 -18.41
N PRO A 1358 18.24 29.39 -19.40
CA PRO A 1358 18.35 27.93 -19.30
C PRO A 1358 19.75 27.38 -19.55
N ASN A 1359 20.78 28.23 -19.55
CA ASN A 1359 22.12 27.75 -19.91
C ASN A 1359 22.82 27.05 -18.75
N PHE A 1360 22.44 27.36 -17.51
CA PHE A 1360 23.14 26.77 -16.36
C PHE A 1360 22.90 25.27 -16.26
N THR A 1361 21.76 24.78 -16.76
CA THR A 1361 21.42 23.38 -16.60
C THR A 1361 22.33 22.47 -17.40
N ILE A 1362 23.02 23.01 -18.41
CA ILE A 1362 24.04 22.23 -19.10
C ILE A 1362 25.14 21.82 -18.13
N ALA A 1363 25.56 22.75 -17.27
CA ALA A 1363 26.56 22.44 -16.27
C ALA A 1363 26.01 21.54 -15.16
N MET A 1364 24.71 21.67 -14.85
CA MET A 1364 24.11 20.82 -13.84
C MET A 1364 24.05 19.36 -14.27
N VAL A 1365 24.21 19.08 -15.56
CA VAL A 1365 24.17 17.72 -16.08
C VAL A 1365 25.56 17.19 -16.37
N VAL A 1366 26.43 18.01 -16.97
CA VAL A 1366 27.76 17.52 -17.34
C VAL A 1366 28.71 17.56 -16.14
N ALA A 1367 28.48 18.45 -15.18
CA ALA A 1367 29.35 18.61 -14.02
C ALA A 1367 28.51 18.87 -12.79
N PRO A 1368 27.86 17.83 -12.25
CA PRO A 1368 27.06 18.01 -11.03
C PRO A 1368 27.90 18.22 -9.78
N GLU A 1369 29.20 17.92 -9.82
CA GLU A 1369 30.04 18.08 -8.64
C GLU A 1369 30.25 19.53 -8.25
N LEU A 1370 30.01 20.47 -9.16
CA LEU A 1370 30.17 21.88 -8.88
C LEU A 1370 29.00 22.47 -8.09
N PHE A 1371 27.96 21.69 -7.83
CA PHE A 1371 26.73 22.21 -7.24
C PHE A 1371 26.46 21.52 -5.91
N THR A 1372 26.20 22.32 -4.88
CA THR A 1372 25.63 21.77 -3.65
C THR A 1372 24.17 21.41 -3.90
N PRO A 1373 23.70 20.28 -3.36
CA PRO A 1373 22.35 19.80 -3.74
C PRO A 1373 21.23 20.79 -3.47
N ASP A 1374 21.15 21.33 -2.25
CA ASP A 1374 20.03 22.20 -1.90
C ASP A 1374 20.04 23.50 -2.69
N TYR A 1375 21.22 23.97 -3.10
CA TYR A 1375 21.27 25.18 -3.92
C TYR A 1375 20.81 24.91 -5.34
N ALA A 1376 21.19 23.75 -5.90
CA ALA A 1376 20.83 23.44 -7.27
C ALA A 1376 19.35 23.07 -7.40
N ALA A 1377 18.84 22.26 -6.47
CA ALA A 1377 17.43 21.87 -6.53
C ALA A 1377 16.52 23.07 -6.32
N GLY A 1378 16.89 23.97 -5.41
CA GLY A 1378 16.11 25.19 -5.21
C GLY A 1378 16.16 26.13 -6.38
N ALA A 1379 17.21 26.04 -7.22
CA ALA A 1379 17.31 26.88 -8.41
C ALA A 1379 16.63 26.26 -9.61
N ILE A 1380 16.65 24.93 -9.74
CA ILE A 1380 16.00 24.29 -10.88
C ILE A 1380 14.49 24.24 -10.70
N GLU A 1381 13.99 24.43 -9.47
CA GLU A 1381 12.55 24.56 -9.28
C GLU A 1381 12.06 25.93 -9.74
N LEU A 1382 12.92 26.95 -9.64
CA LEU A 1382 12.56 28.26 -10.18
C LEU A 1382 12.46 28.24 -11.69
N ALA A 1383 13.38 27.55 -12.35
CA ALA A 1383 13.30 27.42 -13.81
C ALA A 1383 12.06 26.65 -14.25
N ASP A 1384 11.65 25.66 -13.45
CA ASP A 1384 10.42 24.93 -13.76
C ASP A 1384 9.19 25.81 -13.59
N GLN A 1385 9.26 26.80 -12.70
CA GLN A 1385 8.13 27.69 -12.46
C GLN A 1385 8.14 28.93 -13.33
N VAL A 1386 9.28 29.27 -13.94
CA VAL A 1386 9.44 30.52 -14.67
C VAL A 1386 9.89 30.28 -16.11
N LEU A 1387 10.99 29.55 -16.29
CA LEU A 1387 11.64 29.46 -17.59
C LEU A 1387 11.20 28.26 -18.42
N ARG A 1388 10.27 27.45 -17.95
CA ARG A 1388 9.87 26.23 -18.66
C ARG A 1388 8.57 26.48 -19.39
N GLY A 1389 8.63 26.49 -20.72
CA GLY A 1389 7.44 26.51 -21.54
C GLY A 1389 6.88 25.12 -21.71
N PRO A 1390 5.87 24.97 -22.56
CA PRO A 1390 5.28 23.63 -22.75
C PRO A 1390 6.19 22.66 -23.47
N VAL A 1391 6.90 23.12 -24.50
CA VAL A 1391 7.78 22.25 -25.28
C VAL A 1391 9.17 22.88 -25.37
N GLY A 1392 9.23 24.20 -25.36
CA GLY A 1392 10.47 24.94 -25.47
C GLY A 1392 10.83 25.61 -24.16
N MET A 1393 12.12 25.83 -23.96
CA MET A 1393 12.63 26.47 -22.75
C MET A 1393 12.83 27.95 -23.03
N ARG A 1394 12.21 28.80 -22.21
CA ARG A 1394 12.35 30.25 -22.38
C ARG A 1394 13.81 30.67 -22.22
N THR A 1395 14.32 31.36 -23.23
CA THR A 1395 15.71 31.79 -23.25
C THR A 1395 15.98 33.03 -22.41
N LEU A 1396 14.96 33.61 -21.78
CA LEU A 1396 15.16 34.78 -20.94
C LEU A 1396 13.99 34.90 -19.97
N ASP A 1397 14.30 35.40 -18.78
CA ASP A 1397 13.30 35.59 -17.73
C ASP A 1397 12.19 36.51 -18.21
N PRO A 1398 10.92 36.09 -18.17
CA PRO A 1398 9.83 36.99 -18.58
C PRO A 1398 9.77 38.28 -17.78
N SER A 1399 10.34 38.32 -16.57
CA SER A 1399 10.34 39.56 -15.79
C SER A 1399 11.34 40.57 -16.35
N ASP A 1400 12.41 40.10 -16.99
CA ASP A 1400 13.42 40.99 -17.53
C ASP A 1400 12.85 41.83 -18.66
N TYR A 1401 13.30 43.09 -18.73
CA TYR A 1401 12.71 44.04 -19.68
C TYR A 1401 12.91 43.61 -21.13
N ASN A 1402 13.96 42.83 -21.41
CA ASN A 1402 14.28 42.39 -22.76
C ASN A 1402 13.59 41.08 -23.13
N TYR A 1403 12.35 40.88 -22.69
CA TYR A 1403 11.61 39.65 -22.94
C TYR A 1403 10.71 39.87 -24.17
N ARG A 1404 11.23 39.50 -25.33
CA ARG A 1404 10.49 39.59 -26.59
C ARG A 1404 10.25 38.18 -27.10
N PRO A 1405 9.12 37.56 -26.73
CA PRO A 1405 8.97 36.11 -26.98
C PRO A 1405 8.27 35.78 -28.30
N TYR A 1406 8.29 36.72 -29.26
CA TYR A 1406 7.66 36.51 -30.56
C TYR A 1406 8.71 36.76 -31.64
N TYR A 1407 9.31 35.68 -32.13
CA TYR A 1407 10.36 35.76 -33.12
C TYR A 1407 9.78 36.05 -34.50
N ASN A 1408 10.35 37.03 -35.20
CA ASN A 1408 9.89 37.38 -36.54
C ASN A 1408 11.10 37.91 -37.30
N ASN A 1409 11.63 37.09 -38.22
CA ASN A 1409 12.76 37.48 -39.04
C ASN A 1409 12.34 38.24 -40.29
N GLY A 1410 11.03 38.46 -40.49
CA GLY A 1410 10.55 39.25 -41.59
C GLY A 1410 10.26 40.68 -41.17
N GLU A 1411 10.17 40.90 -39.85
CA GLU A 1411 9.91 42.24 -39.33
C GLU A 1411 11.11 43.14 -39.59
N ASP A 1412 10.90 44.19 -40.37
CA ASP A 1412 11.95 45.15 -40.67
C ASP A 1412 11.54 46.53 -40.17
N SER A 1413 11.27 46.63 -38.86
CA SER A 1413 10.75 47.83 -38.22
C SER A 1413 11.87 48.51 -37.43
N ASP A 1414 11.50 49.22 -36.37
CA ASP A 1414 12.44 49.99 -35.57
C ASP A 1414 12.63 49.45 -34.16
N ASP A 1415 11.77 48.56 -33.70
CA ASP A 1415 11.98 47.92 -32.41
C ASP A 1415 13.24 47.05 -32.48
N PHE A 1416 14.22 47.39 -31.64
CA PHE A 1416 15.56 46.83 -31.76
C PHE A 1416 15.54 45.31 -31.77
N ALA A 1417 14.72 44.70 -30.91
CA ALA A 1417 14.73 43.24 -30.77
C ALA A 1417 13.89 42.57 -31.85
N THR A 1418 12.65 43.02 -32.03
CA THR A 1418 11.75 42.33 -32.95
C THR A 1418 12.22 42.46 -34.40
N SER A 1419 12.86 43.57 -34.75
CA SER A 1419 13.28 43.79 -36.13
C SER A 1419 14.42 42.86 -36.50
N LYS A 1420 14.23 42.10 -37.58
CA LYS A 1420 15.24 41.19 -38.11
C LYS A 1420 15.62 40.10 -37.11
N GLY A 1421 14.71 39.78 -36.20
CA GLY A 1421 14.87 38.61 -35.36
C GLY A 1421 15.93 38.70 -34.28
N ARG A 1422 16.25 39.91 -33.82
CA ARG A 1422 17.23 40.05 -32.76
C ARG A 1422 16.74 39.41 -31.46
N ASN A 1423 15.44 39.27 -31.29
CA ASN A 1423 14.84 38.63 -30.14
C ASN A 1423 15.04 37.12 -30.11
N TYR A 1424 15.85 36.59 -31.02
CA TYR A 1424 16.05 35.16 -31.19
C TYR A 1424 16.18 34.42 -29.86
N HIS A 1425 17.08 34.88 -28.99
CA HIS A 1425 17.37 34.22 -27.72
C HIS A 1425 17.03 35.12 -26.54
N GLN A 1426 15.94 35.88 -26.66
CA GLN A 1426 15.51 36.82 -25.64
C GLN A 1426 14.03 36.64 -25.33
N GLY A 1427 13.61 35.40 -25.10
CA GLY A 1427 12.21 35.12 -24.87
C GLY A 1427 11.70 33.85 -25.52
N PRO A 1428 11.96 33.68 -26.83
CA PRO A 1428 11.52 32.45 -27.52
C PRO A 1428 11.96 31.18 -26.80
N GLU A 1429 11.17 30.13 -26.99
CA GLU A 1429 11.31 28.88 -26.25
C GLU A 1429 11.94 27.82 -27.14
N TRP A 1430 13.09 27.31 -26.72
CA TRP A 1430 13.83 26.31 -27.48
C TRP A 1430 13.68 24.94 -26.83
N VAL A 1431 13.53 23.91 -27.66
CA VAL A 1431 13.21 22.57 -27.15
C VAL A 1431 14.43 21.88 -26.58
N TRP A 1432 15.64 22.21 -27.08
CA TRP A 1432 16.83 21.48 -26.64
C TRP A 1432 17.20 21.83 -25.21
N CYS A 1433 17.00 23.09 -24.79
CA CYS A 1433 17.28 23.45 -23.41
C CYS A 1433 16.32 22.76 -22.45
N TYR A 1434 15.09 22.48 -22.91
CA TYR A 1434 14.17 21.68 -22.11
C TYR A 1434 14.76 20.32 -21.79
N GLY A 1435 15.46 19.72 -22.75
CA GLY A 1435 16.09 18.44 -22.55
C GLY A 1435 17.07 18.42 -21.39
N TYR A 1436 18.06 19.31 -21.43
CA TYR A 1436 19.03 19.38 -20.35
C TYR A 1436 18.38 19.80 -19.04
N PHE A 1437 17.30 20.57 -19.09
CA PHE A 1437 16.60 20.97 -17.88
C PHE A 1437 16.03 19.75 -17.16
N ILE A 1438 15.18 18.97 -17.86
CA ILE A 1438 14.58 17.81 -17.24
C ILE A 1438 15.62 16.72 -16.99
N ARG A 1439 16.77 16.78 -17.66
CA ARG A 1439 17.87 15.88 -17.34
C ARG A 1439 18.36 16.11 -15.92
N ALA A 1440 18.56 17.38 -15.55
CA ALA A 1440 19.00 17.69 -14.20
C ALA A 1440 17.83 17.72 -13.21
N TYR A 1441 16.62 18.00 -13.70
CA TYR A 1441 15.44 17.87 -12.85
C TYR A 1441 15.30 16.46 -12.31
N HIS A 1442 15.78 15.47 -13.07
CA HIS A 1442 15.77 14.09 -12.59
C HIS A 1442 16.87 13.84 -11.57
N TYR A 1443 18.07 14.39 -11.80
CA TYR A 1443 19.19 14.09 -10.92
C TYR A 1443 19.03 14.75 -9.56
N PHE A 1444 18.78 16.06 -9.53
CA PHE A 1444 18.79 16.78 -8.27
C PHE A 1444 17.54 16.51 -7.43
N ASN A 1445 16.38 16.37 -8.09
CA ASN A 1445 15.18 15.97 -7.36
C ASN A 1445 15.24 14.52 -6.88
N PHE A 1446 16.18 13.73 -7.40
CA PHE A 1446 16.42 12.40 -6.86
C PHE A 1446 17.23 12.48 -5.57
N LEU A 1447 18.28 13.29 -5.56
CA LEU A 1447 19.11 13.43 -4.36
C LEU A 1447 18.39 14.22 -3.28
N THR A 1448 17.77 15.34 -3.65
CA THR A 1448 17.19 16.25 -2.67
C THR A 1448 15.92 15.68 -2.06
N ASN A 1449 14.79 15.86 -2.72
CA ASN A 1449 13.51 15.47 -2.14
C ASN A 1449 13.46 13.97 -1.92
N PRO A 1450 13.07 13.50 -0.74
CA PRO A 1450 13.08 12.05 -0.47
C PRO A 1450 11.86 11.31 -1.01
N LYS A 1451 10.75 11.99 -1.24
CA LYS A 1451 9.58 11.34 -1.82
C LYS A 1451 9.88 10.76 -3.19
N CYS A 1452 10.90 11.27 -3.88
CA CYS A 1452 11.32 10.76 -5.18
C CYS A 1452 12.24 9.54 -5.07
N GLN A 1453 12.29 8.91 -3.90
CA GLN A 1453 13.18 7.78 -3.66
C GLN A 1453 12.38 6.62 -3.08
N VAL A 1454 12.81 5.40 -3.39
CA VAL A 1454 12.21 4.20 -2.83
C VAL A 1454 13.18 3.04 -2.98
N GLU A 1455 14.15 3.19 -3.88
CA GLU A 1455 15.23 2.21 -4.11
C GLU A 1455 14.59 0.88 -4.52
N GLY A 1456 14.99 -0.26 -3.94
CA GLY A 1456 14.42 -1.54 -4.31
C GLY A 1456 15.40 -2.69 -4.17
N SER A 1457 15.73 -3.31 -5.30
CA SER A 1457 16.66 -4.45 -5.29
C SER A 1457 18.05 -4.00 -4.89
N ALA A 1458 18.63 -4.70 -3.90
CA ALA A 1458 19.94 -4.39 -3.35
C ALA A 1458 20.03 -2.95 -2.84
N LYS A 1459 18.88 -2.34 -2.55
CA LYS A 1459 18.79 -0.93 -2.14
C LYS A 1459 19.50 -0.02 -3.15
N LYS A 1460 19.52 -0.42 -4.41
CA LYS A 1460 20.03 0.44 -5.47
C LYS A 1460 19.08 1.60 -5.68
N LEU A 1461 19.58 2.83 -5.50
CA LEU A 1461 18.75 4.03 -5.56
C LEU A 1461 17.95 4.12 -6.85
N LYS A 1462 16.66 3.78 -6.78
CA LYS A 1462 15.73 3.88 -7.88
C LYS A 1462 14.63 4.89 -7.53
N PRO A 1463 14.17 5.68 -8.50
CA PRO A 1463 13.18 6.71 -8.20
C PRO A 1463 11.84 6.11 -7.81
N SER A 1464 10.95 6.98 -7.33
CA SER A 1464 9.61 6.59 -6.96
C SER A 1464 8.62 6.91 -8.08
N SER A 1465 7.39 6.41 -7.91
CA SER A 1465 6.34 6.72 -8.87
C SER A 1465 6.05 8.21 -8.91
N TYR A 1466 6.24 8.90 -7.79
CA TYR A 1466 6.00 10.35 -7.76
C TYR A 1466 6.98 11.09 -8.66
N LEU A 1467 8.24 10.65 -8.68
CA LEU A 1467 9.22 11.30 -9.54
C LEU A 1467 8.96 11.00 -11.01
N TYR A 1468 8.68 9.74 -11.33
CA TYR A 1468 8.31 9.38 -12.70
C TYR A 1468 7.05 10.12 -13.14
N ARG A 1469 6.13 10.37 -12.20
CA ARG A 1469 4.93 11.14 -12.54
C ARG A 1469 5.26 12.59 -12.81
N LYS A 1470 6.28 13.14 -12.14
CA LYS A 1470 6.71 14.50 -12.44
C LYS A 1470 7.51 14.58 -13.74
N LEU A 1471 8.07 13.46 -14.20
CA LEU A 1471 8.79 13.44 -15.46
C LEU A 1471 7.83 13.22 -16.64
N TYR A 1472 6.91 12.26 -16.50
CA TYR A 1472 5.97 11.95 -17.56
C TYR A 1472 5.10 13.16 -17.90
N SER A 1473 4.68 13.91 -16.88
CA SER A 1473 3.79 15.04 -17.09
C SER A 1473 4.47 16.20 -17.82
N ARG A 1474 5.81 16.22 -17.88
CA ARG A 1474 6.54 17.27 -18.56
C ARG A 1474 7.05 16.83 -19.92
N LEU A 1475 6.55 15.70 -20.44
CA LEU A 1475 6.88 15.24 -21.78
C LEU A 1475 5.64 14.94 -22.61
N LEU A 1476 4.46 15.22 -22.09
CA LEU A 1476 3.24 14.97 -22.86
C LEU A 1476 2.96 16.07 -23.86
N LYS A 1477 3.29 17.32 -23.51
CA LYS A 1477 3.28 18.38 -24.52
C LYS A 1477 4.31 18.11 -25.60
N HIS A 1478 5.41 17.45 -25.24
CA HIS A 1478 6.38 17.03 -26.24
C HIS A 1478 5.87 15.85 -27.05
N ARG A 1479 5.22 14.88 -26.40
CA ARG A 1479 4.65 13.75 -27.11
C ARG A 1479 3.60 14.21 -28.11
N GLU A 1480 2.75 15.16 -27.71
CA GLU A 1480 1.75 15.70 -28.62
C GLU A 1480 2.40 16.30 -29.86
N TRP A 1481 3.47 17.06 -29.68
CA TRP A 1481 4.08 17.82 -30.77
C TRP A 1481 4.46 16.90 -31.92
N ILE A 1482 5.36 15.95 -31.66
CA ILE A 1482 5.81 15.04 -32.72
C ILE A 1482 4.67 14.13 -33.17
N GLU A 1483 3.73 13.83 -32.29
CA GLU A 1483 2.62 12.95 -32.66
C GLU A 1483 1.74 13.60 -33.73
N ASN A 1484 1.40 14.87 -33.54
CA ASN A 1484 0.49 15.58 -34.45
C ASN A 1484 1.21 16.62 -35.30
N SER A 1485 2.51 16.43 -35.54
CA SER A 1485 3.19 17.30 -36.49
C SER A 1485 3.43 16.57 -37.80
N PRO A 1486 3.24 17.23 -38.93
CA PRO A 1486 3.56 16.61 -40.22
C PRO A 1486 5.00 16.13 -40.26
N TRP A 1487 5.93 17.05 -40.02
CA TRP A 1487 7.32 16.66 -39.78
C TRP A 1487 7.38 15.83 -38.50
N ALA A 1488 7.95 14.63 -38.60
CA ALA A 1488 8.06 13.74 -37.45
C ALA A 1488 9.22 14.19 -36.58
N GLY A 1489 8.95 15.11 -35.66
CA GLY A 1489 9.99 15.58 -34.77
C GLY A 1489 9.54 16.81 -33.99
N LEU A 1490 10.45 17.28 -33.15
CA LEU A 1490 10.27 18.51 -32.39
C LEU A 1490 10.98 19.67 -33.08
N ALA A 1491 10.50 20.88 -32.81
CA ALA A 1491 10.96 22.05 -33.55
C ALA A 1491 12.23 22.62 -32.94
N GLU A 1492 12.90 23.48 -33.73
CA GLU A 1492 14.02 24.24 -33.20
C GLU A 1492 13.54 25.28 -32.18
N LEU A 1493 12.56 26.08 -32.58
CA LEU A 1493 12.06 27.19 -31.77
C LEU A 1493 10.60 26.94 -31.42
N THR A 1494 10.05 27.84 -30.60
CA THR A 1494 8.66 27.83 -30.20
C THR A 1494 8.35 29.17 -29.53
N ASN A 1495 7.30 29.85 -29.96
CA ASN A 1495 6.99 31.16 -29.42
C ASN A 1495 6.24 31.01 -28.10
N LYS A 1496 5.80 32.13 -27.54
CA LYS A 1496 5.24 32.19 -26.19
C LYS A 1496 4.13 31.16 -25.98
N ASP A 1497 4.40 30.19 -25.10
CA ASP A 1497 3.43 29.17 -24.71
C ASP A 1497 3.08 28.22 -25.85
N GLY A 1498 4.11 27.78 -26.58
CA GLY A 1498 3.89 26.76 -27.59
C GLY A 1498 3.21 27.21 -28.86
N GLU A 1499 3.18 28.52 -29.12
CA GLU A 1499 2.60 29.03 -30.36
C GLU A 1499 3.59 28.78 -31.49
N VAL A 1500 3.14 28.11 -32.55
CA VAL A 1500 4.00 27.70 -33.64
C VAL A 1500 4.67 28.90 -34.27
N CYS A 1501 5.98 29.04 -34.06
CA CYS A 1501 6.75 30.07 -34.74
C CYS A 1501 6.84 29.73 -36.22
N ASN A 1502 6.33 30.62 -37.07
CA ASN A 1502 6.23 30.34 -38.50
C ASN A 1502 7.60 30.07 -39.11
N ASP A 1503 8.63 30.75 -38.62
CA ASP A 1503 9.98 30.59 -39.16
C ASP A 1503 10.68 29.34 -38.63
N SER A 1504 10.27 28.85 -37.46
CA SER A 1504 10.99 27.76 -36.80
C SER A 1504 11.05 26.51 -37.67
N SER A 1505 12.23 25.93 -37.78
CA SER A 1505 12.40 24.65 -38.45
C SER A 1505 11.62 23.58 -37.70
N PRO A 1506 10.68 22.89 -38.35
CA PRO A 1506 9.75 22.03 -37.61
C PRO A 1506 10.39 20.80 -36.97
N THR A 1507 11.49 20.30 -37.52
CA THR A 1507 12.20 19.17 -36.92
C THR A 1507 13.66 19.52 -36.77
N GLN A 1508 14.15 19.56 -35.53
CA GLN A 1508 15.51 19.93 -35.24
C GLN A 1508 16.25 18.76 -34.60
N ALA A 1509 17.56 18.72 -34.83
CA ALA A 1509 18.39 17.62 -34.34
C ALA A 1509 18.56 17.68 -32.83
N TRP A 1510 19.26 18.70 -32.34
CA TRP A 1510 19.54 18.73 -30.90
C TRP A 1510 18.30 19.07 -30.07
N SER A 1511 17.17 19.39 -30.70
CA SER A 1511 15.92 19.48 -29.96
C SER A 1511 15.39 18.11 -29.55
N THR A 1512 15.65 17.09 -30.36
CA THR A 1512 15.19 15.74 -30.08
C THR A 1512 16.23 14.90 -29.34
N GLY A 1513 17.50 15.06 -29.71
CA GLY A 1513 18.55 14.31 -29.03
C GLY A 1513 18.67 14.64 -27.56
N CYS A 1514 18.31 15.86 -27.16
CA CYS A 1514 18.34 16.23 -25.76
C CYS A 1514 17.23 15.54 -24.98
N LEU A 1515 16.12 15.21 -25.63
CA LEU A 1515 15.08 14.42 -24.97
C LEU A 1515 15.38 12.93 -25.01
N LEU A 1516 16.21 12.48 -25.96
CA LEU A 1516 16.68 11.10 -25.94
C LEU A 1516 17.75 10.88 -24.88
N ASP A 1517 18.48 11.94 -24.52
CA ASP A 1517 19.47 11.82 -23.45
C ASP A 1517 18.82 11.47 -22.12
N LEU A 1518 17.64 12.03 -21.86
CA LEU A 1518 16.95 11.75 -20.60
C LEU A 1518 16.53 10.28 -20.53
N PHE A 1519 16.02 9.72 -21.62
CA PHE A 1519 15.56 8.33 -21.61
C PHE A 1519 16.72 7.36 -21.43
N TYR A 1520 17.93 7.75 -21.84
CA TYR A 1520 19.08 6.88 -21.61
C TYR A 1520 19.48 6.87 -20.13
N ASP A 1521 19.32 7.99 -19.43
CA ASP A 1521 19.67 8.04 -18.01
C ASP A 1521 18.73 7.15 -17.19
N LEU A 1522 17.43 7.29 -17.40
CA LEU A 1522 16.46 6.47 -16.66
C LEU A 1522 16.54 5.00 -17.03
N TRP A 1523 17.18 4.67 -18.16
CA TRP A 1523 17.32 3.28 -18.58
C TRP A 1523 18.65 2.68 -18.12
N ILE A 1524 19.75 3.42 -18.27
CA ILE A 1524 21.07 2.88 -17.96
C ILE A 1524 21.36 2.85 -16.46
N SER A 1525 20.53 3.48 -15.63
CA SER A 1525 20.78 3.55 -14.20
C SER A 1525 19.78 2.77 -13.36
N TYR A 1526 18.63 2.37 -13.91
CA TYR A 1526 17.64 1.66 -13.12
C TYR A 1526 17.15 0.38 -13.79
N GLU A 1527 16.90 0.41 -15.10
CA GLU A 1527 16.30 -0.72 -15.81
C GLU A 1527 17.33 -1.83 -16.01
N GLU A 1528 17.74 -2.43 -14.89
CA GLU A 1528 18.71 -3.52 -14.92
C GLU A 1528 18.16 -4.77 -14.22
N ALA B 3 32.55 -16.96 13.77
CA ALA B 3 31.80 -18.20 13.85
C ALA B 3 30.33 -17.95 14.17
N HIS B 4 30.04 -17.77 15.47
CA HIS B 4 28.67 -17.58 15.96
C HIS B 4 28.64 -16.37 16.88
N ARG B 5 28.45 -15.18 16.28
CA ARG B 5 28.32 -13.96 17.07
C ARG B 5 26.89 -13.42 16.95
N THR B 6 25.90 -14.23 17.30
CA THR B 6 24.50 -13.91 17.12
C THR B 6 23.82 -13.78 18.48
N LEU B 7 23.06 -12.70 18.66
CA LEU B 7 22.28 -12.46 19.87
C LEU B 7 20.81 -12.41 19.51
N LEU B 8 19.99 -13.14 20.26
CA LEU B 8 18.55 -13.15 20.05
C LEU B 8 17.90 -12.03 20.85
N LEU B 9 17.05 -11.25 20.18
CA LEU B 9 16.30 -10.17 20.81
C LEU B 9 14.82 -10.43 20.55
N ARG B 10 14.13 -10.99 21.54
CA ARG B 10 12.71 -11.26 21.40
C ARG B 10 11.91 -9.97 21.53
N LEU B 11 10.92 -9.81 20.66
CA LEU B 11 10.03 -8.65 20.67
C LEU B 11 8.65 -9.07 21.15
N SER B 12 7.91 -8.09 21.66
CA SER B 12 6.60 -8.32 22.24
C SER B 12 5.52 -8.21 21.16
N ASP B 13 4.26 -8.37 21.58
CA ASP B 13 3.13 -8.22 20.67
C ASP B 13 2.98 -6.79 20.19
N SER B 14 3.55 -5.82 20.91
CA SER B 14 3.59 -4.42 20.49
C SER B 14 4.95 -4.02 19.93
N GLY B 15 5.83 -4.97 19.70
CA GLY B 15 7.13 -4.69 19.12
C GLY B 15 8.19 -4.23 20.11
N GLU B 16 7.92 -4.31 21.41
CA GLU B 16 8.93 -3.87 22.36
C GLU B 16 9.89 -5.00 22.71
N PRO B 17 11.15 -4.67 22.96
CA PRO B 17 12.11 -5.71 23.35
C PRO B 17 11.75 -6.32 24.70
N VAL B 18 11.97 -7.62 24.82
CA VAL B 18 11.65 -8.38 26.02
C VAL B 18 12.89 -8.46 26.90
N THR B 19 12.73 -8.17 28.19
CA THR B 19 13.82 -8.29 29.15
C THR B 19 13.88 -9.71 29.67
N SER B 20 15.00 -10.40 29.40
CA SER B 20 15.16 -11.77 29.86
C SER B 20 15.60 -11.84 31.32
N CYS B 21 16.30 -10.82 31.81
CA CYS B 21 16.69 -10.73 33.20
C CYS B 21 16.45 -9.31 33.70
N SER B 22 16.24 -9.19 35.01
CA SER B 22 15.94 -7.90 35.63
C SER B 22 17.23 -7.32 36.20
N TYR B 23 18.05 -6.77 35.32
CA TYR B 23 19.27 -6.08 35.70
C TYR B 23 19.03 -4.62 36.04
N GLY B 24 17.77 -4.19 36.08
CA GLY B 24 17.44 -2.81 36.39
C GLY B 24 17.24 -1.97 35.14
N GLN B 25 17.08 -0.67 35.36
CA GLN B 25 16.97 0.29 34.27
C GLN B 25 18.26 0.27 33.45
N GLY B 26 18.17 -0.23 32.22
CA GLY B 26 19.38 -0.43 31.44
C GLY B 26 19.30 -0.05 29.97
N VAL B 27 20.35 -0.43 29.24
CA VAL B 27 20.49 -0.12 27.82
C VAL B 27 20.93 -1.39 27.10
N LEU B 28 20.30 -1.67 25.96
CA LEU B 28 20.69 -2.82 25.15
C LEU B 28 22.13 -2.65 24.65
N THR B 29 23.10 -3.06 25.46
CA THR B 29 24.51 -2.94 25.14
C THR B 29 25.07 -4.29 24.75
N LEU B 30 25.87 -4.32 23.69
CA LEU B 30 26.45 -5.57 23.23
C LEU B 30 27.87 -5.73 23.76
N PRO B 31 28.27 -6.96 24.08
CA PRO B 31 29.56 -7.16 24.75
C PRO B 31 30.73 -6.76 23.87
N SER B 32 31.70 -6.07 24.47
CA SER B 32 32.91 -5.66 23.76
C SER B 32 33.83 -6.86 23.63
N LEU B 33 33.95 -7.38 22.40
CA LEU B 33 34.79 -8.53 22.12
C LEU B 33 35.72 -8.22 20.96
N PRO B 34 36.92 -8.83 20.94
CA PRO B 34 37.83 -8.61 19.82
C PRO B 34 37.36 -9.34 18.57
N LEU B 35 37.76 -8.81 17.42
CA LEU B 35 37.37 -9.39 16.14
C LEU B 35 37.96 -10.79 15.98
N PRO B 36 37.27 -11.68 15.28
CA PRO B 36 37.74 -13.07 15.19
C PRO B 36 39.02 -13.20 14.38
N GLN B 37 39.88 -14.13 14.83
CA GLN B 37 41.09 -14.53 14.11
C GLN B 37 41.90 -13.35 13.57
N GLY B 38 42.02 -12.31 14.38
CA GLY B 38 42.79 -11.13 13.98
C GLY B 38 42.37 -10.49 12.68
N LYS B 39 41.06 -10.40 12.43
CA LYS B 39 40.56 -9.81 11.20
C LYS B 39 40.25 -8.33 11.36
N LYS B 40 39.92 -7.69 10.25
CA LYS B 40 39.67 -6.26 10.22
C LYS B 40 38.17 -5.99 10.14
N LEU B 41 37.81 -4.73 10.37
CA LEU B 41 36.41 -4.32 10.27
C LEU B 41 35.93 -4.44 8.83
N GLY B 42 34.79 -5.10 8.65
CA GLY B 42 34.20 -5.31 7.35
C GLY B 42 34.36 -6.71 6.79
N ASP B 43 35.35 -7.47 7.29
CA ASP B 43 35.53 -8.84 6.82
C ASP B 43 34.32 -9.72 7.14
N MET B 44 33.57 -9.37 8.19
CA MET B 44 32.39 -10.10 8.58
C MET B 44 31.59 -9.22 9.54
N PRO B 45 30.30 -9.50 9.72
CA PRO B 45 29.50 -8.71 10.67
C PRO B 45 30.06 -8.82 12.08
N VAL B 46 30.17 -7.66 12.75
CA VAL B 46 30.63 -7.65 14.13
C VAL B 46 29.65 -8.40 15.02
N TYR B 47 28.35 -8.16 14.82
CA TYR B 47 27.32 -8.88 15.56
C TYR B 47 26.11 -9.09 14.65
N THR B 48 25.33 -10.11 14.98
CA THR B 48 24.10 -10.44 14.26
C THR B 48 22.95 -10.42 15.26
N VAL B 49 22.21 -9.32 15.28
CA VAL B 49 21.05 -9.19 16.16
C VAL B 49 19.87 -9.88 15.49
N LYS B 50 19.41 -10.99 16.05
CA LYS B 50 18.31 -11.77 15.49
C LYS B 50 17.03 -11.39 16.24
N LEU B 51 16.15 -10.67 15.57
CA LEU B 51 14.87 -10.27 16.16
C LEU B 51 13.84 -11.38 16.00
N ALA B 52 12.93 -11.46 16.96
CA ALA B 52 11.89 -12.48 16.97
C ALA B 52 10.54 -11.81 17.14
N ILE B 53 9.74 -11.80 16.07
CA ILE B 53 8.41 -11.21 16.08
C ILE B 53 7.40 -12.35 16.27
N PRO B 54 6.44 -12.22 17.20
CA PRO B 54 5.52 -13.34 17.45
C PRO B 54 4.57 -13.62 16.30
N ALA B 55 3.78 -14.69 16.45
CA ALA B 55 2.81 -15.10 15.44
C ALA B 55 1.42 -14.66 15.88
N GLY B 56 0.79 -13.82 15.06
CA GLY B 56 -0.49 -13.23 15.40
C GLY B 56 -0.40 -11.85 16.01
N SER B 57 0.80 -11.32 16.19
CA SER B 57 0.95 -9.98 16.74
C SER B 57 0.36 -8.96 15.76
N PRO B 58 -0.22 -7.87 16.27
CA PRO B 58 -0.73 -6.83 15.37
C PRO B 58 0.34 -6.22 14.49
N VAL B 59 1.62 -6.41 14.83
CA VAL B 59 2.70 -5.88 14.02
C VAL B 59 3.08 -6.78 12.86
N THR B 60 2.49 -7.98 12.78
CA THR B 60 2.74 -8.85 11.64
C THR B 60 1.85 -8.49 10.45
N ARG B 61 0.69 -7.91 10.71
CA ARG B 61 -0.25 -7.52 9.67
C ARG B 61 0.35 -6.38 8.85
N ASP B 62 0.91 -6.72 7.68
CA ASP B 62 1.60 -5.76 6.83
C ASP B 62 2.70 -5.03 7.61
N GLY B 63 3.50 -5.81 8.32
CA GLY B 63 4.53 -5.26 9.17
C GLY B 63 5.88 -5.15 8.49
N LEU B 64 6.62 -4.11 8.87
CA LEU B 64 7.97 -3.88 8.37
C LEU B 64 8.88 -3.56 9.55
N ILE B 65 10.16 -3.92 9.42
CA ILE B 65 11.16 -3.62 10.43
C ILE B 65 12.09 -2.57 9.85
N TRP B 66 12.02 -1.36 10.39
CA TRP B 66 12.92 -0.28 10.01
C TRP B 66 14.11 -0.25 10.94
N THR B 67 15.27 0.12 10.39
CA THR B 67 16.48 0.23 11.19
C THR B 67 17.50 1.05 10.42
N ASN B 68 18.25 1.88 11.16
CA ASN B 68 19.33 2.66 10.57
C ASN B 68 20.62 1.87 10.46
N CYS B 69 20.58 0.56 10.65
CA CYS B 69 21.75 -0.28 10.42
C CYS B 69 22.05 -0.35 8.94
N PRO B 70 23.23 0.06 8.49
CA PRO B 70 23.54 -0.01 7.07
C PRO B 70 23.48 -1.42 6.57
N PRO B 71 23.14 -1.63 5.29
CA PRO B 71 23.01 -3.01 4.78
C PRO B 71 24.34 -3.73 4.67
N ASP B 72 25.42 -3.01 4.33
CA ASP B 72 26.74 -3.61 4.21
C ASP B 72 27.77 -2.61 4.70
N PHE B 73 29.03 -3.07 4.77
CA PHE B 73 30.10 -2.22 5.30
C PHE B 73 30.43 -1.08 4.35
N SER B 74 30.19 -1.25 3.05
CA SER B 74 30.45 -0.17 2.10
C SER B 74 29.53 1.01 2.36
N THR B 75 28.31 0.76 2.81
CA THR B 75 27.37 1.84 3.09
C THR B 75 27.75 2.56 4.38
N GLN B 76 27.78 3.89 4.32
CA GLN B 76 28.01 4.67 5.53
C GLN B 76 26.76 4.63 6.40
N PHE B 77 26.91 5.12 7.64
CA PHE B 77 25.80 5.14 8.59
C PHE B 77 25.12 6.51 8.54
N ASP B 78 23.82 6.51 8.27
CA ASP B 78 22.99 7.69 8.35
C ASP B 78 22.01 7.51 9.51
N ARG B 79 21.91 8.54 10.36
CA ARG B 79 21.00 8.46 11.50
C ARG B 79 19.56 8.30 11.06
N GLU B 80 19.17 8.96 9.97
CA GLU B 80 17.77 9.07 9.58
C GLU B 80 17.44 8.36 8.28
N LYS B 81 18.38 7.58 7.72
CA LYS B 81 18.09 6.73 6.57
C LYS B 81 17.90 5.31 7.08
N PHE B 82 16.66 4.92 7.30
CA PHE B 82 16.32 3.57 7.69
C PHE B 82 16.23 2.67 6.47
N TYR B 83 16.05 1.37 6.72
CA TYR B 83 15.97 0.39 5.65
C TYR B 83 14.89 -0.63 5.97
N LYS B 84 14.15 -1.05 4.93
CA LYS B 84 12.98 -1.89 5.12
C LYS B 84 13.37 -3.36 5.26
N LYS B 85 12.61 -4.08 6.09
CA LYS B 85 12.72 -5.52 6.22
C LYS B 85 11.32 -6.07 6.44
N ILE B 86 10.94 -7.07 5.64
CA ILE B 86 9.58 -7.58 5.62
C ILE B 86 9.42 -8.65 6.70
N ILE B 87 8.36 -8.52 7.49
CA ILE B 87 7.99 -9.53 8.48
C ILE B 87 7.13 -10.57 7.79
N LYS B 88 7.53 -11.84 7.91
CA LYS B 88 6.81 -12.94 7.30
C LYS B 88 5.70 -13.39 8.25
N THR B 89 4.45 -13.10 7.88
CA THR B 89 3.32 -13.36 8.76
C THR B 89 2.96 -14.84 8.77
N SER B 90 2.61 -15.34 9.95
CA SER B 90 2.08 -16.69 10.11
C SER B 90 1.33 -16.74 11.43
N PHE B 91 0.31 -17.59 11.48
CA PHE B 91 -0.43 -17.82 12.72
C PHE B 91 0.12 -18.98 13.52
N HIS B 92 1.20 -19.60 13.06
CA HIS B 92 1.80 -20.74 13.73
C HIS B 92 3.28 -20.53 14.03
N GLU B 93 4.03 -19.93 13.11
CA GLU B 93 5.47 -19.82 13.20
C GLU B 93 5.88 -18.37 13.43
N ASP B 94 6.73 -18.14 14.42
CA ASP B 94 7.32 -16.83 14.60
C ASP B 94 8.41 -16.61 13.55
N ASP B 95 8.58 -15.35 13.16
CA ASP B 95 9.52 -14.99 12.10
C ASP B 95 10.74 -14.30 12.70
N HIS B 96 11.92 -14.70 12.23
CA HIS B 96 13.18 -14.11 12.66
C HIS B 96 13.77 -13.26 11.55
N ILE B 97 14.39 -12.15 11.93
CA ILE B 97 14.96 -11.20 10.98
C ILE B 97 16.33 -10.78 11.50
N ASP B 98 17.35 -10.91 10.65
CA ASP B 98 18.72 -10.59 11.02
C ASP B 98 19.04 -9.13 10.76
N LEU B 99 19.83 -8.55 11.66
CA LEU B 99 20.34 -7.18 11.52
C LEU B 99 21.86 -7.27 11.63
N ASP B 100 22.53 -7.48 10.48
CA ASP B 100 23.97 -7.57 10.48
C ASP B 100 24.60 -6.19 10.73
N ILE B 101 25.51 -6.13 11.68
CA ILE B 101 26.20 -4.89 12.06
C ILE B 101 27.68 -5.06 11.76
N TYR B 102 28.25 -4.11 11.03
CA TYR B 102 29.64 -4.20 10.60
C TYR B 102 30.56 -3.20 11.28
N VAL B 103 30.02 -2.19 11.96
CA VAL B 103 30.83 -1.15 12.60
C VAL B 103 30.11 -0.70 13.87
N PRO B 104 30.84 -0.43 14.96
CA PRO B 104 30.17 -0.02 16.20
C PRO B 104 29.45 1.31 16.09
N GLY B 105 28.75 1.71 17.16
CA GLY B 105 28.04 2.97 17.16
C GLY B 105 26.68 2.90 17.81
N THR B 106 25.73 3.66 17.28
CA THR B 106 24.37 3.70 17.81
C THR B 106 23.40 3.29 16.70
N TYR B 107 22.57 2.30 16.98
CA TYR B 107 21.61 1.80 16.01
C TYR B 107 20.25 1.65 16.67
N CYS B 108 19.20 2.02 15.94
CA CYS B 108 17.84 1.97 16.45
C CYS B 108 16.94 1.27 15.44
N PHE B 109 15.76 0.86 15.92
CA PHE B 109 14.79 0.18 15.07
C PHE B 109 13.40 0.47 15.58
N TYR B 110 12.45 0.60 14.65
CA TYR B 110 11.04 0.75 14.97
C TYR B 110 10.24 -0.07 13.97
N LEU B 111 8.94 -0.16 14.22
CA LEU B 111 8.04 -1.01 13.44
C LEU B 111 6.87 -0.21 12.90
N SER B 112 6.49 -0.49 11.66
CA SER B 112 5.31 0.08 11.03
C SER B 112 4.42 -1.07 10.57
N PHE B 113 3.13 -0.98 10.88
CA PHE B 113 2.19 -2.05 10.61
C PHE B 113 0.84 -1.46 10.22
N LYS B 114 -0.09 -2.34 9.85
CA LYS B 114 -1.43 -1.94 9.47
C LYS B 114 -2.32 -1.97 10.70
N ASN B 115 -2.84 -0.80 11.09
CA ASN B 115 -3.61 -0.67 12.31
C ASN B 115 -4.95 -1.41 12.18
N ASP B 116 -5.62 -1.59 13.32
CA ASP B 116 -6.96 -2.16 13.33
C ASP B 116 -7.98 -1.21 12.71
N LYS B 117 -7.66 0.07 12.62
CA LYS B 117 -8.43 1.01 11.81
C LYS B 117 -8.03 0.97 10.35
N ASP B 118 -7.25 -0.04 9.94
CA ASP B 118 -6.67 -0.17 8.61
C ASP B 118 -5.74 0.98 8.26
N GLU B 119 -5.35 1.79 9.24
CA GLU B 119 -4.41 2.87 9.04
C GLU B 119 -2.98 2.36 9.25
N LEU B 120 -2.03 3.29 9.20
CA LEU B 120 -0.63 2.99 9.50
C LEU B 120 -0.32 3.46 10.92
N GLU B 121 0.53 2.69 11.60
CA GLU B 121 0.90 3.01 12.97
C GLU B 121 2.38 2.70 13.16
N THR B 122 3.01 3.43 14.08
CA THR B 122 4.45 3.32 14.32
C THR B 122 4.72 3.12 15.80
N THR B 123 5.73 2.29 16.09
CA THR B 123 6.17 2.07 17.46
C THR B 123 7.26 3.09 17.81
N ARG B 124 7.75 3.01 19.06
CA ARG B 124 8.87 3.84 19.47
C ARG B 124 10.14 3.43 18.72
N LYS B 125 11.15 4.30 18.79
CA LYS B 125 12.49 3.93 18.37
C LYS B 125 13.19 3.23 19.53
N PHE B 126 13.73 2.04 19.27
CA PHE B 126 14.44 1.27 20.28
C PHE B 126 15.91 1.18 19.88
N TYR B 127 16.78 1.73 20.72
CA TYR B 127 18.20 1.86 20.43
C TYR B 127 19.00 0.74 21.08
N PHE B 128 20.07 0.33 20.41
CA PHE B 128 21.05 -0.57 20.98
C PHE B 128 22.44 -0.14 20.55
N VAL B 129 23.41 -0.26 21.44
CA VAL B 129 24.76 0.26 21.24
C VAL B 129 25.73 -0.90 21.09
N VAL B 130 26.70 -0.75 20.20
CA VAL B 130 27.81 -1.67 20.05
C VAL B 130 29.06 -0.97 20.51
N LEU B 131 29.68 -1.48 21.57
CA LEU B 131 30.83 -0.83 22.18
C LEU B 131 32.03 -0.87 21.24
N PRO B 132 32.89 0.15 21.30
CA PRO B 132 34.10 0.15 20.47
C PRO B 132 35.04 -0.96 20.89
N ILE B 133 35.97 -1.28 19.98
CA ILE B 133 36.96 -2.32 20.19
C ILE B 133 38.30 -1.63 20.39
N LEU B 134 38.74 -1.54 21.63
CA LEU B 134 39.94 -0.79 22.00
C LEU B 134 41.13 -1.75 22.06
N SER B 135 42.04 -1.62 21.10
CA SER B 135 43.32 -2.30 21.11
C SER B 135 44.43 -1.26 21.15
N VAL B 136 45.57 -1.64 21.72
CA VAL B 136 46.69 -0.71 21.90
C VAL B 136 47.71 -0.91 20.79
N ASN B 137 48.26 -2.11 20.68
CA ASN B 137 49.10 -2.46 19.54
C ASN B 137 48.40 -3.53 18.73
N ASP B 138 48.38 -4.76 19.25
CA ASP B 138 47.50 -5.79 18.76
C ASP B 138 46.87 -6.58 19.90
N LYS B 139 47.07 -6.16 21.15
CA LYS B 139 46.52 -6.82 22.32
C LYS B 139 45.21 -6.13 22.71
N PHE B 140 44.13 -6.90 22.80
CA PHE B 140 42.82 -6.33 23.08
C PHE B 140 42.73 -5.86 24.52
N ILE B 141 42.12 -4.68 24.70
CA ILE B 141 41.90 -4.09 26.01
C ILE B 141 40.40 -4.17 26.30
N PRO B 142 39.97 -5.02 27.22
CA PRO B 142 38.55 -5.04 27.60
C PRO B 142 38.10 -3.69 28.14
N LEU B 143 36.84 -3.36 27.90
CA LEU B 143 36.32 -2.06 28.32
C LEU B 143 36.31 -1.90 29.82
N ASN B 144 36.21 -3.02 30.57
CA ASN B 144 36.17 -2.98 32.02
C ASN B 144 37.52 -3.28 32.67
N SER B 145 38.61 -3.16 31.91
CA SER B 145 39.96 -3.25 32.45
C SER B 145 40.74 -1.97 32.13
N ILE B 146 40.03 -0.86 32.00
CA ILE B 146 40.62 0.40 31.57
C ILE B 146 41.06 1.19 32.80
N ALA B 147 42.30 1.68 32.77
CA ALA B 147 42.84 2.56 33.80
C ALA B 147 43.21 3.88 33.13
N MET B 148 42.47 4.93 33.46
CA MET B 148 42.61 6.23 32.81
C MET B 148 43.30 7.21 33.75
N GLN B 149 44.34 7.87 33.26
CA GLN B 149 45.08 8.86 34.03
C GLN B 149 44.81 10.24 33.41
N SER B 150 44.08 11.07 34.13
CA SER B 150 43.76 12.41 33.65
C SER B 150 44.90 13.36 33.98
N VAL B 151 45.40 14.04 32.95
CA VAL B 151 46.51 14.98 33.10
C VAL B 151 46.09 16.32 32.51
N VAL B 152 46.54 17.41 33.14
CA VAL B 152 46.27 18.76 32.68
C VAL B 152 47.55 19.29 32.05
N SER B 153 47.50 19.54 30.74
CA SER B 153 48.70 19.89 30.00
C SER B 153 49.24 21.28 30.36
N LYS B 154 48.42 22.14 30.98
CA LYS B 154 48.93 23.42 31.45
C LYS B 154 49.86 23.26 32.65
N TRP B 155 50.00 22.04 33.19
CA TRP B 155 50.89 21.76 34.31
C TRP B 155 51.85 20.61 33.99
N MET B 156 52.10 20.34 32.71
CA MET B 156 52.92 19.21 32.29
C MET B 156 54.30 19.62 31.79
N GLY B 157 54.65 20.90 31.89
CA GLY B 157 55.93 21.38 31.43
C GLY B 157 55.84 21.98 30.04
N PRO B 158 56.63 23.03 29.79
CA PRO B 158 56.50 23.77 28.53
C PRO B 158 56.91 23.00 27.29
N THR B 159 57.65 21.90 27.43
CA THR B 159 58.11 21.15 26.28
C THR B 159 57.30 19.87 26.09
N ILE B 160 57.26 19.38 24.84
CA ILE B 160 56.64 18.10 24.58
C ILE B 160 57.43 16.98 25.24
N LYS B 161 58.75 17.16 25.37
CA LYS B 161 59.55 16.18 26.12
C LYS B 161 59.29 16.29 27.61
N ASP B 162 58.97 17.49 28.11
CA ASP B 162 58.53 17.63 29.48
C ASP B 162 57.26 16.81 29.75
N TRP B 163 56.37 16.74 28.74
CA TRP B 163 55.21 15.87 28.85
C TRP B 163 55.62 14.41 28.90
N GLU B 164 56.60 14.02 28.07
CA GLU B 164 56.99 12.62 27.97
C GLU B 164 57.66 12.11 29.24
N LYS B 165 58.18 13.00 30.09
CA LYS B 165 58.60 12.58 31.43
C LYS B 165 57.40 12.11 32.23
N VAL B 166 56.35 12.92 32.27
CA VAL B 166 55.13 12.55 33.00
C VAL B 166 54.46 11.36 32.35
N PHE B 167 54.57 11.24 31.02
CA PHE B 167 53.99 10.08 30.32
C PHE B 167 54.54 8.78 30.88
N ALA B 168 55.86 8.70 31.07
CA ALA B 168 56.47 7.48 31.60
C ALA B 168 56.22 7.32 33.09
N ARG B 169 55.94 8.40 33.82
CA ARG B 169 55.63 8.27 35.24
C ARG B 169 54.30 7.55 35.45
N VAL B 170 53.31 7.84 34.61
CA VAL B 170 52.06 7.09 34.69
C VAL B 170 52.20 5.72 34.02
N ALA B 171 53.17 5.57 33.12
CA ALA B 171 53.44 4.25 32.56
C ALA B 171 54.06 3.33 33.60
N SER B 172 54.79 3.90 34.57
CA SER B 172 55.28 3.11 35.70
C SER B 172 54.14 2.70 36.62
N LYS B 173 53.11 3.56 36.75
CA LYS B 173 51.92 3.23 37.52
C LYS B 173 50.94 2.36 36.74
N LYS B 174 51.30 1.96 35.52
CA LYS B 174 50.60 0.93 34.75
C LYS B 174 49.18 1.34 34.36
N TYR B 175 48.99 2.62 34.05
CA TYR B 175 47.75 3.04 33.42
C TYR B 175 47.79 2.74 31.93
N ASN B 176 46.63 2.45 31.36
CA ASN B 176 46.53 2.12 29.94
C ASN B 176 45.88 3.22 29.10
N MET B 177 45.31 4.24 29.74
CA MET B 177 44.66 5.33 29.02
C MET B 177 44.99 6.64 29.71
N ILE B 178 45.05 7.71 28.93
CA ILE B 178 45.38 9.04 29.44
C ILE B 178 44.27 9.99 29.02
N HIS B 179 43.52 10.49 29.99
CA HIS B 179 42.56 11.57 29.76
C HIS B 179 43.32 12.88 29.62
N PHE B 180 43.05 13.60 28.53
CA PHE B 180 43.67 14.89 28.28
C PHE B 180 42.66 16.00 28.51
N THR B 181 43.03 16.98 29.34
CA THR B 181 42.33 18.24 29.31
C THR B 181 42.53 18.86 27.92
N PRO B 182 41.61 19.75 27.50
CA PRO B 182 41.67 20.27 26.12
C PRO B 182 43.05 20.71 25.66
N LEU B 183 43.67 19.89 24.81
CA LEU B 183 44.98 20.18 24.24
C LEU B 183 44.94 21.29 23.20
N GLN B 184 43.78 21.88 22.93
CA GLN B 184 43.66 22.95 21.96
C GLN B 184 44.08 24.28 22.59
N HIS B 185 44.25 25.29 21.73
CA HIS B 185 44.68 26.62 22.16
C HIS B 185 43.74 27.18 23.21
N ARG B 186 44.22 27.27 24.45
CA ARG B 186 43.40 27.69 25.57
C ARG B 186 43.12 29.19 25.49
N GLY B 187 42.25 29.66 26.38
CA GLY B 187 41.71 31.00 26.34
C GLY B 187 42.44 31.98 27.24
N GLU B 188 41.69 32.99 27.71
CA GLU B 188 42.28 34.07 28.48
C GLU B 188 42.80 33.58 29.83
N SER B 189 41.92 32.95 30.63
CA SER B 189 42.30 32.48 31.94
C SER B 189 43.21 31.26 31.91
N ASN B 190 43.62 30.81 30.71
CA ASN B 190 44.46 29.62 30.54
C ASN B 190 43.75 28.37 31.03
N SER B 191 42.52 28.50 31.51
CA SER B 191 41.68 27.36 31.83
C SER B 191 41.50 26.52 30.58
N PRO B 192 41.81 25.22 30.62
CA PRO B 192 41.74 24.42 29.39
C PRO B 192 40.36 24.39 28.76
N TYR B 193 39.31 24.59 29.55
CA TYR B 193 37.95 24.43 29.06
C TYR B 193 37.40 25.68 28.38
N SER B 194 38.04 26.84 28.56
CA SER B 194 37.72 28.02 27.76
C SER B 194 38.70 28.03 26.59
N ILE B 195 38.27 27.50 25.45
CA ILE B 195 39.14 27.28 24.31
C ILE B 195 39.04 28.45 23.34
N TYR B 196 40.19 28.91 22.85
CA TYR B 196 40.24 29.95 21.82
C TYR B 196 39.74 29.38 20.50
N ASP B 197 40.65 29.12 19.57
CA ASP B 197 40.31 28.42 18.34
C ASP B 197 40.21 26.93 18.65
N GLN B 198 38.98 26.41 18.65
CA GLN B 198 38.80 24.98 18.89
C GLN B 198 39.55 24.15 17.86
N LEU B 199 39.60 24.63 16.62
CA LEU B 199 40.22 23.91 15.51
C LEU B 199 41.73 24.05 15.47
N GLU B 200 42.34 24.70 16.45
CA GLU B 200 43.78 24.88 16.51
C GLU B 200 44.29 24.45 17.89
N PHE B 201 45.42 23.76 17.90
CA PHE B 201 45.98 23.24 19.14
C PHE B 201 46.84 24.31 19.82
N ASP B 202 47.41 23.95 20.96
CA ASP B 202 48.18 24.88 21.77
C ASP B 202 49.50 25.21 21.08
N PRO B 203 49.75 26.46 20.68
CA PRO B 203 51.06 26.81 20.12
C PRO B 203 52.18 26.76 21.15
N THR B 204 51.85 26.69 22.44
CA THR B 204 52.86 26.58 23.47
C THR B 204 53.70 25.32 23.27
N VAL B 205 53.08 24.22 22.84
CA VAL B 205 53.78 22.97 22.62
C VAL B 205 53.96 22.75 21.13
N PHE B 206 52.99 22.08 20.50
CA PHE B 206 53.09 21.76 19.08
C PHE B 206 52.65 22.96 18.24
N LYS B 207 52.59 22.76 16.93
CA LYS B 207 52.13 23.80 16.00
C LYS B 207 51.37 23.16 14.84
N SER B 208 51.69 21.90 14.54
CA SER B 208 51.04 21.16 13.47
C SER B 208 50.17 20.05 14.06
N GLU B 209 49.20 19.61 13.26
CA GLU B 209 48.33 18.52 13.71
C GLU B 209 49.06 17.18 13.70
N LYS B 210 50.05 17.03 12.82
CA LYS B 210 50.84 15.79 12.82
C LYS B 210 51.71 15.70 14.06
N GLU B 211 52.13 16.84 14.61
CA GLU B 211 52.96 16.84 15.82
C GLU B 211 52.23 16.16 16.98
N VAL B 212 51.01 16.64 17.29
CA VAL B 212 50.25 16.04 18.37
C VAL B 212 49.81 14.62 18.00
N ALA B 213 49.51 14.39 16.72
CA ALA B 213 49.14 13.03 16.29
C ALA B 213 50.30 12.07 16.45
N ASP B 214 51.52 12.51 16.15
CA ASP B 214 52.68 11.66 16.37
C ASP B 214 52.97 11.48 17.86
N MET B 215 52.63 12.47 18.68
CA MET B 215 52.81 12.33 20.12
C MET B 215 51.86 11.29 20.70
N VAL B 216 50.62 11.27 20.21
CA VAL B 216 49.64 10.31 20.70
C VAL B 216 49.95 8.92 20.16
N GLU B 217 50.36 8.83 18.90
CA GLU B 217 50.83 7.56 18.35
C GLU B 217 52.10 7.10 19.05
N ARG B 218 52.92 8.04 19.53
CA ARG B 218 54.10 7.67 20.29
C ARG B 218 53.70 7.02 21.62
N LEU B 219 52.72 7.60 22.32
CA LEU B 219 52.24 6.99 23.55
C LEU B 219 51.71 5.58 23.31
N ARG B 220 51.07 5.35 22.16
CA ARG B 220 50.55 4.03 21.87
C ARG B 220 51.66 3.00 21.67
N THR B 221 52.74 3.41 21.00
CA THR B 221 53.81 2.48 20.66
C THR B 221 54.92 2.41 21.71
N GLU B 222 55.03 3.43 22.58
CA GLU B 222 56.09 3.44 23.58
C GLU B 222 55.64 2.84 24.91
N HIS B 223 54.53 3.33 25.46
CA HIS B 223 54.11 2.96 26.81
C HIS B 223 52.81 2.14 26.82
N ASN B 224 52.31 1.76 25.65
CA ASN B 224 51.05 1.03 25.53
C ASN B 224 49.90 1.81 26.19
N ILE B 225 49.68 3.02 25.68
CA ILE B 225 48.71 3.95 26.27
C ILE B 225 47.85 4.53 25.15
N LEU B 226 46.54 4.33 25.26
CA LEU B 226 45.59 5.02 24.41
C LEU B 226 45.28 6.39 24.99
N SER B 227 44.80 7.30 24.14
CA SER B 227 44.58 8.68 24.55
C SER B 227 43.19 9.15 24.15
N LEU B 228 42.65 10.07 24.95
CA LEU B 228 41.38 10.72 24.66
C LEU B 228 41.37 12.08 25.34
N THR B 229 40.48 12.96 24.86
CA THR B 229 40.47 14.35 25.28
C THR B 229 39.09 14.74 25.81
N ASP B 230 39.07 15.88 26.49
CA ASP B 230 37.81 16.58 26.73
C ASP B 230 37.35 17.26 25.45
N ILE B 231 36.06 17.18 25.17
CA ILE B 231 35.45 17.90 24.06
C ILE B 231 34.43 18.85 24.65
N VAL B 232 34.58 20.13 24.32
CA VAL B 232 33.73 21.19 24.87
C VAL B 232 32.71 21.57 23.81
N PHE B 233 31.44 21.25 24.08
CA PHE B 233 30.35 21.57 23.15
C PHE B 233 29.57 22.81 23.55
N ASN B 234 29.52 23.14 24.83
CA ASN B 234 28.56 24.11 25.33
C ASN B 234 29.05 25.54 25.35
N HIS B 235 30.34 25.79 25.15
CA HIS B 235 30.85 27.15 25.27
C HIS B 235 32.21 27.26 24.60
N THR B 236 32.67 28.52 24.47
CA THR B 236 33.98 28.84 23.96
C THR B 236 34.47 30.11 24.64
N ALA B 237 35.75 30.43 24.43
CA ALA B 237 36.34 31.59 25.10
C ALA B 237 35.68 32.88 24.65
N ASN B 238 35.66 33.86 25.55
CA ASN B 238 34.99 35.13 25.34
C ASN B 238 35.80 36.11 24.48
N ASN B 239 36.83 35.65 23.80
CA ASN B 239 37.70 36.52 23.01
C ASN B 239 38.21 35.76 21.79
N SER B 240 37.28 35.30 20.94
CA SER B 240 37.62 34.59 19.72
C SER B 240 37.48 35.54 18.53
N GLN B 241 38.51 35.56 17.67
CA GLN B 241 38.47 36.39 16.48
C GLN B 241 37.42 35.92 15.48
N TRP B 242 36.90 34.70 15.63
CA TRP B 242 35.75 34.26 14.86
C TRP B 242 34.43 34.61 15.52
N LEU B 243 34.43 34.86 16.82
CA LEU B 243 33.23 35.38 17.48
C LEU B 243 32.91 36.80 17.06
N LEU B 244 33.88 37.52 16.47
CA LEU B 244 33.62 38.83 15.92
C LEU B 244 33.02 38.77 14.52
N ASP B 245 33.35 37.71 13.77
CA ASP B 245 32.78 37.54 12.43
C ASP B 245 31.39 36.91 12.50
N HIS B 246 31.20 35.93 13.39
CA HIS B 246 29.95 35.20 13.51
C HIS B 246 29.43 35.34 14.94
N PRO B 247 28.81 36.47 15.28
CA PRO B 247 28.22 36.62 16.62
C PRO B 247 26.93 35.86 16.80
N GLU B 248 26.35 35.32 15.72
CA GLU B 248 25.11 34.56 15.83
C GLU B 248 25.31 33.15 16.34
N ALA B 249 26.56 32.70 16.49
CA ALA B 249 26.82 31.37 17.05
C ALA B 249 26.34 31.27 18.49
N GLY B 250 26.26 32.40 19.21
CA GLY B 250 25.69 32.43 20.53
C GLY B 250 24.34 33.14 20.54
N TYR B 251 23.64 33.01 21.66
CA TYR B 251 22.32 33.61 21.80
C TYR B 251 22.43 35.12 21.94
N ASN B 252 22.44 35.83 20.82
CA ASN B 252 22.43 37.28 20.86
C ASN B 252 20.99 37.78 20.92
N HIS B 253 20.83 39.11 20.99
CA HIS B 253 19.50 39.69 21.14
C HIS B 253 18.59 39.34 19.97
N LYS B 254 19.14 39.21 18.77
CA LYS B 254 18.34 38.81 17.62
C LYS B 254 17.96 37.33 17.70
N THR B 255 18.94 36.46 17.95
CA THR B 255 18.69 35.04 18.06
C THR B 255 18.08 34.64 19.39
N SER B 256 18.03 35.55 20.36
CA SER B 256 17.39 35.29 21.65
C SER B 256 16.76 36.57 22.16
N PRO B 257 15.61 36.96 21.60
CA PRO B 257 14.93 38.16 22.10
C PRO B 257 14.46 38.01 23.54
N HIS B 258 14.19 36.78 23.97
CA HIS B 258 13.70 36.56 25.33
C HIS B 258 14.72 37.00 26.39
N LEU B 259 16.00 37.00 26.05
CA LEU B 259 17.04 37.37 27.01
C LEU B 259 17.43 38.83 26.92
N ILE B 260 16.78 39.63 26.07
CA ILE B 260 17.07 41.07 26.02
C ILE B 260 16.77 41.70 27.38
N SER B 261 15.76 41.20 28.08
CA SER B 261 15.46 41.69 29.42
C SER B 261 16.63 41.46 30.37
N ALA B 262 17.29 40.31 30.26
CA ALA B 262 18.41 40.01 31.15
C ALA B 262 19.66 40.82 30.78
N ILE B 263 19.77 41.24 29.52
CA ILE B 263 20.92 42.04 29.10
C ILE B 263 20.96 43.35 29.86
N GLU B 264 19.82 44.05 29.91
CA GLU B 264 19.75 45.33 30.58
C GLU B 264 19.95 45.20 32.09
N LEU B 265 19.58 44.05 32.66
CA LEU B 265 19.84 43.80 34.07
C LEU B 265 21.34 43.78 34.34
N ASP B 266 22.07 42.95 33.60
CA ASP B 266 23.52 42.91 33.74
C ASP B 266 24.16 44.24 33.32
N LYS B 267 23.56 44.91 32.34
CA LYS B 267 24.07 46.22 31.92
C LYS B 267 23.98 47.24 33.04
N LYS B 268 22.87 47.24 33.78
CA LYS B 268 22.68 48.23 34.84
C LYS B 268 23.67 48.05 35.98
N LEU B 269 24.19 46.85 36.18
CA LEU B 269 25.19 46.63 37.21
C LEU B 269 26.58 47.04 36.77
N LEU B 270 26.83 47.13 35.46
CA LEU B 270 28.03 47.83 34.99
C LEU B 270 27.93 49.31 35.31
N ASP B 271 26.76 49.91 35.09
CA ASP B 271 26.54 51.30 35.50
C ASP B 271 26.54 51.44 37.01
N PHE B 272 26.01 50.44 37.72
CA PHE B 272 25.90 50.53 39.18
C PHE B 272 27.26 50.41 39.85
N SER B 273 28.02 49.36 39.52
CA SER B 273 29.29 49.13 40.18
C SER B 273 30.38 50.09 39.70
N GLU B 274 30.17 50.75 38.56
CA GLU B 274 31.15 51.74 38.10
C GLU B 274 31.20 52.92 39.06
N GLN B 275 30.04 53.42 39.49
CA GLN B 275 29.94 54.50 40.45
C GLN B 275 29.71 53.98 41.87
N MET B 276 30.22 52.79 42.18
CA MET B 276 29.92 52.18 43.47
C MET B 276 30.39 53.04 44.63
N GLU B 277 31.51 53.74 44.46
CA GLU B 277 31.98 54.65 45.50
C GLU B 277 31.05 55.85 45.65
N ALA B 278 30.38 56.26 44.57
CA ALA B 278 29.49 57.42 44.60
C ALA B 278 28.21 57.11 45.37
N LEU B 279 27.38 56.23 44.83
CA LEU B 279 26.15 55.82 45.50
C LEU B 279 26.48 55.20 46.85
N GLY B 280 26.31 55.96 47.92
CA GLY B 280 26.79 55.53 49.21
C GLY B 280 28.31 55.43 49.21
N TYR B 281 28.82 54.20 49.19
CA TYR B 281 30.24 53.89 49.15
C TYR B 281 30.50 52.38 49.11
N PRO B 282 29.95 51.58 50.08
CA PRO B 282 30.33 50.16 50.23
C PRO B 282 30.95 49.44 49.04
N VAL B 283 32.26 49.20 49.12
CA VAL B 283 32.95 48.33 48.19
C VAL B 283 33.11 46.97 48.84
N ASP B 284 34.34 46.52 49.03
CA ASP B 284 34.60 45.33 49.84
C ASP B 284 34.27 45.65 51.29
N LEU B 285 33.08 45.25 51.72
CA LEU B 285 32.61 45.54 53.08
C LEU B 285 31.97 44.30 53.70
N LYS B 286 32.39 43.99 54.92
CA LYS B 286 31.82 42.88 55.67
C LYS B 286 30.94 43.40 56.80
N THR B 287 29.93 44.18 56.41
CA THR B 287 29.02 44.83 57.35
C THR B 287 27.61 44.34 57.11
N VAL B 288 26.92 44.01 58.21
CA VAL B 288 25.56 43.46 58.10
C VAL B 288 24.61 44.51 57.52
N ASP B 289 24.61 45.71 58.10
CA ASP B 289 23.69 46.75 57.66
C ASP B 289 24.12 47.43 56.38
N ASP B 290 25.40 47.36 56.01
CA ASP B 290 25.79 47.89 54.71
C ASP B 290 25.20 47.06 53.58
N LEU B 291 24.94 45.78 53.82
CA LEU B 291 24.23 44.96 52.85
C LEU B 291 22.80 45.45 52.66
N ILE B 292 22.15 45.84 53.76
CA ILE B 292 20.78 46.34 53.67
C ILE B 292 20.74 47.69 52.97
N LYS B 293 21.74 48.54 53.24
CA LYS B 293 21.81 49.82 52.55
C LYS B 293 22.27 49.64 51.10
N VAL B 294 23.05 48.60 50.81
CA VAL B 294 23.35 48.27 49.43
C VAL B 294 22.07 47.90 48.68
N MET B 295 21.19 47.14 49.35
CA MET B 295 19.88 46.86 48.78
C MET B 295 19.05 48.13 48.67
N ASP B 296 19.15 49.01 49.68
CA ASP B 296 18.45 50.29 49.61
C ASP B 296 18.89 51.09 48.40
N GLY B 297 20.17 51.02 48.05
CA GLY B 297 20.60 51.58 46.78
C GLY B 297 19.99 50.85 45.60
N ILE B 298 20.09 49.51 45.62
CA ILE B 298 19.48 48.67 44.59
C ILE B 298 17.99 48.97 44.43
N LYS B 299 17.32 49.31 45.54
CA LYS B 299 15.91 49.68 45.47
C LYS B 299 15.67 50.79 44.47
N GLU B 300 16.60 51.74 44.37
CA GLU B 300 16.51 52.82 43.39
C GLU B 300 17.65 52.79 42.38
N HIS B 301 18.32 51.63 42.22
CA HIS B 301 19.40 51.51 41.26
C HIS B 301 19.24 50.29 40.34
N VAL B 302 18.15 49.54 40.45
CA VAL B 302 17.76 48.57 39.44
C VAL B 302 16.24 48.53 39.37
N ILE B 303 15.61 48.37 40.54
CA ILE B 303 14.16 48.53 40.61
C ILE B 303 13.78 49.99 40.36
N GLY B 304 14.60 50.93 40.81
CA GLY B 304 14.40 52.33 40.55
C GLY B 304 15.30 52.94 39.51
N GLU B 305 16.08 52.14 38.77
CA GLU B 305 16.85 52.62 37.63
C GLU B 305 16.49 51.88 36.35
N LEU B 306 15.43 51.07 36.37
CA LEU B 306 14.96 50.38 35.17
C LEU B 306 13.44 50.43 35.08
N LYS B 307 12.83 51.47 35.67
CA LYS B 307 11.41 51.77 35.50
C LYS B 307 10.50 50.64 36.00
N LEU B 308 10.92 49.95 37.07
CA LEU B 308 10.16 48.86 37.68
C LEU B 308 9.84 47.75 36.68
N TRP B 309 10.62 47.64 35.60
CA TRP B 309 10.49 46.61 34.58
C TRP B 309 9.04 46.34 34.18
N GLU B 310 8.41 47.27 33.47
CA GLU B 310 7.07 47.04 32.96
C GLU B 310 7.14 46.24 31.67
N PHE B 311 7.84 45.11 31.71
CA PHE B 311 8.07 44.29 30.52
C PHE B 311 6.76 43.64 30.06
N TYR B 312 6.37 42.54 30.72
CA TYR B 312 5.15 41.86 30.35
C TYR B 312 3.91 42.70 30.67
N VAL B 313 3.97 43.51 31.72
CA VAL B 313 2.90 44.43 32.05
C VAL B 313 2.70 45.38 30.88
N VAL B 314 1.63 45.19 30.12
CA VAL B 314 1.30 46.11 29.03
C VAL B 314 1.15 47.49 29.64
N ASP B 315 2.09 48.39 29.30
CA ASP B 315 2.10 49.74 29.85
C ASP B 315 0.72 50.38 29.69
N VAL B 316 -0.04 50.42 30.77
CA VAL B 316 -1.42 50.91 30.73
C VAL B 316 -1.50 52.28 30.10
N LYS B 317 -0.48 53.13 30.33
CA LYS B 317 -0.44 54.42 29.66
C LYS B 317 -0.32 54.24 28.16
N GLN B 318 0.62 53.41 27.71
CA GLN B 318 0.76 53.16 26.28
C GLN B 318 -0.50 52.51 25.71
N THR B 319 -1.07 51.55 26.45
CA THR B 319 -2.28 50.89 25.97
C THR B 319 -3.45 51.86 25.89
N VAL B 320 -3.65 52.67 26.93
CA VAL B 320 -4.75 53.63 26.95
C VAL B 320 -4.54 54.70 25.87
N SER B 321 -3.33 55.26 25.81
CA SER B 321 -3.06 56.29 24.81
C SER B 321 -3.14 55.72 23.39
N GLU B 322 -2.56 54.55 23.17
CA GLU B 322 -2.70 53.86 21.88
C GLU B 322 -3.91 52.94 21.85
N LEU B 323 -5.04 53.42 22.34
CA LEU B 323 -6.33 52.74 22.21
C LEU B 323 -7.34 53.62 21.50
N ARG B 324 -7.11 54.93 21.52
CA ARG B 324 -7.99 55.92 20.93
C ARG B 324 -7.43 56.46 19.63
N GLU B 325 -6.46 55.76 19.04
CA GLU B 325 -5.82 56.24 17.82
C GLU B 325 -6.82 56.27 16.66
N LYS B 326 -7.75 55.34 16.65
CA LYS B 326 -8.90 55.39 15.75
C LYS B 326 -10.22 55.18 16.49
N TRP B 327 -10.27 54.22 17.40
CA TRP B 327 -11.46 53.96 18.22
C TRP B 327 -12.70 53.88 17.35
N GLY B 328 -12.65 53.02 16.33
CA GLY B 328 -13.75 52.88 15.41
C GLY B 328 -13.33 52.88 13.96
N ASN B 329 -12.09 52.49 13.68
CA ASN B 329 -11.67 52.27 12.30
C ASN B 329 -12.59 51.26 11.62
N SER B 330 -12.87 50.15 12.30
CA SER B 330 -13.88 49.19 11.90
C SER B 330 -14.28 48.37 13.11
N LYS B 331 -14.90 49.04 14.09
CA LYS B 331 -15.14 48.45 15.40
C LYS B 331 -16.51 47.80 15.50
N SER B 332 -17.19 48.02 16.63
CA SER B 332 -18.50 47.40 16.93
C SER B 332 -18.39 45.88 16.93
N TRP B 333 -18.14 45.30 18.10
CA TRP B 333 -18.03 43.86 18.20
C TRP B 333 -19.40 43.21 18.33
N SER B 334 -19.45 41.92 18.01
CA SER B 334 -20.67 41.15 18.16
C SER B 334 -20.41 39.70 18.58
N ASP B 335 -19.15 39.31 18.81
CA ASP B 335 -18.84 37.94 19.19
C ASP B 335 -19.42 37.64 20.57
N ASP B 336 -20.48 36.85 20.61
CA ASP B 336 -21.21 36.57 21.84
C ASP B 336 -20.42 35.64 22.76
N ASN B 337 -19.33 36.15 23.33
CA ASN B 337 -18.55 35.40 24.31
C ASN B 337 -18.06 36.27 25.45
N ILE B 338 -18.42 37.55 25.48
CA ILE B 338 -17.94 38.47 26.51
C ILE B 338 -18.68 38.17 27.82
N PRO B 339 -17.98 38.09 28.95
CA PRO B 339 -18.67 37.93 30.23
C PRO B 339 -19.30 39.25 30.67
N SER B 340 -20.12 39.16 31.72
CA SER B 340 -20.69 40.36 32.30
C SER B 340 -19.62 41.16 33.03
N LYS B 341 -19.91 42.44 33.25
CA LYS B 341 -19.00 43.30 34.01
C LYS B 341 -18.81 42.80 35.42
N ASP B 342 -19.78 42.04 35.95
CA ASP B 342 -19.64 41.48 37.29
C ASP B 342 -18.62 40.35 37.32
N ASP B 343 -18.52 39.57 36.24
CA ASP B 343 -17.56 38.49 36.15
C ASP B 343 -16.22 39.02 35.59
N SER B 344 -15.61 39.90 36.38
CA SER B 344 -14.36 40.53 35.95
C SER B 344 -13.23 39.52 35.81
N THR B 345 -13.30 38.41 36.55
CA THR B 345 -12.31 37.35 36.40
C THR B 345 -12.33 36.77 34.99
N ASN B 346 -13.51 36.34 34.53
CA ASN B 346 -13.64 35.80 33.18
C ASN B 346 -13.41 36.86 32.12
N LEU B 347 -13.59 38.15 32.45
CA LEU B 347 -13.38 39.22 31.48
C LEU B 347 -11.93 39.25 31.01
N ALA B 348 -10.99 39.40 31.95
CA ALA B 348 -9.58 39.43 31.59
C ALA B 348 -9.14 38.12 30.97
N GLN B 349 -9.70 36.99 31.43
CA GLN B 349 -9.38 35.70 30.84
C GLN B 349 -9.87 35.63 29.40
N PHE B 350 -11.11 36.05 29.16
CA PHE B 350 -11.65 36.03 27.80
C PHE B 350 -10.89 36.97 26.87
N VAL B 351 -10.34 38.07 27.39
CA VAL B 351 -9.58 38.99 26.57
C VAL B 351 -8.27 38.35 26.11
N ARG B 352 -7.62 37.60 26.99
CA ARG B 352 -6.32 37.01 26.68
C ARG B 352 -6.43 36.02 25.52
N ASP B 353 -7.41 35.11 25.59
CA ASP B 353 -7.55 34.10 24.54
C ASP B 353 -8.09 34.71 23.25
N ASN B 354 -8.89 35.76 23.34
CA ASN B 354 -9.54 36.32 22.16
C ASN B 354 -8.63 37.31 21.44
N ALA B 355 -8.09 38.29 22.18
CA ALA B 355 -7.37 39.41 21.59
C ALA B 355 -6.01 39.55 22.26
N THR B 356 -4.97 39.06 21.59
CA THR B 356 -3.59 39.23 22.03
C THR B 356 -2.69 39.24 20.80
N GLU B 357 -1.73 40.16 20.79
CA GLU B 357 -0.77 40.19 19.70
C GLU B 357 0.20 39.01 19.85
N PRO B 358 0.62 38.39 18.73
CA PRO B 358 1.49 37.20 18.81
C PRO B 358 2.73 37.42 19.65
N GLY B 359 2.80 36.75 20.79
CA GLY B 359 3.94 36.89 21.68
C GLY B 359 3.54 37.36 23.07
N PHE B 360 2.31 37.06 23.48
CA PHE B 360 1.85 37.46 24.79
C PHE B 360 2.31 36.45 25.84
N GLY B 361 2.40 36.91 27.09
CA GLY B 361 2.94 36.09 28.15
C GLY B 361 4.37 35.68 27.94
N SER B 362 5.12 36.45 27.15
CA SER B 362 6.51 36.13 26.82
C SER B 362 7.37 37.36 27.08
N LEU B 363 8.66 37.23 26.75
CA LEU B 363 9.62 38.29 26.90
C LEU B 363 9.97 38.86 25.52
N GLY B 364 11.09 39.59 25.45
CA GLY B 364 11.50 40.22 24.20
C GLY B 364 12.05 41.60 24.44
N GLU B 365 11.40 42.61 23.88
CA GLU B 365 11.71 44.01 24.20
C GLU B 365 10.79 44.49 25.32
N ARG B 366 11.07 45.70 25.80
CA ARG B 366 10.18 46.31 26.80
C ARG B 366 8.76 46.40 26.26
N GLY B 367 8.61 46.70 24.98
CA GLY B 367 7.32 46.62 24.32
C GLY B 367 7.12 45.26 23.69
N SER B 368 6.80 44.26 24.52
CA SER B 368 6.64 42.89 24.05
C SER B 368 5.16 42.52 23.98
N ASN B 369 4.57 42.15 25.11
CA ASN B 369 3.16 41.80 25.16
C ASN B 369 2.31 42.98 24.70
N LYS B 370 1.50 42.77 23.67
CA LYS B 370 0.70 43.83 23.09
C LYS B 370 -0.67 43.30 22.73
N ILE B 371 -1.57 44.22 22.40
CA ILE B 371 -2.96 43.90 22.10
C ILE B 371 -3.33 44.48 20.74
N ASN B 372 -4.35 43.91 20.12
CA ASN B 372 -4.87 44.39 18.85
C ASN B 372 -6.02 45.37 19.09
N ILE B 373 -6.24 46.25 18.11
CA ILE B 373 -7.21 47.32 18.26
C ILE B 373 -8.51 47.03 17.51
N ASP B 374 -8.46 46.24 16.41
CA ASP B 374 -9.71 45.78 15.79
C ASP B 374 -10.38 44.66 16.60
N LYS B 375 -9.93 44.51 17.85
CA LYS B 375 -10.47 43.50 18.76
C LYS B 375 -10.79 44.12 20.12
N PHE B 376 -9.75 44.56 20.84
CA PHE B 376 -9.94 45.04 22.21
C PHE B 376 -10.76 46.32 22.23
N ALA B 377 -10.42 47.28 21.37
CA ALA B 377 -11.22 48.50 21.29
C ALA B 377 -12.64 48.20 20.86
N ALA B 378 -12.82 47.23 19.95
CA ALA B 378 -14.16 46.84 19.53
C ALA B 378 -14.89 46.09 20.63
N ILE B 379 -14.16 45.36 21.48
CA ILE B 379 -14.78 44.72 22.64
C ILE B 379 -15.44 45.77 23.53
N LEU B 380 -14.73 46.87 23.80
CA LEU B 380 -15.23 47.89 24.70
C LEU B 380 -16.47 48.58 24.14
N LYS B 381 -16.64 48.57 22.81
CA LYS B 381 -17.87 49.08 22.22
C LYS B 381 -19.06 48.21 22.59
N LYS B 382 -18.94 46.89 22.38
CA LYS B 382 -19.98 45.96 22.78
C LYS B 382 -20.07 45.82 24.29
N LEU B 383 -19.05 46.25 25.03
CA LEU B 383 -19.02 46.07 26.47
C LEU B 383 -19.80 47.16 27.20
N HIS B 384 -19.43 48.42 26.97
CA HIS B 384 -20.02 49.52 27.72
C HIS B 384 -20.61 50.60 26.82
N SER B 385 -19.76 51.38 26.15
CA SER B 385 -20.21 52.52 25.37
C SER B 385 -19.44 52.60 24.06
N GLU B 386 -20.04 53.31 23.10
CA GLU B 386 -19.38 53.64 21.84
C GLU B 386 -18.45 54.84 21.97
N ASP B 387 -18.43 55.49 23.12
CA ASP B 387 -17.59 56.65 23.37
C ASP B 387 -16.49 56.29 24.36
N TYR B 388 -15.27 56.73 24.07
CA TYR B 388 -14.10 56.30 24.82
C TYR B 388 -14.02 56.96 26.19
N ASN B 389 -14.12 58.29 26.24
CA ASN B 389 -14.03 58.99 27.51
C ASN B 389 -15.17 58.61 28.45
N ASN B 390 -16.30 58.16 27.90
CA ASN B 390 -17.43 57.75 28.70
C ASN B 390 -17.13 56.38 29.31
N GLY B 391 -16.48 56.40 30.47
CA GLY B 391 -16.11 55.17 31.16
C GLY B 391 -15.03 54.30 30.56
N ILE B 392 -15.11 54.04 29.25
CA ILE B 392 -14.20 53.10 28.58
C ILE B 392 -12.75 53.39 28.92
N GLU B 393 -12.40 54.68 29.08
CA GLU B 393 -11.03 55.04 29.45
C GLU B 393 -10.62 54.37 30.76
N GLU B 394 -11.32 54.70 31.85
CA GLU B 394 -11.01 54.08 33.13
C GLU B 394 -11.51 52.64 33.21
N LEU B 395 -12.59 52.31 32.49
CA LEU B 395 -13.11 50.96 32.53
C LEU B 395 -12.12 49.97 31.94
N ALA B 396 -11.51 50.31 30.80
CA ALA B 396 -10.49 49.43 30.22
C ALA B 396 -9.26 49.36 31.12
N THR B 397 -8.85 50.50 31.69
CA THR B 397 -7.71 50.51 32.60
C THR B 397 -7.90 49.54 33.76
N LYS B 398 -9.15 49.32 34.17
CA LYS B 398 -9.44 48.33 35.19
C LYS B 398 -9.07 46.94 34.70
N ILE B 399 -9.66 46.49 33.59
CA ILE B 399 -9.34 45.19 33.04
C ILE B 399 -7.91 45.16 32.51
N LEU B 400 -7.37 46.30 32.09
CA LEU B 400 -5.97 46.34 31.66
C LEU B 400 -5.04 46.01 32.83
N ASN B 401 -5.17 46.74 33.93
CA ASN B 401 -4.37 46.44 35.10
C ASN B 401 -4.78 45.12 35.74
N ASP B 402 -6.03 44.69 35.54
CA ASP B 402 -6.45 43.39 36.03
C ASP B 402 -5.80 42.26 35.22
N ILE B 403 -5.66 42.47 33.91
CA ILE B 403 -4.89 41.51 33.11
C ILE B 403 -3.41 41.60 33.43
N ASN B 404 -2.97 42.72 33.99
CA ASN B 404 -1.60 42.89 34.46
C ASN B 404 -1.43 42.53 35.93
N LEU B 405 -2.53 42.28 36.65
CA LEU B 405 -2.41 41.78 38.02
C LEU B 405 -1.65 40.47 38.09
N PRO B 406 -1.90 39.47 37.22
CA PRO B 406 -1.01 38.30 37.20
C PRO B 406 0.38 38.60 36.71
N PHE B 407 0.57 39.69 35.96
CA PHE B 407 1.92 40.09 35.54
C PHE B 407 2.62 40.86 36.65
N TYR B 408 1.88 41.71 37.38
CA TYR B 408 2.48 42.42 38.51
C TYR B 408 2.91 41.44 39.60
N LYS B 409 2.14 40.38 39.83
CA LYS B 409 2.52 39.37 40.80
C LYS B 409 3.59 38.44 40.24
N GLU B 410 3.59 38.22 38.93
CA GLU B 410 4.73 37.55 38.30
C GLU B 410 6.00 38.38 38.43
N TYR B 411 5.86 39.71 38.44
CA TYR B 411 6.98 40.60 38.62
C TYR B 411 7.49 40.60 40.06
N ASP B 412 6.58 40.62 41.03
CA ASP B 412 6.98 40.58 42.43
C ASP B 412 7.65 39.25 42.79
N ASP B 413 7.24 38.16 42.15
CA ASP B 413 7.90 36.88 42.38
C ASP B 413 9.24 36.80 41.67
N ASP B 414 9.41 37.56 40.59
CA ASP B 414 10.69 37.56 39.87
C ASP B 414 11.71 38.46 40.56
N ILE B 415 11.31 39.69 40.89
CA ILE B 415 12.25 40.65 41.47
C ILE B 415 12.78 40.15 42.81
N ASN B 416 11.90 39.59 43.65
CA ASN B 416 12.34 39.11 44.95
C ASN B 416 13.42 38.05 44.84
N GLU B 417 13.38 37.24 43.78
CA GLU B 417 14.42 36.24 43.57
C GLU B 417 15.69 36.81 42.96
N VAL B 418 15.60 37.95 42.27
CA VAL B 418 16.79 38.55 41.68
C VAL B 418 17.74 39.05 42.77
N LEU B 419 17.21 39.80 43.74
CA LEU B 419 18.04 40.36 44.79
C LEU B 419 18.27 39.40 45.95
N GLU B 420 17.37 38.42 46.16
CA GLU B 420 17.65 37.40 47.16
C GLU B 420 18.83 36.54 46.75
N GLN B 421 18.92 36.19 45.47
CA GLN B 421 20.10 35.51 44.97
C GLN B 421 21.34 36.39 45.01
N LEU B 422 21.16 37.72 45.02
CA LEU B 422 22.30 38.63 45.01
C LEU B 422 22.97 38.73 46.37
N PHE B 423 22.21 39.05 47.43
CA PHE B 423 22.80 39.16 48.75
C PHE B 423 23.12 37.81 49.37
N ASN B 424 22.78 36.71 48.70
CA ASN B 424 23.21 35.39 49.14
C ASN B 424 24.54 34.98 48.51
N ARG B 425 24.82 35.41 47.28
CA ARG B 425 26.12 35.16 46.69
C ARG B 425 27.14 36.23 47.08
N ILE B 426 26.68 37.47 47.29
CA ILE B 426 27.56 38.52 47.78
C ILE B 426 28.08 38.18 49.17
N LYS B 427 27.37 37.32 49.90
CA LYS B 427 27.85 36.76 51.15
C LYS B 427 29.26 36.20 50.99
N TYR B 428 29.40 35.13 50.21
CA TYR B 428 30.71 34.51 50.01
C TYR B 428 31.72 35.48 49.41
N LEU B 429 31.25 36.52 48.73
CA LEU B 429 32.17 37.53 48.20
C LEU B 429 32.74 38.40 49.32
N ARG B 430 31.93 38.70 50.33
CA ARG B 430 32.35 39.57 51.43
C ARG B 430 32.26 38.85 52.77
N ILE B 431 31.05 38.58 53.28
CA ILE B 431 30.85 37.85 54.53
C ILE B 431 31.03 36.37 54.25
N ASP B 432 32.25 35.98 53.87
CA ASP B 432 32.47 34.63 53.34
C ASP B 432 32.18 33.56 54.39
N ASP B 433 31.65 32.43 53.93
CA ASP B 433 31.42 31.31 54.82
C ASP B 433 32.70 30.51 55.07
N HIS B 434 33.60 30.48 54.09
CA HIS B 434 34.83 29.70 54.21
C HIS B 434 35.86 30.12 53.17
N GLY B 435 35.64 31.24 52.49
CA GLY B 435 36.53 31.70 51.46
C GLY B 435 36.86 33.17 51.57
N PRO B 436 37.81 33.51 52.45
CA PRO B 436 38.13 34.93 52.69
C PRO B 436 38.70 35.65 51.46
N LYS B 437 37.91 36.55 50.88
CA LYS B 437 38.37 37.38 49.77
C LYS B 437 37.45 38.56 49.56
N GLN B 438 37.50 39.55 50.45
CA GLN B 438 36.71 40.76 50.31
C GLN B 438 37.23 41.56 49.12
N GLY B 439 36.41 41.71 48.08
CA GLY B 439 36.85 42.30 46.84
C GLY B 439 36.18 43.62 46.50
N PRO B 440 36.92 44.50 45.82
CA PRO B 440 36.34 45.80 45.43
C PRO B 440 35.53 45.72 44.15
N ILE B 441 35.75 46.67 43.23
CA ILE B 441 35.04 46.72 41.96
C ILE B 441 35.96 46.37 40.80
N THR B 442 37.13 45.80 41.07
CA THR B 442 38.10 45.51 40.02
C THR B 442 37.49 44.64 38.93
N LYS B 443 38.07 44.73 37.73
CA LYS B 443 37.55 43.98 36.59
C LYS B 443 37.53 42.49 36.86
N LYS B 444 38.46 41.99 37.67
CA LYS B 444 38.47 40.58 38.03
C LYS B 444 37.29 40.24 38.94
N LEU B 445 37.20 40.91 40.09
CA LEU B 445 36.16 40.64 41.09
C LEU B 445 35.40 41.92 41.39
N PRO B 446 34.32 42.20 40.65
CA PRO B 446 33.47 43.35 40.98
C PRO B 446 32.36 42.96 41.96
N LEU B 447 31.19 43.59 41.83
CA LEU B 447 30.03 43.22 42.64
C LEU B 447 29.25 42.11 41.94
N SER B 448 28.53 42.47 40.88
CA SER B 448 27.74 41.50 40.14
C SER B 448 28.61 40.77 39.14
N GLU B 449 28.52 39.45 39.12
CA GLU B 449 29.25 38.66 38.14
C GLU B 449 28.68 38.94 36.75
N PRO B 450 29.52 39.19 35.75
CA PRO B 450 29.00 39.57 34.43
C PRO B 450 28.19 38.46 33.81
N TYR B 451 26.98 38.80 33.34
CA TYR B 451 26.10 37.84 32.72
C TYR B 451 26.14 37.87 31.20
N PHE B 452 26.77 38.89 30.60
CA PHE B 452 26.83 39.02 29.15
C PHE B 452 28.18 39.59 28.75
N THR B 453 28.81 38.98 27.74
CA THR B 453 30.08 39.45 27.22
C THR B 453 29.82 40.38 26.03
N ARG B 454 30.35 41.61 26.10
CA ARG B 454 30.08 42.64 25.13
C ARG B 454 31.27 42.82 24.20
N PHE B 455 30.99 43.06 22.92
CA PHE B 455 32.04 43.36 21.95
C PHE B 455 31.40 44.07 20.77
N LYS B 456 32.27 44.61 19.90
CA LYS B 456 31.86 45.27 18.67
C LYS B 456 32.20 44.35 17.51
N ALA B 457 31.18 43.78 16.88
CA ALA B 457 31.38 42.77 15.85
C ALA B 457 31.90 43.39 14.56
N LYS B 458 32.39 42.52 13.67
CA LYS B 458 32.89 42.98 12.39
C LYS B 458 31.78 43.44 11.46
N ASP B 459 30.54 43.02 11.71
CA ASP B 459 29.41 43.53 10.93
C ASP B 459 29.09 44.98 11.24
N GLY B 460 29.62 45.52 12.35
CA GLY B 460 29.39 46.90 12.70
C GLY B 460 28.55 47.06 13.96
N GLU B 461 27.50 46.26 14.07
CA GLU B 461 26.59 46.36 15.21
C GLU B 461 27.25 45.87 16.48
N GLU B 462 26.70 46.28 17.61
CA GLU B 462 27.10 45.77 18.92
C GLU B 462 26.20 44.61 19.32
N TYR B 463 26.76 43.69 20.09
CA TYR B 463 26.05 42.49 20.52
C TYR B 463 26.27 42.28 22.01
N ALA B 464 25.57 41.28 22.55
CA ALA B 464 25.65 40.96 23.98
C ALA B 464 25.32 39.47 24.15
N LEU B 465 26.31 38.63 23.83
CA LEU B 465 26.19 37.20 24.08
C LEU B 465 26.54 36.90 25.53
N ALA B 466 25.73 36.07 26.17
CA ALA B 466 25.92 35.76 27.57
C ALA B 466 26.96 34.64 27.73
N ASN B 467 27.10 34.14 28.96
CA ASN B 467 28.00 33.05 29.26
C ASN B 467 27.22 31.98 30.02
N ASN B 468 27.56 30.72 29.77
CA ASN B 468 26.86 29.61 30.38
C ASN B 468 27.35 29.38 31.81
N GLY B 469 26.81 28.36 32.45
CA GLY B 469 27.17 28.02 33.80
C GLY B 469 26.39 26.82 34.31
N ALA B 470 25.60 27.02 35.37
CA ALA B 470 24.77 25.96 35.93
C ALA B 470 23.81 26.55 36.93
N ILE B 471 22.56 26.09 36.88
CA ILE B 471 21.59 26.42 37.92
C ILE B 471 21.90 25.58 39.15
N TRP B 472 21.56 26.10 40.32
CA TRP B 472 21.91 25.44 41.58
C TRP B 472 21.36 24.02 41.63
N ASP B 473 20.03 23.89 41.64
CA ASP B 473 19.39 22.58 41.70
C ASP B 473 18.41 22.36 40.55
N GLY B 474 18.53 23.14 39.49
CA GLY B 474 17.62 23.01 38.37
C GLY B 474 17.89 21.76 37.54
N ASN B 475 16.91 21.43 36.71
CA ASN B 475 17.03 20.29 35.81
C ASN B 475 18.08 20.56 34.76
N PRO B 476 19.15 19.75 34.67
CA PRO B 476 20.18 20.01 33.65
C PRO B 476 19.69 19.80 32.23
N LEU B 477 18.57 19.10 32.03
CA LEU B 477 18.05 18.87 30.69
C LEU B 477 17.43 20.14 30.09
N VAL B 478 17.17 21.14 30.92
CA VAL B 478 16.56 22.39 30.46
C VAL B 478 17.68 23.36 30.11
N ASP B 479 17.69 23.84 28.88
CA ASP B 479 18.64 24.86 28.44
C ASP B 479 18.26 26.17 29.13
N PHE B 480 19.01 26.55 30.14
CA PHE B 480 18.71 27.78 30.89
C PHE B 480 18.89 29.04 30.07
N ALA B 481 19.47 28.93 28.87
CA ALA B 481 19.59 30.08 27.97
C ALA B 481 18.42 30.21 27.01
N SER B 482 17.63 29.14 26.83
CA SER B 482 16.52 29.17 25.88
C SER B 482 15.36 30.01 26.46
N SER B 483 14.29 30.10 25.68
CA SER B 483 13.14 30.91 26.08
C SER B 483 12.32 30.28 27.19
N GLN B 484 12.48 28.98 27.43
CA GLN B 484 11.69 28.31 28.45
C GLN B 484 12.15 28.62 29.87
N SER B 485 13.39 29.10 30.04
CA SER B 485 13.96 29.36 31.35
C SER B 485 14.01 30.87 31.60
N LYS B 486 13.91 31.24 32.89
CA LYS B 486 14.07 32.61 33.34
C LYS B 486 15.27 32.72 34.27
N ALA B 487 16.30 31.91 34.02
CA ALA B 487 17.45 31.86 34.92
C ALA B 487 18.32 33.10 34.77
N TYR B 488 18.62 33.50 33.52
CA TYR B 488 19.41 34.70 33.31
C TYR B 488 18.70 35.96 33.74
N LEU B 489 17.36 35.94 33.79
CA LEU B 489 16.61 37.10 34.26
C LEU B 489 16.60 37.16 35.79
N ARG B 490 16.19 36.07 36.43
CA ARG B 490 16.15 36.00 37.89
C ARG B 490 17.52 35.80 38.52
N ARG B 491 18.60 35.87 37.73
CA ARG B 491 19.97 35.78 38.22
C ARG B 491 20.22 34.45 38.93
N GLU B 492 19.62 33.37 38.40
CA GLU B 492 19.75 32.04 38.97
C GLU B 492 20.87 31.24 38.30
N VAL B 493 21.91 31.89 37.80
CA VAL B 493 22.98 31.23 37.05
C VAL B 493 24.30 31.47 37.76
N ILE B 494 25.05 30.38 37.99
CA ILE B 494 26.42 30.47 38.48
C ILE B 494 27.31 30.51 37.24
N VAL B 495 27.71 31.73 36.85
CA VAL B 495 28.29 31.93 35.52
C VAL B 495 29.79 31.62 35.54
N TRP B 496 30.33 31.43 34.34
CA TRP B 496 31.77 31.28 34.12
C TRP B 496 32.17 32.36 33.11
N GLY B 497 32.80 33.43 33.59
CA GLY B 497 33.20 34.52 32.71
C GLY B 497 34.21 34.12 31.66
N ASP B 498 34.92 33.01 31.87
CA ASP B 498 35.91 32.56 30.89
C ASP B 498 35.27 32.12 29.59
N CYS B 499 34.02 31.64 29.66
CA CYS B 499 33.35 31.01 28.52
C CYS B 499 32.21 31.89 28.03
N VAL B 500 31.59 31.46 26.93
CA VAL B 500 30.52 32.20 26.28
C VAL B 500 29.59 31.20 25.60
N LYS B 501 28.29 31.50 25.59
CA LYS B 501 27.24 30.70 24.96
C LYS B 501 27.65 30.05 23.65
N LEU B 502 27.12 28.87 23.38
CA LEU B 502 27.16 28.25 22.06
C LEU B 502 25.73 27.87 21.70
N ARG B 503 25.12 28.65 20.81
CA ARG B 503 23.71 28.49 20.49
C ARG B 503 23.55 27.56 19.30
N TYR B 504 23.25 26.29 19.57
CA TYR B 504 22.74 25.40 18.55
C TYR B 504 21.22 25.54 18.47
N GLY B 505 20.67 25.19 17.31
CA GLY B 505 19.24 25.24 17.14
C GLY B 505 18.63 23.87 16.99
N LYS B 506 17.48 23.78 16.31
CA LYS B 506 16.91 22.49 15.96
C LYS B 506 17.80 21.75 14.96
N GLY B 507 18.73 22.44 14.31
CA GLY B 507 19.66 21.84 13.38
C GLY B 507 20.65 22.88 12.90
N PRO B 508 21.43 22.52 11.88
CA PRO B 508 22.39 23.50 11.31
C PRO B 508 21.73 24.72 10.69
N SER B 509 20.41 24.71 10.51
CA SER B 509 19.74 25.85 9.90
C SER B 509 19.68 27.07 10.81
N ASP B 510 19.77 26.88 12.12
CA ASP B 510 19.74 28.00 13.06
C ASP B 510 21.10 28.59 13.35
N SER B 511 22.18 27.83 13.19
CA SER B 511 23.54 28.33 13.37
C SER B 511 24.46 27.62 12.41
N PRO B 512 24.52 28.08 11.15
CA PRO B 512 25.28 27.31 10.14
C PRO B 512 26.77 27.24 10.41
N TYR B 513 27.42 28.36 10.74
CA TYR B 513 28.86 28.36 10.91
C TYR B 513 29.28 27.64 12.20
N LEU B 514 28.44 27.69 13.24
CA LEU B 514 28.76 27.00 14.48
C LEU B 514 28.79 25.49 14.27
N TRP B 515 27.75 24.95 13.60
CA TRP B 515 27.71 23.52 13.33
C TRP B 515 28.85 23.11 12.38
N GLU B 516 29.18 23.96 11.41
CA GLU B 516 30.25 23.64 10.47
C GLU B 516 31.61 23.69 11.16
N ARG B 517 31.80 24.62 12.09
CA ARG B 517 33.07 24.75 12.78
C ARG B 517 33.26 23.66 13.82
N MET B 518 32.21 23.36 14.60
CA MET B 518 32.31 22.28 15.57
C MET B 518 32.49 20.93 14.91
N SER B 519 31.95 20.77 13.70
CA SER B 519 32.13 19.51 12.97
C SER B 519 33.60 19.26 12.64
N LYS B 520 34.24 20.25 12.01
CA LYS B 520 35.66 20.12 11.67
C LYS B 520 36.55 20.12 12.91
N TYR B 521 36.03 20.57 14.06
CA TYR B 521 36.77 20.49 15.31
C TYR B 521 36.65 19.12 15.94
N VAL B 522 35.48 18.49 15.81
CA VAL B 522 35.28 17.16 16.40
C VAL B 522 36.06 16.10 15.62
N GLU B 523 35.98 16.16 14.28
CA GLU B 523 36.66 15.17 13.46
C GLU B 523 38.17 15.37 13.43
N MET B 524 38.68 16.49 13.94
CA MET B 524 40.12 16.67 14.02
C MET B 524 40.71 15.88 15.17
N ASN B 525 40.08 15.96 16.36
CA ASN B 525 40.54 15.16 17.48
C ASN B 525 40.24 13.68 17.26
N ALA B 526 39.19 13.36 16.51
CA ALA B 526 38.87 11.96 16.24
C ALA B 526 39.93 11.30 15.37
N ARG B 527 40.59 12.07 14.51
CA ARG B 527 41.68 11.52 13.71
C ARG B 527 42.89 11.14 14.55
N ILE B 528 43.03 11.74 15.73
CA ILE B 528 44.22 11.55 16.54
C ILE B 528 43.95 10.57 17.67
N PHE B 529 43.00 10.91 18.54
CA PHE B 529 42.78 10.20 19.79
C PHE B 529 41.81 9.04 19.59
N ASN B 530 41.67 8.22 20.63
CA ASN B 530 40.85 7.03 20.60
C ASN B 530 39.43 7.26 21.14
N GLY B 531 39.17 8.40 21.76
CA GLY B 531 37.85 8.62 22.30
C GLY B 531 37.68 10.04 22.80
N PHE B 532 36.52 10.30 23.41
CA PHE B 532 36.15 11.61 23.89
C PHE B 532 35.76 11.54 25.36
N ARG B 533 35.82 12.69 26.02
CA ARG B 533 35.30 12.87 27.38
C ARG B 533 34.44 14.13 27.37
N ILE B 534 33.17 13.98 27.74
CA ILE B 534 32.19 15.05 27.63
C ILE B 534 31.87 15.55 29.03
N ASP B 535 32.26 16.78 29.33
CA ASP B 535 31.97 17.39 30.62
C ASP B 535 30.58 18.00 30.61
N ASN B 536 29.82 17.75 31.67
CA ASN B 536 28.44 18.21 31.79
C ASN B 536 27.63 17.83 30.56
N CYS B 537 27.68 16.53 30.21
CA CYS B 537 26.94 16.03 29.06
C CYS B 537 25.43 16.21 29.26
N HIS B 538 24.97 16.21 30.51
CA HIS B 538 23.56 16.44 30.79
C HIS B 538 23.09 17.83 30.36
N SER B 539 24.01 18.78 30.22
CA SER B 539 23.67 20.12 29.76
C SER B 539 23.81 20.29 28.26
N THR B 540 24.40 19.32 27.56
CA THR B 540 24.47 19.38 26.10
C THR B 540 23.23 18.76 25.50
N PRO B 541 22.51 19.46 24.61
CA PRO B 541 21.27 18.90 24.06
C PRO B 541 21.53 17.60 23.31
N LEU B 542 20.52 16.72 23.33
CA LEU B 542 20.65 15.39 22.74
C LEU B 542 20.99 15.48 21.26
N HIS B 543 20.10 16.08 20.47
CA HIS B 543 20.29 16.16 19.02
C HIS B 543 21.59 16.87 18.64
N VAL B 544 22.17 17.64 19.55
CA VAL B 544 23.49 18.23 19.29
C VAL B 544 24.58 17.18 19.43
N GLY B 545 24.52 16.38 20.50
CA GLY B 545 25.54 15.36 20.70
C GLY B 545 25.40 14.18 19.76
N GLN B 546 24.16 13.86 19.35
CA GLN B 546 23.94 12.75 18.44
C GLN B 546 24.66 12.97 17.12
N TYR B 547 24.51 14.17 16.55
CA TYR B 547 25.11 14.44 15.25
C TYR B 547 26.63 14.49 15.33
N PHE B 548 27.18 15.07 16.40
CA PHE B 548 28.62 15.26 16.49
C PHE B 548 29.34 13.96 16.84
N LEU B 549 28.74 13.12 17.68
CA LEU B 549 29.36 11.84 18.00
C LEU B 549 29.35 10.89 16.81
N ASP B 550 28.33 11.00 15.95
CA ASP B 550 28.32 10.18 14.75
C ASP B 550 29.35 10.66 13.73
N VAL B 551 29.52 11.97 13.61
CA VAL B 551 30.57 12.51 12.75
C VAL B 551 31.94 12.04 13.24
N ALA B 552 32.12 11.98 14.56
CA ALA B 552 33.37 11.46 15.11
C ALA B 552 33.52 9.97 14.84
N ARG B 553 32.43 9.20 15.02
CA ARG B 553 32.50 7.77 14.79
C ARG B 553 32.64 7.41 13.32
N ARG B 554 32.20 8.28 12.41
CA ARG B 554 32.49 8.06 11.00
C ARG B 554 33.98 8.22 10.72
N VAL B 555 34.68 9.03 11.50
CA VAL B 555 36.12 9.16 11.35
C VAL B 555 36.84 8.09 12.15
N ASN B 556 36.50 7.95 13.43
CA ASN B 556 37.09 6.93 14.30
C ASN B 556 36.02 5.91 14.65
N PRO B 557 36.00 4.74 14.01
CA PRO B 557 34.93 3.77 14.29
C PRO B 557 34.98 3.20 15.69
N ASN B 558 36.16 3.15 16.32
CA ASN B 558 36.31 2.67 17.69
C ASN B 558 36.35 3.81 18.70
N LEU B 559 35.49 4.81 18.54
CA LEU B 559 35.49 5.95 19.45
C LEU B 559 34.93 5.53 20.81
N TYR B 560 35.68 5.86 21.87
CA TYR B 560 35.31 5.51 23.24
C TYR B 560 34.87 6.77 23.96
N VAL B 561 33.57 6.88 24.23
CA VAL B 561 32.98 8.10 24.77
C VAL B 561 32.81 7.95 26.28
N VAL B 562 33.25 8.95 27.03
CA VAL B 562 33.03 9.04 28.47
C VAL B 562 32.31 10.35 28.75
N ALA B 563 31.47 10.35 29.78
CA ALA B 563 30.65 11.53 30.06
C ALA B 563 30.32 11.62 31.54
N GLN B 564 30.49 12.82 32.10
CA GLN B 564 29.99 13.14 33.44
C GLN B 564 28.50 13.41 33.32
N LEU B 565 27.71 12.34 33.41
CA LEU B 565 26.27 12.42 33.17
C LEU B 565 25.54 12.27 34.49
N PHE B 566 24.93 13.36 34.96
CA PHE B 566 24.06 13.36 36.14
C PHE B 566 22.73 14.01 35.73
N SER B 567 21.85 13.21 35.15
CA SER B 567 20.53 13.68 34.75
C SER B 567 19.56 13.47 35.91
N GLY B 568 18.28 13.72 35.64
CA GLY B 568 17.29 13.74 36.71
C GLY B 568 17.03 12.36 37.30
N SER B 569 17.30 11.30 36.54
CA SER B 569 17.00 9.95 37.00
C SER B 569 17.88 8.97 36.23
N GLU B 570 17.74 7.70 36.57
CA GLU B 570 18.46 6.65 35.84
C GLU B 570 17.89 6.46 34.44
N ALA B 571 16.57 6.62 34.28
CA ALA B 571 15.95 6.42 32.98
C ALA B 571 16.50 7.39 31.95
N MET B 572 16.56 8.68 32.31
CA MET B 572 17.14 9.66 31.40
C MET B 572 18.63 9.43 31.18
N ASP B 573 19.33 8.93 32.20
CA ASP B 573 20.74 8.56 32.02
C ASP B 573 20.87 7.45 30.98
N CYS B 574 20.01 6.43 31.07
CA CYS B 574 20.04 5.36 30.09
C CYS B 574 19.67 5.86 28.70
N LEU B 575 18.67 6.74 28.61
CA LEU B 575 18.24 7.26 27.31
C LEU B 575 19.36 8.07 26.65
N PHE B 576 20.09 8.86 27.44
CA PHE B 576 21.25 9.56 26.91
C PHE B 576 22.30 8.58 26.39
N VAL B 577 22.58 7.53 27.16
CA VAL B 577 23.50 6.50 26.70
C VAL B 577 22.92 5.75 25.51
N GLU B 578 21.60 5.56 25.49
CA GLU B 578 20.97 4.83 24.39
C GLU B 578 21.14 5.55 23.06
N ARG B 579 20.91 6.87 23.05
CA ARG B 579 20.88 7.61 21.80
C ARG B 579 22.23 8.21 21.43
N LEU B 580 23.01 8.68 22.42
CA LEU B 580 24.31 9.24 22.13
C LEU B 580 25.37 8.17 21.87
N GLY B 581 25.16 6.94 22.32
CA GLY B 581 26.16 5.91 22.19
C GLY B 581 27.29 6.02 23.18
N ILE B 582 27.03 6.56 24.37
CA ILE B 582 28.07 6.70 25.39
C ILE B 582 28.52 5.31 25.84
N SER B 583 29.83 5.15 26.03
CA SER B 583 30.41 3.87 26.40
C SER B 583 30.78 3.78 27.87
N SER B 584 30.85 4.90 28.59
CA SER B 584 31.19 4.87 30.01
C SER B 584 30.61 6.09 30.69
N LEU B 585 30.10 5.89 31.91
CA LEU B 585 29.55 6.96 32.73
C LEU B 585 30.44 7.19 33.94
N ILE B 586 30.86 8.43 34.14
CA ILE B 586 31.81 8.75 35.20
C ILE B 586 31.14 8.62 36.56
N ARG B 587 31.77 7.87 37.46
CA ARG B 587 31.34 7.76 38.84
C ARG B 587 32.46 8.27 39.73
N GLU B 588 32.13 9.13 40.69
CA GLU B 588 33.12 9.75 41.56
C GLU B 588 33.08 9.11 42.93
N ALA B 589 34.24 8.71 43.43
CA ALA B 589 34.36 8.11 44.76
C ALA B 589 34.46 9.13 45.87
N MET B 590 35.03 10.31 45.59
CA MET B 590 35.16 11.35 46.60
C MET B 590 33.83 11.95 47.02
N GLN B 591 32.74 11.64 46.30
CA GLN B 591 31.44 12.17 46.68
C GLN B 591 30.87 11.49 47.92
N ALA B 592 31.35 10.29 48.25
CA ALA B 592 30.87 9.59 49.44
C ALA B 592 31.32 10.34 50.69
N TRP B 593 30.34 10.76 51.50
CA TRP B 593 30.65 11.57 52.68
C TRP B 593 31.11 10.72 53.86
N SER B 594 30.70 9.46 53.93
CA SER B 594 31.01 8.61 55.08
C SER B 594 31.47 7.25 54.59
N GLU B 595 31.79 6.38 55.54
CA GLU B 595 32.22 5.03 55.20
C GLU B 595 31.07 4.17 54.68
N GLU B 596 29.84 4.45 55.15
CA GLU B 596 28.70 3.67 54.68
C GLU B 596 28.32 4.02 53.24
N GLU B 597 28.48 5.28 52.86
CA GLU B 597 28.17 5.66 51.48
C GLU B 597 29.18 5.08 50.50
N LEU B 598 30.45 4.99 50.91
CA LEU B 598 31.48 4.45 50.03
C LEU B 598 31.25 2.97 49.77
N SER B 599 30.75 2.24 50.78
CA SER B 599 30.47 0.82 50.59
C SER B 599 29.32 0.62 49.61
N ARG B 600 28.31 1.49 49.66
CA ARG B 600 27.18 1.36 48.74
C ARG B 600 27.57 1.78 47.32
N LEU B 601 28.43 2.78 47.18
CA LEU B 601 28.94 3.12 45.86
C LEU B 601 29.79 1.99 45.29
N VAL B 602 30.58 1.33 46.14
CA VAL B 602 31.39 0.21 45.70
C VAL B 602 30.51 -0.97 45.32
N HIS B 603 29.46 -1.23 46.11
CA HIS B 603 28.57 -2.35 45.83
C HIS B 603 27.84 -2.16 44.51
N ARG B 604 27.58 -0.91 44.10
CA ARG B 604 26.82 -0.66 42.88
C ARG B 604 27.61 -1.09 41.65
N HIS B 605 28.89 -0.70 41.57
CA HIS B 605 29.72 -0.99 40.41
C HIS B 605 30.70 -2.12 40.66
N GLY B 606 30.36 -3.04 41.57
CA GLY B 606 31.27 -4.12 41.92
C GLY B 606 31.02 -5.41 41.17
N GLY B 607 29.78 -5.61 40.72
CA GLY B 607 29.40 -6.81 40.01
C GLY B 607 28.13 -7.40 40.60
N ARG B 608 27.90 -8.67 40.29
CA ARG B 608 26.73 -9.40 40.77
C ARG B 608 27.10 -10.27 41.96
N PRO B 609 26.13 -10.61 42.82
CA PRO B 609 26.45 -11.38 44.03
C PRO B 609 27.07 -12.73 43.71
N ILE B 610 27.74 -13.29 44.73
CA ILE B 610 28.36 -14.60 44.58
C ILE B 610 27.27 -15.67 44.64
N GLY B 611 27.37 -16.65 43.74
CA GLY B 611 26.31 -17.63 43.61
C GLY B 611 25.11 -17.14 42.84
N SER B 612 25.28 -16.09 42.03
CA SER B 612 24.16 -15.50 41.31
C SER B 612 23.64 -16.45 40.25
N TYR B 613 22.33 -16.39 40.02
CA TYR B 613 21.69 -17.31 39.09
C TYR B 613 22.08 -17.00 37.65
N LYS B 614 22.19 -18.06 36.85
CA LYS B 614 22.52 -17.97 35.44
C LYS B 614 21.27 -18.23 34.61
N PHE B 615 21.21 -17.59 33.44
CA PHE B 615 20.04 -17.69 32.58
C PHE B 615 20.08 -18.96 31.74
N VAL B 616 18.90 -19.54 31.52
CA VAL B 616 18.77 -20.72 30.66
C VAL B 616 17.45 -20.64 29.89
N PRO B 617 17.41 -21.15 28.65
CA PRO B 617 16.13 -21.32 27.97
C PRO B 617 15.25 -22.34 28.70
N LEU B 618 14.12 -21.87 29.23
CA LEU B 618 13.26 -22.74 30.03
C LEU B 618 12.00 -23.12 29.26
N ASP B 619 10.83 -22.85 29.83
CA ASP B 619 9.55 -23.17 29.20
C ASP B 619 8.89 -21.97 28.54
N ASP B 620 9.65 -20.90 28.32
CA ASP B 620 9.15 -19.70 27.67
C ASP B 620 9.81 -19.46 26.30
N PHE B 621 10.30 -20.54 25.68
CA PHE B 621 11.05 -20.45 24.44
C PHE B 621 10.53 -21.44 23.41
N PRO B 622 10.63 -21.08 22.13
CA PRO B 622 10.32 -22.06 21.08
C PRO B 622 11.50 -23.01 20.90
N TYR B 623 11.20 -24.30 20.84
CA TYR B 623 12.21 -25.33 20.61
C TYR B 623 11.98 -25.93 19.23
N PRO B 624 12.58 -25.35 18.18
CA PRO B 624 12.36 -25.89 16.82
C PRO B 624 12.99 -27.26 16.68
N ALA B 625 12.18 -28.22 16.22
CA ALA B 625 12.69 -29.57 15.97
C ALA B 625 13.83 -29.58 14.95
N ASP B 626 13.87 -28.58 14.07
CA ASP B 626 14.94 -28.49 13.08
C ASP B 626 15.93 -27.39 13.43
N VAL B 627 16.53 -27.46 14.62
CA VAL B 627 17.50 -26.48 15.07
C VAL B 627 18.87 -27.16 15.17
N LYS B 628 19.91 -26.38 14.89
CA LYS B 628 21.27 -26.89 14.99
C LYS B 628 21.66 -27.01 16.46
N ILE B 629 22.64 -27.87 16.73
CA ILE B 629 23.02 -28.19 18.11
C ILE B 629 24.52 -28.48 18.16
N ASP B 630 25.14 -28.03 19.24
CA ASP B 630 26.46 -28.52 19.64
C ASP B 630 26.23 -29.81 20.41
N GLU B 631 26.50 -30.95 19.77
CA GLU B 631 26.15 -32.23 20.38
C GLU B 631 26.89 -32.47 21.68
N GLU B 632 28.04 -31.80 21.89
CA GLU B 632 28.76 -31.90 23.16
C GLU B 632 29.34 -30.54 23.57
N TYR B 633 28.65 -29.45 23.22
CA TYR B 633 29.12 -28.10 23.54
C TYR B 633 30.53 -27.88 23.02
N CYS B 634 30.79 -28.37 21.81
CA CYS B 634 32.15 -28.47 21.29
C CYS B 634 32.43 -27.57 20.10
N ALA B 635 31.41 -27.07 19.40
CA ALA B 635 31.65 -26.25 18.22
C ALA B 635 32.03 -24.82 18.62
N TYR B 636 33.04 -24.68 19.47
CA TYR B 636 33.56 -23.37 19.86
C TYR B 636 35.08 -23.43 19.85
N ASN B 637 35.71 -22.44 19.24
CA ASN B 637 37.15 -22.30 19.30
C ASN B 637 37.54 -20.95 19.87
N PRO B 638 38.54 -20.90 20.75
CA PRO B 638 38.88 -19.63 21.40
C PRO B 638 39.30 -18.54 20.45
N ASP B 639 39.89 -18.90 19.31
CA ASP B 639 40.32 -17.89 18.33
C ASP B 639 39.17 -17.28 17.57
N ASP B 640 37.95 -17.82 17.69
CA ASP B 640 36.80 -17.25 17.00
C ASP B 640 36.18 -16.10 17.77
N HIS B 641 36.35 -16.08 19.10
CA HIS B 641 35.76 -15.06 19.96
C HIS B 641 34.25 -14.94 19.73
N SER B 642 33.60 -16.09 19.64
CA SER B 642 32.16 -16.14 19.41
C SER B 642 31.41 -16.09 20.74
N VAL B 643 30.26 -15.42 20.73
CA VAL B 643 29.42 -15.38 21.92
C VAL B 643 28.76 -16.75 22.11
N LYS B 644 28.85 -17.28 23.32
CA LYS B 644 28.47 -18.66 23.56
C LYS B 644 26.96 -18.79 23.72
N CYS B 645 26.42 -19.91 23.21
CA CYS B 645 25.05 -20.25 23.51
C CYS B 645 24.95 -20.84 24.92
N VAL B 646 23.72 -20.88 25.44
CA VAL B 646 23.53 -21.25 26.83
C VAL B 646 23.86 -22.72 27.07
N SER B 647 23.61 -23.58 26.09
CA SER B 647 23.85 -25.01 26.27
C SER B 647 24.17 -25.70 24.96
N GLU B 648 23.82 -26.99 24.87
CA GLU B 648 24.03 -27.74 23.63
C GLU B 648 23.05 -27.28 22.55
N ILE B 649 21.80 -27.03 22.93
CA ILE B 649 20.84 -26.45 22.01
C ILE B 649 21.29 -25.04 21.65
N MET B 650 21.26 -24.71 20.36
CA MET B 650 21.84 -23.46 19.87
C MET B 650 20.79 -22.35 19.85
N ILE B 651 20.16 -22.14 21.00
CA ILE B 651 19.37 -20.93 21.23
C ILE B 651 20.35 -19.84 21.61
N PRO B 652 20.54 -18.83 20.77
CA PRO B 652 21.68 -17.91 20.94
C PRO B 652 21.59 -17.12 22.24
N LYS B 653 22.71 -16.50 22.58
CA LYS B 653 22.79 -15.69 23.79
C LYS B 653 21.86 -14.49 23.70
N THR B 654 20.93 -14.39 24.65
CA THR B 654 19.92 -13.35 24.60
C THR B 654 20.53 -11.98 24.83
N LEU B 655 19.93 -10.98 24.20
CA LEU B 655 20.32 -9.58 24.37
C LEU B 655 19.29 -8.90 25.27
N THR B 656 19.74 -8.43 26.44
CA THR B 656 18.85 -7.85 27.43
C THR B 656 19.45 -6.56 27.95
N ALA B 657 18.59 -5.65 28.37
CA ALA B 657 19.03 -4.37 28.91
C ALA B 657 19.93 -4.56 30.12
N THR B 658 21.12 -3.95 30.09
CA THR B 658 22.07 -3.94 31.19
C THR B 658 22.35 -2.50 31.59
N PRO B 659 22.69 -2.25 32.85
CA PRO B 659 23.05 -0.90 33.25
C PRO B 659 24.21 -0.37 32.44
N PRO B 660 24.25 0.93 32.17
CA PRO B 660 25.34 1.47 31.36
C PRO B 660 26.69 1.30 32.07
N HIS B 661 27.72 1.04 31.28
CA HIS B 661 29.05 0.81 31.82
C HIS B 661 29.55 2.05 32.54
N ALA B 662 30.31 1.83 33.61
CA ALA B 662 30.77 2.88 34.49
C ALA B 662 32.29 2.96 34.47
N LEU B 663 32.80 4.19 34.58
CA LEU B 663 34.23 4.46 34.71
C LEU B 663 34.42 5.08 36.09
N PHE B 664 34.74 4.24 37.07
CA PHE B 664 34.82 4.67 38.46
C PHE B 664 36.11 5.44 38.69
N MET B 665 35.99 6.71 39.08
CA MET B 665 37.12 7.57 39.37
C MET B 665 37.26 7.72 40.87
N ASP B 666 38.45 7.38 41.40
CA ASP B 666 38.71 7.65 42.81
C ASP B 666 38.79 9.14 43.08
N CYS B 667 39.24 9.93 42.10
CA CYS B 667 39.27 11.38 42.22
C CYS B 667 39.43 11.97 40.83
N THR B 668 38.52 12.86 40.46
CA THR B 668 38.55 13.51 39.16
C THR B 668 39.38 14.80 39.26
N HIS B 669 39.30 15.64 38.23
CA HIS B 669 40.03 16.90 38.19
C HIS B 669 39.20 18.08 38.70
N ASP B 670 38.04 17.82 39.29
CA ASP B 670 37.20 18.88 39.84
C ASP B 670 36.92 18.73 41.33
N ASN B 671 37.01 17.54 41.90
CA ASN B 671 36.70 17.32 43.30
C ASN B 671 37.93 17.54 44.17
N GLU B 672 37.68 17.77 45.45
CA GLU B 672 38.74 18.10 46.39
C GLU B 672 39.60 16.88 46.70
N THR B 673 40.77 17.14 47.27
CA THR B 673 41.78 16.14 47.55
C THR B 673 41.41 15.32 48.78
N PRO B 674 41.80 14.03 48.82
CA PRO B 674 41.74 13.29 50.08
C PRO B 674 42.30 14.07 51.26
N ASN B 675 43.37 14.85 51.04
CA ASN B 675 43.90 15.70 52.10
C ASN B 675 42.86 16.73 52.56
N GLN B 676 42.07 17.26 51.62
CA GLN B 676 41.08 18.28 51.97
C GLN B 676 39.85 17.66 52.59
N LYS B 677 39.18 16.75 51.87
CA LYS B 677 37.92 16.20 52.36
C LYS B 677 38.15 15.25 53.54
N ARG B 678 39.07 14.30 53.40
CA ARG B 678 39.30 13.32 54.45
C ARG B 678 40.72 13.47 55.01
N THR B 679 41.57 12.47 54.78
CA THR B 679 42.98 12.52 55.16
C THR B 679 43.82 12.06 53.99
N VAL B 680 45.13 12.23 54.11
CA VAL B 680 46.05 11.69 53.10
C VAL B 680 46.20 10.19 53.21
N GLU B 681 45.89 9.60 54.37
CA GLU B 681 46.04 8.16 54.52
C GLU B 681 44.95 7.39 53.79
N ASP B 682 43.79 8.01 53.57
CA ASP B 682 42.69 7.33 52.89
C ASP B 682 42.96 7.14 51.40
N THR B 683 44.05 7.72 50.87
CA THR B 683 44.36 7.56 49.45
C THR B 683 44.57 6.10 49.08
N LEU B 684 45.11 5.30 49.99
CA LEU B 684 45.38 3.89 49.72
C LEU B 684 44.10 3.05 49.78
N PRO B 685 43.33 3.08 50.87
CA PRO B 685 42.13 2.21 50.90
C PRO B 685 41.04 2.65 49.93
N ASN B 686 40.89 3.96 49.70
CA ASN B 686 39.84 4.42 48.79
C ASN B 686 40.08 3.90 47.38
N ALA B 687 41.29 4.11 46.85
CA ALA B 687 41.61 3.61 45.51
C ALA B 687 41.70 2.09 45.45
N ALA B 688 41.90 1.43 46.60
CA ALA B 688 41.92 -0.03 46.61
C ALA B 688 40.50 -0.59 46.45
N LEU B 689 39.52 0.04 47.10
CA LEU B 689 38.13 -0.40 46.92
C LEU B 689 37.64 -0.11 45.51
N VAL B 690 38.05 1.03 44.95
CA VAL B 690 37.63 1.39 43.59
C VAL B 690 38.25 0.45 42.57
N ALA B 691 39.55 0.16 42.72
CA ALA B 691 40.24 -0.69 41.74
C ALA B 691 39.69 -2.11 41.75
N PHE B 692 39.17 -2.58 42.88
CA PHE B 692 38.63 -3.93 42.97
C PHE B 692 37.26 -4.07 42.32
N CYS B 693 36.61 -2.98 41.94
CA CYS B 693 35.32 -3.05 41.30
C CYS B 693 35.42 -3.69 39.93
N SER B 694 34.28 -4.17 39.42
CA SER B 694 34.21 -4.80 38.11
C SER B 694 33.75 -3.75 37.10
N SER B 695 34.66 -2.86 36.75
CA SER B 695 34.39 -1.77 35.81
C SER B 695 35.73 -1.15 35.42
N ALA B 696 35.67 -0.14 34.57
CA ALA B 696 36.84 0.66 34.27
C ALA B 696 37.09 1.66 35.39
N ILE B 697 38.36 1.93 35.66
CA ILE B 697 38.75 2.83 36.74
C ILE B 697 39.63 3.94 36.17
N GLY B 698 39.85 4.96 37.00
CA GLY B 698 40.67 6.09 36.61
C GLY B 698 41.06 6.90 37.83
N SER B 699 42.00 7.82 37.61
CA SER B 699 42.50 8.66 38.69
C SER B 699 43.13 9.91 38.10
N VAL B 700 43.02 11.00 38.83
CA VAL B 700 43.67 12.25 38.45
C VAL B 700 45.12 12.24 38.90
N TYR B 701 45.98 12.89 38.13
CA TYR B 701 47.37 13.02 38.54
C TYR B 701 47.48 13.96 39.73
N GLY B 702 48.16 13.51 40.78
CA GLY B 702 48.20 14.17 42.05
C GLY B 702 47.48 13.40 43.15
N TYR B 703 46.49 12.60 42.78
CA TYR B 703 45.87 11.68 43.73
C TYR B 703 46.87 10.62 44.18
N ASP B 704 47.52 9.97 43.21
CA ASP B 704 48.56 9.00 43.55
C ASP B 704 49.77 9.68 44.19
N GLU B 705 50.12 10.86 43.69
CA GLU B 705 51.24 11.64 44.23
C GLU B 705 50.83 12.51 45.41
N VAL B 706 49.69 12.18 46.03
CA VAL B 706 49.09 12.87 47.18
C VAL B 706 49.41 14.36 47.19
N PHE B 707 48.85 15.10 46.22
CA PHE B 707 48.95 16.55 46.25
C PHE B 707 48.14 17.09 47.43
N PRO B 708 48.44 18.32 47.88
CA PRO B 708 47.75 18.84 49.06
C PRO B 708 46.30 19.22 48.80
N GLN B 709 46.05 20.07 47.80
CA GLN B 709 44.72 20.63 47.59
C GLN B 709 44.36 20.56 46.11
N LEU B 710 43.07 20.81 45.84
CA LEU B 710 42.58 20.80 44.47
C LEU B 710 43.19 21.95 43.69
N LEU B 711 43.91 21.61 42.61
CA LEU B 711 44.55 22.61 41.78
C LEU B 711 43.49 23.39 41.01
N ASP B 712 43.31 24.67 41.36
CA ASP B 712 42.37 25.53 40.66
C ASP B 712 42.80 25.66 39.21
N LEU B 713 42.03 25.07 38.29
CA LEU B 713 42.41 25.00 36.88
C LEU B 713 42.54 26.37 36.22
N VAL B 714 42.08 27.44 36.88
CA VAL B 714 42.23 28.77 36.31
C VAL B 714 43.68 29.24 36.45
N GLN B 715 44.24 29.15 37.64
CA GLN B 715 45.60 29.59 37.92
C GLN B 715 46.45 28.35 38.25
N GLU B 716 47.29 28.38 39.29
CA GLU B 716 48.10 27.23 39.69
C GLU B 716 48.97 26.74 38.53
N LYS B 717 49.61 27.68 37.83
CA LYS B 717 50.38 27.32 36.63
C LYS B 717 51.50 26.34 36.98
N ARG B 718 52.30 26.66 38.00
CA ARG B 718 53.41 25.85 38.52
C ARG B 718 53.93 24.84 37.49
N THR B 719 53.90 23.55 37.86
CA THR B 719 54.05 22.39 36.97
C THR B 719 54.19 21.13 37.81
N TYR B 720 53.90 19.98 37.21
CA TYR B 720 54.03 18.72 37.93
C TYR B 720 55.48 18.46 38.31
N SER B 721 55.68 17.87 39.48
CA SER B 721 57.01 17.54 39.94
C SER B 721 57.47 16.20 39.36
N CYS B 722 58.77 16.09 39.13
CA CYS B 722 59.37 14.88 38.60
C CYS B 722 59.75 13.89 39.70
N ALA B 723 59.28 14.09 40.93
CA ALA B 723 59.56 13.18 42.03
C ALA B 723 58.98 11.80 41.75
N GLU B 724 59.84 10.82 41.49
CA GLU B 724 59.40 9.51 41.03
C GLU B 724 58.99 8.63 42.20
N ASN B 725 58.00 7.76 41.93
CA ASN B 725 57.63 6.67 42.83
C ASN B 725 57.16 7.16 44.20
N THR B 726 56.51 8.32 44.24
CA THR B 726 56.01 8.86 45.49
C THR B 726 54.60 8.36 45.77
N GLY B 727 54.30 8.20 47.05
CA GLY B 727 52.92 7.92 47.46
C GLY B 727 52.48 6.52 47.07
N ILE B 728 51.36 6.44 46.35
CA ILE B 728 50.73 5.17 46.02
C ILE B 728 51.24 4.60 44.70
N SER B 729 52.24 5.23 44.08
CA SER B 729 52.72 4.80 42.76
C SER B 729 53.07 3.31 42.75
N LYS B 730 53.59 2.80 43.87
CA LYS B 730 53.92 1.38 43.94
C LYS B 730 52.66 0.52 43.95
N VAL B 731 51.60 0.99 44.61
CA VAL B 731 50.41 0.16 44.77
C VAL B 731 49.58 0.13 43.49
N LYS B 732 49.40 1.28 42.84
CA LYS B 732 48.67 1.30 41.58
C LYS B 732 49.35 0.46 40.51
N THR B 733 50.68 0.29 40.63
CA THR B 733 51.38 -0.60 39.71
C THR B 733 50.98 -2.06 39.94
N LEU B 734 50.80 -2.45 41.21
CA LEU B 734 50.35 -3.81 41.50
C LEU B 734 48.87 -3.98 41.15
N LEU B 735 48.06 -2.95 41.40
CA LEU B 735 46.63 -3.05 41.13
C LEU B 735 46.34 -3.22 39.65
N ASN B 736 46.94 -2.37 38.80
CA ASN B 736 46.65 -2.43 37.38
C ASN B 736 47.22 -3.69 36.76
N ASN B 737 48.42 -4.11 37.17
CA ASN B 737 48.97 -5.37 36.67
C ASN B 737 48.11 -6.56 37.08
N MET B 738 47.50 -6.50 38.27
CA MET B 738 46.57 -7.55 38.68
C MET B 738 45.34 -7.54 37.79
N ARG B 739 44.77 -6.37 37.53
CA ARG B 739 43.61 -6.27 36.65
C ARG B 739 43.93 -6.74 35.24
N GLU B 740 45.20 -6.65 34.84
CA GLU B 740 45.60 -7.15 33.52
C GLU B 740 45.45 -8.66 33.45
N GLU B 741 45.72 -9.36 34.56
CA GLU B 741 45.54 -10.81 34.58
C GLU B 741 44.07 -11.19 34.57
N ILE B 742 43.23 -10.42 35.26
CA ILE B 742 41.81 -10.71 35.31
C ILE B 742 41.15 -10.44 33.95
N ALA B 743 41.66 -9.45 33.21
CA ALA B 743 41.06 -9.07 31.94
C ALA B 743 41.07 -10.20 30.90
N SER B 744 41.73 -11.32 31.19
CA SER B 744 41.82 -12.43 30.25
C SER B 744 40.70 -13.46 30.44
N GLU B 745 39.54 -13.04 30.95
CA GLU B 745 38.48 -14.01 31.23
C GLU B 745 37.09 -13.38 31.19
N ALA B 746 36.78 -12.55 32.17
CA ALA B 746 35.41 -12.06 32.35
C ALA B 746 34.93 -11.29 31.13
N VAL B 747 33.72 -11.62 30.67
CA VAL B 747 33.13 -10.99 29.49
C VAL B 747 31.72 -10.55 29.80
N ASP B 748 30.92 -11.45 30.37
CA ASP B 748 29.51 -11.20 30.61
C ASP B 748 29.27 -10.70 32.03
N ILE B 749 28.04 -10.22 32.26
CA ILE B 749 27.69 -9.72 33.58
C ILE B 749 27.59 -10.85 34.61
N GLU B 750 27.35 -12.08 34.16
CA GLU B 750 27.32 -13.23 35.04
C GLU B 750 28.67 -13.93 35.14
N ASP B 751 29.71 -13.38 34.49
CA ASP B 751 31.02 -13.99 34.46
C ASP B 751 31.97 -13.43 35.53
N SER B 752 31.46 -12.59 36.44
CA SER B 752 32.29 -12.01 37.49
C SER B 752 31.39 -11.65 38.67
N GLU B 753 31.61 -12.33 39.80
CA GLU B 753 30.78 -12.17 40.98
C GLU B 753 31.59 -11.55 42.12
N MET B 754 30.88 -11.08 43.14
CA MET B 754 31.51 -10.24 44.15
C MET B 754 30.68 -10.24 45.43
N HIS B 755 31.36 -10.02 46.55
CA HIS B 755 30.72 -9.76 47.83
C HIS B 755 31.44 -8.62 48.53
N VAL B 756 30.68 -7.70 49.11
CA VAL B 756 31.23 -6.51 49.77
C VAL B 756 30.65 -6.43 51.18
N HIS B 757 31.50 -6.07 52.14
CA HIS B 757 31.11 -5.95 53.55
C HIS B 757 31.70 -4.69 54.14
N HIS B 758 30.90 -3.98 54.93
CA HIS B 758 31.32 -2.75 55.59
C HIS B 758 31.05 -2.88 57.08
N ASP B 759 32.11 -2.72 57.88
CA ASP B 759 32.00 -2.75 59.34
C ASP B 759 32.89 -1.64 59.89
N GLY B 760 32.27 -0.53 60.24
CA GLY B 760 33.00 0.57 60.83
C GLY B 760 33.91 1.25 59.82
N GLN B 761 35.20 1.22 60.11
CA GLN B 761 36.21 1.81 59.23
C GLN B 761 36.83 0.79 58.28
N TYR B 762 36.39 -0.46 58.32
CA TYR B 762 36.85 -1.49 57.39
C TYR B 762 35.81 -1.72 56.31
N ILE B 763 36.29 -2.07 55.12
CA ILE B 763 35.43 -2.46 54.01
C ILE B 763 36.06 -3.65 53.31
N THR B 764 35.32 -4.76 53.25
CA THR B 764 35.79 -5.98 52.61
C THR B 764 35.33 -6.02 51.15
N PHE B 765 36.19 -6.56 50.29
CA PHE B 765 35.84 -6.74 48.88
C PHE B 765 36.32 -8.12 48.44
N HIS B 766 35.37 -9.02 48.22
CA HIS B 766 35.65 -10.31 47.60
C HIS B 766 35.24 -10.23 46.14
N ARG B 767 36.21 -10.36 45.24
CA ARG B 767 35.97 -10.42 43.80
C ARG B 767 36.20 -11.84 43.33
N THR B 768 35.31 -12.37 42.50
CA THR B 768 35.37 -13.76 42.09
C THR B 768 34.95 -13.90 40.64
N ASN B 769 35.75 -14.64 39.87
CA ASN B 769 35.39 -15.03 38.51
C ASN B 769 34.59 -16.33 38.60
N ALA B 770 33.35 -16.30 38.10
CA ALA B 770 32.44 -17.43 38.24
C ALA B 770 32.80 -18.61 37.34
N LYS B 771 33.74 -18.43 36.41
CA LYS B 771 34.05 -19.47 35.44
C LYS B 771 35.13 -20.42 35.94
N ASN B 772 36.11 -19.92 36.71
CA ASN B 772 37.21 -20.74 37.19
C ASN B 772 37.28 -20.88 38.70
N GLY B 773 36.72 -19.92 39.45
CA GLY B 773 36.78 -19.95 40.89
C GLY B 773 37.83 -19.05 41.50
N LYS B 774 38.78 -18.58 40.71
CA LYS B 774 39.80 -17.67 41.22
C LYS B 774 39.18 -16.35 41.65
N GLY B 775 39.91 -15.62 42.48
CA GLY B 775 39.43 -14.34 42.96
C GLY B 775 40.39 -13.74 43.96
N TRP B 776 40.06 -12.51 44.37
CA TRP B 776 40.87 -11.76 45.32
C TRP B 776 40.00 -11.30 46.48
N TYR B 777 40.63 -11.21 47.66
CA TYR B 777 39.98 -10.67 48.86
C TYR B 777 40.76 -9.45 49.31
N LEU B 778 40.05 -8.34 49.52
CA LEU B 778 40.66 -7.09 49.92
C LEU B 778 40.10 -6.66 51.27
N VAL B 779 40.99 -6.34 52.21
CA VAL B 779 40.63 -5.81 53.52
C VAL B 779 41.28 -4.45 53.63
N ALA B 780 40.47 -3.39 53.61
CA ALA B 780 40.96 -2.02 53.60
C ALA B 780 40.41 -1.28 54.81
N ARG B 781 41.30 -0.69 55.60
CA ARG B 781 40.93 0.17 56.72
C ARG B 781 40.93 1.61 56.24
N THR B 782 39.77 2.26 56.31
CA THR B 782 39.59 3.58 55.74
C THR B 782 39.90 4.67 56.76
N LYS B 783 40.58 5.72 56.32
CA LYS B 783 40.85 6.85 57.18
C LYS B 783 40.06 8.07 56.74
N PHE B 784 38.73 7.97 56.79
CA PHE B 784 37.88 9.15 56.68
C PHE B 784 38.18 10.11 57.82
N HIS B 785 37.94 9.67 59.05
CA HIS B 785 38.27 10.41 60.25
C HIS B 785 38.91 9.46 61.25
N SER B 786 39.93 9.95 61.95
CA SER B 786 40.66 9.14 62.92
C SER B 786 39.74 8.68 64.05
N SER B 787 39.08 7.54 63.86
CA SER B 787 38.10 7.05 64.82
C SER B 787 38.71 6.25 65.96
N GLY B 788 40.00 5.92 65.88
CA GLY B 788 40.66 5.18 66.94
C GLY B 788 41.00 3.76 66.58
N ASP B 789 40.69 2.82 67.47
CA ASP B 789 41.01 1.41 67.30
C ASP B 789 39.74 0.61 67.10
N GLN B 790 39.61 -0.05 65.96
CA GLN B 790 38.53 -0.98 65.69
C GLN B 790 39.13 -2.34 65.36
N MET B 791 38.66 -3.37 66.05
CA MET B 791 39.11 -4.73 65.83
C MET B 791 38.15 -5.41 64.86
N LEU B 792 38.63 -5.73 63.66
CA LEU B 792 37.80 -6.45 62.72
C LEU B 792 37.74 -7.93 63.09
N PRO B 793 36.55 -8.55 63.06
CA PRO B 793 36.43 -9.96 63.44
C PRO B 793 37.15 -10.92 62.50
N ARG B 794 37.04 -12.21 62.78
CA ARG B 794 37.71 -13.22 61.98
C ARG B 794 37.02 -13.37 60.63
N ILE B 795 37.80 -13.35 59.56
CA ILE B 795 37.27 -13.53 58.21
C ILE B 795 37.18 -15.01 57.92
N LYS B 796 35.97 -15.48 57.63
CA LYS B 796 35.70 -16.91 57.40
C LYS B 796 35.20 -17.10 55.97
N LEU B 797 35.93 -17.89 55.20
CA LEU B 797 35.52 -18.26 53.84
C LEU B 797 35.21 -19.74 53.78
N SER B 798 34.13 -20.09 53.09
CA SER B 798 33.65 -21.46 53.02
C SER B 798 34.18 -22.13 51.76
N GLN B 799 34.75 -23.32 51.93
CA GLN B 799 35.21 -24.15 50.81
C GLN B 799 36.22 -23.40 49.93
N THR B 800 37.14 -22.69 50.55
CA THR B 800 38.07 -21.83 49.83
C THR B 800 39.45 -21.92 50.45
N LYS B 801 40.46 -21.66 49.63
CA LYS B 801 41.84 -21.50 50.07
C LYS B 801 42.28 -20.07 49.81
N ALA B 802 43.16 -19.57 50.67
CA ALA B 802 43.65 -18.20 50.58
C ALA B 802 45.17 -18.18 50.51
N THR B 803 45.70 -17.10 49.93
CA THR B 803 47.13 -16.91 49.77
C THR B 803 47.45 -15.44 49.88
N PHE B 804 48.40 -15.09 50.75
CA PHE B 804 48.77 -13.70 50.94
C PHE B 804 49.45 -13.16 49.67
N LYS B 805 48.87 -12.11 49.10
CA LYS B 805 49.42 -11.47 47.92
C LYS B 805 50.30 -10.28 48.30
N ALA B 806 49.71 -9.26 48.91
CA ALA B 806 50.45 -8.08 49.32
C ALA B 806 49.65 -7.30 50.35
N ALA B 807 50.35 -6.48 51.12
CA ALA B 807 49.74 -5.61 52.12
C ALA B 807 50.61 -4.38 52.28
N PHE B 808 49.97 -3.22 52.41
CA PHE B 808 50.68 -1.95 52.51
C PHE B 808 50.00 -1.05 53.52
N SER B 809 50.71 0.00 53.93
CA SER B 809 50.21 1.02 54.83
C SER B 809 50.91 2.32 54.51
N LEU B 810 50.15 3.40 54.41
CA LEU B 810 50.68 4.71 54.06
C LEU B 810 50.86 5.53 55.33
N GLU B 811 52.08 6.02 55.55
CA GLU B 811 52.43 6.82 56.72
C GLU B 811 52.80 8.22 56.28
N ARG B 812 52.10 9.22 56.79
CA ARG B 812 52.36 10.62 56.43
C ARG B 812 53.69 11.06 57.05
N THR B 813 54.63 11.44 56.19
CA THR B 813 55.96 11.89 56.64
C THR B 813 55.99 13.41 56.83
N GLY B 814 55.03 13.93 57.59
CA GLY B 814 54.94 15.35 57.82
C GLY B 814 54.09 16.06 56.77
N ASP B 815 54.32 17.36 56.66
CA ASP B 815 53.55 18.20 55.75
C ASP B 815 54.20 18.17 54.37
N ALA B 816 53.89 19.14 53.51
CA ALA B 816 54.32 19.12 52.12
C ALA B 816 55.24 20.29 51.80
N PRO B 817 56.15 20.12 50.85
CA PRO B 817 56.99 21.26 50.42
C PRO B 817 56.15 22.31 49.71
N ILE B 818 56.52 23.58 49.93
CA ILE B 818 55.83 24.71 49.33
C ILE B 818 56.72 25.27 48.22
N SER B 819 56.34 25.02 46.98
CA SER B 819 57.10 25.45 45.82
C SER B 819 56.21 26.23 44.87
N ASP B 820 56.80 27.15 44.12
CA ASP B 820 56.09 27.95 43.15
C ASP B 820 56.45 27.61 41.71
N GLU B 821 57.35 26.65 41.50
CA GLU B 821 57.70 26.16 40.17
C GLU B 821 57.50 24.66 40.03
N ILE B 822 56.95 24.01 41.04
CA ILE B 822 56.70 22.57 40.99
C ILE B 822 55.58 22.25 41.97
N ILE B 823 54.72 21.32 41.57
CA ILE B 823 53.61 20.88 42.43
C ILE B 823 54.01 19.58 43.12
N GLU B 824 54.77 19.70 44.21
CA GLU B 824 55.13 18.54 45.02
C GLU B 824 54.13 18.36 46.16
N GLY B 825 53.86 17.11 46.50
CA GLY B 825 52.87 16.76 47.50
C GLY B 825 53.48 16.22 48.78
N ILE B 826 52.59 15.95 49.73
CA ILE B 826 52.96 15.43 51.04
C ILE B 826 53.75 14.13 50.87
N PRO B 827 55.01 14.07 51.30
CA PRO B 827 55.75 12.81 51.23
C PRO B 827 55.15 11.78 52.17
N THR B 828 55.06 10.55 51.68
CA THR B 828 54.45 9.46 52.43
C THR B 828 55.39 8.25 52.43
N LYS B 829 55.11 7.33 53.36
CA LYS B 829 55.92 6.14 53.57
C LYS B 829 55.08 4.91 53.31
N LEU B 830 55.62 3.99 52.51
CA LEU B 830 54.95 2.74 52.19
C LEU B 830 55.52 1.63 53.08
N ARG B 831 54.69 1.08 53.95
CA ARG B 831 55.11 0.12 54.96
C ARG B 831 54.46 -1.23 54.70
N GLU B 832 55.24 -2.19 54.24
CA GLU B 832 54.74 -3.54 53.98
C GLU B 832 54.48 -4.23 55.32
N LEU B 833 53.21 -4.53 55.60
CA LEU B 833 52.81 -5.09 56.87
C LEU B 833 52.91 -6.61 56.86
N THR B 834 52.92 -7.20 58.05
CA THR B 834 53.05 -8.63 58.23
C THR B 834 52.18 -9.05 59.41
N GLY B 835 52.03 -10.37 59.58
CA GLY B 835 51.26 -10.93 60.68
C GLY B 835 49.92 -11.51 60.30
N PHE B 836 49.60 -11.61 59.02
CA PHE B 836 48.31 -12.12 58.57
C PHE B 836 48.34 -13.65 58.64
N ASP B 837 47.54 -14.21 59.55
CA ASP B 837 47.47 -15.66 59.73
C ASP B 837 46.31 -16.21 58.92
N ILE B 838 46.64 -17.08 57.96
CA ILE B 838 45.65 -17.70 57.08
C ILE B 838 45.49 -19.14 57.52
N GLY B 839 44.48 -19.40 58.37
CA GLY B 839 44.18 -20.75 58.79
C GLY B 839 43.29 -21.48 57.79
N PHE B 840 43.39 -22.81 57.82
CA PHE B 840 42.62 -23.64 56.88
C PHE B 840 42.26 -24.95 57.57
N ASP B 841 40.97 -25.13 57.86
CA ASP B 841 40.49 -26.38 58.44
C ASP B 841 40.41 -27.42 57.33
N GLU B 842 41.15 -28.52 57.49
CA GLU B 842 41.18 -29.58 56.50
C GLU B 842 39.95 -30.48 56.55
N ASN B 843 39.05 -30.27 57.50
CA ASN B 843 37.82 -31.06 57.61
C ASN B 843 36.63 -30.35 56.96
N THR B 844 36.27 -29.17 57.47
CA THR B 844 35.19 -28.39 56.89
C THR B 844 35.63 -27.55 55.70
N LYS B 845 36.90 -27.65 55.30
CA LYS B 845 37.45 -26.92 54.14
C LYS B 845 37.25 -25.41 54.28
N GLU B 846 37.22 -24.92 55.52
CA GLU B 846 37.03 -23.50 55.79
C GLU B 846 38.38 -22.80 55.91
N THR B 847 38.43 -21.55 55.48
CA THR B 847 39.63 -20.73 55.58
C THR B 847 39.36 -19.56 56.53
N SER B 848 40.20 -19.44 57.56
CA SER B 848 40.12 -18.36 58.52
C SER B 848 41.30 -17.42 58.32
N ILE B 849 41.02 -16.12 58.33
CA ILE B 849 42.03 -15.09 58.13
C ILE B 849 41.98 -14.12 59.30
N LEU B 850 43.14 -13.87 59.91
CA LEU B 850 43.26 -12.97 61.04
C LEU B 850 44.16 -11.80 60.68
N LEU B 851 43.79 -10.61 61.17
CA LEU B 851 44.61 -9.43 60.95
C LEU B 851 45.55 -9.20 62.13
N PRO B 852 46.75 -8.68 61.88
CA PRO B 852 47.59 -8.22 62.98
C PRO B 852 47.08 -6.90 63.53
N GLN B 853 47.26 -6.72 64.85
CA GLN B 853 46.82 -5.47 65.46
C GLN B 853 47.59 -4.27 64.93
N ASP B 854 48.76 -4.48 64.32
CA ASP B 854 49.45 -3.43 63.59
C ASP B 854 48.86 -3.38 62.18
N PHE B 855 47.68 -2.78 62.08
CA PHE B 855 46.98 -2.58 60.82
C PHE B 855 46.26 -1.24 60.90
N PRO B 856 47.00 -0.14 60.82
CA PRO B 856 46.41 1.18 61.07
C PRO B 856 45.47 1.60 59.95
N GLN B 857 44.78 2.71 60.19
CA GLN B 857 43.91 3.28 59.17
C GLN B 857 44.73 3.77 57.98
N GLY B 858 44.23 3.48 56.78
CA GLY B 858 44.99 3.77 55.58
C GLY B 858 45.88 2.61 55.21
N SER B 859 45.41 1.39 55.44
CA SER B 859 46.15 0.18 55.13
C SER B 859 45.25 -0.82 54.43
N ILE B 860 45.84 -1.62 53.56
CA ILE B 860 45.12 -2.67 52.84
C ILE B 860 45.94 -3.95 52.89
N VAL B 861 45.26 -5.06 52.64
CA VAL B 861 45.91 -6.36 52.49
C VAL B 861 45.13 -7.15 51.44
N ILE B 862 45.84 -7.74 50.49
CA ILE B 862 45.24 -8.43 49.36
C ILE B 862 45.57 -9.91 49.47
N PHE B 863 44.55 -10.76 49.30
CA PHE B 863 44.71 -12.20 49.30
C PHE B 863 44.29 -12.76 47.95
N GLU B 864 45.00 -13.78 47.48
CA GLU B 864 44.59 -14.53 46.31
C GLU B 864 43.81 -15.76 46.77
N THR B 865 42.55 -15.85 46.36
CA THR B 865 41.67 -16.93 46.80
C THR B 865 41.39 -17.88 45.65
N GLN B 866 40.82 -19.03 45.99
CA GLN B 866 40.51 -20.06 45.00
C GLN B 866 39.44 -20.98 45.59
N GLN B 867 38.26 -20.98 44.99
CA GLN B 867 37.18 -21.83 45.48
C GLN B 867 37.44 -23.28 45.12
N LEU B 868 37.17 -24.18 46.06
CA LEU B 868 37.38 -25.60 45.83
C LEU B 868 36.16 -26.20 45.16
N GLY B 869 36.40 -27.04 44.14
CA GLY B 869 35.37 -27.62 43.33
C GLY B 869 35.25 -27.00 41.96
N ILE B 870 35.58 -25.73 41.83
CA ILE B 870 35.50 -25.02 40.56
C ILE B 870 36.86 -25.10 39.87
N ASP B 871 36.92 -25.77 38.73
CA ASP B 871 38.03 -25.65 37.80
C ASP B 871 37.54 -24.92 36.56
N ASP B 872 38.42 -24.79 35.57
CA ASP B 872 38.03 -24.12 34.34
C ASP B 872 37.10 -24.96 33.48
N SER B 873 37.12 -26.30 33.64
CA SER B 873 36.32 -27.20 32.82
C SER B 873 34.99 -27.55 33.47
N LEU B 874 34.46 -26.69 34.34
CA LEU B 874 33.17 -27.00 34.98
C LEU B 874 32.00 -26.59 34.11
N ASP B 875 32.06 -25.41 33.49
CA ASP B 875 30.98 -24.98 32.60
C ASP B 875 30.82 -25.94 31.42
N HIS B 876 31.92 -26.55 30.97
CA HIS B 876 31.83 -27.50 29.87
C HIS B 876 31.20 -28.81 30.31
N PHE B 877 31.44 -29.25 31.55
CA PHE B 877 30.88 -30.51 32.01
C PHE B 877 29.37 -30.44 32.21
N ILE B 878 28.86 -29.28 32.62
CA ILE B 878 27.42 -29.16 32.85
C ILE B 878 26.68 -28.91 31.55
N ARG B 879 27.24 -28.07 30.68
CA ARG B 879 26.59 -27.70 29.43
C ARG B 879 26.80 -28.72 28.31
N SER B 880 27.09 -29.97 28.63
CA SER B 880 27.36 -30.98 27.61
C SER B 880 26.80 -32.33 28.04
N GLY B 881 26.56 -33.18 27.05
CA GLY B 881 26.10 -34.54 27.28
C GLY B 881 24.63 -34.70 27.53
N ALA B 882 23.89 -33.62 27.83
CA ALA B 882 22.48 -33.75 28.14
C ALA B 882 21.66 -34.19 26.93
N ILE B 883 22.03 -33.76 25.73
CA ILE B 883 21.32 -34.17 24.52
C ILE B 883 21.48 -35.67 24.30
N LYS B 884 22.73 -36.16 24.33
CA LYS B 884 22.98 -37.58 24.18
C LYS B 884 22.26 -38.40 25.25
N ALA B 885 22.07 -37.82 26.45
CA ALA B 885 21.36 -38.53 27.50
C ALA B 885 19.89 -38.68 27.17
N THR B 886 19.28 -37.66 26.57
CA THR B 886 17.87 -37.69 26.20
C THR B 886 17.62 -38.44 24.89
N GLU B 887 18.64 -39.09 24.33
CA GLU B 887 18.51 -39.67 23.00
C GLU B 887 17.47 -40.77 22.95
N LYS B 888 17.34 -41.55 24.01
CA LYS B 888 16.46 -42.71 24.02
C LYS B 888 15.12 -42.44 24.71
N LEU B 889 14.81 -41.17 25.00
CA LEU B 889 13.55 -40.84 25.65
C LEU B 889 12.38 -41.05 24.69
N SER B 890 11.21 -41.30 25.26
CA SER B 890 9.97 -41.42 24.50
C SER B 890 8.95 -40.46 25.08
N LEU B 891 7.93 -40.14 24.27
CA LEU B 891 6.89 -39.21 24.71
C LEU B 891 6.19 -39.68 25.98
N GLU B 892 6.23 -40.97 26.27
CA GLU B 892 5.70 -41.45 27.55
C GLU B 892 6.72 -41.29 28.66
N SER B 893 8.01 -41.53 28.36
CA SER B 893 9.03 -41.47 29.40
C SER B 893 9.29 -40.05 29.86
N ILE B 894 9.13 -39.05 28.98
CA ILE B 894 9.34 -37.67 29.36
C ILE B 894 8.31 -37.21 30.39
N ASN B 895 7.19 -37.94 30.51
CA ASN B 895 6.22 -37.62 31.56
C ASN B 895 6.83 -37.82 32.95
N TYR B 896 7.58 -38.90 33.13
CA TYR B 896 8.18 -39.17 34.44
C TYR B 896 9.37 -38.24 34.70
N VAL B 897 10.05 -37.79 33.66
CA VAL B 897 11.21 -36.92 33.84
C VAL B 897 10.78 -35.49 34.17
N LEU B 898 9.65 -35.03 33.63
CA LEU B 898 9.25 -33.64 33.79
C LEU B 898 8.04 -33.43 34.68
N TYR B 899 7.10 -34.37 34.75
CA TYR B 899 5.80 -34.10 35.35
C TYR B 899 5.63 -35.00 36.57
N ARG B 900 4.64 -35.90 36.55
CA ARG B 900 4.25 -36.70 37.71
C ARG B 900 3.76 -35.82 38.85
N ALA B 901 2.43 -35.66 38.95
CA ALA B 901 1.87 -35.00 40.12
C ALA B 901 2.12 -35.85 41.37
N GLU B 902 1.85 -35.25 42.53
CA GLU B 902 2.16 -35.94 43.79
C GLU B 902 1.37 -37.23 43.92
N GLN B 903 0.09 -37.21 43.53
CA GLN B 903 -0.70 -38.43 43.55
C GLN B 903 -0.19 -39.46 42.55
N GLU B 904 0.33 -38.98 41.41
CA GLU B 904 0.92 -39.90 40.43
C GLU B 904 2.20 -40.52 40.98
N GLU B 905 3.07 -39.70 41.58
CA GLU B 905 4.31 -40.22 42.15
C GLU B 905 4.04 -41.19 43.29
N TYR B 906 2.97 -40.95 44.06
CA TYR B 906 2.63 -41.85 45.16
C TYR B 906 2.14 -43.21 44.66
N ASP B 907 1.45 -43.23 43.51
CA ASP B 907 1.02 -44.50 42.95
C ASP B 907 2.22 -45.38 42.59
N TYR B 908 3.24 -44.77 41.99
CA TYR B 908 4.46 -45.50 41.64
C TYR B 908 5.35 -45.79 42.85
N SER B 909 5.08 -45.16 44.00
CA SER B 909 5.88 -45.37 45.20
C SER B 909 5.11 -46.02 46.33
N GLU B 910 3.84 -46.39 46.13
CA GLU B 910 2.98 -46.97 47.15
C GLU B 910 2.85 -46.07 48.37
N GLY B 911 3.11 -44.78 48.21
CA GLY B 911 3.08 -43.83 49.30
C GLY B 911 4.43 -43.49 49.91
N ARG B 912 5.53 -43.90 49.28
CA ARG B 912 6.86 -43.61 49.83
C ARG B 912 7.33 -42.20 49.48
N SER B 913 7.39 -41.89 48.18
CA SER B 913 8.07 -40.69 47.72
C SER B 913 7.21 -39.45 47.89
N GLY B 914 6.77 -38.86 46.79
CA GLY B 914 6.05 -37.62 46.82
C GLY B 914 6.91 -36.44 46.42
N ALA B 915 6.43 -35.25 46.76
CA ALA B 915 7.10 -34.02 46.40
C ALA B 915 8.09 -33.59 47.49
N TYR B 916 9.11 -32.85 47.09
CA TYR B 916 10.11 -32.30 48.00
C TYR B 916 9.56 -31.00 48.57
N ASP B 917 9.07 -31.05 49.81
CA ASP B 917 8.54 -29.85 50.44
C ASP B 917 9.67 -28.86 50.66
N ILE B 918 9.72 -27.83 49.82
CA ILE B 918 10.67 -26.74 49.99
C ILE B 918 10.28 -25.99 51.25
N PRO B 919 11.14 -25.92 52.26
CA PRO B 919 10.75 -25.30 53.53
C PRO B 919 10.30 -23.86 53.34
N ASP B 920 9.26 -23.47 54.08
CA ASP B 920 8.66 -22.14 54.08
C ASP B 920 7.91 -21.84 52.78
N TYR B 921 8.36 -22.39 51.65
CA TYR B 921 7.66 -22.21 50.38
C TYR B 921 6.55 -23.24 50.23
N GLY B 922 6.92 -24.49 50.01
CA GLY B 922 5.96 -25.55 49.86
C GLY B 922 6.47 -26.58 48.86
N LYS B 923 5.56 -27.47 48.47
CA LYS B 923 5.93 -28.50 47.52
C LYS B 923 5.83 -27.97 46.09
N PRO B 924 6.74 -28.36 45.21
CA PRO B 924 6.58 -28.03 43.80
C PRO B 924 5.40 -28.77 43.19
N VAL B 925 4.83 -28.18 42.15
CA VAL B 925 3.63 -28.74 41.54
C VAL B 925 3.91 -30.13 40.97
N TYR B 926 4.97 -30.25 40.17
CA TYR B 926 5.38 -31.53 39.60
C TYR B 926 6.62 -32.04 40.31
N CYS B 927 6.69 -33.35 40.52
CA CYS B 927 7.91 -33.96 41.04
C CYS B 927 9.05 -33.90 40.03
N GLY B 928 8.73 -33.81 38.74
CA GLY B 928 9.75 -33.75 37.71
C GLY B 928 10.44 -32.40 37.65
N LEU B 929 11.17 -32.20 36.54
CA LEU B 929 11.94 -30.97 36.38
C LEU B 929 11.04 -29.75 36.22
N GLN B 930 9.83 -29.94 35.68
CA GLN B 930 8.93 -28.80 35.46
C GLN B 930 8.56 -28.14 36.78
N GLY B 931 8.25 -28.93 37.80
CA GLY B 931 7.93 -28.36 39.10
C GLY B 931 9.04 -27.47 39.65
N TRP B 932 10.29 -27.78 39.31
CA TRP B 932 11.40 -26.92 39.69
C TRP B 932 11.53 -25.73 38.75
N VAL B 933 11.38 -25.96 37.44
CA VAL B 933 11.50 -24.88 36.48
C VAL B 933 10.41 -23.84 36.67
N SER B 934 9.20 -24.28 37.02
CA SER B 934 8.12 -23.33 37.28
C SER B 934 8.45 -22.39 38.43
N ILE B 935 9.18 -22.89 39.42
CA ILE B 935 9.59 -22.03 40.53
C ILE B 935 10.85 -21.25 40.18
N LEU B 936 11.76 -21.85 39.40
CA LEU B 936 13.06 -21.25 39.13
C LEU B 936 13.01 -20.05 38.19
N ARG B 937 12.01 -19.97 37.31
CA ARG B 937 12.05 -18.93 36.27
C ARG B 937 11.95 -17.53 36.86
N LYS B 938 10.95 -17.28 37.72
CA LYS B 938 10.86 -15.98 38.37
C LYS B 938 12.07 -15.73 39.26
N ILE B 939 12.65 -16.79 39.83
CA ILE B 939 13.83 -16.62 40.66
C ILE B 939 15.02 -16.18 39.82
N ILE B 940 15.29 -16.91 38.73
CA ILE B 940 16.40 -16.55 37.84
C ILE B 940 16.20 -15.17 37.24
N PHE B 941 14.95 -14.79 36.95
CA PHE B 941 14.67 -13.49 36.38
C PHE B 941 15.06 -12.37 37.33
N TYR B 942 14.71 -12.52 38.61
CA TYR B 942 15.01 -11.50 39.62
C TYR B 942 16.27 -11.81 40.42
N ASN B 943 16.94 -12.93 40.12
CA ASN B 943 18.15 -13.33 40.85
C ASN B 943 17.88 -13.37 42.35
N ASP B 944 16.71 -13.92 42.72
CA ASP B 944 16.25 -13.92 44.11
C ASP B 944 16.96 -15.01 44.88
N LEU B 945 18.15 -14.70 45.40
CA LEU B 945 18.86 -15.61 46.27
C LEU B 945 18.25 -15.68 47.67
N ALA B 946 17.28 -14.82 47.98
CA ALA B 946 16.57 -14.85 49.24
C ALA B 946 15.31 -15.71 49.21
N HIS B 947 14.99 -16.29 48.05
CA HIS B 947 13.82 -17.15 47.93
C HIS B 947 13.99 -18.38 48.83
N PRO B 948 12.89 -18.88 49.41
CA PRO B 948 13.00 -20.08 50.27
C PRO B 948 13.65 -21.26 49.59
N LEU B 949 13.51 -21.38 48.26
CA LEU B 949 14.22 -22.45 47.55
C LEU B 949 15.72 -22.19 47.50
N SER B 950 16.11 -20.92 47.29
CA SER B 950 17.53 -20.58 47.28
C SER B 950 18.15 -20.76 48.66
N ASN B 951 17.40 -20.44 49.71
CA ASN B 951 17.89 -20.69 51.07
C ASN B 951 18.12 -22.17 51.30
N ASN B 952 17.19 -23.01 50.83
CA ASN B 952 17.30 -24.44 51.05
C ASN B 952 18.45 -25.06 50.27
N LEU B 953 18.80 -24.49 49.11
CA LEU B 953 19.83 -25.09 48.27
C LEU B 953 21.23 -24.89 48.81
N ARG B 954 21.47 -23.81 49.56
CA ARG B 954 22.79 -23.59 50.15
C ARG B 954 22.89 -24.08 51.59
N ASN B 955 21.76 -24.49 52.20
CA ASN B 955 21.82 -25.12 53.51
C ASN B 955 22.20 -26.59 53.43
N GLY B 956 22.07 -27.21 52.26
CA GLY B 956 22.43 -28.61 52.12
C GLY B 956 22.21 -29.08 50.69
N HIS B 957 22.33 -30.40 50.52
CA HIS B 957 22.23 -31.02 49.21
C HIS B 957 20.98 -31.90 49.07
N TRP B 958 19.94 -31.62 49.85
CA TRP B 958 18.79 -32.52 49.87
C TRP B 958 17.97 -32.42 48.59
N ALA B 959 17.65 -31.20 48.16
CA ALA B 959 16.92 -31.01 46.91
C ALA B 959 17.75 -31.49 45.72
N VAL B 960 19.08 -31.45 45.84
CA VAL B 960 19.94 -31.90 44.75
C VAL B 960 19.81 -33.40 44.55
N ASP B 961 19.75 -34.17 45.64
CA ASP B 961 19.66 -35.62 45.53
C ASP B 961 18.23 -36.09 45.27
N TYR B 962 17.23 -35.29 45.67
CA TYR B 962 15.85 -35.67 45.43
C TYR B 962 15.54 -35.79 43.94
N VAL B 963 16.06 -34.86 43.14
CA VAL B 963 15.83 -34.91 41.70
C VAL B 963 16.46 -36.16 41.08
N VAL B 964 17.59 -36.60 41.62
CA VAL B 964 18.27 -37.76 41.06
C VAL B 964 17.66 -39.05 41.61
N ASN B 965 17.28 -39.07 42.89
CA ASN B 965 16.77 -40.28 43.51
C ASN B 965 15.33 -40.59 43.15
N ARG B 966 14.59 -39.63 42.59
CA ARG B 966 13.25 -39.94 42.10
C ARG B 966 13.30 -40.99 40.99
N LEU B 967 14.28 -40.87 40.10
CA LEU B 967 14.33 -41.65 38.86
C LEU B 967 14.72 -43.11 39.10
N ASP B 968 14.90 -43.53 40.36
CA ASP B 968 14.98 -44.96 40.64
C ASP B 968 13.61 -45.63 40.52
N LEU B 969 12.53 -44.86 40.64
CA LEU B 969 11.19 -45.42 40.48
C LEU B 969 10.89 -45.73 39.02
N TYR B 970 11.39 -44.91 38.09
CA TYR B 970 11.15 -45.08 36.67
C TYR B 970 12.43 -45.43 35.91
N LYS B 971 13.37 -46.08 36.59
CA LYS B 971 14.68 -46.36 35.97
C LYS B 971 14.56 -47.28 34.77
N ASP B 972 13.60 -48.22 34.80
CA ASP B 972 13.47 -49.21 33.74
C ASP B 972 12.70 -48.70 32.52
N LYS B 973 12.32 -47.43 32.50
CA LYS B 973 11.59 -46.87 31.38
C LYS B 973 12.54 -46.37 30.30
N GLU B 974 11.98 -46.05 29.14
CA GLU B 974 12.77 -45.72 27.95
C GLU B 974 13.60 -44.46 28.13
N GLY B 975 14.90 -44.63 28.34
CA GLY B 975 15.82 -43.52 28.39
C GLY B 975 15.95 -42.82 29.73
N VAL B 976 15.15 -43.21 30.73
CA VAL B 976 15.22 -42.54 32.02
C VAL B 976 16.54 -42.85 32.72
N ALA B 977 17.08 -44.06 32.54
CA ALA B 977 18.31 -44.44 33.21
C ALA B 977 19.48 -43.57 32.76
N GLU B 978 19.55 -43.26 31.47
CA GLU B 978 20.61 -42.39 30.97
C GLU B 978 20.33 -40.92 31.25
N VAL B 979 19.08 -40.54 31.48
CA VAL B 979 18.77 -39.19 31.94
C VAL B 979 19.13 -39.06 33.42
N GLN B 980 18.81 -40.08 34.22
CA GLN B 980 19.18 -40.06 35.63
C GLN B 980 20.70 -40.06 35.80
N GLU B 981 21.41 -40.83 34.97
CA GLU B 981 22.86 -40.89 35.09
C GLU B 981 23.51 -39.55 34.78
N TRP B 982 22.99 -38.84 33.76
CA TRP B 982 23.49 -37.49 33.49
C TRP B 982 23.22 -36.56 34.67
N LEU B 983 22.04 -36.67 35.28
CA LEU B 983 21.74 -35.88 36.46
C LEU B 983 22.63 -36.28 37.64
N ARG B 984 22.87 -37.58 37.81
CA ARG B 984 23.69 -38.04 38.92
C ARG B 984 25.12 -37.53 38.80
N SER B 985 25.70 -37.65 37.61
CA SER B 985 27.09 -37.22 37.41
C SER B 985 27.24 -35.72 37.53
N ARG B 986 26.21 -34.95 37.15
CA ARG B 986 26.28 -33.50 37.25
C ARG B 986 25.98 -33.03 38.67
N MET B 987 25.01 -33.66 39.34
CA MET B 987 24.69 -33.27 40.71
C MET B 987 25.78 -33.68 41.69
N GLU B 988 26.48 -34.79 41.40
CA GLU B 988 27.61 -35.18 42.24
C GLU B 988 28.76 -34.20 42.11
N ARG B 989 29.03 -33.75 40.88
CA ARG B 989 30.01 -32.70 40.65
C ARG B 989 29.58 -31.37 41.27
N ILE B 990 28.28 -31.16 41.46
CA ILE B 990 27.78 -29.89 42.00
C ILE B 990 27.96 -29.84 43.52
N LYS B 991 27.79 -30.97 44.20
CA LYS B 991 27.81 -30.96 45.66
C LYS B 991 29.19 -30.67 46.23
N GLN B 992 30.26 -30.86 45.44
CA GLN B 992 31.62 -30.57 45.88
C GLN B 992 31.99 -29.10 45.72
N LEU B 993 31.00 -28.21 45.62
CA LEU B 993 31.18 -26.79 45.45
C LEU B 993 30.87 -26.05 46.74
N PRO B 994 31.29 -24.79 46.87
CA PRO B 994 30.84 -23.97 48.00
C PRO B 994 29.33 -23.94 48.09
N SER B 995 28.82 -23.94 49.33
CA SER B 995 27.39 -24.04 49.53
C SER B 995 26.65 -22.86 48.90
N TYR B 996 27.23 -21.66 48.99
CA TYR B 996 26.58 -20.48 48.42
C TYR B 996 26.52 -20.50 46.91
N LEU B 997 27.18 -21.45 46.25
CA LEU B 997 27.14 -21.59 44.79
C LEU B 997 26.21 -22.69 44.32
N VAL B 998 25.69 -23.51 45.22
CA VAL B 998 24.79 -24.59 44.81
C VAL B 998 23.52 -24.08 44.14
N PRO B 999 22.83 -23.05 44.67
CA PRO B 999 21.58 -22.61 44.00
C PRO B 999 21.77 -22.23 42.55
N SER B 1000 22.82 -21.47 42.22
CA SER B 1000 23.06 -21.05 40.85
C SER B 1000 23.20 -22.25 39.92
N PHE B 1001 24.00 -23.24 40.33
CA PHE B 1001 24.29 -24.38 39.47
C PHE B 1001 23.17 -25.41 39.46
N PHE B 1002 22.34 -25.47 40.52
CA PHE B 1002 21.18 -26.35 40.49
C PHE B 1002 20.19 -25.92 39.41
N ALA B 1003 19.93 -24.60 39.32
CA ALA B 1003 19.00 -24.11 38.31
C ALA B 1003 19.53 -24.33 36.90
N LEU B 1004 20.84 -24.20 36.71
CA LEU B 1004 21.42 -24.41 35.39
C LEU B 1004 21.31 -25.87 34.97
N VAL B 1005 21.65 -26.79 35.88
CA VAL B 1005 21.57 -28.21 35.55
C VAL B 1005 20.13 -28.64 35.32
N VAL B 1006 19.21 -28.20 36.18
CA VAL B 1006 17.81 -28.52 35.97
C VAL B 1006 17.29 -27.85 34.70
N GLY B 1007 17.74 -26.61 34.44
CA GLY B 1007 17.28 -25.91 33.26
C GLY B 1007 17.80 -26.51 31.97
N ILE B 1008 19.07 -26.93 31.96
CA ILE B 1008 19.66 -27.50 30.75
C ILE B 1008 19.02 -28.85 30.43
N MET B 1009 18.84 -29.70 31.44
CA MET B 1009 18.18 -30.97 31.21
C MET B 1009 16.70 -30.79 30.87
N TYR B 1010 16.09 -29.69 31.34
CA TYR B 1010 14.71 -29.41 30.98
C TYR B 1010 14.59 -29.02 29.50
N GLY B 1011 15.50 -28.16 29.02
CA GLY B 1011 15.44 -27.76 27.63
C GLY B 1011 15.71 -28.90 26.67
N CYS B 1012 16.62 -29.81 27.04
CA CYS B 1012 16.92 -30.95 26.17
C CYS B 1012 15.79 -31.96 26.18
N CYS B 1013 14.98 -32.00 27.24
CA CYS B 1013 13.81 -32.85 27.26
C CYS B 1013 12.67 -32.27 26.42
N ARG B 1014 12.44 -30.96 26.52
CA ARG B 1014 11.38 -30.33 25.75
C ARG B 1014 11.72 -30.34 24.25
N LEU B 1015 13.01 -30.19 23.92
CA LEU B 1015 13.41 -30.30 22.51
C LEU B 1015 13.21 -31.72 22.01
N ARG B 1016 13.54 -32.72 22.84
CA ARG B 1016 13.33 -34.11 22.45
C ARG B 1016 11.85 -34.40 22.25
N ALA B 1017 10.97 -33.65 22.91
CA ALA B 1017 9.53 -33.86 22.75
C ALA B 1017 9.04 -33.33 21.41
N MET B 1018 9.51 -32.14 21.02
CA MET B 1018 9.11 -31.58 19.73
C MET B 1018 9.66 -32.40 18.58
N GLN B 1019 10.82 -33.05 18.77
CA GLN B 1019 11.37 -33.92 17.74
C GLN B 1019 10.49 -35.14 17.53
N LEU B 1020 10.02 -35.76 18.61
CA LEU B 1020 9.19 -36.95 18.50
C LEU B 1020 7.80 -36.62 17.95
N MET B 1021 7.28 -35.43 18.23
CA MET B 1021 5.97 -35.06 17.76
C MET B 1021 6.01 -34.69 16.29
N SER B 1022 4.86 -34.32 15.74
CA SER B 1022 4.72 -34.08 14.31
C SER B 1022 5.37 -32.75 13.93
N ASP B 1023 5.23 -32.35 12.67
CA ASP B 1023 5.89 -31.14 12.16
C ASP B 1023 5.12 -29.86 12.46
N ASN B 1024 3.79 -29.90 12.46
CA ASN B 1024 3.02 -28.71 12.81
C ASN B 1024 3.27 -28.28 14.25
N VAL B 1025 3.61 -29.23 15.12
CA VAL B 1025 3.89 -28.92 16.51
C VAL B 1025 5.32 -28.41 16.68
N GLY B 1026 6.28 -29.13 16.11
CA GLY B 1026 7.69 -28.87 16.37
C GLY B 1026 8.23 -27.58 15.79
N LYS B 1027 7.49 -26.92 14.91
CA LYS B 1027 7.96 -25.69 14.27
C LYS B 1027 7.12 -24.48 14.65
N SER B 1028 6.29 -24.57 15.68
CA SER B 1028 5.30 -23.56 15.97
C SER B 1028 5.78 -22.61 17.07
N THR B 1029 4.86 -21.82 17.60
CA THR B 1029 5.13 -20.86 18.67
C THR B 1029 5.17 -21.57 20.02
N VAL B 1030 5.73 -20.87 21.02
CA VAL B 1030 5.75 -21.39 22.38
C VAL B 1030 4.36 -21.77 22.84
N PHE B 1031 3.36 -20.95 22.49
CA PHE B 1031 1.99 -21.21 22.94
C PHE B 1031 1.46 -22.52 22.38
N VAL B 1032 1.77 -22.83 21.13
CA VAL B 1032 1.33 -24.09 20.54
C VAL B 1032 2.09 -25.25 21.19
N GLN B 1033 3.42 -25.11 21.33
CA GLN B 1033 4.20 -26.16 21.96
C GLN B 1033 3.83 -26.35 23.41
N SER B 1034 3.41 -25.28 24.09
CA SER B 1034 3.00 -25.40 25.49
C SER B 1034 1.75 -26.28 25.62
N LEU B 1035 0.79 -26.12 24.72
CA LEU B 1035 -0.38 -26.99 24.72
C LEU B 1035 0.00 -28.40 24.29
N ALA B 1036 1.05 -28.54 23.46
CA ALA B 1036 1.45 -29.86 22.98
C ALA B 1036 2.05 -30.69 24.09
N MET B 1037 2.80 -30.06 25.00
CA MET B 1037 3.41 -30.80 26.11
C MET B 1037 2.38 -31.41 27.05
N THR B 1038 1.14 -30.90 27.02
CA THR B 1038 0.10 -31.45 27.89
C THR B 1038 -0.18 -32.91 27.56
N SER B 1039 0.01 -33.31 26.30
CA SER B 1039 -0.14 -34.72 25.93
C SER B 1039 0.80 -35.59 26.75
N ILE B 1040 2.04 -35.15 26.93
CA ILE B 1040 2.99 -35.88 27.77
C ILE B 1040 2.53 -35.89 29.23
N GLN B 1041 1.92 -34.79 29.69
CA GLN B 1041 1.48 -34.73 31.08
C GLN B 1041 0.39 -35.76 31.36
N MET B 1042 -0.53 -35.96 30.42
CA MET B 1042 -1.67 -36.83 30.68
C MET B 1042 -1.37 -38.29 30.39
N VAL B 1043 -0.54 -38.56 29.40
CA VAL B 1043 -0.26 -39.93 28.98
C VAL B 1043 0.86 -40.47 29.85
N SER B 1044 0.54 -41.45 30.69
CA SER B 1044 1.50 -42.04 31.61
C SER B 1044 1.08 -43.46 31.94
N ALA B 1045 2.06 -44.32 32.16
CA ALA B 1045 1.82 -45.65 32.70
C ALA B 1045 1.75 -45.58 34.21
N MET B 1046 0.87 -46.38 34.80
CA MET B 1046 0.61 -46.34 36.24
C MET B 1046 0.73 -47.74 36.81
N LYS B 1047 0.42 -47.86 38.11
CA LYS B 1047 0.38 -49.13 38.80
C LYS B 1047 -1.02 -49.49 39.27
N SER B 1048 -1.80 -48.51 39.71
CA SER B 1048 -3.15 -48.75 40.23
C SER B 1048 -4.22 -48.72 39.14
N THR B 1049 -3.87 -48.35 37.91
CA THR B 1049 -4.86 -48.25 36.85
C THR B 1049 -4.17 -48.36 35.50
N SER B 1050 -4.98 -48.45 34.46
CA SER B 1050 -4.53 -48.53 33.07
C SER B 1050 -5.78 -48.39 32.19
N ILE B 1051 -5.60 -48.55 30.88
CA ILE B 1051 -6.75 -48.59 29.96
C ILE B 1051 -7.14 -50.03 29.61
N LEU B 1052 -6.23 -50.99 29.73
CA LEU B 1052 -6.41 -52.41 29.54
C LEU B 1052 -6.48 -53.12 30.90
N PRO B 1053 -7.37 -54.10 31.06
CA PRO B 1053 -7.49 -54.77 32.36
C PRO B 1053 -6.38 -55.75 32.66
N ASP B 1054 -5.71 -56.29 31.63
CA ASP B 1054 -4.66 -57.28 31.84
C ASP B 1054 -3.29 -56.65 32.05
N GLN B 1055 -3.01 -55.54 31.35
CA GLN B 1055 -1.70 -54.92 31.38
C GLN B 1055 -1.78 -53.52 31.98
N ASN B 1056 -0.62 -52.94 32.23
CA ASN B 1056 -0.49 -51.56 32.72
C ASN B 1056 0.33 -50.79 31.69
N ILE B 1057 -0.38 -50.13 30.76
CA ILE B 1057 0.29 -49.35 29.72
C ILE B 1057 -0.06 -47.88 29.90
N ALA B 1058 0.44 -47.04 28.99
CA ALA B 1058 0.20 -45.60 29.09
C ALA B 1058 -1.28 -45.29 28.95
N ALA B 1059 -1.77 -44.42 29.83
CA ALA B 1059 -3.18 -44.04 29.87
C ALA B 1059 -3.29 -42.54 30.02
N MET B 1060 -4.25 -41.95 29.31
CA MET B 1060 -4.47 -40.51 29.38
C MET B 1060 -5.30 -40.16 30.60
N ALA B 1061 -4.79 -39.23 31.41
CA ALA B 1061 -5.51 -38.74 32.56
C ALA B 1061 -6.43 -37.60 32.17
N ALA B 1062 -7.62 -37.56 32.78
CA ALA B 1062 -8.53 -36.45 32.54
C ALA B 1062 -7.92 -35.13 32.99
N GLY B 1063 -7.20 -35.13 34.10
CA GLY B 1063 -6.55 -33.94 34.57
C GLY B 1063 -5.71 -34.23 35.80
N LEU B 1064 -4.82 -33.30 36.10
CA LEU B 1064 -3.97 -33.41 37.27
C LEU B 1064 -4.34 -32.33 38.29
N PRO B 1065 -4.25 -32.64 39.59
CA PRO B 1065 -3.81 -33.91 40.16
C PRO B 1065 -4.96 -34.83 40.56
N HIS B 1066 -6.19 -34.31 40.54
CA HIS B 1066 -7.33 -35.03 41.11
C HIS B 1066 -7.89 -36.11 40.19
N PHE B 1067 -7.45 -36.16 38.94
CA PHE B 1067 -7.93 -37.21 38.03
C PHE B 1067 -6.76 -38.00 37.46
N SER B 1068 -5.99 -38.66 38.32
CA SER B 1068 -4.77 -39.31 37.88
C SER B 1068 -4.49 -40.67 38.52
N THR B 1069 -5.32 -41.12 39.46
CA THR B 1069 -5.05 -42.37 40.17
C THR B 1069 -6.33 -43.19 40.32
N ASN B 1070 -6.19 -44.51 40.20
CA ASN B 1070 -7.25 -45.49 40.43
C ASN B 1070 -8.39 -45.23 39.44
N TYR B 1071 -9.64 -45.33 39.86
CA TYR B 1071 -10.81 -45.23 38.99
C TYR B 1071 -11.07 -43.81 38.51
N MET B 1072 -10.36 -42.82 39.04
CA MET B 1072 -10.63 -41.42 38.73
C MET B 1072 -9.78 -40.88 37.59
N ARG B 1073 -8.99 -41.72 36.93
CA ARG B 1073 -8.06 -41.23 35.90
C ARG B 1073 -8.69 -41.28 34.51
N CYS B 1074 -9.06 -42.47 34.05
CA CYS B 1074 -9.53 -42.66 32.69
C CYS B 1074 -11.04 -42.50 32.61
N TRP B 1075 -11.48 -41.57 31.76
CA TRP B 1075 -12.90 -41.38 31.46
C TRP B 1075 -13.06 -41.36 29.95
N GLY B 1076 -13.95 -42.22 29.44
CA GLY B 1076 -14.14 -42.29 28.00
C GLY B 1076 -14.57 -40.97 27.39
N ARG B 1077 -15.44 -40.24 28.08
CA ARG B 1077 -15.84 -38.92 27.61
C ARG B 1077 -14.65 -37.98 27.53
N ASP B 1078 -13.78 -38.01 28.54
CA ASP B 1078 -12.66 -37.07 28.58
C ASP B 1078 -11.55 -37.47 27.63
N VAL B 1079 -11.35 -38.77 27.42
CA VAL B 1079 -10.21 -39.23 26.63
C VAL B 1079 -10.41 -38.91 25.16
N PHE B 1080 -11.60 -39.21 24.62
CA PHE B 1080 -11.80 -39.13 23.19
C PHE B 1080 -12.08 -37.72 22.69
N ILE B 1081 -12.57 -36.82 23.55
CA ILE B 1081 -12.66 -35.42 23.15
C ILE B 1081 -11.26 -34.85 22.93
N SER B 1082 -10.30 -35.27 23.74
CA SER B 1082 -8.91 -34.82 23.62
C SER B 1082 -8.08 -35.71 22.71
N LEU B 1083 -8.64 -36.80 22.19
CA LEU B 1083 -7.85 -37.75 21.43
C LEU B 1083 -7.33 -37.12 20.13
N ARG B 1084 -8.13 -36.26 19.51
CA ARG B 1084 -7.68 -35.59 18.29
C ARG B 1084 -6.67 -34.48 18.59
N GLY B 1085 -6.87 -33.77 19.70
CA GLY B 1085 -6.01 -32.65 20.04
C GLY B 1085 -4.71 -33.04 20.70
N LEU B 1086 -4.76 -33.98 21.64
CA LEU B 1086 -3.57 -34.37 22.39
C LEU B 1086 -2.76 -35.47 21.70
N LEU B 1087 -3.41 -36.36 20.96
CA LEU B 1087 -2.72 -37.50 20.35
C LEU B 1087 -2.60 -37.37 18.84
N LEU B 1088 -3.68 -37.04 18.14
CA LEU B 1088 -3.66 -37.01 16.68
C LEU B 1088 -2.96 -35.76 16.15
N THR B 1089 -3.23 -34.60 16.76
CA THR B 1089 -2.57 -33.37 16.33
C THR B 1089 -1.07 -33.42 16.60
N THR B 1090 -0.64 -34.21 17.58
CA THR B 1090 0.75 -34.26 17.99
C THR B 1090 1.54 -35.38 17.32
N GLY B 1091 0.87 -36.38 16.76
CA GLY B 1091 1.54 -37.51 16.16
C GLY B 1091 1.57 -38.77 16.99
N ARG B 1092 0.72 -38.86 18.03
CA ARG B 1092 0.61 -40.07 18.86
C ARG B 1092 -0.40 -41.04 18.27
N TYR B 1093 -0.22 -41.41 17.01
CA TYR B 1093 -1.20 -42.27 16.33
C TYR B 1093 -1.29 -43.63 17.00
N GLU B 1094 -0.14 -44.26 17.25
CA GLU B 1094 -0.15 -45.58 17.88
C GLU B 1094 -0.72 -45.51 19.29
N GLU B 1095 -0.40 -44.46 20.04
CA GLU B 1095 -0.98 -44.28 21.36
C GLU B 1095 -2.46 -43.95 21.29
N ALA B 1096 -2.88 -43.25 20.23
CA ALA B 1096 -4.31 -43.00 20.03
C ALA B 1096 -5.04 -44.27 19.64
N LYS B 1097 -4.34 -45.21 18.99
CA LYS B 1097 -4.98 -46.47 18.63
C LYS B 1097 -5.20 -47.33 19.88
N GLU B 1098 -4.24 -47.34 20.80
CA GLU B 1098 -4.36 -48.15 22.01
C GLU B 1098 -5.57 -47.73 22.84
N HIS B 1099 -5.81 -46.41 22.95
CA HIS B 1099 -6.94 -45.94 23.73
C HIS B 1099 -8.26 -46.28 23.05
N ILE B 1100 -8.31 -46.22 21.72
CA ILE B 1100 -9.52 -46.58 21.00
C ILE B 1100 -9.81 -48.06 21.15
N LEU B 1101 -8.78 -48.91 21.02
CA LEU B 1101 -8.97 -50.34 21.20
C LEU B 1101 -9.34 -50.69 22.64
N ALA B 1102 -8.85 -49.89 23.61
CA ALA B 1102 -9.11 -50.20 25.01
C ALA B 1102 -10.60 -50.10 25.33
N PHE B 1103 -11.23 -48.99 24.96
CA PHE B 1103 -12.65 -48.81 25.23
C PHE B 1103 -13.52 -49.67 24.33
N ALA B 1104 -13.00 -50.11 23.19
CA ALA B 1104 -13.79 -50.96 22.29
C ALA B 1104 -14.14 -52.30 22.90
N LYS B 1105 -13.36 -52.77 23.88
CA LYS B 1105 -13.66 -54.01 24.57
C LYS B 1105 -14.76 -53.85 25.61
N THR B 1106 -15.12 -52.62 25.96
CA THR B 1106 -16.06 -52.34 27.04
C THR B 1106 -17.43 -51.91 26.53
N LEU B 1107 -17.73 -52.15 25.25
CA LEU B 1107 -19.05 -51.80 24.71
C LEU B 1107 -20.11 -52.68 25.36
N LYS B 1108 -20.93 -52.10 26.23
CA LYS B 1108 -22.02 -52.81 26.87
C LYS B 1108 -23.23 -51.88 26.95
N HIS B 1109 -24.42 -52.47 26.92
CA HIS B 1109 -25.67 -51.72 26.85
C HIS B 1109 -25.74 -50.88 25.58
N GLY B 1110 -25.05 -51.32 24.53
CA GLY B 1110 -24.96 -50.55 23.30
C GLY B 1110 -24.32 -49.20 23.46
N LEU B 1111 -23.50 -49.01 24.50
CA LEU B 1111 -22.94 -47.71 24.81
C LEU B 1111 -21.50 -47.87 25.30
N ILE B 1112 -20.73 -46.80 25.14
CA ILE B 1112 -19.36 -46.74 25.63
C ILE B 1112 -19.40 -46.20 27.07
N PRO B 1113 -18.71 -46.84 28.00
CA PRO B 1113 -18.79 -46.38 29.41
C PRO B 1113 -17.95 -45.13 29.64
N ASN B 1114 -18.45 -44.26 30.50
CA ASN B 1114 -17.72 -43.06 30.90
C ASN B 1114 -16.60 -43.44 31.85
N LEU B 1115 -16.96 -43.77 33.09
CA LEU B 1115 -15.98 -44.20 34.09
C LEU B 1115 -15.34 -45.51 33.67
N LEU B 1116 -14.10 -45.44 33.19
CA LEU B 1116 -13.36 -46.64 32.84
C LEU B 1116 -12.62 -47.14 34.07
N ASP B 1117 -12.94 -48.36 34.51
CA ASP B 1117 -12.22 -49.02 35.59
C ASP B 1117 -11.17 -49.96 35.03
N ALA B 1118 -10.39 -49.46 34.08
CA ALA B 1118 -9.39 -50.22 33.31
C ALA B 1118 -10.00 -51.36 32.51
N GLY B 1119 -11.33 -51.47 32.49
CA GLY B 1119 -12.01 -52.54 31.77
C GLY B 1119 -12.73 -53.53 32.64
N ARG B 1120 -12.58 -53.45 33.97
CA ARG B 1120 -13.24 -54.36 34.90
C ARG B 1120 -14.37 -53.60 35.60
N ASN B 1121 -15.62 -53.94 35.24
CA ASN B 1121 -16.81 -53.30 35.76
C ASN B 1121 -16.75 -51.78 35.63
N PRO B 1122 -16.78 -51.23 34.41
CA PRO B 1122 -16.88 -49.78 34.27
C PRO B 1122 -18.29 -49.28 34.57
N ARG B 1123 -18.52 -47.98 34.43
CA ARG B 1123 -19.83 -47.39 34.69
C ARG B 1123 -20.50 -47.02 33.38
N TYR B 1124 -21.74 -47.47 33.20
CA TYR B 1124 -22.47 -47.22 31.96
C TYR B 1124 -23.62 -46.24 32.17
N ASN B 1125 -23.30 -45.02 32.54
CA ASN B 1125 -24.27 -43.93 32.66
C ASN B 1125 -23.89 -42.78 31.72
N ALA B 1126 -23.36 -43.12 30.56
CA ALA B 1126 -22.82 -42.15 29.62
C ALA B 1126 -23.59 -42.23 28.30
N ARG B 1127 -24.58 -41.35 28.15
CA ARG B 1127 -25.28 -41.21 26.89
C ARG B 1127 -24.51 -40.36 25.88
N ASP B 1128 -23.37 -39.78 26.29
CA ASP B 1128 -22.54 -38.98 25.41
C ASP B 1128 -21.25 -39.65 24.98
N ALA B 1129 -20.77 -40.66 25.72
CA ALA B 1129 -19.44 -41.19 25.49
C ALA B 1129 -19.35 -41.92 24.15
N ALA B 1130 -20.38 -42.71 23.81
CA ALA B 1130 -20.32 -43.53 22.60
C ALA B 1130 -20.20 -42.69 21.34
N TRP B 1131 -20.74 -41.47 21.36
CA TRP B 1131 -20.72 -40.63 20.16
C TRP B 1131 -19.48 -39.76 20.08
N PHE B 1132 -18.86 -39.41 21.22
CA PHE B 1132 -17.51 -38.86 21.17
C PHE B 1132 -16.50 -39.93 20.82
N PHE B 1133 -16.75 -41.17 21.23
CA PHE B 1133 -15.85 -42.28 20.89
C PHE B 1133 -15.87 -42.56 19.40
N VAL B 1134 -17.06 -42.69 18.81
CA VAL B 1134 -17.16 -42.94 17.38
C VAL B 1134 -16.71 -41.73 16.57
N GLN B 1135 -16.73 -40.53 17.16
CA GLN B 1135 -16.20 -39.36 16.47
C GLN B 1135 -14.68 -39.42 16.42
N ALA B 1136 -14.04 -39.89 17.49
CA ALA B 1136 -12.59 -40.03 17.49
C ALA B 1136 -12.13 -41.05 16.48
N ILE B 1137 -12.92 -42.09 16.22
CA ILE B 1137 -12.59 -43.04 15.16
C ILE B 1137 -12.54 -42.33 13.82
N GLN B 1138 -13.53 -41.49 13.55
CA GLN B 1138 -13.51 -40.70 12.33
C GLN B 1138 -12.33 -39.74 12.31
N ASP B 1139 -12.01 -39.13 13.45
CA ASP B 1139 -10.83 -38.28 13.54
C ASP B 1139 -9.55 -39.06 13.32
N TYR B 1140 -9.52 -40.32 13.77
CA TYR B 1140 -8.36 -41.18 13.52
C TYR B 1140 -8.21 -41.50 12.04
N VAL B 1141 -9.29 -41.98 11.42
CA VAL B 1141 -9.24 -42.37 10.01
C VAL B 1141 -8.98 -41.17 9.12
N THR B 1142 -9.47 -39.98 9.51
CA THR B 1142 -9.29 -38.80 8.67
C THR B 1142 -7.85 -38.32 8.66
N ILE B 1143 -7.16 -38.42 9.80
CA ILE B 1143 -5.84 -37.83 9.98
C ILE B 1143 -4.73 -38.87 9.81
N VAL B 1144 -4.86 -40.02 10.46
CA VAL B 1144 -3.77 -40.99 10.48
C VAL B 1144 -3.62 -41.62 9.10
N PRO B 1145 -2.42 -41.60 8.50
CA PRO B 1145 -2.22 -42.31 7.23
C PRO B 1145 -2.47 -43.80 7.41
N GLY B 1146 -3.31 -44.34 6.52
CA GLY B 1146 -3.78 -45.70 6.67
C GLY B 1146 -4.78 -45.87 7.79
N GLY B 1147 -5.61 -44.86 8.05
CA GLY B 1147 -6.50 -44.90 9.19
C GLY B 1147 -7.59 -45.95 9.04
N VAL B 1148 -7.88 -46.34 7.79
CA VAL B 1148 -8.89 -47.37 7.57
C VAL B 1148 -8.43 -48.71 8.11
N SER B 1149 -7.13 -48.88 8.37
CA SER B 1149 -6.63 -50.10 8.99
C SER B 1149 -7.20 -50.32 10.37
N LEU B 1150 -7.64 -49.26 11.05
CA LEU B 1150 -8.26 -49.41 12.36
C LEU B 1150 -9.59 -50.16 12.28
N LEU B 1151 -10.29 -50.03 11.16
CA LEU B 1151 -11.62 -50.63 11.05
C LEU B 1151 -11.58 -52.14 11.21
N GLN B 1152 -10.61 -52.80 10.58
CA GLN B 1152 -10.49 -54.25 10.64
C GLN B 1152 -9.51 -54.70 11.72
N GLU B 1153 -9.18 -53.83 12.67
CA GLU B 1153 -8.47 -54.25 13.87
C GLU B 1153 -9.46 -54.93 14.81
N LYS B 1154 -9.11 -56.13 15.28
CA LYS B 1154 -10.04 -56.96 16.04
C LYS B 1154 -9.77 -56.82 17.53
N VAL B 1155 -10.81 -56.45 18.28
CA VAL B 1155 -10.74 -56.32 19.73
C VAL B 1155 -11.49 -57.50 20.34
N THR B 1156 -11.05 -57.90 21.54
CA THR B 1156 -11.65 -59.03 22.25
C THR B 1156 -12.55 -58.46 23.35
N ARG B 1157 -13.83 -58.27 23.02
CA ARG B 1157 -14.82 -57.77 23.95
C ARG B 1157 -14.89 -58.60 25.22
N ARG B 1158 -14.46 -58.03 26.34
CA ARG B 1158 -14.53 -58.71 27.65
C ARG B 1158 -15.85 -58.45 28.36
N PHE B 1159 -16.95 -58.51 27.61
CA PHE B 1159 -18.30 -58.26 28.12
C PHE B 1159 -19.32 -58.86 27.17
N PRO B 1160 -20.25 -59.69 27.65
CA PRO B 1160 -21.21 -60.33 26.75
C PRO B 1160 -21.99 -59.32 25.92
N LEU B 1161 -22.26 -59.68 24.67
CA LEU B 1161 -22.87 -58.75 23.73
C LEU B 1161 -24.32 -58.45 24.07
N ASP B 1162 -24.99 -59.35 24.77
CA ASP B 1162 -26.41 -59.20 25.07
C ASP B 1162 -26.65 -58.27 26.25
N ASP B 1163 -25.78 -57.26 26.41
CA ASP B 1163 -25.74 -56.39 27.58
C ASP B 1163 -26.10 -57.14 28.85
N GLU B 1164 -25.40 -58.25 29.10
CA GLU B 1164 -25.75 -59.16 30.19
C GLU B 1164 -25.26 -58.66 31.55
N TYR B 1165 -24.64 -59.57 32.30
CA TYR B 1165 -24.20 -59.32 33.66
C TYR B 1165 -22.68 -59.32 33.73
N ILE B 1166 -22.15 -58.63 34.75
CA ILE B 1166 -20.71 -58.47 34.93
C ILE B 1166 -20.08 -59.83 35.23
N PRO B 1167 -19.15 -60.30 34.40
CA PRO B 1167 -18.58 -61.63 34.63
C PRO B 1167 -17.06 -61.59 34.68
N TYR B 1168 -16.49 -60.67 35.48
CA TYR B 1168 -15.08 -60.31 35.44
C TYR B 1168 -14.16 -61.48 35.10
N ASP B 1169 -14.03 -62.45 36.00
CA ASP B 1169 -13.19 -63.61 35.78
C ASP B 1169 -13.98 -64.83 35.32
N ASP B 1170 -15.30 -64.71 35.18
CA ASP B 1170 -16.10 -65.79 34.61
C ASP B 1170 -15.58 -66.09 33.20
N PRO B 1171 -15.38 -67.36 32.84
CA PRO B 1171 -14.72 -67.68 31.56
C PRO B 1171 -15.28 -66.94 30.36
N LYS B 1172 -16.60 -66.79 30.27
CA LYS B 1172 -17.23 -66.07 29.16
C LYS B 1172 -17.07 -64.58 29.43
N ALA B 1173 -15.91 -64.05 29.02
CA ALA B 1173 -15.64 -62.63 29.14
C ALA B 1173 -15.16 -62.10 27.80
N PHE B 1174 -13.84 -62.09 27.61
CA PHE B 1174 -13.17 -61.80 26.35
C PHE B 1174 -13.61 -62.73 25.22
N SER B 1175 -14.54 -63.63 25.51
CA SER B 1175 -14.86 -64.79 24.68
C SER B 1175 -14.93 -64.50 23.18
N TYR B 1176 -15.75 -63.54 22.79
CA TYR B 1176 -15.98 -63.27 21.37
C TYR B 1176 -15.19 -62.04 20.94
N SER B 1177 -14.65 -62.11 19.72
CA SER B 1177 -13.94 -60.97 19.14
C SER B 1177 -14.91 -60.05 18.42
N SER B 1178 -14.44 -58.85 18.12
CA SER B 1178 -15.29 -57.86 17.45
C SER B 1178 -14.39 -56.86 16.74
N THR B 1179 -14.51 -56.78 15.41
CA THR B 1179 -13.81 -55.76 14.66
C THR B 1179 -14.37 -54.37 15.00
N ILE B 1180 -13.53 -53.34 14.78
CA ILE B 1180 -14.00 -51.98 14.96
C ILE B 1180 -15.16 -51.70 14.01
N GLU B 1181 -15.16 -52.33 12.84
CA GLU B 1181 -16.25 -52.18 11.89
C GLU B 1181 -17.59 -52.60 12.50
N GLU B 1182 -17.64 -53.81 13.05
CA GLU B 1182 -18.88 -54.28 13.66
C GLU B 1182 -19.18 -53.61 14.99
N ILE B 1183 -18.18 -52.97 15.61
CA ILE B 1183 -18.43 -52.22 16.84
C ILE B 1183 -19.21 -50.94 16.53
N ILE B 1184 -18.81 -50.22 15.47
CA ILE B 1184 -19.52 -49.01 15.10
C ILE B 1184 -20.95 -49.33 14.71
N TYR B 1185 -21.14 -50.36 13.87
CA TYR B 1185 -22.47 -50.76 13.46
C TYR B 1185 -23.31 -51.22 14.64
N GLU B 1186 -22.68 -51.85 15.64
CA GLU B 1186 -23.42 -52.30 16.81
C GLU B 1186 -23.97 -51.13 17.61
N ILE B 1187 -23.34 -49.96 17.51
CA ILE B 1187 -23.86 -48.78 18.20
C ILE B 1187 -25.04 -48.19 17.43
N LEU B 1188 -24.87 -47.99 16.12
CA LEU B 1188 -25.93 -47.39 15.32
C LEU B 1188 -27.16 -48.28 15.24
N ASN B 1189 -26.97 -49.59 15.20
CA ASN B 1189 -28.10 -50.50 15.03
C ASN B 1189 -28.83 -50.73 16.35
N ARG B 1190 -28.10 -50.78 17.47
CA ARG B 1190 -28.75 -51.01 18.76
C ARG B 1190 -29.37 -49.74 19.32
N HIS B 1191 -28.75 -48.59 19.06
CA HIS B 1191 -29.39 -47.32 19.40
C HIS B 1191 -30.75 -47.20 18.73
N ALA B 1192 -30.77 -47.33 17.41
CA ALA B 1192 -32.04 -47.30 16.68
C ALA B 1192 -32.95 -48.44 17.10
N GLY B 1193 -32.37 -49.62 17.36
CA GLY B 1193 -33.16 -50.74 17.82
C GLY B 1193 -33.72 -50.58 19.22
N GLY B 1194 -33.27 -49.58 19.97
CA GLY B 1194 -33.76 -49.36 21.32
C GLY B 1194 -33.21 -50.37 22.30
N ILE B 1195 -32.23 -49.97 23.10
CA ILE B 1195 -31.61 -50.86 24.07
C ILE B 1195 -32.56 -51.04 25.25
N LYS B 1196 -32.13 -51.81 26.25
CA LYS B 1196 -32.94 -52.02 27.44
C LYS B 1196 -32.03 -52.47 28.57
N TYR B 1197 -31.78 -51.58 29.54
CA TYR B 1197 -30.87 -51.92 30.63
C TYR B 1197 -31.15 -51.04 31.83
N ARG B 1198 -30.77 -51.54 33.00
CA ARG B 1198 -30.71 -50.79 34.24
C ARG B 1198 -29.32 -50.99 34.83
N GLU B 1199 -28.78 -49.94 35.45
CA GLU B 1199 -27.40 -49.96 35.95
C GLU B 1199 -27.16 -51.17 36.84
N ALA B 1200 -26.07 -51.88 36.57
CA ALA B 1200 -25.76 -53.11 37.29
C ALA B 1200 -25.18 -52.81 38.66
N ASN B 1201 -25.57 -53.61 39.66
CA ASN B 1201 -25.14 -53.44 41.04
C ASN B 1201 -25.40 -52.02 41.52
N ALA B 1202 -26.59 -51.51 41.20
CA ALA B 1202 -26.90 -50.11 41.39
C ALA B 1202 -27.19 -49.80 42.85
N GLY B 1203 -26.72 -48.62 43.28
CA GLY B 1203 -27.06 -48.11 44.58
C GLY B 1203 -25.96 -48.24 45.61
N PRO B 1204 -26.12 -49.22 46.53
CA PRO B 1204 -25.21 -49.38 47.67
C PRO B 1204 -23.74 -49.07 47.42
N ASN B 1205 -23.05 -49.89 46.63
CA ASN B 1205 -21.63 -49.71 46.38
C ASN B 1205 -21.35 -48.88 45.12
N LEU B 1206 -22.39 -48.45 44.41
CA LEU B 1206 -22.24 -47.66 43.19
C LEU B 1206 -22.53 -46.20 43.51
N ASP B 1207 -23.39 -45.50 42.78
CA ASP B 1207 -23.70 -44.10 43.09
C ASP B 1207 -24.60 -44.07 44.32
N ARG B 1208 -24.00 -43.76 45.47
CA ARG B 1208 -24.76 -43.71 46.72
C ARG B 1208 -25.83 -42.64 46.68
N VAL B 1209 -25.49 -41.45 46.17
CA VAL B 1209 -26.43 -40.34 46.19
C VAL B 1209 -27.50 -40.45 45.13
N MET B 1210 -27.26 -41.21 44.06
CA MET B 1210 -28.24 -41.32 42.98
C MET B 1210 -29.45 -42.11 43.46
N LYS B 1211 -30.64 -41.63 43.07
CA LYS B 1211 -31.87 -42.28 43.46
C LYS B 1211 -32.11 -43.53 42.62
N ASP B 1212 -33.07 -44.34 43.07
CA ASP B 1212 -33.32 -45.62 42.41
C ASP B 1212 -33.86 -45.42 41.00
N GLU B 1213 -34.58 -44.33 40.76
CA GLU B 1213 -35.10 -44.03 39.43
C GLU B 1213 -34.02 -43.55 38.48
N GLY B 1214 -32.87 -43.12 38.99
CA GLY B 1214 -31.74 -42.74 38.16
C GLY B 1214 -30.90 -43.88 37.65
N PHE B 1215 -31.21 -45.12 38.07
CA PHE B 1215 -30.50 -46.29 37.60
C PHE B 1215 -31.21 -47.00 36.45
N ASN B 1216 -32.54 -46.92 36.40
CA ASN B 1216 -33.30 -47.44 35.27
C ASN B 1216 -33.32 -46.36 34.19
N VAL B 1217 -32.36 -46.44 33.28
CA VAL B 1217 -32.18 -45.48 32.20
C VAL B 1217 -32.34 -46.20 30.88
N GLU B 1218 -33.13 -45.63 29.98
CA GLU B 1218 -33.31 -46.24 28.67
C GLU B 1218 -33.42 -45.17 27.59
N VAL B 1219 -32.80 -45.45 26.44
CA VAL B 1219 -32.70 -44.50 25.33
C VAL B 1219 -33.20 -45.19 24.08
N ASN B 1220 -34.06 -44.51 23.33
CA ASN B 1220 -34.52 -44.96 22.02
C ASN B 1220 -34.34 -43.82 21.03
N VAL B 1221 -34.76 -44.04 19.79
CA VAL B 1221 -34.61 -43.06 18.72
C VAL B 1221 -36.02 -42.59 18.31
N ASP B 1222 -36.27 -41.30 18.46
CA ASP B 1222 -37.50 -40.69 17.96
C ASP B 1222 -37.42 -40.66 16.45
N TRP B 1223 -37.76 -41.79 15.83
CA TRP B 1223 -37.62 -41.94 14.38
C TRP B 1223 -38.48 -40.95 13.61
N GLU B 1224 -39.48 -40.34 14.26
CA GLU B 1224 -40.27 -39.30 13.60
C GLU B 1224 -39.39 -38.15 13.15
N THR B 1225 -38.38 -37.80 13.96
CA THR B 1225 -37.43 -36.74 13.62
C THR B 1225 -36.02 -37.26 13.38
N GLY B 1226 -35.72 -38.50 13.79
CA GLY B 1226 -34.37 -39.03 13.67
C GLY B 1226 -33.48 -38.72 14.85
N LEU B 1227 -33.91 -37.86 15.77
CA LEU B 1227 -33.11 -37.49 16.92
C LEU B 1227 -33.08 -38.65 17.93
N ILE B 1228 -32.21 -38.51 18.92
CA ILE B 1228 -32.02 -39.53 19.96
C ILE B 1228 -32.36 -38.90 21.30
N HIS B 1229 -33.47 -39.35 21.90
CA HIS B 1229 -33.91 -38.88 23.21
C HIS B 1229 -33.65 -39.96 24.25
N GLY B 1230 -33.09 -39.57 25.38
CA GLY B 1230 -32.81 -40.54 26.44
C GLY B 1230 -32.49 -39.85 27.74
N GLY B 1231 -32.45 -40.64 28.80
CA GLY B 1231 -32.20 -40.14 30.13
C GLY B 1231 -33.47 -39.93 30.92
N SER B 1232 -33.34 -39.09 31.96
CA SER B 1232 -34.46 -38.74 32.83
C SER B 1232 -34.04 -37.53 33.66
N GLN B 1233 -34.94 -37.09 34.53
CA GLN B 1233 -34.63 -36.05 35.49
C GLN B 1233 -33.87 -36.58 36.70
N PHE B 1234 -33.60 -37.88 36.73
CA PHE B 1234 -32.74 -38.48 37.75
C PHE B 1234 -31.46 -39.05 37.16
N ASN B 1235 -31.22 -38.87 35.87
CA ASN B 1235 -30.05 -39.38 35.18
C ASN B 1235 -29.08 -38.24 34.86
N CYS B 1236 -27.78 -38.57 34.85
CA CYS B 1236 -26.72 -37.64 34.46
C CYS B 1236 -25.87 -38.37 33.42
N GLY B 1237 -26.34 -38.38 32.17
CA GLY B 1237 -25.67 -39.09 31.11
C GLY B 1237 -24.83 -38.21 30.22
N THR B 1238 -24.98 -36.91 30.35
CA THR B 1238 -24.26 -35.95 29.52
C THR B 1238 -22.98 -35.50 30.22
N TRP B 1239 -22.22 -34.62 29.55
CA TRP B 1239 -21.00 -34.10 30.14
C TRP B 1239 -21.28 -33.24 31.37
N MET B 1240 -22.50 -32.74 31.52
CA MET B 1240 -22.90 -32.03 32.73
C MET B 1240 -23.29 -33.04 33.80
N ASP B 1241 -22.26 -33.73 34.30
CA ASP B 1241 -22.43 -34.85 35.24
C ASP B 1241 -22.38 -34.33 36.67
N LYS B 1242 -23.42 -33.59 37.03
CA LYS B 1242 -23.52 -33.00 38.36
C LYS B 1242 -24.81 -33.48 39.02
N MET B 1243 -24.67 -34.11 40.18
CA MET B 1243 -25.81 -34.50 41.01
C MET B 1243 -25.54 -34.04 42.44
N GLY B 1244 -26.51 -33.35 43.02
CA GLY B 1244 -26.32 -32.78 44.34
C GLY B 1244 -26.08 -33.83 45.40
N GLU B 1245 -25.21 -33.49 46.36
CA GLU B 1245 -24.93 -34.35 47.50
C GLU B 1245 -25.10 -33.61 48.83
N SER B 1246 -25.93 -32.58 48.87
CA SER B 1246 -26.10 -31.77 50.07
C SER B 1246 -27.17 -32.39 50.96
N GLU B 1247 -26.78 -32.78 52.17
CA GLU B 1247 -27.75 -33.19 53.18
C GLU B 1247 -28.34 -31.99 53.92
N LYS B 1248 -27.68 -30.83 53.84
CA LYS B 1248 -28.20 -29.62 54.47
C LYS B 1248 -29.31 -29.01 53.62
N ALA B 1249 -29.00 -28.67 52.37
CA ALA B 1249 -30.02 -28.22 51.43
C ALA B 1249 -30.93 -29.35 50.99
N ASN B 1250 -30.61 -30.59 51.35
CA ASN B 1250 -31.41 -31.77 50.98
C ASN B 1250 -31.52 -31.90 49.46
N SER B 1251 -30.36 -31.85 48.80
CA SER B 1251 -30.29 -32.01 47.35
C SER B 1251 -29.69 -33.35 46.95
N VAL B 1252 -29.63 -34.31 47.88
CA VAL B 1252 -29.04 -35.61 47.59
C VAL B 1252 -29.88 -36.31 46.54
N GLY B 1253 -29.28 -36.58 45.39
CA GLY B 1253 -29.96 -37.28 44.31
C GLY B 1253 -30.64 -36.40 43.30
N VAL B 1254 -30.43 -35.09 43.33
CA VAL B 1254 -31.05 -34.16 42.39
C VAL B 1254 -29.98 -33.74 41.39
N PRO B 1255 -30.06 -34.18 40.13
CA PRO B 1255 -29.09 -33.72 39.13
C PRO B 1255 -29.23 -32.24 38.91
N GLY B 1256 -28.11 -31.51 39.07
CA GLY B 1256 -28.13 -30.08 38.82
C GLY B 1256 -28.40 -29.76 37.36
N THR B 1257 -27.88 -30.58 36.46
CA THR B 1257 -28.10 -30.43 35.02
C THR B 1257 -28.28 -31.82 34.42
N PRO B 1258 -29.50 -32.35 34.45
CA PRO B 1258 -29.72 -33.73 33.98
C PRO B 1258 -29.55 -33.88 32.48
N ARG B 1259 -30.13 -32.98 31.69
CA ARG B 1259 -30.04 -32.98 30.24
C ARG B 1259 -30.68 -34.25 29.65
N ASP B 1260 -31.98 -34.38 29.88
CA ASP B 1260 -32.78 -35.44 29.29
C ASP B 1260 -33.23 -35.03 27.89
N GLY B 1261 -33.47 -36.04 27.05
CA GLY B 1261 -34.00 -35.80 25.73
C GLY B 1261 -32.92 -35.65 24.66
N ALA B 1262 -33.31 -35.00 23.58
CA ALA B 1262 -32.44 -34.83 22.42
C ALA B 1262 -31.44 -33.71 22.70
N ALA B 1263 -30.18 -34.10 22.92
CA ALA B 1263 -29.11 -33.13 23.08
C ALA B 1263 -28.51 -32.78 21.72
N VAL B 1264 -28.04 -31.54 21.60
CA VAL B 1264 -27.45 -31.09 20.35
C VAL B 1264 -26.20 -31.87 20.02
N GLU B 1265 -25.43 -32.27 21.03
CA GLU B 1265 -24.17 -32.95 20.79
C GLU B 1265 -24.38 -34.32 20.16
N ILE B 1266 -25.30 -35.12 20.72
CA ILE B 1266 -25.50 -36.48 20.25
C ILE B 1266 -25.92 -36.49 18.79
N ASN B 1267 -26.99 -35.75 18.46
CA ASN B 1267 -27.50 -35.74 17.10
C ASN B 1267 -26.50 -35.14 16.12
N GLY B 1268 -25.66 -34.21 16.60
CA GLY B 1268 -24.60 -33.69 15.75
C GLY B 1268 -23.52 -34.72 15.48
N LEU B 1269 -23.10 -35.44 16.53
CA LEU B 1269 -22.16 -36.55 16.34
C LEU B 1269 -22.81 -37.69 15.59
N LEU B 1270 -24.11 -37.88 15.76
CA LEU B 1270 -24.84 -38.89 14.98
C LEU B 1270 -24.76 -38.57 13.50
N LYS B 1271 -25.05 -37.32 13.13
CA LYS B 1271 -24.95 -36.92 11.72
C LYS B 1271 -23.53 -37.08 11.21
N SER B 1272 -22.53 -36.75 12.03
CA SER B 1272 -21.14 -36.93 11.62
C SER B 1272 -20.81 -38.42 11.47
N CYS B 1273 -21.34 -39.25 12.36
CA CYS B 1273 -21.09 -40.69 12.26
C CYS B 1273 -21.79 -41.28 11.04
N LEU B 1274 -23.02 -40.82 10.76
CA LEU B 1274 -23.72 -41.29 9.57
C LEU B 1274 -23.02 -40.83 8.30
N ARG B 1275 -22.59 -39.57 8.25
CA ARG B 1275 -21.82 -39.08 7.11
C ARG B 1275 -20.52 -39.85 6.94
N PHE B 1276 -19.92 -40.29 8.05
CA PHE B 1276 -18.65 -41.01 7.99
C PHE B 1276 -18.83 -42.40 7.39
N VAL B 1277 -19.88 -43.12 7.82
CA VAL B 1277 -20.07 -44.49 7.34
C VAL B 1277 -20.61 -44.56 5.93
N LEU B 1278 -21.28 -43.51 5.45
CA LEU B 1278 -21.80 -43.53 4.09
C LEU B 1278 -20.67 -43.48 3.07
N GLN B 1279 -19.76 -42.51 3.22
CA GLN B 1279 -18.60 -42.44 2.33
C GLN B 1279 -17.67 -43.64 2.52
N LEU B 1280 -17.72 -44.29 3.70
CA LEU B 1280 -16.92 -45.48 3.92
C LEU B 1280 -17.47 -46.66 3.12
N SER B 1281 -18.79 -46.78 3.02
CA SER B 1281 -19.39 -47.84 2.21
C SER B 1281 -19.12 -47.61 0.73
N LYS B 1282 -19.05 -46.35 0.29
CA LYS B 1282 -18.71 -46.07 -1.09
C LYS B 1282 -17.30 -46.53 -1.43
N ASP B 1283 -16.41 -46.58 -0.44
CA ASP B 1283 -15.07 -47.11 -0.62
C ASP B 1283 -14.97 -48.61 -0.37
N GLY B 1284 -16.00 -49.21 0.22
CA GLY B 1284 -15.99 -50.63 0.49
C GLY B 1284 -15.52 -51.03 1.88
N LYS B 1285 -15.35 -50.08 2.79
CA LYS B 1285 -14.87 -50.40 4.13
C LYS B 1285 -16.03 -50.88 5.01
N PHE B 1286 -16.91 -49.96 5.39
CA PHE B 1286 -18.06 -50.30 6.21
C PHE B 1286 -19.01 -51.23 5.45
N LYS B 1287 -19.32 -52.38 6.04
CA LYS B 1287 -20.10 -53.43 5.39
C LYS B 1287 -21.57 -53.39 5.78
N TYR B 1288 -22.09 -52.24 6.18
CA TYR B 1288 -23.44 -52.22 6.75
C TYR B 1288 -24.24 -51.03 6.28
N THR B 1289 -25.50 -51.29 5.94
CA THR B 1289 -26.52 -50.27 5.77
C THR B 1289 -27.83 -50.67 6.43
N GLU B 1290 -27.87 -51.82 7.11
CA GLU B 1290 -29.09 -52.33 7.73
C GLU B 1290 -29.28 -51.70 9.10
N VAL B 1291 -30.51 -51.26 9.38
CA VAL B 1291 -30.85 -50.57 10.63
C VAL B 1291 -32.12 -51.20 11.16
N THR B 1292 -31.99 -52.15 12.09
CA THR B 1292 -33.16 -52.68 12.76
C THR B 1292 -33.74 -51.64 13.72
N LYS B 1293 -35.06 -51.68 13.90
CA LYS B 1293 -35.75 -50.64 14.65
C LYS B 1293 -36.66 -51.29 15.69
N PRO B 1294 -37.34 -50.51 16.56
CA PRO B 1294 -38.24 -51.14 17.55
C PRO B 1294 -39.26 -52.10 16.96
N ASP B 1295 -39.90 -51.73 15.84
CA ASP B 1295 -40.86 -52.64 15.23
C ASP B 1295 -40.19 -53.92 14.76
N GLY B 1296 -38.93 -53.81 14.31
CA GLY B 1296 -38.24 -54.89 13.63
C GLY B 1296 -38.06 -54.66 12.13
N SER B 1297 -38.36 -53.44 11.65
CA SER B 1297 -38.25 -53.11 10.23
C SER B 1297 -36.80 -52.88 9.84
N LYS B 1298 -36.57 -52.03 8.83
CA LYS B 1298 -35.20 -51.78 8.37
C LYS B 1298 -35.18 -50.42 7.66
N ILE B 1299 -34.62 -49.43 8.32
CA ILE B 1299 -34.44 -48.11 7.72
C ILE B 1299 -33.09 -48.09 7.01
N SER B 1300 -32.91 -47.13 6.12
CA SER B 1300 -31.65 -46.94 5.42
C SER B 1300 -30.78 -45.95 6.18
N LEU B 1301 -29.48 -46.25 6.25
CA LEU B 1301 -28.54 -45.31 6.85
C LEU B 1301 -28.55 -43.98 6.11
N SER B 1302 -28.63 -44.02 4.78
CA SER B 1302 -28.75 -42.78 4.01
C SER B 1302 -30.08 -42.07 4.30
N SER B 1303 -31.16 -42.84 4.43
CA SER B 1303 -32.45 -42.24 4.76
C SER B 1303 -32.43 -41.65 6.17
N TRP B 1304 -31.82 -42.36 7.12
CA TRP B 1304 -31.63 -41.80 8.45
C TRP B 1304 -30.74 -40.55 8.39
N ASN B 1305 -29.71 -40.58 7.53
CA ASN B 1305 -28.87 -39.41 7.35
C ASN B 1305 -29.66 -38.23 6.80
N ASP B 1306 -30.52 -38.49 5.81
CA ASP B 1306 -31.34 -37.42 5.25
C ASP B 1306 -32.49 -37.04 6.17
N LEU B 1307 -32.92 -37.96 7.06
CA LEU B 1307 -33.95 -37.61 8.03
C LEU B 1307 -33.47 -36.51 8.97
N LEU B 1308 -32.22 -36.61 9.43
CA LEU B 1308 -31.66 -35.54 10.24
C LEU B 1308 -31.47 -34.27 9.43
N GLN B 1309 -30.97 -34.39 8.20
CA GLN B 1309 -30.73 -33.21 7.38
C GLN B 1309 -32.01 -32.43 7.13
N GLU B 1310 -33.15 -33.12 7.06
CA GLU B 1310 -34.44 -32.47 6.83
C GLU B 1310 -35.14 -32.04 8.11
N ASN B 1311 -34.72 -32.54 9.28
CA ASN B 1311 -35.43 -32.30 10.51
C ASN B 1311 -34.60 -31.74 11.66
N PHE B 1312 -33.27 -31.82 11.61
CA PHE B 1312 -32.45 -31.39 12.74
C PHE B 1312 -32.61 -29.90 13.02
N GLU B 1313 -32.17 -29.06 12.08
CA GLU B 1313 -32.25 -27.62 12.28
C GLU B 1313 -33.69 -27.16 12.47
N ARG B 1314 -34.65 -27.88 11.89
CA ARG B 1314 -36.05 -27.52 12.07
C ARG B 1314 -36.48 -27.67 13.52
N CYS B 1315 -35.97 -28.69 14.21
CA CYS B 1315 -36.39 -28.95 15.59
C CYS B 1315 -35.67 -28.05 16.60
N PHE B 1316 -34.46 -27.59 16.29
CA PHE B 1316 -33.63 -26.92 17.26
C PHE B 1316 -33.62 -25.40 17.12
N TYR B 1317 -33.32 -24.89 15.92
CA TYR B 1317 -33.09 -23.46 15.77
C TYR B 1317 -34.32 -22.64 16.16
N VAL B 1318 -34.11 -21.66 17.01
CA VAL B 1318 -35.14 -20.69 17.40
C VAL B 1318 -34.96 -19.45 16.53
N PRO B 1319 -35.83 -19.20 15.56
CA PRO B 1319 -35.58 -18.10 14.61
C PRO B 1319 -35.62 -16.74 15.28
N LYS B 1320 -34.86 -15.80 14.71
CA LYS B 1320 -34.76 -14.47 15.29
C LYS B 1320 -36.08 -13.71 15.24
N ASN B 1321 -37.01 -14.11 14.38
CA ASN B 1321 -38.28 -13.42 14.23
C ASN B 1321 -39.44 -14.33 14.60
N LYS B 1322 -40.57 -13.70 14.89
CA LYS B 1322 -41.79 -14.42 15.22
C LYS B 1322 -42.61 -14.80 13.99
N GLU B 1323 -42.31 -14.20 12.84
CA GLU B 1323 -43.03 -14.54 11.61
C GLU B 1323 -42.69 -15.95 11.14
N ASP B 1324 -41.44 -16.35 11.27
CA ASP B 1324 -41.01 -17.71 10.94
C ASP B 1324 -40.91 -18.61 12.16
N ASP B 1325 -41.45 -18.18 13.30
CA ASP B 1325 -41.46 -19.03 14.49
C ASP B 1325 -42.19 -20.35 14.21
N ASN B 1326 -43.43 -20.25 13.75
CA ASN B 1326 -44.28 -21.42 13.48
C ASN B 1326 -43.55 -22.52 12.69
N LYS B 1327 -42.51 -22.17 11.94
CA LYS B 1327 -41.84 -23.11 11.06
C LYS B 1327 -40.72 -23.90 11.75
N PHE B 1328 -40.40 -23.60 13.00
CA PHE B 1328 -39.20 -24.16 13.63
C PHE B 1328 -39.48 -24.81 14.98
N GLU B 1329 -40.72 -25.26 15.22
CA GLU B 1329 -41.06 -26.01 16.41
C GLU B 1329 -40.64 -25.28 17.68
N ILE B 1330 -41.40 -24.27 18.09
CA ILE B 1330 -41.00 -23.40 19.19
C ILE B 1330 -42.24 -23.03 20.00
N ASP B 1331 -42.11 -23.06 21.33
CA ASP B 1331 -43.13 -22.56 22.23
C ASP B 1331 -42.86 -21.08 22.50
N ALA B 1332 -43.83 -20.22 22.18
CA ALA B 1332 -43.59 -18.78 22.23
C ALA B 1332 -43.24 -18.31 23.65
N THR B 1333 -43.95 -18.82 24.65
CA THR B 1333 -43.71 -18.38 26.02
C THR B 1333 -42.34 -18.82 26.51
N ILE B 1334 -42.05 -20.12 26.43
CA ILE B 1334 -40.78 -20.66 26.90
C ILE B 1334 -39.67 -20.25 25.94
N ILE B 1335 -39.03 -19.13 26.23
CA ILE B 1335 -37.93 -18.61 25.41
C ILE B 1335 -37.12 -17.65 26.26
N ASN B 1336 -35.92 -17.31 25.80
CA ASN B 1336 -35.09 -16.31 26.47
C ASN B 1336 -34.70 -15.23 25.48
N ARG B 1337 -33.90 -15.60 24.48
CA ARG B 1337 -33.55 -14.71 23.38
C ARG B 1337 -33.68 -15.47 22.07
N ARG B 1338 -33.91 -14.72 20.99
CA ARG B 1338 -34.08 -15.31 19.67
C ARG B 1338 -32.73 -15.43 18.98
N GLY B 1339 -32.67 -16.34 18.01
CA GLY B 1339 -31.41 -16.74 17.42
C GLY B 1339 -30.70 -17.85 18.17
N ILE B 1340 -31.25 -18.27 19.31
CA ILE B 1340 -30.68 -19.37 20.08
C ILE B 1340 -30.83 -20.67 19.31
N TYR B 1341 -29.78 -21.49 19.30
CA TYR B 1341 -29.90 -22.88 18.88
C TYR B 1341 -30.23 -23.72 20.11
N LYS B 1342 -31.29 -24.51 20.02
CA LYS B 1342 -31.83 -25.21 21.18
C LYS B 1342 -30.78 -26.12 21.81
N ASP B 1343 -30.71 -26.08 23.15
CA ASP B 1343 -29.77 -26.91 23.88
C ASP B 1343 -30.28 -28.32 24.10
N LEU B 1344 -31.61 -28.49 24.23
CA LEU B 1344 -32.20 -29.80 24.46
C LEU B 1344 -33.54 -29.85 23.75
N TYR B 1345 -34.25 -30.97 23.95
CA TYR B 1345 -35.57 -31.17 23.36
C TYR B 1345 -36.26 -32.28 24.12
N ARG B 1346 -37.43 -31.98 24.68
CA ARG B 1346 -38.21 -32.93 25.50
C ARG B 1346 -37.37 -33.42 26.68
N SER B 1347 -36.89 -32.48 27.48
CA SER B 1347 -36.11 -32.79 28.66
C SER B 1347 -37.05 -32.98 29.86
N GLY B 1348 -36.46 -33.34 31.00
CA GLY B 1348 -37.24 -33.38 32.22
C GLY B 1348 -37.81 -32.02 32.58
N LYS B 1349 -37.02 -30.97 32.40
CA LYS B 1349 -37.49 -29.60 32.56
C LYS B 1349 -37.53 -28.96 31.18
N PRO B 1350 -38.72 -28.75 30.60
CA PRO B 1350 -38.79 -28.25 29.22
C PRO B 1350 -38.25 -26.84 29.03
N TYR B 1351 -38.06 -26.07 30.11
CA TYR B 1351 -37.48 -24.75 29.96
C TYR B 1351 -35.97 -24.80 29.78
N GLU B 1352 -35.32 -25.89 30.19
CA GLU B 1352 -33.91 -26.08 29.91
C GLU B 1352 -33.65 -26.37 28.43
N ASP B 1353 -34.70 -26.70 27.68
CA ASP B 1353 -34.55 -26.87 26.23
C ASP B 1353 -34.14 -25.55 25.58
N TYR B 1354 -34.84 -24.46 25.92
CA TYR B 1354 -34.62 -23.15 25.32
C TYR B 1354 -33.58 -22.32 26.07
N GLN B 1355 -32.58 -22.97 26.67
CA GLN B 1355 -31.52 -22.29 27.39
C GLN B 1355 -30.30 -22.13 26.49
N PHE B 1356 -29.61 -21.00 26.64
CA PHE B 1356 -28.41 -20.72 25.86
C PHE B 1356 -27.23 -21.41 26.54
N ARG B 1357 -26.80 -22.53 25.98
CA ARG B 1357 -25.70 -23.32 26.52
C ARG B 1357 -24.65 -23.55 25.44
N PRO B 1358 -23.38 -23.72 25.82
CA PRO B 1358 -22.32 -23.83 24.82
C PRO B 1358 -22.12 -25.23 24.28
N ASN B 1359 -23.20 -26.02 24.20
CA ASN B 1359 -23.11 -27.38 23.72
C ASN B 1359 -23.44 -27.54 22.24
N PHE B 1360 -24.21 -26.61 21.68
CA PHE B 1360 -24.59 -26.70 20.26
C PHE B 1360 -23.38 -26.58 19.34
N THR B 1361 -22.30 -25.97 19.80
CA THR B 1361 -21.14 -25.75 18.94
C THR B 1361 -20.37 -27.04 18.68
N ILE B 1362 -20.55 -28.07 19.50
CA ILE B 1362 -19.97 -29.37 19.19
C ILE B 1362 -20.57 -29.93 17.91
N ALA B 1363 -21.88 -29.77 17.74
CA ALA B 1363 -22.52 -30.17 16.49
C ALA B 1363 -22.13 -29.27 15.34
N MET B 1364 -21.87 -27.99 15.61
CA MET B 1364 -21.43 -27.06 14.58
C MET B 1364 -20.04 -27.41 14.04
N VAL B 1365 -19.30 -28.25 14.74
CA VAL B 1365 -17.97 -28.66 14.31
C VAL B 1365 -17.98 -30.02 13.64
N VAL B 1366 -18.70 -30.99 14.22
CA VAL B 1366 -18.64 -32.34 13.69
C VAL B 1366 -19.59 -32.52 12.51
N ALA B 1367 -20.68 -31.75 12.45
CA ALA B 1367 -21.67 -31.87 11.38
C ALA B 1367 -22.14 -30.48 10.97
N PRO B 1368 -21.33 -29.77 10.17
CA PRO B 1368 -21.76 -28.44 9.70
C PRO B 1368 -22.86 -28.47 8.67
N GLU B 1369 -23.14 -29.64 8.07
CA GLU B 1369 -24.18 -29.74 7.06
C GLU B 1369 -25.58 -29.52 7.61
N LEU B 1370 -25.75 -29.62 8.93
CA LEU B 1370 -27.05 -29.44 9.57
C LEU B 1370 -27.42 -27.98 9.75
N PHE B 1371 -26.57 -27.05 9.36
CA PHE B 1371 -26.76 -25.62 9.64
C PHE B 1371 -26.73 -24.82 8.35
N THR B 1372 -27.78 -24.04 8.12
CA THR B 1372 -27.72 -23.04 7.07
C THR B 1372 -26.77 -21.93 7.50
N PRO B 1373 -25.97 -21.39 6.56
CA PRO B 1373 -24.86 -20.50 6.97
C PRO B 1373 -25.29 -19.29 7.79
N ASP B 1374 -26.27 -18.52 7.30
CA ASP B 1374 -26.63 -17.28 7.98
C ASP B 1374 -27.25 -17.53 9.35
N TYR B 1375 -27.90 -18.68 9.55
CA TYR B 1375 -28.50 -18.96 10.84
C TYR B 1375 -27.43 -19.32 11.87
N ALA B 1376 -26.43 -20.11 11.47
CA ALA B 1376 -25.39 -20.50 12.41
C ALA B 1376 -24.45 -19.34 12.75
N ALA B 1377 -24.11 -18.52 11.74
CA ALA B 1377 -23.24 -17.39 11.98
C ALA B 1377 -23.89 -16.37 12.92
N GLY B 1378 -25.20 -16.19 12.78
CA GLY B 1378 -25.92 -15.29 13.68
C GLY B 1378 -26.09 -15.85 15.08
N ALA B 1379 -26.00 -17.17 15.23
CA ALA B 1379 -26.13 -17.80 16.54
C ALA B 1379 -24.80 -17.91 17.26
N ILE B 1380 -23.72 -18.26 16.54
CA ILE B 1380 -22.41 -18.29 17.15
C ILE B 1380 -21.91 -16.87 17.42
N GLU B 1381 -22.48 -15.87 16.75
CA GLU B 1381 -22.23 -14.49 17.14
C GLU B 1381 -22.86 -14.19 18.49
N LEU B 1382 -24.02 -14.79 18.78
CA LEU B 1382 -24.62 -14.63 20.10
C LEU B 1382 -23.82 -15.35 21.17
N ALA B 1383 -23.31 -16.54 20.85
CA ALA B 1383 -22.49 -17.27 21.82
C ALA B 1383 -21.23 -16.50 22.14
N ASP B 1384 -20.58 -15.92 21.12
CA ASP B 1384 -19.48 -15.00 21.36
C ASP B 1384 -19.94 -13.77 22.12
N GLN B 1385 -21.22 -13.42 22.06
CA GLN B 1385 -21.76 -12.23 22.70
C GLN B 1385 -22.47 -12.52 24.02
N VAL B 1386 -22.49 -13.77 24.49
CA VAL B 1386 -23.18 -14.08 25.74
C VAL B 1386 -22.37 -15.05 26.58
N LEU B 1387 -21.95 -16.16 26.00
CA LEU B 1387 -21.47 -17.32 26.75
C LEU B 1387 -19.96 -17.44 26.81
N ARG B 1388 -19.21 -16.48 26.27
CA ARG B 1388 -17.76 -16.60 26.18
C ARG B 1388 -17.09 -15.78 27.28
N GLY B 1389 -16.40 -16.47 28.18
CA GLY B 1389 -15.55 -15.81 29.14
C GLY B 1389 -14.15 -15.65 28.59
N PRO B 1390 -13.21 -15.22 29.43
CA PRO B 1390 -11.84 -15.00 28.91
C PRO B 1390 -11.11 -16.28 28.58
N VAL B 1391 -11.29 -17.34 29.38
CA VAL B 1391 -10.60 -18.61 29.15
C VAL B 1391 -11.63 -19.73 29.09
N GLY B 1392 -12.71 -19.59 29.84
CA GLY B 1392 -13.73 -20.61 29.86
C GLY B 1392 -15.05 -20.16 29.25
N MET B 1393 -15.86 -21.12 28.81
CA MET B 1393 -17.15 -20.84 28.21
C MET B 1393 -18.25 -20.94 29.27
N ARG B 1394 -19.05 -19.89 29.38
CA ARG B 1394 -20.14 -19.88 30.35
C ARG B 1394 -21.14 -20.99 30.04
N THR B 1395 -21.32 -21.90 30.99
CA THR B 1395 -22.19 -23.07 30.79
C THR B 1395 -23.67 -22.73 30.89
N LEU B 1396 -24.02 -21.48 31.16
CA LEU B 1396 -25.43 -21.08 31.20
C LEU B 1396 -25.52 -19.58 30.98
N ASP B 1397 -26.62 -19.17 30.36
CA ASP B 1397 -26.87 -17.77 30.05
C ASP B 1397 -26.76 -16.92 31.31
N PRO B 1398 -25.86 -15.93 31.36
CA PRO B 1398 -25.75 -15.08 32.56
C PRO B 1398 -27.02 -14.31 32.88
N SER B 1399 -28.01 -14.32 32.01
CA SER B 1399 -29.28 -13.66 32.29
C SER B 1399 -30.32 -14.62 32.83
N ASP B 1400 -30.21 -15.91 32.52
CA ASP B 1400 -31.19 -16.88 32.97
C ASP B 1400 -31.18 -16.99 34.49
N TYR B 1401 -32.34 -17.34 35.04
CA TYR B 1401 -32.53 -17.30 36.49
C TYR B 1401 -31.55 -18.21 37.21
N ASN B 1402 -31.30 -19.40 36.66
CA ASN B 1402 -30.46 -20.40 37.32
C ASN B 1402 -28.96 -20.15 37.12
N TYR B 1403 -28.57 -18.93 36.76
CA TYR B 1403 -27.16 -18.62 36.56
C TYR B 1403 -26.46 -18.50 37.91
N ARG B 1404 -25.63 -19.48 38.23
CA ARG B 1404 -24.87 -19.52 39.48
C ARG B 1404 -23.41 -19.76 39.13
N PRO B 1405 -22.65 -18.70 38.89
CA PRO B 1405 -21.33 -18.84 38.27
C PRO B 1405 -20.20 -19.03 39.25
N TYR B 1406 -20.47 -19.55 40.44
CA TYR B 1406 -19.44 -19.78 41.45
C TYR B 1406 -19.53 -21.22 41.93
N TYR B 1407 -18.42 -21.94 41.86
CA TYR B 1407 -18.36 -23.35 42.20
C TYR B 1407 -17.63 -23.52 43.52
N ASN B 1408 -18.35 -24.06 44.52
CA ASN B 1408 -17.79 -24.32 45.84
C ASN B 1408 -18.33 -25.67 46.30
N ASN B 1409 -17.52 -26.72 46.14
CA ASN B 1409 -17.95 -28.07 46.46
C ASN B 1409 -18.10 -28.29 47.97
N GLY B 1410 -17.52 -27.43 48.80
CA GLY B 1410 -17.59 -27.61 50.24
C GLY B 1410 -18.75 -26.93 50.93
N GLU B 1411 -19.50 -26.08 50.23
CA GLU B 1411 -20.61 -25.37 50.87
C GLU B 1411 -21.68 -26.34 51.34
N ASP B 1412 -22.09 -26.19 52.60
CA ASP B 1412 -23.19 -26.93 53.19
C ASP B 1412 -24.36 -26.01 53.49
N SER B 1413 -24.65 -25.10 52.57
CA SER B 1413 -25.69 -24.10 52.76
C SER B 1413 -27.06 -24.66 52.41
N ASP B 1414 -28.09 -23.83 52.55
CA ASP B 1414 -29.44 -24.22 52.19
C ASP B 1414 -29.76 -23.98 50.71
N ASP B 1415 -29.02 -23.11 50.05
CA ASP B 1415 -29.23 -22.86 48.63
C ASP B 1415 -28.82 -24.10 47.84
N PHE B 1416 -29.80 -24.73 47.17
CA PHE B 1416 -29.54 -25.93 46.38
C PHE B 1416 -28.36 -25.74 45.44
N ALA B 1417 -28.27 -24.56 44.82
CA ALA B 1417 -27.27 -24.31 43.79
C ALA B 1417 -25.86 -24.36 44.36
N THR B 1418 -25.57 -23.51 45.35
CA THR B 1418 -24.21 -23.39 45.86
C THR B 1418 -23.83 -24.52 46.81
N SER B 1419 -24.79 -25.18 47.44
CA SER B 1419 -24.47 -26.18 48.44
C SER B 1419 -23.88 -27.43 47.79
N LYS B 1420 -22.71 -27.84 48.28
CA LYS B 1420 -21.99 -29.03 47.78
C LYS B 1420 -21.75 -28.96 46.28
N GLY B 1421 -21.56 -27.74 45.77
CA GLY B 1421 -21.09 -27.56 44.40
C GLY B 1421 -22.08 -27.95 43.32
N ARG B 1422 -23.38 -27.71 43.55
CA ARG B 1422 -24.38 -28.06 42.56
C ARG B 1422 -24.42 -26.99 41.46
N ASN B 1423 -23.32 -26.26 41.31
CA ASN B 1423 -23.16 -25.29 40.24
C ASN B 1423 -22.16 -25.74 39.18
N TYR B 1424 -21.62 -26.96 39.31
CA TYR B 1424 -20.55 -27.47 38.47
C TYR B 1424 -20.69 -27.12 37.00
N HIS B 1425 -21.93 -27.10 36.49
CA HIS B 1425 -22.19 -26.80 35.09
C HIS B 1425 -23.29 -25.77 34.91
N GLN B 1426 -23.53 -24.92 35.91
CA GLN B 1426 -24.62 -23.96 35.81
C GLN B 1426 -24.11 -22.53 35.92
N GLY B 1427 -23.15 -22.17 35.07
CA GLY B 1427 -22.54 -20.86 35.14
C GLY B 1427 -21.03 -20.86 35.00
N PRO B 1428 -20.35 -21.68 35.81
CA PRO B 1428 -18.88 -21.77 35.71
C PRO B 1428 -18.38 -21.94 34.28
N GLU B 1429 -17.23 -21.33 34.02
CA GLU B 1429 -16.67 -21.26 32.68
C GLU B 1429 -15.68 -22.40 32.46
N TRP B 1430 -15.84 -23.12 31.35
CA TRP B 1430 -15.03 -24.28 31.03
C TRP B 1430 -14.19 -24.01 29.79
N VAL B 1431 -12.93 -24.39 29.85
CA VAL B 1431 -11.99 -24.03 28.80
C VAL B 1431 -12.16 -24.90 27.55
N TRP B 1432 -12.65 -26.13 27.72
CA TRP B 1432 -12.76 -27.03 26.57
C TRP B 1432 -13.91 -26.63 25.65
N CYS B 1433 -15.01 -26.13 26.21
CA CYS B 1433 -16.10 -25.62 25.38
C CYS B 1433 -15.65 -24.44 24.54
N TYR B 1434 -14.64 -23.70 25.04
CA TYR B 1434 -14.06 -22.62 24.26
C TYR B 1434 -13.44 -23.14 22.97
N GLY B 1435 -12.84 -24.34 23.02
CA GLY B 1435 -12.23 -24.95 21.87
C GLY B 1435 -13.21 -25.20 20.73
N TYR B 1436 -14.27 -25.97 21.00
CA TYR B 1436 -15.29 -26.20 19.99
C TYR B 1436 -15.96 -24.91 19.56
N PHE B 1437 -16.09 -23.94 20.47
CA PHE B 1437 -16.67 -22.65 20.11
C PHE B 1437 -15.81 -21.95 19.06
N ILE B 1438 -14.52 -21.76 19.34
CA ILE B 1438 -13.66 -21.05 18.41
C ILE B 1438 -13.36 -21.90 17.18
N ARG B 1439 -13.53 -23.22 17.26
CA ARG B 1439 -13.37 -24.06 16.09
C ARG B 1439 -14.47 -23.78 15.05
N ALA B 1440 -15.71 -23.66 15.51
CA ALA B 1440 -16.79 -23.34 14.60
C ALA B 1440 -16.94 -21.84 14.36
N TYR B 1441 -16.43 -21.01 15.28
CA TYR B 1441 -16.44 -19.57 15.06
C TYR B 1441 -15.61 -19.20 13.85
N HIS B 1442 -14.46 -19.87 13.67
CA HIS B 1442 -13.64 -19.64 12.49
C HIS B 1442 -14.32 -20.18 11.24
N TYR B 1443 -15.07 -21.27 11.36
CA TYR B 1443 -15.62 -21.93 10.18
C TYR B 1443 -16.75 -21.12 9.56
N PHE B 1444 -17.69 -20.65 10.38
CA PHE B 1444 -18.86 -19.95 9.84
C PHE B 1444 -18.53 -18.50 9.49
N ASN B 1445 -17.68 -17.84 10.27
CA ASN B 1445 -17.21 -16.51 9.89
C ASN B 1445 -16.38 -16.55 8.62
N PHE B 1446 -15.85 -17.72 8.26
CA PHE B 1446 -15.13 -17.88 7.00
C PHE B 1446 -16.09 -18.03 5.82
N LEU B 1447 -17.25 -18.65 6.04
CA LEU B 1447 -18.24 -18.78 4.96
C LEU B 1447 -19.10 -17.53 4.83
N THR B 1448 -19.53 -16.96 5.95
CA THR B 1448 -20.48 -15.86 5.93
C THR B 1448 -19.81 -14.53 5.58
N ASN B 1449 -19.20 -13.90 6.57
CA ASN B 1449 -18.64 -12.56 6.40
C ASN B 1449 -17.57 -12.54 5.33
N PRO B 1450 -17.77 -11.83 4.22
CA PRO B 1450 -16.73 -11.77 3.19
C PRO B 1450 -15.54 -10.90 3.58
N LYS B 1451 -15.66 -10.10 4.65
CA LYS B 1451 -14.52 -9.34 5.14
C LYS B 1451 -13.42 -10.26 5.66
N CYS B 1452 -13.80 -11.45 6.15
CA CYS B 1452 -12.87 -12.46 6.64
C CYS B 1452 -12.33 -13.34 5.51
N GLN B 1453 -12.22 -12.79 4.30
CA GLN B 1453 -11.91 -13.63 3.13
C GLN B 1453 -10.87 -12.97 2.24
N VAL B 1454 -9.87 -13.76 1.83
CA VAL B 1454 -8.89 -13.39 0.81
C VAL B 1454 -8.45 -14.70 0.16
N GLU B 1455 -7.72 -14.62 -0.94
CA GLU B 1455 -7.35 -15.81 -1.69
C GLU B 1455 -5.85 -15.83 -1.94
N GLY B 1456 -5.35 -17.03 -2.24
CA GLY B 1456 -3.95 -17.23 -2.54
C GLY B 1456 -3.69 -18.41 -3.47
N SER B 1457 -3.87 -19.63 -2.96
CA SER B 1457 -3.57 -20.85 -3.70
C SER B 1457 -4.83 -21.43 -4.32
N ALA B 1458 -4.71 -21.86 -5.58
CA ALA B 1458 -5.80 -22.51 -6.32
C ALA B 1458 -7.05 -21.63 -6.39
N LYS B 1459 -6.87 -20.32 -6.29
CA LYS B 1459 -7.99 -19.36 -6.18
C LYS B 1459 -8.97 -19.79 -5.11
N LYS B 1460 -8.46 -20.44 -4.06
CA LYS B 1460 -9.27 -20.92 -2.95
C LYS B 1460 -9.21 -19.88 -1.83
N LEU B 1461 -10.38 -19.46 -1.37
CA LEU B 1461 -10.44 -18.44 -0.31
C LEU B 1461 -9.73 -18.94 0.93
N LYS B 1462 -8.93 -18.05 1.52
CA LYS B 1462 -8.22 -18.29 2.77
C LYS B 1462 -8.60 -17.22 3.78
N PRO B 1463 -8.45 -17.49 5.08
CA PRO B 1463 -8.82 -16.47 6.08
C PRO B 1463 -7.99 -15.21 5.90
N SER B 1464 -8.68 -14.07 5.93
CA SER B 1464 -7.99 -12.79 5.81
C SER B 1464 -7.26 -12.45 7.10
N SER B 1465 -6.39 -11.44 7.02
CA SER B 1465 -5.75 -10.92 8.22
C SER B 1465 -6.78 -10.39 9.21
N TYR B 1466 -7.95 -9.96 8.70
CA TYR B 1466 -9.03 -9.53 9.58
C TYR B 1466 -9.56 -10.71 10.41
N LEU B 1467 -9.60 -11.90 9.82
CA LEU B 1467 -10.08 -13.06 10.56
C LEU B 1467 -9.00 -13.64 11.47
N TYR B 1468 -7.76 -13.71 10.98
CA TYR B 1468 -6.66 -14.16 11.83
C TYR B 1468 -6.48 -13.25 13.04
N ARG B 1469 -6.81 -11.97 12.90
CA ARG B 1469 -6.76 -11.07 14.05
C ARG B 1469 -7.90 -11.35 15.02
N LYS B 1470 -9.07 -11.73 14.51
CA LYS B 1470 -10.20 -12.03 15.37
C LYS B 1470 -10.04 -13.36 16.10
N LEU B 1471 -9.22 -14.27 15.58
CA LEU B 1471 -8.95 -15.52 16.30
C LEU B 1471 -7.85 -15.33 17.33
N TYR B 1472 -6.84 -14.51 17.03
CA TYR B 1472 -5.72 -14.33 17.93
C TYR B 1472 -6.16 -13.67 19.24
N SER B 1473 -7.00 -12.63 19.15
CA SER B 1473 -7.45 -11.94 20.35
C SER B 1473 -8.27 -12.83 21.26
N ARG B 1474 -8.86 -13.90 20.73
CA ARG B 1474 -9.62 -14.86 21.52
C ARG B 1474 -8.74 -15.93 22.16
N LEU B 1475 -7.42 -15.77 22.09
CA LEU B 1475 -6.49 -16.73 22.66
C LEU B 1475 -5.41 -16.08 23.53
N LEU B 1476 -5.44 -14.76 23.71
CA LEU B 1476 -4.43 -14.11 24.55
C LEU B 1476 -4.60 -14.51 26.01
N LYS B 1477 -5.84 -14.61 26.48
CA LYS B 1477 -6.07 -15.06 27.85
C LYS B 1477 -5.69 -16.51 28.05
N HIS B 1478 -5.67 -17.31 26.99
CA HIS B 1478 -5.18 -18.69 27.09
C HIS B 1478 -3.66 -18.73 27.05
N ARG B 1479 -3.04 -17.88 26.25
CA ARG B 1479 -1.58 -17.80 26.22
C ARG B 1479 -1.04 -17.25 27.53
N GLU B 1480 -1.76 -16.32 28.16
CA GLU B 1480 -1.36 -15.82 29.47
C GLU B 1480 -1.54 -16.89 30.53
N TRP B 1481 -2.61 -17.68 30.44
CA TRP B 1481 -2.94 -18.65 31.47
C TRP B 1481 -1.86 -19.73 31.56
N ILE B 1482 -1.47 -20.30 30.42
CA ILE B 1482 -0.45 -21.34 30.44
C ILE B 1482 0.94 -20.77 30.69
N GLU B 1483 1.12 -19.46 30.52
CA GLU B 1483 2.39 -18.83 30.85
C GLU B 1483 2.54 -18.68 32.36
N ASN B 1484 1.56 -18.08 33.01
CA ASN B 1484 1.63 -17.74 34.43
C ASN B 1484 0.84 -18.73 35.29
N SER B 1485 1.01 -20.03 35.05
CA SER B 1485 0.42 -21.05 35.88
C SER B 1485 1.50 -21.99 36.38
N PRO B 1486 1.53 -22.33 37.67
CA PRO B 1486 2.52 -23.31 38.14
C PRO B 1486 2.39 -24.64 37.41
N TRP B 1487 1.17 -25.15 37.28
CA TRP B 1487 0.93 -26.28 36.39
C TRP B 1487 1.03 -25.82 34.94
N ALA B 1488 1.74 -26.59 34.11
CA ALA B 1488 1.98 -26.20 32.72
C ALA B 1488 0.82 -26.67 31.85
N GLY B 1489 -0.31 -25.99 32.00
CA GLY B 1489 -1.48 -26.34 31.22
C GLY B 1489 -2.62 -25.36 31.45
N LEU B 1490 -3.80 -25.77 31.02
CA LEU B 1490 -5.02 -24.98 31.16
C LEU B 1490 -5.95 -25.64 32.17
N ALA B 1491 -6.67 -24.82 32.92
CA ALA B 1491 -7.56 -25.31 33.95
C ALA B 1491 -8.78 -25.99 33.34
N GLU B 1492 -9.44 -26.83 34.15
CA GLU B 1492 -10.69 -27.43 33.74
C GLU B 1492 -11.84 -26.43 33.82
N LEU B 1493 -11.84 -25.60 34.85
CA LEU B 1493 -12.99 -24.76 35.18
C LEU B 1493 -12.48 -23.38 35.57
N THR B 1494 -13.41 -22.42 35.56
CA THR B 1494 -13.11 -21.05 35.95
C THR B 1494 -14.41 -20.37 36.36
N ASN B 1495 -14.38 -19.68 37.50
CA ASN B 1495 -15.57 -18.97 37.98
C ASN B 1495 -15.88 -17.81 37.05
N LYS B 1496 -16.82 -16.95 37.46
CA LYS B 1496 -17.35 -15.93 36.56
C LYS B 1496 -16.27 -14.93 36.17
N ASP B 1497 -16.10 -14.75 34.86
CA ASP B 1497 -15.23 -13.72 34.29
C ASP B 1497 -13.79 -13.89 34.75
N GLY B 1498 -13.23 -15.06 34.45
CA GLY B 1498 -11.83 -15.33 34.71
C GLY B 1498 -11.47 -15.60 36.14
N GLU B 1499 -12.42 -15.56 37.07
CA GLU B 1499 -12.11 -15.80 38.47
C GLU B 1499 -11.66 -17.24 38.67
N VAL B 1500 -10.50 -17.41 39.31
CA VAL B 1500 -9.93 -18.73 39.50
C VAL B 1500 -10.83 -19.56 40.41
N CYS B 1501 -11.09 -20.79 40.01
CA CYS B 1501 -11.85 -21.73 40.83
C CYS B 1501 -10.88 -22.64 41.57
N ASN B 1502 -10.99 -22.67 42.89
CA ASN B 1502 -10.05 -23.45 43.71
C ASN B 1502 -10.26 -24.94 43.51
N ASP B 1503 -11.52 -25.39 43.50
CA ASP B 1503 -11.81 -26.80 43.27
C ASP B 1503 -11.44 -27.25 41.86
N SER B 1504 -11.31 -26.33 40.92
CA SER B 1504 -11.03 -26.69 39.54
C SER B 1504 -9.67 -27.36 39.41
N SER B 1505 -9.61 -28.39 38.59
CA SER B 1505 -8.33 -29.04 38.29
C SER B 1505 -7.47 -28.09 37.47
N PRO B 1506 -6.23 -27.81 37.89
CA PRO B 1506 -5.45 -26.75 37.23
C PRO B 1506 -4.97 -27.10 35.84
N THR B 1507 -4.81 -28.38 35.50
CA THR B 1507 -4.43 -28.79 34.15
C THR B 1507 -5.32 -29.93 33.72
N GLN B 1508 -6.13 -29.68 32.69
CA GLN B 1508 -7.10 -30.65 32.20
C GLN B 1508 -6.77 -31.07 30.78
N ALA B 1509 -7.09 -32.33 30.46
CA ALA B 1509 -6.72 -32.89 29.17
C ALA B 1509 -7.45 -32.19 28.03
N TRP B 1510 -8.78 -32.28 28.02
CA TRP B 1510 -9.54 -31.73 26.91
C TRP B 1510 -9.67 -30.21 26.98
N SER B 1511 -9.20 -29.57 28.06
CA SER B 1511 -9.13 -28.11 28.08
C SER B 1511 -8.08 -27.60 27.11
N THR B 1512 -6.98 -28.32 26.97
CA THR B 1512 -5.92 -27.95 26.03
C THR B 1512 -6.09 -28.64 24.69
N GLY B 1513 -6.56 -29.88 24.67
CA GLY B 1513 -6.71 -30.60 23.42
C GLY B 1513 -7.68 -29.93 22.46
N CYS B 1514 -8.73 -29.31 23.02
CA CYS B 1514 -9.69 -28.60 22.20
C CYS B 1514 -9.09 -27.33 21.58
N LEU B 1515 -8.06 -26.76 22.21
CA LEU B 1515 -7.33 -25.67 21.57
C LEU B 1515 -6.32 -26.18 20.58
N LEU B 1516 -5.75 -27.36 20.81
CA LEU B 1516 -4.90 -28.00 19.80
C LEU B 1516 -5.72 -28.45 18.60
N ASP B 1517 -7.00 -28.76 18.81
CA ASP B 1517 -7.87 -29.11 17.69
C ASP B 1517 -8.04 -27.94 16.73
N LEU B 1518 -8.14 -26.72 17.26
CA LEU B 1518 -8.31 -25.55 16.42
C LEU B 1518 -7.07 -25.32 15.54
N PHE B 1519 -5.88 -25.40 16.15
CA PHE B 1519 -4.66 -25.13 15.40
C PHE B 1519 -4.40 -26.15 14.30
N TYR B 1520 -4.97 -27.35 14.40
CA TYR B 1520 -4.82 -28.33 13.33
C TYR B 1520 -5.67 -27.97 12.12
N ASP B 1521 -6.84 -27.37 12.33
CA ASP B 1521 -7.67 -26.93 11.21
C ASP B 1521 -6.98 -25.82 10.43
N LEU B 1522 -6.44 -24.82 11.14
CA LEU B 1522 -5.77 -23.70 10.47
C LEU B 1522 -4.48 -24.12 9.77
N TRP B 1523 -3.95 -25.30 10.12
CA TRP B 1523 -2.74 -25.81 9.46
C TRP B 1523 -3.05 -26.75 8.30
N ILE B 1524 -4.00 -27.67 8.49
CA ILE B 1524 -4.25 -28.70 7.48
C ILE B 1524 -5.00 -28.18 6.25
N SER B 1525 -5.56 -26.97 6.31
CA SER B 1525 -6.38 -26.47 5.22
C SER B 1525 -5.78 -25.27 4.50
N TYR B 1526 -4.75 -24.64 5.06
CA TYR B 1526 -4.21 -23.45 4.41
C TYR B 1526 -2.69 -23.49 4.24
N GLU B 1527 -1.96 -23.93 5.25
CA GLU B 1527 -0.50 -23.88 5.20
C GLU B 1527 0.05 -24.96 4.27
N GLU B 1528 -0.22 -24.82 2.97
CA GLU B 1528 0.26 -25.78 1.99
C GLU B 1528 0.98 -25.05 0.85
#